data_7XCO
#
_entry.id   7XCO
#
_cell.length_a   1.00
_cell.length_b   1.00
_cell.length_c   1.00
_cell.angle_alpha   90.00
_cell.angle_beta   90.00
_cell.angle_gamma   90.00
#
_symmetry.space_group_name_H-M   'P 1'
#
loop_
_entity.id
_entity.type
_entity.pdbx_description
1 polymer 'Spike glycoprotein'
2 polymer 'S309 Fab heavy chain'
3 polymer 'S309 fab light chain'
4 branched 2-acetamido-2-deoxy-beta-D-glucopyranose-(1-4)-2-acetamido-2-deoxy-beta-D-glucopyranose
5 non-polymer 2-acetamido-2-deoxy-beta-D-glucopyranose
#
loop_
_entity_poly.entity_id
_entity_poly.type
_entity_poly.pdbx_seq_one_letter_code
_entity_poly.pdbx_strand_id
1 'polypeptide(L)'
;QCVNLTTRTQLPPAYTNSFTRGVYYPDKVFRSSVLHSTQDLFLPFFSNVTWFHVISGTNGTKRFDNPVLPFNDGVYFASI
EKSNIIRGWIFGTTLDSKTQSLLIVNNATNVVIKVCEFQFCNDPFLDHKNNKSWMESEFRVYSSANNCTFEYVSQPFLMD
LEGKQGNFKNLREFVFKNIDGYFKIYSKHTPIIVREPEDLPQGFSALEPLVDLPIGINITRFQTLLALHRSYLTPGDSSS
GWTAGAAAYYVGYLQPRTFLLKYNENGTITDAVDCALDPLSETKCTLKSFTVEKGIYQTSNFRVQPTESIVRFPNITNLC
PFDEVFNATRFASVYAWNRKRISNCVADYSVLYNLAPFFTFKCYGVSPTKLNDLCFTNVYADSFVIRGDEVRQIAPGQTG
NIADYNYKLPDDFTGCVIAWNSNKLDSKVSGNYNYLYRLFRKSNLKPFERDISTEIYQAGNKPCNGVAGFNCYFPLRSYS
FRPTYGVGHQPYRVVVLSFELLHAPATVCGPKKSTNLVKNKCVNFNFNGLKGTGVLTESNKKFLPFQQFGRDIADTTDAV
RDPQTLEILDITPCSFGGVSVITPGTNTSNQVAVLYQGVNCTEVPVAIHADQLTPTWRVYSTGSNVFQTRAGCLIGAEYV
NNSYECDIPIGAGICASYQTQTKSHRRARSVASQSIIAYTMSLGAENSVAYSNNSIAIPTNFTISVTTEILPVSMTKTSV
DCTMYICGDSTECSNLLLQYGSFCTQLKRALTGIAVEQDKNTQEVFAQVKQIYKTPPIKYFGGFNFSQILPDPSKPSKRS
PIEDLLFNKVTLADAGFIKQYGDCLGDIAARDLICAQKFKGLTVLPPLLTDEMIAQYTSALLAGTITSGWTFGAGPALQI
PFPMQMAYRFNGIGVTQNVLYENQKLIANQFNSAIGKIQDSLSSTPSALGKLQDVVNHNAQALNTLVKQLSSKFGAISSV
LNDIFSRLDPPEAEVQIDRLITGRLQSLQTYVTQQLIRAAEIRASANLAATKMSECVLGQSKRVDFCGKGYHLMSFPQSA
PHGVVFLHVTYVPAQEKNFTTAPAICHDGKAHFPREGVFVSNGTHWFVTQRNFYEPQIITTDNTFVSGNCDVVIGIVNNT
VYDPLQPELDSFKEELDKYFKNHTSPDVDLGDISGINASVVNIQKEIDRLNEVAKNLNESLIDLQELGKYEQGSGYIPEA
PRDGQAYVRKDGEWVLLSTFLGSAWSHPQFEKHHHHHHHH
;
A,B,C
2 'polypeptide(L)'
;QVQLVQSGAEVKKPGASVKVSCKASGYPFTSYGISWVRQAPGQGLEWMGWISTYNGNTNYAQKFQGRVTMTTDTSTTTGY
MELRRLRSDDTAVYYCARDYTRGAWFGESLIGGFDNWGQGTLVTVSSASTKGPSVFPLAPSSKSTSGGTAALGCLVKDYF
PEPVTVSWNSGALTSGVHTFPAVLQSSGLYSLSSVVTVPSSSLGTQTYICNVNHKPSNTKVDKKVEPKSC
;
H,M,O
3 'polypeptide(L)'
;EIVLTQSPGTLSLSPGERATLSCRASQTVSSTSLAWYQQKPGQAPRLLIYGASSRATGIPDRFSGSGSGTDFTLTISRLE
PEDFAVYYCQQHDTSLTFGGGTKVEIKRTVAAPSVFIFPPSDEQLKSGTASVVCLLNNFYPREAKVQWKVDNALQSGNSQ
ESVTEQDSKDSTYSLSSTLTLSKADYEKHKVYACEVTHQGLSSPVTKSFNRGEC
;
L,N,P
#
loop_
_chem_comp.id
_chem_comp.type
_chem_comp.name
_chem_comp.formula
NAG D-saccharide, beta linking 2-acetamido-2-deoxy-beta-D-glucopyranose 'C8 H15 N O6'
#
# COMPACT_ATOMS: atom_id res chain seq x y z
N GLN A 1 -58.53 -13.46 5.78
CA GLN A 1 -58.98 -14.76 6.24
C GLN A 1 -58.15 -15.90 5.66
N CYS A 2 -58.15 -17.04 6.36
CA CYS A 2 -57.41 -18.22 5.92
C CYS A 2 -58.12 -19.46 6.43
N VAL A 3 -58.55 -20.31 5.49
CA VAL A 3 -59.25 -21.54 5.81
C VAL A 3 -58.22 -22.65 5.98
N ASN A 4 -58.31 -23.35 7.11
CA ASN A 4 -57.34 -24.36 7.50
C ASN A 4 -57.95 -25.73 7.28
N LEU A 5 -57.45 -26.45 6.28
CA LEU A 5 -58.01 -27.74 5.88
C LEU A 5 -57.38 -28.87 6.67
N THR A 6 -58.09 -29.99 6.76
CA THR A 6 -57.61 -31.15 7.49
C THR A 6 -57.63 -32.39 6.61
N THR A 7 -57.14 -32.28 5.38
CA THR A 7 -57.12 -33.40 4.45
C THR A 7 -55.71 -33.70 3.95
N ARG A 8 -54.68 -33.24 4.66
CA ARG A 8 -53.30 -33.49 4.25
C ARG A 8 -52.95 -34.96 4.41
N THR A 9 -51.98 -35.40 3.62
CA THR A 9 -51.44 -36.75 3.67
C THR A 9 -49.96 -36.65 3.99
N GLN A 10 -49.59 -36.95 5.23
CA GLN A 10 -48.21 -36.80 5.66
C GLN A 10 -47.33 -37.88 5.03
N LEU A 11 -46.15 -37.47 4.57
CA LEU A 11 -45.19 -38.38 3.96
C LEU A 11 -43.85 -37.66 3.90
N PRO A 12 -42.75 -38.33 4.24
CA PRO A 12 -41.43 -37.70 4.15
C PRO A 12 -41.12 -37.28 2.73
N PRO A 13 -40.43 -36.16 2.54
CA PRO A 13 -40.08 -35.72 1.18
C PRO A 13 -39.13 -36.69 0.51
N ALA A 14 -39.25 -36.79 -0.81
CA ALA A 14 -38.37 -37.67 -1.56
C ALA A 14 -37.02 -37.01 -1.80
N TYR A 15 -36.04 -37.82 -2.20
CA TYR A 15 -34.72 -37.32 -2.55
C TYR A 15 -34.38 -37.82 -3.95
N THR A 16 -33.94 -36.91 -4.81
CA THR A 16 -33.62 -37.26 -6.19
C THR A 16 -32.26 -36.66 -6.58
N ASN A 17 -31.82 -36.97 -7.78
CA ASN A 17 -30.49 -36.62 -8.26
C ASN A 17 -30.58 -35.47 -9.25
N SER A 18 -29.80 -34.42 -9.01
CA SER A 18 -29.61 -33.33 -9.95
C SER A 18 -28.30 -33.57 -10.68
N PHE A 19 -28.38 -33.79 -11.99
CA PHE A 19 -27.20 -34.22 -12.75
C PHE A 19 -26.30 -33.03 -13.08
N THR A 20 -26.79 -32.12 -13.92
CA THR A 20 -26.01 -30.97 -14.37
C THR A 20 -26.87 -29.72 -14.41
N ARG A 21 -27.90 -29.69 -13.58
CA ARG A 21 -28.84 -28.57 -13.56
C ARG A 21 -28.41 -27.53 -12.54
N GLY A 22 -28.73 -26.27 -12.85
CA GLY A 22 -28.43 -25.16 -11.97
C GLY A 22 -27.30 -24.26 -12.41
N VAL A 23 -27.00 -24.20 -13.71
CA VAL A 23 -25.94 -23.34 -14.23
C VAL A 23 -26.57 -22.10 -14.81
N TYR A 24 -26.03 -20.93 -14.45
CA TYR A 24 -26.56 -19.65 -14.88
C TYR A 24 -25.42 -18.75 -15.32
N TYR A 25 -25.76 -17.73 -16.09
CA TYR A 25 -24.77 -16.76 -16.54
C TYR A 25 -24.29 -15.93 -15.35
N PRO A 26 -22.99 -15.92 -15.06
CA PRO A 26 -22.52 -15.24 -13.84
C PRO A 26 -22.44 -13.73 -13.94
N ASP A 27 -22.43 -13.15 -15.14
CA ASP A 27 -22.33 -11.72 -15.30
C ASP A 27 -22.95 -11.31 -16.64
N LYS A 28 -22.86 -10.02 -16.94
CA LYS A 28 -23.41 -9.46 -18.17
C LYS A 28 -22.35 -9.26 -19.26
N VAL A 29 -21.37 -10.15 -19.34
CA VAL A 29 -20.25 -9.98 -20.26
C VAL A 29 -20.38 -10.99 -21.39
N PHE A 30 -20.25 -10.51 -22.63
CA PHE A 30 -20.33 -11.37 -23.80
C PHE A 30 -18.97 -12.03 -24.05
N ARG A 31 -18.98 -13.36 -24.21
CA ARG A 31 -17.79 -14.12 -24.53
C ARG A 31 -18.10 -15.07 -25.66
N SER A 32 -17.11 -15.31 -26.52
CA SER A 32 -17.33 -16.12 -27.72
C SER A 32 -16.18 -17.11 -27.90
N SER A 33 -16.53 -18.39 -27.97
CA SER A 33 -15.59 -19.47 -28.25
C SER A 33 -14.38 -19.43 -27.32
N VAL A 34 -14.66 -19.65 -26.02
CA VAL A 34 -13.63 -19.54 -24.99
C VAL A 34 -13.99 -20.46 -23.83
N LEU A 35 -13.01 -20.73 -22.99
CA LEU A 35 -13.20 -21.43 -21.73
C LEU A 35 -12.92 -20.47 -20.59
N HIS A 36 -13.89 -20.31 -19.69
CA HIS A 36 -13.79 -19.34 -18.60
C HIS A 36 -13.99 -20.05 -17.27
N SER A 37 -13.09 -19.80 -16.33
CA SER A 37 -13.19 -20.38 -15.00
C SER A 37 -13.72 -19.32 -14.04
N THR A 38 -14.77 -19.66 -13.30
CA THR A 38 -15.41 -18.71 -12.40
C THR A 38 -15.75 -19.38 -11.07
N GLN A 39 -15.53 -18.65 -9.98
CA GLN A 39 -15.88 -19.09 -8.64
C GLN A 39 -17.13 -18.35 -8.19
N ASP A 40 -18.18 -19.10 -7.87
CA ASP A 40 -19.46 -18.49 -7.51
C ASP A 40 -20.32 -19.53 -6.82
N LEU A 41 -21.55 -19.13 -6.49
CA LEU A 41 -22.51 -20.00 -5.81
C LEU A 41 -23.22 -20.85 -6.85
N PHE A 42 -22.86 -22.13 -6.92
CA PHE A 42 -23.43 -23.05 -7.88
C PHE A 42 -24.03 -24.26 -7.17
N LEU A 43 -24.91 -24.96 -7.88
CA LEU A 43 -25.43 -26.23 -7.38
C LEU A 43 -24.50 -27.36 -7.80
N PRO A 44 -23.93 -28.11 -6.87
CA PRO A 44 -22.94 -29.13 -7.23
C PRO A 44 -23.52 -30.19 -8.16
N PHE A 45 -22.68 -30.67 -9.07
CA PHE A 45 -23.10 -31.69 -10.02
C PHE A 45 -23.43 -32.99 -9.30
N PHE A 46 -24.49 -33.66 -9.76
CA PHE A 46 -24.96 -34.92 -9.20
C PHE A 46 -25.21 -34.77 -7.70
N SER A 47 -26.14 -33.86 -7.37
CA SER A 47 -26.46 -33.56 -5.98
C SER A 47 -27.76 -34.24 -5.57
N ASN A 48 -27.90 -34.39 -4.25
CA ASN A 48 -29.12 -34.92 -3.64
C ASN A 48 -30.03 -33.75 -3.34
N VAL A 49 -31.17 -33.68 -4.03
CA VAL A 49 -32.09 -32.55 -3.90
C VAL A 49 -33.45 -33.04 -3.45
N THR A 50 -34.14 -32.20 -2.67
CA THR A 50 -35.41 -32.58 -2.09
C THR A 50 -36.52 -32.48 -3.12
N TRP A 51 -37.50 -33.38 -3.03
CA TRP A 51 -38.54 -33.51 -4.04
C TRP A 51 -39.88 -33.63 -3.35
N PHE A 52 -40.84 -32.80 -3.75
CA PHE A 52 -42.19 -32.81 -3.20
C PHE A 52 -43.21 -32.98 -4.32
N HIS A 53 -44.32 -33.61 -3.99
CA HIS A 53 -45.40 -33.89 -4.93
C HIS A 53 -46.63 -33.04 -4.61
N VAL A 54 -47.40 -32.73 -5.64
CA VAL A 54 -48.74 -32.16 -5.48
C VAL A 54 -49.69 -32.89 -6.41
N ILE A 55 -50.82 -33.34 -5.87
CA ILE A 55 -51.80 -34.09 -6.65
C ILE A 55 -53.20 -33.81 -6.11
N LYS A 62 -54.14 -37.69 -1.24
CA LYS A 62 -54.01 -36.34 -1.77
C LYS A 62 -52.80 -35.63 -1.18
N ARG A 63 -51.69 -35.66 -1.91
CA ARG A 63 -50.47 -35.03 -1.44
C ARG A 63 -50.64 -33.52 -1.36
N PHE A 64 -50.20 -32.93 -0.25
CA PHE A 64 -50.28 -31.49 -0.04
C PHE A 64 -48.99 -31.05 0.65
N ASP A 65 -48.02 -30.62 -0.16
CA ASP A 65 -46.67 -30.31 0.30
C ASP A 65 -46.47 -28.80 0.23
N ASN A 66 -46.69 -28.12 1.36
CA ASN A 66 -46.39 -26.69 1.48
C ASN A 66 -45.65 -26.44 2.78
N PRO A 67 -44.40 -26.92 2.88
CA PRO A 67 -43.62 -26.66 4.09
C PRO A 67 -42.80 -25.39 3.97
N VAL A 68 -42.08 -25.03 5.03
CA VAL A 68 -41.15 -23.90 5.01
C VAL A 68 -39.74 -24.46 4.92
N LEU A 69 -38.87 -23.76 4.21
CA LEU A 69 -37.52 -24.24 3.99
C LEU A 69 -36.51 -23.13 4.24
N PRO A 70 -35.30 -23.48 4.67
CA PRO A 70 -34.27 -22.47 4.90
C PRO A 70 -33.76 -21.87 3.60
N PHE A 71 -33.01 -20.78 3.74
CA PHE A 71 -32.46 -19.99 2.64
C PHE A 71 -30.99 -19.69 2.91
N ASN A 72 -30.21 -20.74 3.19
CA ASN A 72 -28.82 -20.60 3.62
C ASN A 72 -28.05 -19.61 2.76
N ASP A 73 -27.87 -19.92 1.47
CA ASP A 73 -27.09 -19.05 0.60
C ASP A 73 -27.69 -18.89 -0.78
N GLY A 74 -28.87 -19.43 -1.04
CA GLY A 74 -29.49 -19.40 -2.34
C GLY A 74 -30.22 -20.71 -2.59
N VAL A 75 -31.21 -20.65 -3.47
CA VAL A 75 -32.09 -21.80 -3.70
C VAL A 75 -32.22 -22.04 -5.20
N TYR A 76 -32.03 -23.29 -5.60
CA TYR A 76 -32.40 -23.76 -6.94
C TYR A 76 -33.76 -24.42 -6.82
N PHE A 77 -34.77 -23.80 -7.42
CA PHE A 77 -36.15 -24.27 -7.35
C PHE A 77 -36.58 -24.72 -8.74
N ALA A 78 -36.84 -26.01 -8.89
CA ALA A 78 -37.32 -26.55 -10.16
C ALA A 78 -38.75 -27.05 -9.98
N SER A 79 -39.52 -27.00 -11.05
CA SER A 79 -40.91 -27.48 -10.99
C SER A 79 -41.29 -28.08 -12.33
N ILE A 80 -41.71 -29.33 -12.32
CA ILE A 80 -42.28 -29.98 -13.50
C ILE A 80 -43.79 -30.03 -13.30
N GLU A 81 -44.53 -29.52 -14.27
CA GLU A 81 -45.91 -29.13 -14.03
C GLU A 81 -46.62 -28.91 -15.36
N LYS A 82 -47.95 -28.93 -15.29
CA LYS A 82 -48.83 -28.50 -16.36
C LYS A 82 -49.98 -27.73 -15.74
N SER A 83 -50.57 -26.82 -16.53
CA SER A 83 -51.75 -26.04 -16.18
C SER A 83 -51.49 -24.99 -15.09
N ASN A 84 -50.23 -24.81 -14.68
CA ASN A 84 -49.81 -23.70 -13.81
C ASN A 84 -50.56 -23.73 -12.47
N ILE A 85 -50.26 -24.79 -11.69
CA ILE A 85 -50.78 -24.88 -10.34
C ILE A 85 -49.98 -23.98 -9.40
N ILE A 86 -48.65 -24.08 -9.43
CA ILE A 86 -47.80 -23.29 -8.55
C ILE A 86 -47.72 -21.87 -9.07
N ARG A 87 -47.90 -20.89 -8.17
CA ARG A 87 -48.00 -19.49 -8.56
C ARG A 87 -46.81 -18.66 -8.07
N GLY A 88 -46.52 -18.64 -6.77
CA GLY A 88 -45.52 -17.72 -6.27
C GLY A 88 -44.77 -18.16 -5.02
N TRP A 89 -44.11 -17.20 -4.37
CA TRP A 89 -43.23 -17.49 -3.25
C TRP A 89 -43.33 -16.40 -2.19
N ILE A 90 -42.95 -16.79 -0.97
CA ILE A 90 -42.85 -15.88 0.17
C ILE A 90 -41.51 -16.08 0.84
N PHE A 91 -40.81 -14.98 1.11
CA PHE A 91 -39.50 -15.01 1.78
C PHE A 91 -39.57 -14.13 3.02
N GLY A 92 -38.90 -14.55 4.09
CA GLY A 92 -38.90 -13.75 5.30
C GLY A 92 -38.00 -14.35 6.35
N THR A 93 -37.92 -13.64 7.47
CA THR A 93 -37.11 -14.06 8.62
C THR A 93 -37.94 -14.82 9.66
N THR A 94 -39.07 -14.27 10.08
CA THR A 94 -39.96 -14.94 11.01
C THR A 94 -41.35 -15.18 10.44
N LEU A 95 -41.62 -14.78 9.20
CA LEU A 95 -42.89 -15.07 8.51
C LEU A 95 -44.09 -14.50 9.27
N ASP A 96 -43.94 -13.28 9.77
CA ASP A 96 -45.03 -12.59 10.44
C ASP A 96 -44.77 -11.09 10.34
N SER A 97 -45.70 -10.32 10.90
CA SER A 97 -45.60 -8.86 10.87
C SER A 97 -44.46 -8.31 11.71
N LYS A 98 -43.84 -9.15 12.56
CA LYS A 98 -42.74 -8.69 13.40
C LYS A 98 -41.48 -8.36 12.58
N THR A 99 -41.40 -8.83 11.33
CA THR A 99 -40.28 -8.53 10.47
C THR A 99 -40.79 -8.30 9.04
N GLN A 100 -39.96 -7.63 8.24
CA GLN A 100 -40.29 -7.40 6.85
C GLN A 100 -40.15 -8.69 6.04
N SER A 101 -40.92 -8.77 4.96
CA SER A 101 -40.96 -9.97 4.14
C SER A 101 -41.18 -9.60 2.68
N LEU A 102 -40.84 -10.53 1.80
CA LEU A 102 -41.00 -10.38 0.37
C LEU A 102 -42.05 -11.35 -0.13
N LEU A 103 -42.89 -10.90 -1.07
CA LEU A 103 -44.01 -11.68 -1.56
C LEU A 103 -44.09 -11.54 -3.07
N ILE A 104 -44.14 -12.68 -3.77
CA ILE A 104 -44.21 -12.71 -5.22
C ILE A 104 -45.36 -13.60 -5.64
N VAL A 105 -46.25 -13.07 -6.49
CA VAL A 105 -47.36 -13.85 -7.05
C VAL A 105 -47.41 -13.60 -8.55
N ASN A 106 -48.08 -14.51 -9.25
CA ASN A 106 -48.26 -14.44 -10.69
C ASN A 106 -49.75 -14.44 -11.01
N ASN A 107 -50.21 -13.40 -11.71
CA ASN A 107 -51.60 -13.30 -12.14
C ASN A 107 -51.82 -14.14 -13.39
N ALA A 108 -52.98 -13.96 -14.03
CA ALA A 108 -53.19 -14.50 -15.36
C ALA A 108 -52.54 -13.66 -16.45
N THR A 109 -52.17 -12.40 -16.13
CA THR A 109 -51.54 -11.53 -17.12
C THR A 109 -50.42 -10.68 -16.54
N ASN A 110 -50.04 -10.88 -15.28
CA ASN A 110 -49.02 -10.04 -14.65
C ASN A 110 -48.35 -10.81 -13.52
N VAL A 111 -47.23 -10.27 -13.05
CA VAL A 111 -46.54 -10.77 -11.87
C VAL A 111 -46.31 -9.60 -10.93
N VAL A 112 -46.64 -9.79 -9.65
CA VAL A 112 -46.57 -8.75 -8.64
C VAL A 112 -45.53 -9.16 -7.60
N ILE A 113 -44.64 -8.23 -7.28
CA ILE A 113 -43.62 -8.41 -6.24
C ILE A 113 -43.75 -7.24 -5.27
N LYS A 114 -43.71 -7.54 -3.97
CA LYS A 114 -43.95 -6.50 -2.99
C LYS A 114 -43.28 -6.88 -1.68
N VAL A 115 -42.63 -5.92 -1.04
CA VAL A 115 -41.93 -6.18 0.22
C VAL A 115 -42.51 -5.30 1.32
N CYS A 116 -42.99 -5.93 2.38
CA CYS A 116 -43.39 -5.26 3.62
C CYS A 116 -43.65 -6.34 4.66
N GLU A 117 -44.10 -5.91 5.84
CA GLU A 117 -44.38 -6.81 6.96
C GLU A 117 -45.82 -7.29 6.83
N PHE A 118 -46.01 -8.37 6.08
CA PHE A 118 -47.34 -8.94 5.90
C PHE A 118 -47.78 -9.66 7.17
N GLN A 119 -49.07 -9.99 7.21
CA GLN A 119 -49.68 -10.76 8.29
C GLN A 119 -50.05 -12.12 7.71
N PHE A 120 -49.11 -13.06 7.72
CA PHE A 120 -49.30 -14.35 7.09
C PHE A 120 -50.10 -15.28 8.00
N CYS A 121 -50.60 -16.36 7.39
CA CYS A 121 -51.27 -17.44 8.10
C CYS A 121 -50.36 -18.66 8.13
N ASN A 122 -50.88 -19.73 8.75
CA ASN A 122 -50.15 -20.99 8.74
C ASN A 122 -50.09 -21.59 7.34
N ASP A 123 -51.17 -21.47 6.58
CA ASP A 123 -51.29 -22.08 5.25
C ASP A 123 -51.72 -21.02 4.25
N PRO A 124 -50.78 -20.28 3.66
CA PRO A 124 -51.12 -19.39 2.56
C PRO A 124 -51.23 -20.16 1.25
N PHE A 125 -52.26 -19.82 0.47
CA PHE A 125 -52.48 -20.48 -0.82
C PHE A 125 -53.35 -19.58 -1.69
N LEU A 126 -53.41 -19.93 -2.96
CA LEU A 126 -54.23 -19.22 -3.94
C LEU A 126 -55.34 -20.14 -4.44
N ASP A 127 -56.46 -19.54 -4.82
CA ASP A 127 -57.59 -20.29 -5.35
C ASP A 127 -57.76 -20.08 -6.85
N MET A 135 -61.53 -22.28 -11.54
CA MET A 135 -61.12 -20.91 -11.86
C MET A 135 -60.54 -20.21 -10.65
N GLU A 136 -59.89 -19.07 -10.89
CA GLU A 136 -59.23 -18.30 -9.84
C GLU A 136 -60.00 -17.01 -9.63
N SER A 137 -60.70 -16.90 -8.50
CA SER A 137 -61.43 -15.69 -8.16
C SER A 137 -61.31 -15.31 -6.70
N GLU A 138 -60.53 -16.04 -5.90
CA GLU A 138 -60.34 -15.74 -4.49
C GLU A 138 -58.86 -15.46 -4.24
N PHE A 139 -58.58 -14.38 -3.51
CA PHE A 139 -57.23 -13.99 -3.14
C PHE A 139 -57.15 -14.01 -1.61
N ARG A 140 -56.79 -15.16 -1.05
CA ARG A 140 -56.63 -15.31 0.40
C ARG A 140 -55.29 -16.00 0.66
N VAL A 141 -54.22 -15.21 0.70
CA VAL A 141 -52.90 -15.68 1.07
C VAL A 141 -52.43 -15.09 2.38
N TYR A 142 -52.81 -13.83 2.66
CA TYR A 142 -52.53 -13.21 3.96
C TYR A 142 -53.81 -12.64 4.54
N SER A 143 -53.69 -11.88 5.63
CA SER A 143 -54.83 -11.20 6.23
C SER A 143 -54.77 -9.69 6.15
N SER A 144 -53.58 -9.09 6.19
CA SER A 144 -53.43 -7.65 6.08
C SER A 144 -52.08 -7.33 5.48
N ALA A 145 -51.98 -6.15 4.87
CA ALA A 145 -50.73 -5.66 4.27
C ALA A 145 -50.37 -4.34 4.94
N ASN A 146 -49.24 -4.33 5.66
CA ASN A 146 -48.80 -3.15 6.38
C ASN A 146 -48.08 -2.20 5.42
N ASN A 147 -47.40 -1.20 5.96
CA ASN A 147 -46.72 -0.21 5.13
C ASN A 147 -45.57 -0.87 4.38
N CYS A 148 -45.43 -0.52 3.10
CA CYS A 148 -44.44 -1.13 2.23
C CYS A 148 -43.49 -0.08 1.68
N THR A 149 -42.31 -0.54 1.29
CA THR A 149 -41.24 0.32 0.78
C THR A 149 -40.89 0.06 -0.67
N PHE A 150 -41.23 -1.11 -1.21
CA PHE A 150 -40.93 -1.43 -2.59
C PHE A 150 -42.01 -2.32 -3.19
N GLU A 151 -42.51 -1.91 -4.35
CA GLU A 151 -43.49 -2.62 -5.16
C GLU A 151 -42.96 -2.74 -6.59
N TYR A 152 -43.45 -3.74 -7.32
CA TYR A 152 -43.03 -3.94 -8.69
C TYR A 152 -44.06 -4.81 -9.40
N VAL A 153 -44.40 -4.44 -10.64
CA VAL A 153 -45.33 -5.18 -11.47
C VAL A 153 -44.66 -5.41 -12.82
N SER A 154 -44.73 -6.65 -13.31
CA SER A 154 -44.07 -6.99 -14.57
C SER A 154 -44.95 -7.94 -15.37
N GLN A 155 -44.52 -8.21 -16.59
CA GLN A 155 -45.18 -9.21 -17.41
C GLN A 155 -44.96 -10.60 -16.82
N PRO A 156 -45.92 -11.50 -16.95
CA PRO A 156 -45.79 -12.81 -16.30
C PRO A 156 -44.64 -13.61 -16.86
N PHE A 157 -44.07 -14.46 -15.99
CA PHE A 157 -42.95 -15.31 -16.41
C PHE A 157 -43.37 -16.28 -17.50
N LEU A 158 -44.55 -16.88 -17.39
CA LEU A 158 -45.06 -17.80 -18.40
C LEU A 158 -45.71 -17.04 -19.54
N ASN A 167 -49.34 -36.31 -20.36
CA ASN A 167 -47.88 -36.22 -20.34
C ASN A 167 -47.42 -34.87 -19.82
N PHE A 168 -46.34 -34.88 -19.02
CA PHE A 168 -45.79 -33.65 -18.47
C PHE A 168 -45.24 -32.77 -19.59
N LYS A 169 -45.47 -31.46 -19.49
CA LYS A 169 -45.10 -30.56 -20.57
C LYS A 169 -44.42 -29.27 -20.17
N ASN A 170 -44.38 -28.90 -18.89
CA ASN A 170 -43.76 -27.66 -18.47
C ASN A 170 -42.67 -27.93 -17.44
N LEU A 171 -41.50 -27.31 -17.63
CA LEU A 171 -40.42 -27.35 -16.65
C LEU A 171 -39.94 -25.92 -16.42
N ARG A 172 -40.08 -25.43 -15.19
CA ARG A 172 -39.65 -24.09 -14.84
C ARG A 172 -38.53 -24.17 -13.80
N GLU A 173 -37.40 -23.55 -14.10
CA GLU A 173 -36.24 -23.55 -13.22
C GLU A 173 -35.92 -22.13 -12.79
N PHE A 174 -35.64 -21.95 -11.50
CA PHE A 174 -35.34 -20.66 -10.93
C PHE A 174 -34.15 -20.78 -10.00
N VAL A 175 -33.35 -19.72 -9.94
CA VAL A 175 -32.27 -19.59 -8.97
C VAL A 175 -32.48 -18.28 -8.24
N PHE A 176 -32.62 -18.37 -6.91
CA PHE A 176 -32.83 -17.22 -6.05
C PHE A 176 -31.59 -16.99 -5.21
N LYS A 177 -31.09 -15.75 -5.21
CA LYS A 177 -29.92 -15.38 -4.43
C LYS A 177 -30.18 -14.04 -3.74
N ASN A 178 -29.60 -13.89 -2.53
CA ASN A 178 -29.59 -12.63 -1.80
C ASN A 178 -28.16 -12.27 -1.49
N ILE A 179 -27.64 -11.26 -2.18
CA ILE A 179 -26.23 -10.87 -2.00
C ILE A 179 -26.10 -9.37 -2.24
N ASP A 180 -25.30 -8.73 -1.38
CA ASP A 180 -25.03 -7.29 -1.46
C ASP A 180 -26.31 -6.46 -1.40
N GLY A 181 -27.29 -6.91 -0.62
CA GLY A 181 -28.56 -6.21 -0.55
C GLY A 181 -29.43 -6.36 -1.77
N TYR A 182 -29.08 -7.27 -2.68
CA TYR A 182 -29.80 -7.46 -3.93
C TYR A 182 -30.43 -8.84 -3.95
N PHE A 183 -31.70 -8.89 -4.38
CA PHE A 183 -32.38 -10.14 -4.65
C PHE A 183 -32.30 -10.42 -6.14
N LYS A 184 -31.61 -11.51 -6.50
CA LYS A 184 -31.37 -11.88 -7.88
C LYS A 184 -32.14 -13.15 -8.21
N ILE A 185 -32.88 -13.11 -9.32
CA ILE A 185 -33.68 -14.24 -9.80
C ILE A 185 -33.23 -14.55 -11.22
N TYR A 186 -32.77 -15.78 -11.42
CA TYR A 186 -32.45 -16.31 -12.74
C TYR A 186 -33.50 -17.35 -13.11
N SER A 187 -33.90 -17.36 -14.37
CA SER A 187 -35.07 -18.14 -14.78
C SER A 187 -34.77 -18.92 -16.06
N LYS A 188 -35.53 -20.00 -16.24
CA LYS A 188 -35.50 -20.77 -17.48
C LYS A 188 -36.79 -21.57 -17.59
N HIS A 189 -37.27 -21.72 -18.82
CA HIS A 189 -38.50 -22.47 -19.11
C HIS A 189 -38.23 -23.45 -20.24
N THR A 190 -38.74 -24.67 -20.09
CA THR A 190 -38.50 -25.73 -21.07
C THR A 190 -39.75 -26.58 -21.29
N PRO A 191 -40.17 -26.78 -22.54
CA PRO A 191 -41.28 -27.70 -22.79
C PRO A 191 -40.83 -29.15 -22.91
N ILE A 192 -41.29 -30.00 -22.01
CA ILE A 192 -40.92 -31.41 -22.03
C ILE A 192 -42.16 -32.28 -22.17
N ASP A 199 -38.57 -37.70 -11.98
CA ASP A 199 -37.23 -37.20 -11.71
C ASP A 199 -36.96 -35.91 -12.48
N LEU A 200 -35.71 -35.73 -12.90
CA LEU A 200 -35.30 -34.57 -13.66
C LEU A 200 -34.63 -35.00 -14.96
N PRO A 201 -34.80 -34.24 -16.04
CA PRO A 201 -34.18 -34.61 -17.32
C PRO A 201 -32.66 -34.41 -17.27
N GLN A 202 -31.98 -35.17 -18.12
CA GLN A 202 -30.53 -35.10 -18.25
C GLN A 202 -30.20 -34.20 -19.43
N GLY A 203 -29.46 -33.13 -19.17
CA GLY A 203 -29.09 -32.20 -20.22
C GLY A 203 -28.45 -30.96 -19.61
N PHE A 204 -28.15 -30.01 -20.49
CA PHE A 204 -27.55 -28.75 -20.09
C PHE A 204 -28.34 -27.59 -20.67
N SER A 205 -28.61 -26.59 -19.84
CA SER A 205 -29.30 -25.38 -20.28
C SER A 205 -29.02 -24.29 -19.27
N ALA A 206 -28.34 -23.22 -19.69
CA ALA A 206 -27.99 -22.14 -18.78
C ALA A 206 -29.22 -21.29 -18.47
N LEU A 207 -29.18 -20.64 -17.32
CA LEU A 207 -30.30 -19.84 -16.82
C LEU A 207 -29.97 -18.36 -16.98
N GLU A 208 -30.66 -17.69 -17.88
CA GLU A 208 -30.44 -16.27 -18.09
C GLU A 208 -31.02 -15.47 -16.93
N PRO A 209 -30.39 -14.35 -16.56
CA PRO A 209 -30.93 -13.54 -15.47
C PRO A 209 -32.26 -12.91 -15.86
N LEU A 210 -33.13 -12.77 -14.86
CA LEU A 210 -34.44 -12.20 -15.15
C LEU A 210 -34.81 -11.04 -14.23
N VAL A 211 -34.49 -11.11 -12.95
CA VAL A 211 -34.94 -10.10 -11.98
C VAL A 211 -33.77 -9.70 -11.09
N ASP A 212 -33.64 -8.39 -10.86
CA ASP A 212 -32.67 -7.86 -9.91
C ASP A 212 -33.36 -6.76 -9.11
N LEU A 213 -33.55 -6.99 -7.81
CA LEU A 213 -34.28 -6.06 -6.97
C LEU A 213 -33.40 -5.52 -5.85
N PRO A 214 -33.27 -4.20 -5.71
CA PRO A 214 -32.57 -3.58 -4.57
C PRO A 214 -33.45 -3.42 -3.33
N ILE A 215 -33.56 -4.49 -2.55
CA ILE A 215 -34.42 -4.49 -1.38
C ILE A 215 -33.58 -4.33 -0.11
N GLY A 216 -32.73 -5.31 0.17
CA GLY A 216 -31.91 -5.27 1.37
C GLY A 216 -32.62 -5.85 2.58
N ILE A 217 -33.11 -7.08 2.46
CA ILE A 217 -33.80 -7.78 3.54
C ILE A 217 -33.00 -9.02 3.90
N ASN A 218 -33.29 -9.58 5.08
CA ASN A 218 -32.49 -10.69 5.59
C ASN A 218 -32.76 -11.98 4.82
N ILE A 219 -34.00 -12.46 4.88
CA ILE A 219 -34.45 -13.71 4.25
C ILE A 219 -33.68 -14.90 4.80
N THR A 220 -34.36 -15.75 5.56
CA THR A 220 -33.76 -16.97 6.07
C THR A 220 -34.68 -18.16 5.77
N ARG A 221 -35.99 -17.90 5.72
CA ARG A 221 -36.99 -18.94 5.49
C ARG A 221 -37.87 -18.54 4.32
N PHE A 222 -38.39 -19.54 3.62
CA PHE A 222 -39.23 -19.28 2.46
C PHE A 222 -40.24 -20.41 2.27
N GLN A 223 -41.38 -20.05 1.69
CA GLN A 223 -42.45 -20.98 1.37
C GLN A 223 -42.95 -20.73 -0.04
N THR A 224 -43.60 -21.74 -0.61
CA THR A 224 -44.16 -21.68 -1.95
C THR A 224 -45.68 -21.53 -1.88
N LEU A 225 -46.27 -21.23 -3.03
CA LEU A 225 -47.72 -21.10 -3.16
C LEU A 225 -48.19 -21.85 -4.39
N LEU A 226 -49.46 -22.28 -4.37
CA LEU A 226 -50.05 -22.99 -5.48
C LEU A 226 -51.53 -22.67 -5.56
N ALA A 227 -52.11 -22.87 -6.75
CA ALA A 227 -53.50 -22.53 -7.02
C ALA A 227 -54.35 -23.80 -6.92
N LEU A 228 -55.49 -23.69 -6.25
CA LEU A 228 -56.38 -24.82 -6.03
C LEU A 228 -57.79 -24.47 -6.46
N HIS A 229 -58.54 -25.49 -6.88
CA HIS A 229 -59.92 -25.32 -7.32
C HIS A 229 -60.83 -26.29 -6.57
N ARG A 230 -61.97 -25.78 -6.13
CA ARG A 230 -62.96 -26.63 -5.48
C ARG A 230 -63.61 -27.58 -6.47
N SER A 231 -63.93 -28.78 -6.00
CA SER A 231 -64.57 -29.79 -6.84
C SER A 231 -65.98 -29.36 -7.23
N GLY A 241 -64.23 -32.10 -1.96
CA GLY A 241 -63.00 -31.41 -1.62
C GLY A 241 -62.44 -30.59 -2.77
N TRP A 242 -61.14 -30.75 -3.02
CA TRP A 242 -60.46 -30.04 -4.09
C TRP A 242 -59.62 -31.02 -4.90
N THR A 243 -59.46 -30.69 -6.19
CA THR A 243 -58.67 -31.50 -7.10
C THR A 243 -57.46 -30.70 -7.56
N ALA A 244 -56.27 -31.27 -7.43
CA ALA A 244 -55.03 -30.63 -7.82
C ALA A 244 -54.33 -31.46 -8.88
N GLY A 245 -53.77 -30.79 -9.88
CA GLY A 245 -53.08 -31.49 -10.94
C GLY A 245 -51.78 -32.12 -10.48
N ALA A 246 -51.38 -33.17 -11.21
CA ALA A 246 -50.17 -33.90 -10.87
C ALA A 246 -48.93 -33.07 -11.24
N ALA A 247 -48.16 -32.69 -10.24
CA ALA A 247 -46.95 -31.91 -10.49
C ALA A 247 -45.94 -32.20 -9.39
N ALA A 248 -44.68 -31.88 -9.67
CA ALA A 248 -43.61 -32.08 -8.71
C ALA A 248 -42.73 -30.85 -8.67
N TYR A 249 -42.15 -30.57 -7.50
CA TYR A 249 -41.20 -29.48 -7.38
C TYR A 249 -40.04 -29.87 -6.47
N TYR A 250 -38.85 -29.45 -6.87
CA TYR A 250 -37.60 -29.86 -6.23
C TYR A 250 -36.82 -28.65 -5.78
N VAL A 251 -36.11 -28.82 -4.67
CA VAL A 251 -35.32 -27.76 -4.04
C VAL A 251 -33.90 -28.25 -3.83
N GLY A 252 -32.93 -27.41 -4.22
CA GLY A 252 -31.55 -27.65 -3.92
C GLY A 252 -30.88 -26.40 -3.40
N TYR A 253 -29.77 -26.60 -2.70
CA TYR A 253 -29.05 -25.51 -2.05
C TYR A 253 -27.71 -25.28 -2.73
N LEU A 254 -27.36 -24.00 -2.91
CA LEU A 254 -26.14 -23.62 -3.59
C LEU A 254 -24.94 -23.68 -2.64
N GLN A 255 -23.76 -23.78 -3.23
CA GLN A 255 -22.51 -23.83 -2.48
C GLN A 255 -21.46 -23.06 -3.26
N PRO A 256 -20.47 -22.47 -2.58
CA PRO A 256 -19.39 -21.78 -3.30
C PRO A 256 -18.45 -22.78 -3.95
N ARG A 257 -18.38 -22.74 -5.28
CA ARG A 257 -17.61 -23.70 -6.04
C ARG A 257 -17.01 -23.02 -7.26
N THR A 258 -16.01 -23.68 -7.84
CA THR A 258 -15.34 -23.23 -9.05
C THR A 258 -15.81 -24.07 -10.23
N PHE A 259 -16.18 -23.40 -11.32
CA PHE A 259 -16.69 -24.05 -12.51
C PHE A 259 -15.88 -23.59 -13.72
N LEU A 260 -15.85 -24.43 -14.74
CA LEU A 260 -15.23 -24.11 -16.03
C LEU A 260 -16.31 -24.18 -17.09
N LEU A 261 -16.67 -23.03 -17.65
CA LEU A 261 -17.76 -22.91 -18.60
C LEU A 261 -17.20 -22.71 -20.01
N LYS A 262 -17.92 -23.24 -21.00
CA LYS A 262 -17.53 -23.15 -22.40
C LYS A 262 -18.51 -22.24 -23.13
N TYR A 263 -17.99 -21.22 -23.80
CA TYR A 263 -18.78 -20.34 -24.65
C TYR A 263 -18.50 -20.69 -26.11
N ASN A 264 -19.57 -20.93 -26.88
CA ASN A 264 -19.45 -21.27 -28.28
C ASN A 264 -19.25 -19.99 -29.10
N GLU A 265 -19.42 -20.10 -30.42
CA GLU A 265 -19.19 -18.94 -31.30
C GLU A 265 -20.08 -17.77 -30.91
N ASN A 266 -21.31 -18.04 -30.48
CA ASN A 266 -22.16 -17.03 -29.88
C ASN A 266 -21.98 -17.02 -28.38
N GLY A 267 -22.53 -16.01 -27.72
CA GLY A 267 -22.35 -15.86 -26.29
C GLY A 267 -23.21 -16.80 -25.45
N THR A 268 -23.21 -18.09 -25.79
CA THR A 268 -24.06 -19.08 -25.14
C THR A 268 -23.20 -20.11 -24.43
N ILE A 269 -23.54 -20.41 -23.18
CA ILE A 269 -22.86 -21.44 -22.41
C ILE A 269 -23.39 -22.80 -22.84
N THR A 270 -22.50 -23.66 -23.34
CA THR A 270 -22.91 -24.96 -23.86
C THR A 270 -22.44 -26.14 -23.02
N ASP A 271 -21.42 -25.96 -22.18
CA ASP A 271 -20.95 -27.05 -21.34
C ASP A 271 -20.23 -26.48 -20.12
N ALA A 272 -20.13 -27.30 -19.09
CA ALA A 272 -19.49 -26.89 -17.84
C ALA A 272 -18.83 -28.09 -17.18
N VAL A 273 -17.78 -27.80 -16.43
CA VAL A 273 -17.05 -28.81 -15.66
C VAL A 273 -16.92 -28.30 -14.23
N ASP A 274 -17.28 -29.14 -13.27
CA ASP A 274 -17.16 -28.82 -11.85
C ASP A 274 -15.85 -29.44 -11.35
N CYS A 275 -14.96 -28.60 -10.84
CA CYS A 275 -13.58 -29.00 -10.53
C CYS A 275 -13.45 -29.56 -9.12
N ALA A 276 -14.52 -30.13 -8.57
CA ALA A 276 -14.48 -30.71 -7.24
C ALA A 276 -15.21 -32.05 -7.18
N LEU A 277 -15.63 -32.58 -8.34
CA LEU A 277 -16.42 -33.80 -8.40
C LEU A 277 -15.58 -35.07 -8.35
N ASP A 278 -14.54 -35.15 -9.16
CA ASP A 278 -13.72 -36.35 -9.24
C ASP A 278 -12.34 -35.95 -9.74
N PRO A 279 -11.36 -36.85 -9.64
CA PRO A 279 -10.00 -36.50 -10.13
C PRO A 279 -9.95 -36.07 -11.58
N LEU A 280 -10.76 -36.68 -12.45
CA LEU A 280 -10.72 -36.33 -13.86
C LEU A 280 -11.14 -34.89 -14.09
N SER A 281 -12.18 -34.43 -13.38
CA SER A 281 -12.61 -33.05 -13.51
C SER A 281 -11.57 -32.08 -12.98
N GLU A 282 -10.89 -32.44 -11.90
CA GLU A 282 -9.80 -31.62 -11.39
C GLU A 282 -8.67 -31.51 -12.40
N THR A 283 -8.32 -32.63 -13.06
CA THR A 283 -7.32 -32.58 -14.11
C THR A 283 -7.76 -31.71 -15.27
N LYS A 284 -9.03 -31.82 -15.66
CA LYS A 284 -9.55 -30.99 -16.76
C LYS A 284 -9.48 -29.51 -16.41
N CYS A 285 -9.82 -29.16 -15.18
CA CYS A 285 -9.80 -27.75 -14.78
C CYS A 285 -8.37 -27.24 -14.63
N THR A 286 -7.45 -28.12 -14.21
CA THR A 286 -6.05 -27.72 -14.13
C THR A 286 -5.47 -27.47 -15.52
N LEU A 287 -5.78 -28.33 -16.48
CA LEU A 287 -5.30 -28.16 -17.85
C LEU A 287 -6.09 -27.12 -18.62
N LYS A 288 -7.22 -26.65 -18.10
CA LYS A 288 -8.09 -25.69 -18.78
C LYS A 288 -8.52 -26.21 -20.14
N SER A 289 -8.95 -27.47 -20.17
CA SER A 289 -9.40 -28.10 -21.40
C SER A 289 -10.41 -29.19 -21.06
N PHE A 290 -11.24 -29.51 -22.04
CA PHE A 290 -12.24 -30.57 -21.89
C PHE A 290 -11.73 -31.94 -22.31
N THR A 291 -10.54 -32.01 -22.90
CA THR A 291 -9.93 -33.28 -23.29
C THR A 291 -8.55 -33.38 -22.65
N VAL A 292 -8.20 -34.58 -22.21
CA VAL A 292 -6.93 -34.86 -21.56
C VAL A 292 -6.21 -35.94 -22.34
N GLU A 293 -4.92 -35.72 -22.61
CA GLU A 293 -4.10 -36.71 -23.27
C GLU A 293 -3.54 -37.70 -22.25
N LYS A 294 -3.00 -38.80 -22.74
CA LYS A 294 -2.44 -39.82 -21.87
C LYS A 294 -1.21 -39.29 -21.13
N GLY A 295 -1.13 -39.62 -19.85
CA GLY A 295 0.00 -39.19 -19.04
C GLY A 295 -0.37 -39.16 -17.57
N ILE A 296 0.52 -38.53 -16.80
CA ILE A 296 0.34 -38.35 -15.37
C ILE A 296 0.48 -36.87 -15.06
N TYR A 297 -0.48 -36.33 -14.29
CA TYR A 297 -0.54 -34.90 -14.03
C TYR A 297 -0.61 -34.66 -12.53
N GLN A 298 0.17 -33.69 -12.06
CA GLN A 298 0.14 -33.28 -10.66
C GLN A 298 -0.95 -32.23 -10.49
N THR A 299 -1.99 -32.55 -9.72
CA THR A 299 -3.18 -31.71 -9.64
C THR A 299 -3.19 -30.84 -8.38
N SER A 300 -3.14 -31.44 -7.21
CA SER A 300 -3.32 -30.69 -5.97
C SER A 300 -2.58 -31.39 -4.84
N ASN A 301 -2.88 -30.96 -3.61
CA ASN A 301 -2.23 -31.46 -2.41
C ASN A 301 -3.26 -32.09 -1.49
N PHE A 302 -2.79 -33.02 -0.67
CA PHE A 302 -3.61 -33.75 0.29
C PHE A 302 -3.13 -33.42 1.70
N ARG A 303 -4.07 -33.02 2.56
CA ARG A 303 -3.78 -32.69 3.95
C ARG A 303 -4.86 -33.27 4.84
N VAL A 304 -4.45 -33.78 6.00
CA VAL A 304 -5.39 -34.33 6.98
C VAL A 304 -5.93 -33.20 7.83
N GLN A 305 -7.26 -33.06 7.87
CA GLN A 305 -7.85 -31.99 8.66
C GLN A 305 -7.93 -32.38 10.13
N PRO A 306 -7.79 -31.42 11.04
CA PRO A 306 -7.79 -31.73 12.47
C PRO A 306 -9.18 -32.06 13.00
N THR A 307 -9.20 -32.79 14.11
CA THR A 307 -10.39 -33.07 14.87
C THR A 307 -10.19 -32.58 16.30
N GLU A 308 -11.25 -31.98 16.87
CA GLU A 308 -11.34 -31.45 18.23
C GLU A 308 -10.26 -30.41 18.53
N SER A 309 -10.37 -29.75 19.68
CA SER A 309 -9.44 -28.69 20.06
C SER A 309 -9.02 -28.86 21.51
N ILE A 310 -7.82 -28.38 21.82
CA ILE A 310 -7.22 -28.50 23.15
C ILE A 310 -6.84 -27.11 23.64
N VAL A 311 -7.21 -26.81 24.89
CA VAL A 311 -6.97 -25.49 25.46
C VAL A 311 -6.24 -25.62 26.80
N ARG A 312 -5.34 -26.60 26.90
CA ARG A 312 -4.62 -26.87 28.14
C ARG A 312 -4.01 -25.60 28.73
N PHE A 313 -4.34 -25.32 29.99
CA PHE A 313 -3.96 -24.11 30.70
C PHE A 313 -3.52 -24.44 32.13
N PRO A 314 -2.77 -23.56 32.80
CA PRO A 314 -2.28 -23.87 34.14
C PRO A 314 -3.40 -23.85 35.19
N ASN A 315 -3.00 -24.20 36.41
CA ASN A 315 -3.92 -24.37 37.54
C ASN A 315 -3.94 -23.08 38.37
N ILE A 316 -4.84 -22.17 38.04
CA ILE A 316 -4.97 -20.90 38.76
C ILE A 316 -6.44 -20.59 38.96
N THR A 317 -6.77 -20.16 40.18
CA THR A 317 -8.14 -19.80 40.55
C THR A 317 -8.29 -18.35 41.02
N ASN A 318 -7.25 -17.78 41.62
CA ASN A 318 -7.36 -16.44 42.18
C ASN A 318 -7.49 -15.39 41.08
N LEU A 319 -7.95 -14.20 41.48
CA LEU A 319 -8.16 -13.09 40.56
C LEU A 319 -7.18 -11.97 40.88
N CYS A 320 -6.75 -11.26 39.81
CA CYS A 320 -5.77 -10.19 39.97
C CYS A 320 -6.40 -8.96 40.61
N PRO A 321 -5.64 -8.22 41.42
CA PRO A 321 -6.19 -7.06 42.14
C PRO A 321 -6.13 -5.76 41.34
N PHE A 322 -6.99 -5.65 40.32
CA PHE A 322 -7.07 -4.41 39.57
C PHE A 322 -7.70 -3.30 40.40
N ASP A 323 -8.66 -3.64 41.26
CA ASP A 323 -9.26 -2.64 42.13
C ASP A 323 -8.25 -2.11 43.14
N GLU A 324 -7.37 -2.97 43.64
CA GLU A 324 -6.42 -2.57 44.67
C GLU A 324 -5.40 -1.55 44.18
N VAL A 325 -5.28 -1.37 42.87
CA VAL A 325 -4.38 -0.37 42.30
C VAL A 325 -5.16 0.79 41.69
N PHE A 326 -6.27 0.51 41.00
CA PHE A 326 -7.03 1.58 40.37
C PHE A 326 -7.86 2.35 41.39
N ASN A 327 -8.40 1.66 42.40
CA ASN A 327 -9.22 2.29 43.42
C ASN A 327 -8.42 2.68 44.66
N ALA A 328 -7.11 2.87 44.53
CA ALA A 328 -6.30 3.28 45.67
C ALA A 328 -6.64 4.70 46.08
N THR A 329 -6.75 4.92 47.40
CA THR A 329 -7.11 6.24 47.90
C THR A 329 -6.05 7.27 47.59
N ARG A 330 -4.78 6.93 47.79
CA ARG A 330 -3.68 7.87 47.63
C ARG A 330 -2.67 7.30 46.64
N PHE A 331 -2.30 8.12 45.66
CA PHE A 331 -1.29 7.74 44.67
C PHE A 331 0.08 8.21 45.16
N ALA A 332 1.07 8.22 44.26
CA ALA A 332 2.43 8.63 44.56
C ALA A 332 2.84 9.76 43.61
N SER A 333 3.91 10.46 44.01
CA SER A 333 4.43 11.53 43.18
C SER A 333 5.11 10.97 41.94
N VAL A 334 5.25 11.82 40.92
CA VAL A 334 5.81 11.37 39.65
C VAL A 334 7.28 10.98 39.82
N TYR A 335 7.98 11.53 40.81
CA TYR A 335 9.36 11.17 41.04
C TYR A 335 9.51 9.94 41.92
N ALA A 336 8.41 9.44 42.48
CA ALA A 336 8.41 8.25 43.34
C ALA A 336 7.25 7.33 42.95
N TRP A 337 7.14 7.05 41.65
CA TRP A 337 5.99 6.31 41.15
C TRP A 337 5.93 4.92 41.78
N ASN A 338 4.70 4.45 42.02
CA ASN A 338 4.48 3.20 42.71
C ASN A 338 4.49 2.05 41.70
N ARG A 339 5.49 1.17 41.81
CA ARG A 339 5.61 0.00 40.96
C ARG A 339 5.24 -1.25 41.76
N LYS A 340 4.32 -2.04 41.22
CA LYS A 340 3.81 -3.22 41.91
C LYS A 340 3.77 -4.41 40.95
N ARG A 341 3.86 -5.60 41.53
CA ARG A 341 3.90 -6.85 40.79
C ARG A 341 2.57 -7.58 40.92
N ILE A 342 2.12 -8.17 39.82
CA ILE A 342 0.90 -8.96 39.78
C ILE A 342 1.23 -10.32 39.16
N SER A 343 0.90 -11.39 39.88
CA SER A 343 1.22 -12.73 39.43
C SER A 343 0.27 -13.72 40.10
N ASN A 344 0.18 -14.91 39.51
CA ASN A 344 -0.58 -16.04 40.05
C ASN A 344 -2.04 -15.67 40.25
N CYS A 345 -2.68 -15.25 39.16
CA CYS A 345 -4.09 -14.86 39.20
C CYS A 345 -4.68 -14.97 37.81
N VAL A 346 -6.00 -14.96 37.76
CA VAL A 346 -6.76 -14.98 36.50
C VAL A 346 -7.17 -13.54 36.19
N ALA A 347 -6.49 -12.93 35.22
CA ALA A 347 -6.70 -11.52 34.90
C ALA A 347 -7.92 -11.39 34.00
N ASP A 348 -8.88 -10.57 34.41
CA ASP A 348 -10.09 -10.31 33.64
C ASP A 348 -10.03 -8.88 33.12
N TYR A 349 -9.40 -8.70 31.96
CA TYR A 349 -9.31 -7.38 31.35
C TYR A 349 -10.64 -6.91 30.80
N SER A 350 -11.63 -7.80 30.66
CA SER A 350 -12.92 -7.42 30.12
C SER A 350 -13.69 -6.50 31.05
N VAL A 351 -13.50 -6.63 32.36
CA VAL A 351 -14.21 -5.81 33.32
C VAL A 351 -13.31 -4.68 33.84
N LEU A 352 -13.35 -3.55 33.15
CA LEU A 352 -12.57 -2.38 33.54
C LEU A 352 -13.31 -1.05 33.41
N TYR A 353 -14.42 -1.00 32.69
CA TYR A 353 -15.16 0.25 32.49
C TYR A 353 -16.22 0.42 33.59
N ASN A 354 -15.77 0.32 34.82
CA ASN A 354 -16.62 0.46 36.00
C ASN A 354 -16.21 1.66 36.85
N LEU A 355 -15.56 2.63 36.22
CA LEU A 355 -15.11 3.84 36.92
C LEU A 355 -15.65 5.08 36.20
N ALA A 356 -15.13 6.25 36.58
CA ALA A 356 -15.51 7.48 35.91
C ALA A 356 -15.07 7.42 34.45
N PRO A 357 -15.81 8.09 33.54
CA PRO A 357 -15.43 8.11 32.13
C PRO A 357 -13.96 8.48 31.91
N PHE A 358 -13.18 7.51 31.44
CA PHE A 358 -11.75 7.73 31.24
C PHE A 358 -11.51 8.70 30.10
N PHE A 359 -10.44 9.49 30.23
CA PHE A 359 -10.03 10.40 29.16
C PHE A 359 -8.96 9.82 28.26
N THR A 360 -8.00 9.07 28.79
CA THR A 360 -6.94 8.48 28.00
C THR A 360 -6.88 6.98 28.25
N PHE A 361 -7.00 6.19 27.19
CA PHE A 361 -6.82 4.73 27.25
C PHE A 361 -6.10 4.34 25.95
N LYS A 362 -4.77 4.32 25.99
CA LYS A 362 -3.99 4.08 24.79
C LYS A 362 -2.91 3.06 25.10
N CYS A 363 -2.68 2.17 24.14
CA CYS A 363 -1.77 1.03 24.43
C CYS A 363 -0.98 0.64 23.18
N TYR A 364 0.19 0.06 23.38
CA TYR A 364 1.01 -0.36 22.26
C TYR A 364 1.53 -1.78 22.48
N GLY A 365 1.75 -2.48 21.39
CA GLY A 365 2.28 -3.84 21.39
C GLY A 365 1.21 -4.91 21.26
N VAL A 366 0.09 -4.74 21.96
CA VAL A 366 -1.02 -5.68 21.91
C VAL A 366 -2.30 -4.89 21.67
N SER A 367 -3.18 -5.47 20.87
CA SER A 367 -4.49 -4.88 20.67
C SER A 367 -5.30 -4.97 21.97
N PRO A 368 -6.17 -4.00 22.24
CA PRO A 368 -6.99 -4.04 23.45
C PRO A 368 -8.38 -4.63 23.27
N THR A 369 -8.80 -4.91 22.04
CA THR A 369 -10.17 -5.36 21.79
C THR A 369 -10.38 -6.81 22.22
N LYS A 370 -10.48 -7.03 23.54
CA LYS A 370 -10.70 -8.36 24.12
C LYS A 370 -9.58 -9.33 23.73
N LEU A 371 -8.40 -9.01 24.22
CA LEU A 371 -7.21 -9.85 24.08
C LEU A 371 -6.73 -10.33 25.45
N ASN A 372 -7.66 -10.79 26.28
CA ASN A 372 -7.32 -11.48 27.52
C ASN A 372 -7.15 -12.98 27.34
N ASP A 373 -6.78 -13.41 26.13
CA ASP A 373 -6.57 -14.82 25.84
C ASP A 373 -5.11 -15.19 25.67
N LEU A 374 -4.20 -14.27 25.99
CA LEU A 374 -2.77 -14.53 25.92
C LEU A 374 -2.16 -14.39 27.31
N CYS A 375 -1.27 -15.32 27.65
CA CYS A 375 -0.70 -15.40 28.98
C CYS A 375 0.54 -14.52 29.10
N PHE A 376 0.87 -14.18 30.35
CA PHE A 376 2.07 -13.43 30.67
C PHE A 376 2.68 -14.00 31.95
N THR A 377 3.96 -13.72 32.15
CA THR A 377 4.63 -14.15 33.38
C THR A 377 4.18 -13.31 34.57
N ASN A 378 4.40 -12.01 34.50
CA ASN A 378 3.96 -11.08 35.54
C ASN A 378 3.45 -9.81 34.86
N VAL A 379 2.70 -9.02 35.63
CA VAL A 379 2.20 -7.72 35.19
C VAL A 379 2.75 -6.66 36.13
N TYR A 380 3.36 -5.63 35.57
CA TYR A 380 3.97 -4.57 36.36
C TYR A 380 3.10 -3.32 36.26
N ALA A 381 2.52 -2.92 37.38
CA ALA A 381 1.64 -1.76 37.44
C ALA A 381 2.41 -0.57 38.01
N ASP A 382 2.56 0.47 37.21
CA ASP A 382 3.23 1.70 37.63
C ASP A 382 2.18 2.81 37.70
N SER A 383 1.93 3.30 38.90
CA SER A 383 0.89 4.29 39.15
C SER A 383 1.49 5.58 39.68
N PHE A 384 1.00 6.71 39.18
CA PHE A 384 1.45 8.02 39.66
C PHE A 384 0.43 9.07 39.23
N VAL A 385 0.72 10.33 39.53
CA VAL A 385 -0.15 11.45 39.22
C VAL A 385 0.67 12.53 38.51
N ILE A 386 0.13 13.05 37.41
CA ILE A 386 0.79 14.13 36.66
C ILE A 386 -0.24 15.19 36.30
N ARG A 387 0.18 16.17 35.52
CA ARG A 387 -0.73 17.18 35.01
C ARG A 387 -1.26 16.77 33.63
N GLY A 388 -2.34 17.43 33.22
CA GLY A 388 -3.00 17.06 31.97
C GLY A 388 -2.14 17.27 30.74
N ASP A 389 -1.28 18.29 30.76
CA ASP A 389 -0.46 18.58 29.59
C ASP A 389 0.63 17.53 29.36
N GLU A 390 0.99 16.77 30.40
CA GLU A 390 2.05 15.77 30.30
C GLU A 390 1.53 14.36 30.07
N VAL A 391 0.22 14.21 29.86
CA VAL A 391 -0.33 12.87 29.63
C VAL A 391 0.26 12.25 28.37
N ARG A 392 0.43 13.06 27.32
CA ARG A 392 1.06 12.57 26.10
C ARG A 392 2.54 12.28 26.29
N GLN A 393 3.15 12.76 27.38
CA GLN A 393 4.57 12.53 27.61
C GLN A 393 4.86 11.12 28.09
N ILE A 394 3.86 10.35 28.52
CA ILE A 394 4.06 8.94 28.89
C ILE A 394 3.86 8.14 27.61
N ALA A 395 4.93 8.05 26.83
CA ALA A 395 4.91 7.34 25.55
C ALA A 395 6.33 7.15 25.05
N PRO A 396 6.63 6.03 24.38
CA PRO A 396 7.96 5.87 23.78
C PRO A 396 8.23 6.93 22.72
N GLY A 397 9.49 7.35 22.64
CA GLY A 397 9.89 8.35 21.68
C GLY A 397 9.27 9.71 21.91
N GLN A 398 9.28 10.16 23.16
CA GLN A 398 8.76 11.47 23.52
C GLN A 398 9.82 12.24 24.30
N THR A 399 9.69 13.57 24.28
CA THR A 399 10.60 14.46 24.97
C THR A 399 9.82 15.36 25.92
N GLY A 400 10.46 15.76 27.00
CA GLY A 400 9.84 16.60 28.00
C GLY A 400 10.45 16.35 29.36
N ASN A 401 10.04 17.18 30.32
CA ASN A 401 10.57 17.04 31.68
C ASN A 401 10.22 15.70 32.28
N ILE A 402 8.97 15.25 32.09
CA ILE A 402 8.57 13.93 32.59
C ILE A 402 9.35 12.83 31.88
N ALA A 403 9.49 12.94 30.55
CA ALA A 403 10.17 11.92 29.77
C ALA A 403 11.68 11.89 29.98
N ASP A 404 12.24 12.88 30.67
CA ASP A 404 13.68 12.95 30.88
C ASP A 404 14.09 12.75 32.34
N TYR A 405 13.44 13.42 33.28
CA TYR A 405 13.86 13.41 34.67
C TYR A 405 12.88 12.72 35.61
N ASN A 406 11.70 12.33 35.13
CA ASN A 406 10.69 11.74 36.00
C ASN A 406 10.37 10.31 35.63
N TYR A 407 9.98 10.04 34.39
CA TYR A 407 9.57 8.69 33.99
C TYR A 407 9.73 8.55 32.50
N LYS A 408 10.68 7.70 32.08
CA LYS A 408 10.99 7.49 30.68
C LYS A 408 10.60 6.07 30.29
N LEU A 409 9.87 5.93 29.17
CA LEU A 409 9.45 4.65 28.64
C LEU A 409 10.43 4.14 27.60
N PRO A 410 10.65 2.83 27.54
CA PRO A 410 11.56 2.28 26.52
C PRO A 410 10.96 2.35 25.14
N ASP A 411 11.84 2.29 24.13
CA ASP A 411 11.39 2.30 22.74
C ASP A 411 10.60 1.04 22.41
N ASP A 412 10.98 -0.10 23.00
CA ASP A 412 10.30 -1.37 22.77
C ASP A 412 9.23 -1.66 23.82
N PHE A 413 8.58 -0.62 24.34
CA PHE A 413 7.54 -0.82 25.35
C PHE A 413 6.38 -1.63 24.78
N THR A 414 5.94 -2.62 25.55
CA THR A 414 4.80 -3.47 25.18
C THR A 414 3.86 -3.49 26.37
N GLY A 415 2.81 -2.68 26.32
CA GLY A 415 1.90 -2.57 27.44
C GLY A 415 0.87 -1.49 27.19
N CYS A 416 0.08 -1.21 28.24
CA CYS A 416 -1.03 -0.30 28.11
C CYS A 416 -1.03 0.79 29.18
N VAL A 417 -1.58 1.94 28.83
CA VAL A 417 -1.57 3.12 29.68
C VAL A 417 -2.99 3.67 29.78
N ILE A 418 -3.46 3.88 31.01
CA ILE A 418 -4.77 4.45 31.29
C ILE A 418 -4.57 5.66 32.18
N ALA A 419 -5.01 6.82 31.70
CA ALA A 419 -4.94 8.08 32.44
C ALA A 419 -6.34 8.65 32.56
N TRP A 420 -6.74 8.97 33.79
CA TRP A 420 -8.08 9.49 34.04
C TRP A 420 -8.01 10.72 34.94
N ASN A 421 -8.94 11.65 34.70
CA ASN A 421 -8.97 12.89 35.46
C ASN A 421 -9.38 12.63 36.91
N SER A 422 -8.75 13.35 37.83
CA SER A 422 -9.03 13.21 39.26
C SER A 422 -9.12 14.58 39.91
N ASN A 423 -9.79 15.53 39.25
CA ASN A 423 -9.90 16.88 39.78
C ASN A 423 -10.80 16.95 41.00
N LYS A 424 -11.70 15.98 41.19
CA LYS A 424 -12.59 15.99 42.34
C LYS A 424 -11.90 15.53 43.63
N LEU A 425 -10.77 14.84 43.53
CA LEU A 425 -10.12 14.26 44.70
C LEU A 425 -8.72 14.81 44.95
N ASP A 426 -8.06 15.38 43.94
CA ASP A 426 -6.69 15.89 44.09
C ASP A 426 -6.61 17.40 44.01
N SER A 427 -7.73 18.11 44.17
CA SER A 427 -7.76 19.56 44.13
C SER A 427 -8.24 20.09 45.48
N LYS A 428 -7.50 21.05 46.02
CA LYS A 428 -7.83 21.67 47.30
C LYS A 428 -7.76 23.18 47.15
N VAL A 429 -8.62 23.88 47.89
CA VAL A 429 -8.66 25.34 47.82
C VAL A 429 -7.34 25.93 48.28
N SER A 430 -6.82 25.45 49.40
CA SER A 430 -5.51 25.90 49.88
C SER A 430 -4.38 25.42 49.00
N GLY A 431 -4.53 24.25 48.37
CA GLY A 431 -3.48 23.71 47.51
C GLY A 431 -3.03 22.33 47.93
N ASN A 432 -3.09 21.38 47.00
CA ASN A 432 -2.64 20.01 47.27
C ASN A 432 -1.17 19.92 46.88
N TYR A 433 -0.30 20.36 47.79
CA TYR A 433 1.13 20.45 47.55
C TYR A 433 1.86 19.14 47.79
N ASN A 434 1.12 18.06 48.12
CA ASN A 434 1.77 16.79 48.41
C ASN A 434 2.51 16.24 47.20
N TYR A 435 1.91 16.34 46.02
CA TYR A 435 2.56 15.84 44.81
C TYR A 435 3.68 16.77 44.38
N LEU A 436 4.83 16.18 44.04
CA LEU A 436 6.01 16.92 43.62
C LEU A 436 6.53 16.36 42.31
N TYR A 437 7.24 17.21 41.57
CA TYR A 437 7.86 16.81 40.32
C TYR A 437 9.28 17.34 40.25
N ARG A 438 10.20 16.52 39.75
CA ARG A 438 11.57 16.96 39.54
C ARG A 438 11.64 17.93 38.37
N LEU A 439 12.50 18.93 38.49
CA LEU A 439 12.58 19.98 37.48
C LEU A 439 13.99 20.14 36.94
N PHE A 440 15.00 19.85 37.76
CA PHE A 440 16.38 20.04 37.39
C PHE A 440 17.15 18.74 37.57
N ARG A 441 17.89 18.35 36.52
CA ARG A 441 18.73 17.16 36.57
C ARG A 441 19.84 17.31 35.54
N LYS A 442 21.00 16.72 35.86
CA LYS A 442 22.16 16.84 34.99
C LYS A 442 21.92 16.15 33.64
N SER A 443 21.30 14.97 33.66
CA SER A 443 21.13 14.17 32.46
C SER A 443 19.75 13.53 32.47
N ASN A 444 19.49 12.70 31.47
CA ASN A 444 18.20 12.04 31.33
C ASN A 444 18.17 10.75 32.14
N LEU A 445 17.05 10.03 32.02
CA LEU A 445 16.81 8.81 32.79
C LEU A 445 16.70 7.60 31.87
N LYS A 446 17.13 6.46 32.40
CA LYS A 446 16.95 5.19 31.72
C LYS A 446 15.48 4.79 31.78
N PRO A 447 15.04 3.89 30.91
CA PRO A 447 13.67 3.38 31.02
C PRO A 447 13.44 2.69 32.36
N PHE A 448 12.28 2.96 32.94
CA PHE A 448 11.86 2.39 34.22
C PHE A 448 12.91 2.64 35.30
N GLU A 449 13.39 3.88 35.36
CA GLU A 449 14.41 4.29 36.33
C GLU A 449 13.77 5.22 37.33
N ARG A 450 13.97 4.94 38.62
CA ARG A 450 13.42 5.74 39.70
C ARG A 450 14.56 6.43 40.44
N ASP A 451 14.47 7.74 40.57
CA ASP A 451 15.50 8.54 41.24
C ASP A 451 14.83 9.35 42.35
N ILE A 452 15.33 9.20 43.57
CA ILE A 452 14.74 9.87 44.73
C ILE A 452 15.82 10.65 45.47
N SER A 453 16.88 11.04 44.76
CA SER A 453 17.96 11.78 45.38
C SER A 453 17.51 13.20 45.71
N THR A 454 17.81 13.65 46.93
CA THR A 454 17.43 14.97 47.40
C THR A 454 18.59 15.95 47.39
N GLU A 455 19.70 15.61 46.73
CA GLU A 455 20.85 16.50 46.69
C GLU A 455 20.51 17.77 45.92
N ILE A 456 21.08 18.89 46.39
CA ILE A 456 20.77 20.19 45.80
C ILE A 456 21.37 20.27 44.40
N TYR A 457 20.56 20.67 43.43
CA TYR A 457 21.01 20.80 42.06
C TYR A 457 21.99 21.96 41.93
N GLN A 458 23.10 21.72 41.23
CA GLN A 458 24.12 22.73 41.01
C GLN A 458 23.90 23.36 39.65
N ALA A 459 23.18 24.48 39.61
CA ALA A 459 22.88 25.13 38.33
C ALA A 459 24.12 25.73 37.70
N GLY A 460 24.93 26.43 38.50
CA GLY A 460 26.15 27.04 38.03
C GLY A 460 27.36 26.20 38.32
N ASN A 461 28.51 26.86 38.50
CA ASN A 461 29.76 26.18 38.83
C ASN A 461 30.13 26.30 40.30
N LYS A 462 29.60 27.30 41.00
CA LYS A 462 29.86 27.41 42.44
C LYS A 462 29.18 26.27 43.18
N PRO A 463 29.86 25.63 44.12
CA PRO A 463 29.24 24.53 44.86
C PRO A 463 28.07 25.02 45.71
N CYS A 464 27.06 24.15 45.84
CA CYS A 464 25.89 24.47 46.65
C CYS A 464 26.03 24.02 48.10
N ASN A 465 26.75 22.92 48.33
CA ASN A 465 26.98 22.37 49.67
C ASN A 465 25.68 22.07 50.41
N GLY A 466 24.68 21.59 49.68
CA GLY A 466 23.42 21.17 50.29
C GLY A 466 22.50 22.27 50.73
N VAL A 467 22.80 23.53 50.38
CA VAL A 467 21.96 24.66 50.78
C VAL A 467 21.62 25.46 49.53
N ALA A 468 20.50 26.18 49.60
CA ALA A 468 20.06 27.00 48.47
C ALA A 468 20.91 28.27 48.37
N GLY A 469 21.03 28.77 47.15
CA GLY A 469 21.81 29.97 46.92
C GLY A 469 21.78 30.36 45.46
N PHE A 470 22.70 31.25 45.10
CA PHE A 470 22.82 31.68 43.72
C PHE A 470 23.19 30.49 42.83
N ASN A 471 22.41 30.29 41.77
CA ASN A 471 22.57 29.14 40.88
C ASN A 471 22.51 27.83 41.66
N CYS A 472 21.61 27.78 42.64
CA CYS A 472 21.42 26.58 43.48
C CYS A 472 19.93 26.47 43.77
N TYR A 473 19.23 25.67 42.98
CA TYR A 473 17.79 25.47 43.13
C TYR A 473 17.49 24.04 43.57
N PHE A 474 16.45 23.89 44.37
CA PHE A 474 16.02 22.56 44.76
C PHE A 474 15.47 21.82 43.55
N PRO A 475 15.86 20.57 43.32
CA PRO A 475 15.43 19.88 42.10
C PRO A 475 13.93 19.61 42.04
N LEU A 476 13.22 19.65 43.16
CA LEU A 476 11.80 19.29 43.20
C LEU A 476 10.95 20.54 43.38
N ARG A 477 9.87 20.62 42.59
CA ARG A 477 8.86 21.66 42.69
C ARG A 477 7.52 21.01 43.01
N SER A 478 6.57 21.85 43.40
CA SER A 478 5.24 21.39 43.78
C SER A 478 4.22 21.79 42.71
N TYR A 479 3.33 20.86 42.37
CA TYR A 479 2.33 21.13 41.34
C TYR A 479 1.28 22.12 41.82
N SER A 480 0.84 21.99 43.08
CA SER A 480 -0.17 22.86 43.67
C SER A 480 -1.47 22.84 42.85
N PHE A 481 -2.08 21.66 42.81
CA PHE A 481 -3.31 21.48 42.05
C PHE A 481 -4.46 22.24 42.69
N ARG A 482 -5.18 23.00 41.89
CA ARG A 482 -6.34 23.76 42.35
C ARG A 482 -7.49 23.60 41.37
N PRO A 483 -8.73 23.58 41.87
CA PRO A 483 -9.88 23.48 40.96
C PRO A 483 -9.99 24.65 40.00
N THR A 484 -9.59 25.85 40.43
CA THR A 484 -9.68 27.04 39.58
C THR A 484 -8.71 27.00 38.41
N TYR A 485 -7.75 26.09 38.41
CA TYR A 485 -6.76 26.00 37.34
C TYR A 485 -7.41 25.48 36.06
N GLY A 486 -6.66 25.58 34.96
CA GLY A 486 -7.16 25.13 33.69
C GLY A 486 -7.21 23.62 33.58
N VAL A 487 -7.84 23.15 32.50
CA VAL A 487 -7.98 21.72 32.26
C VAL A 487 -6.60 21.08 32.09
N GLY A 488 -5.71 21.74 31.34
CA GLY A 488 -4.37 21.21 31.16
C GLY A 488 -3.59 21.09 32.46
N HIS A 489 -3.83 22.00 33.40
CA HIS A 489 -3.15 21.99 34.69
C HIS A 489 -3.85 21.10 35.71
N GLN A 490 -4.99 20.52 35.37
CA GLN A 490 -5.73 19.69 36.31
C GLN A 490 -4.99 18.39 36.58
N PRO A 491 -5.09 17.86 37.80
CA PRO A 491 -4.43 16.59 38.12
C PRO A 491 -5.02 15.42 37.33
N TYR A 492 -4.17 14.46 37.00
CA TYR A 492 -4.56 13.25 36.30
C TYR A 492 -3.82 12.07 36.92
N ARG A 493 -4.53 10.95 37.07
CA ARG A 493 -3.95 9.72 37.59
C ARG A 493 -3.62 8.79 36.44
N VAL A 494 -2.38 8.35 36.37
CA VAL A 494 -1.87 7.54 35.27
C VAL A 494 -1.42 6.19 35.82
N VAL A 495 -1.91 5.12 35.22
CA VAL A 495 -1.53 3.75 35.55
C VAL A 495 -1.07 3.07 34.27
N VAL A 496 0.15 2.52 34.31
CA VAL A 496 0.74 1.83 33.18
C VAL A 496 0.88 0.36 33.56
N LEU A 497 0.18 -0.51 32.83
CA LEU A 497 0.29 -1.95 33.00
C LEU A 497 1.24 -2.47 31.93
N SER A 498 2.41 -2.92 32.35
CA SER A 498 3.41 -3.49 31.46
C SER A 498 3.35 -5.00 31.55
N PHE A 499 3.30 -5.66 30.39
CA PHE A 499 3.18 -7.11 30.30
C PHE A 499 4.56 -7.72 30.13
N GLU A 500 4.89 -8.69 30.98
CA GLU A 500 6.19 -9.34 30.96
C GLU A 500 6.07 -10.67 30.24
N LEU A 501 6.85 -10.84 29.17
CA LEU A 501 6.80 -12.03 28.32
C LEU A 501 8.17 -12.69 28.37
N LEU A 502 8.35 -13.59 29.33
CA LEU A 502 9.57 -14.38 29.47
C LEU A 502 9.25 -15.86 29.36
N HIS A 503 10.28 -16.69 29.53
CA HIS A 503 10.12 -18.13 29.51
C HIS A 503 9.83 -18.65 30.92
N ALA A 504 8.59 -18.45 31.33
CA ALA A 504 8.12 -18.76 32.68
C ALA A 504 6.78 -19.47 32.56
N PRO A 505 6.33 -20.15 33.64
CA PRO A 505 5.06 -20.87 33.58
C PRO A 505 3.83 -20.01 33.28
N ALA A 506 4.01 -18.70 33.09
CA ALA A 506 2.95 -17.80 32.66
C ALA A 506 1.78 -17.80 33.65
N THR A 507 2.07 -17.27 34.84
CA THR A 507 1.10 -17.26 35.93
C THR A 507 -0.15 -16.46 35.58
N VAL A 508 0.00 -15.32 34.91
CA VAL A 508 -1.14 -14.48 34.56
C VAL A 508 -1.64 -14.90 33.18
N CYS A 509 -2.75 -15.65 33.14
CA CYS A 509 -3.22 -16.22 31.89
C CYS A 509 -4.59 -15.68 31.48
N GLY A 510 -5.63 -15.86 32.30
CA GLY A 510 -6.99 -15.60 31.88
C GLY A 510 -7.86 -16.82 32.10
N PRO A 511 -9.20 -16.64 32.00
CA PRO A 511 -10.11 -17.73 32.39
C PRO A 511 -9.90 -19.01 31.61
N LYS A 512 -10.15 -18.96 30.29
CA LYS A 512 -9.73 -19.98 29.33
C LYS A 512 -9.83 -21.42 29.84
N LYS A 513 -11.05 -21.87 30.12
CA LYS A 513 -11.30 -23.22 30.65
C LYS A 513 -10.47 -24.26 29.91
N SER A 514 -9.83 -25.14 30.69
CA SER A 514 -8.83 -26.06 30.16
C SER A 514 -9.42 -27.46 30.11
N THR A 515 -9.32 -28.11 28.95
CA THR A 515 -9.78 -29.47 28.80
C THR A 515 -8.64 -30.45 29.05
N ASN A 516 -8.87 -31.72 28.72
CA ASN A 516 -7.83 -32.73 28.82
C ASN A 516 -7.06 -32.81 27.50
N LEU A 517 -5.92 -33.50 27.55
CA LEU A 517 -5.06 -33.62 26.38
C LEU A 517 -5.20 -34.99 25.75
N VAL A 518 -5.11 -35.02 24.42
CA VAL A 518 -5.22 -36.26 23.64
C VAL A 518 -4.00 -36.35 22.73
N LYS A 519 -3.37 -37.52 22.70
CA LYS A 519 -2.15 -37.73 21.95
C LYS A 519 -2.39 -38.64 20.76
N ASN A 520 -1.43 -38.63 19.83
CA ASN A 520 -1.46 -39.46 18.62
C ASN A 520 -2.67 -39.15 17.74
N LYS A 521 -3.04 -37.88 17.63
CA LYS A 521 -4.15 -37.46 16.78
C LYS A 521 -3.89 -36.05 16.28
N CYS A 522 -4.27 -35.79 15.04
CA CYS A 522 -4.13 -34.45 14.44
C CYS A 522 -5.21 -33.55 15.02
N VAL A 523 -4.82 -32.68 15.95
CA VAL A 523 -5.77 -31.82 16.66
C VAL A 523 -5.25 -30.39 16.65
N ASN A 524 -6.17 -29.46 16.90
CA ASN A 524 -5.79 -28.10 17.23
C ASN A 524 -5.46 -28.01 18.72
N PHE A 525 -4.40 -27.27 19.04
CA PHE A 525 -3.95 -27.15 20.42
C PHE A 525 -3.65 -25.71 20.76
N ASN A 526 -3.80 -25.38 22.04
CA ASN A 526 -3.52 -24.05 22.58
C ASN A 526 -2.78 -24.24 23.89
N PHE A 527 -1.48 -23.91 23.90
CA PHE A 527 -0.64 -24.06 25.08
C PHE A 527 -0.23 -22.66 25.54
N ASN A 528 -0.87 -22.18 26.60
CA ASN A 528 -0.56 -20.88 27.21
C ASN A 528 -0.60 -19.75 26.20
N GLY A 529 -1.60 -19.79 25.31
CA GLY A 529 -1.74 -18.80 24.27
C GLY A 529 -1.01 -19.10 22.99
N LEU A 530 -0.25 -20.19 22.93
CA LEU A 530 0.44 -20.60 21.72
C LEU A 530 -0.48 -21.54 20.94
N LYS A 531 -0.98 -21.09 19.80
CA LYS A 531 -1.90 -21.85 18.98
C LYS A 531 -1.14 -22.71 17.98
N GLY A 532 -1.75 -23.83 17.60
CA GLY A 532 -1.15 -24.65 16.57
C GLY A 532 -2.08 -25.79 16.17
N THR A 533 -1.67 -26.48 15.11
CA THR A 533 -2.35 -27.67 14.62
C THR A 533 -1.32 -28.75 14.38
N GLY A 534 -1.57 -29.95 14.90
CA GLY A 534 -0.65 -31.05 14.68
C GLY A 534 -0.93 -32.20 15.61
N VAL A 535 0.04 -33.12 15.65
CA VAL A 535 -0.02 -34.33 16.46
C VAL A 535 0.94 -34.15 17.63
N LEU A 536 0.47 -34.47 18.83
CA LEU A 536 1.28 -34.41 20.05
C LEU A 536 1.65 -35.82 20.46
N THR A 537 2.95 -36.06 20.65
CA THR A 537 3.45 -37.37 21.03
C THR A 537 4.32 -37.24 22.27
N GLU A 538 4.60 -38.38 22.89
CA GLU A 538 5.53 -38.40 24.01
C GLU A 538 6.94 -38.11 23.51
N SER A 539 7.62 -37.19 24.17
CA SER A 539 8.93 -36.72 23.73
C SER A 539 10.02 -37.29 24.64
N ASN A 540 11.08 -37.81 24.02
CA ASN A 540 12.22 -38.31 24.76
C ASN A 540 13.22 -37.22 25.13
N LYS A 541 13.00 -36.00 24.68
CA LYS A 541 13.89 -34.90 25.02
C LYS A 541 13.87 -34.63 26.51
N LYS A 542 15.02 -34.25 27.05
CA LYS A 542 15.16 -33.92 28.46
C LYS A 542 15.36 -32.41 28.59
N PHE A 543 14.43 -31.76 29.28
CA PHE A 543 14.47 -30.32 29.49
C PHE A 543 15.07 -30.03 30.87
N LEU A 544 15.93 -29.02 30.93
CA LEU A 544 16.37 -28.52 32.21
C LEU A 544 15.21 -27.82 32.91
N PRO A 545 15.23 -27.74 34.25
CA PRO A 545 14.04 -27.25 34.98
C PRO A 545 13.60 -25.86 34.57
N PHE A 546 14.50 -25.01 34.10
CA PHE A 546 14.15 -23.64 33.73
C PHE A 546 13.64 -23.51 32.30
N GLN A 547 13.63 -24.59 31.52
CA GLN A 547 13.24 -24.56 30.12
C GLN A 547 11.78 -24.97 29.95
N GLN A 548 11.05 -24.23 29.12
CA GLN A 548 9.64 -24.47 28.86
C GLN A 548 9.38 -24.92 27.42
N PHE A 549 9.95 -24.23 26.44
CA PHE A 549 9.73 -24.53 25.04
C PHE A 549 10.97 -25.17 24.43
N GLY A 550 10.91 -25.44 23.13
CA GLY A 550 12.04 -25.94 22.38
C GLY A 550 11.89 -25.63 20.91
N ARG A 551 12.91 -25.04 20.30
CA ARG A 551 12.86 -24.63 18.90
C ARG A 551 13.75 -25.50 18.04
N ASP A 552 13.52 -25.41 16.74
CA ASP A 552 14.29 -26.14 15.74
C ASP A 552 15.13 -25.16 14.93
N ILE A 553 15.79 -25.67 13.89
CA ILE A 553 16.63 -24.85 13.03
C ILE A 553 15.87 -23.82 12.22
N ALA A 554 14.53 -23.88 12.21
CA ALA A 554 13.71 -22.89 11.54
C ALA A 554 13.11 -21.87 12.50
N ASP A 555 13.53 -21.89 13.76
CA ASP A 555 13.05 -20.96 14.80
C ASP A 555 11.54 -21.07 14.97
N THR A 556 11.06 -22.29 15.10
CA THR A 556 9.65 -22.56 15.40
C THR A 556 9.59 -23.64 16.48
N THR A 557 8.50 -23.63 17.25
CA THR A 557 8.38 -24.54 18.37
C THR A 557 8.12 -25.96 17.89
N ASP A 558 8.90 -26.91 18.41
CA ASP A 558 8.70 -28.32 18.11
C ASP A 558 8.53 -29.18 19.35
N ALA A 559 8.73 -28.64 20.55
CA ALA A 559 8.51 -29.38 21.79
C ALA A 559 7.98 -28.40 22.83
N VAL A 560 7.06 -28.89 23.67
CA VAL A 560 6.39 -28.05 24.65
C VAL A 560 6.32 -28.78 25.99
N ARG A 561 6.06 -28.02 27.05
CA ARG A 561 5.83 -28.56 28.37
C ARG A 561 4.39 -28.28 28.79
N ASP A 562 3.68 -29.32 29.18
CA ASP A 562 2.29 -29.17 29.61
C ASP A 562 2.22 -28.39 30.91
N PRO A 563 1.46 -27.29 30.96
CA PRO A 563 1.39 -26.51 32.22
C PRO A 563 0.83 -27.29 33.40
N GLN A 564 -0.10 -28.22 33.16
CA GLN A 564 -0.69 -28.97 34.26
C GLN A 564 0.27 -30.03 34.79
N THR A 565 0.66 -30.97 33.94
CA THR A 565 1.61 -32.02 34.29
C THR A 565 2.94 -31.71 33.62
N LEU A 566 4.02 -31.73 34.40
CA LEU A 566 5.32 -31.32 33.87
C LEU A 566 5.88 -32.39 32.94
N GLU A 567 5.23 -32.57 31.80
CA GLU A 567 5.60 -33.57 30.81
C GLU A 567 5.98 -32.90 29.50
N ILE A 568 6.95 -33.48 28.80
CA ILE A 568 7.43 -32.93 27.54
C ILE A 568 6.69 -33.60 26.39
N LEU A 569 6.16 -32.79 25.48
CA LEU A 569 5.39 -33.27 24.34
C LEU A 569 6.06 -32.81 23.04
N ASP A 570 6.16 -33.73 22.09
CA ASP A 570 6.69 -33.43 20.77
C ASP A 570 5.55 -33.07 19.83
N ILE A 571 5.76 -32.01 19.06
CA ILE A 571 4.75 -31.48 18.14
C ILE A 571 5.17 -31.83 16.72
N THR A 572 4.25 -32.42 15.95
CA THR A 572 4.54 -32.80 14.58
C THR A 572 3.43 -32.29 13.66
N PRO A 573 3.76 -31.88 12.44
CA PRO A 573 2.71 -31.52 11.48
C PRO A 573 1.88 -32.72 11.08
N CYS A 574 0.62 -32.46 10.74
CA CYS A 574 -0.27 -33.51 10.27
C CYS A 574 0.12 -33.96 8.87
N SER A 575 -0.31 -35.16 8.51
CA SER A 575 0.13 -35.78 7.27
C SER A 575 -0.32 -34.97 6.05
N PHE A 576 0.53 -34.92 5.04
CA PHE A 576 0.27 -34.15 3.83
C PHE A 576 1.11 -34.72 2.69
N GLY A 577 0.84 -34.25 1.48
CA GLY A 577 1.59 -34.70 0.33
C GLY A 577 0.98 -34.17 -0.95
N GLY A 578 1.51 -34.66 -2.07
CA GLY A 578 0.99 -34.30 -3.37
C GLY A 578 0.14 -35.39 -3.99
N VAL A 579 -0.73 -35.03 -4.93
CA VAL A 579 -1.62 -35.98 -5.58
C VAL A 579 -1.39 -35.91 -7.09
N SER A 580 -1.17 -37.06 -7.71
CA SER A 580 -1.00 -37.17 -9.15
C SER A 580 -2.11 -38.04 -9.73
N VAL A 581 -2.61 -37.66 -10.89
CA VAL A 581 -3.69 -38.38 -11.56
C VAL A 581 -3.14 -39.04 -12.81
N ILE A 582 -3.15 -40.37 -12.82
CA ILE A 582 -2.72 -41.15 -13.97
C ILE A 582 -3.94 -41.48 -14.80
N THR A 583 -3.93 -41.02 -16.06
CA THR A 583 -5.07 -41.24 -16.94
C THR A 583 -4.57 -41.54 -18.34
N PRO A 584 -5.27 -42.41 -19.06
CA PRO A 584 -5.14 -42.45 -20.52
C PRO A 584 -5.90 -41.27 -21.11
N GLY A 585 -5.92 -41.21 -22.44
CA GLY A 585 -6.65 -40.15 -23.09
C GLY A 585 -8.15 -40.24 -22.83
N THR A 586 -8.81 -39.08 -22.84
CA THR A 586 -10.26 -39.08 -22.78
C THR A 586 -10.88 -39.67 -24.04
N ASN A 587 -10.09 -39.81 -25.11
CA ASN A 587 -10.53 -40.49 -26.31
C ASN A 587 -10.60 -42.01 -26.14
N THR A 588 -10.08 -42.53 -25.03
CA THR A 588 -10.05 -43.97 -24.78
C THR A 588 -11.00 -44.40 -23.66
N SER A 589 -10.86 -43.81 -22.48
CA SER A 589 -11.70 -44.17 -21.35
C SER A 589 -11.70 -43.04 -20.33
N ASN A 590 -12.63 -43.11 -19.39
CA ASN A 590 -12.75 -42.12 -18.33
C ASN A 590 -12.19 -42.61 -16.99
N GLN A 591 -11.61 -43.81 -16.95
CA GLN A 591 -11.04 -44.33 -15.72
C GLN A 591 -9.69 -43.68 -15.43
N VAL A 592 -9.41 -43.47 -14.14
CA VAL A 592 -8.17 -42.85 -13.69
C VAL A 592 -7.63 -43.62 -12.49
N ALA A 593 -6.37 -43.36 -12.18
CA ALA A 593 -5.73 -43.86 -10.97
C ALA A 593 -5.11 -42.67 -10.24
N VAL A 594 -4.95 -42.82 -8.92
CA VAL A 594 -4.49 -41.72 -8.08
C VAL A 594 -3.24 -42.15 -7.33
N LEU A 595 -2.21 -41.32 -7.36
CA LEU A 595 -0.98 -41.56 -6.62
C LEU A 595 -0.83 -40.48 -5.55
N TYR A 596 -0.80 -40.90 -4.30
CA TYR A 596 -0.48 -40.02 -3.18
C TYR A 596 1.02 -40.13 -2.90
N GLN A 597 1.74 -39.03 -3.08
CA GLN A 597 3.19 -39.05 -3.08
C GLN A 597 3.74 -39.00 -1.66
N GLY A 598 4.64 -39.94 -1.34
CA GLY A 598 5.28 -39.97 -0.03
C GLY A 598 4.33 -40.23 1.11
N VAL A 599 3.33 -41.09 0.91
CA VAL A 599 2.35 -41.42 1.92
C VAL A 599 2.35 -42.92 2.16
N ASN A 600 2.36 -43.29 3.44
CA ASN A 600 2.23 -44.67 3.87
C ASN A 600 0.86 -45.25 3.53
N CYS A 601 -0.14 -44.39 3.37
CA CYS A 601 -1.51 -44.71 2.98
C CYS A 601 -2.17 -45.73 3.91
N THR A 602 -1.52 -46.04 5.03
CA THR A 602 -2.27 -46.45 6.21
C THR A 602 -2.82 -45.23 6.93
N GLU A 603 -2.34 -44.04 6.57
CA GLU A 603 -2.87 -42.76 7.02
C GLU A 603 -3.70 -42.08 5.94
N VAL A 604 -4.12 -42.83 4.92
CA VAL A 604 -4.93 -42.28 3.83
C VAL A 604 -6.26 -41.86 4.42
N PRO A 605 -6.89 -40.79 3.92
CA PRO A 605 -8.14 -40.31 4.52
C PRO A 605 -9.26 -41.32 4.36
N VAL A 606 -9.68 -41.89 5.49
CA VAL A 606 -10.90 -42.70 5.50
C VAL A 606 -12.12 -41.84 5.24
N ALA A 607 -12.14 -40.65 5.85
CA ALA A 607 -13.13 -39.60 5.62
C ALA A 607 -14.50 -39.95 6.19
N ILE A 608 -15.17 -38.96 6.77
CA ILE A 608 -16.55 -39.13 7.25
C ILE A 608 -17.42 -38.12 6.52
N HIS A 609 -17.17 -36.84 6.75
CA HIS A 609 -17.80 -35.79 5.93
C HIS A 609 -16.80 -34.78 5.41
N ALA A 610 -15.82 -34.37 6.22
CA ALA A 610 -14.78 -33.45 5.76
C ALA A 610 -13.58 -33.58 6.69
N ASP A 611 -12.57 -34.35 6.26
CA ASP A 611 -11.29 -34.38 6.97
C ASP A 611 -10.13 -34.51 5.98
N GLN A 612 -10.28 -33.96 4.78
CA GLN A 612 -9.26 -34.08 3.74
C GLN A 612 -9.27 -32.81 2.90
N LEU A 613 -8.07 -32.38 2.48
CA LEU A 613 -7.97 -31.12 1.74
C LEU A 613 -8.47 -31.26 0.30
N THR A 614 -8.29 -32.43 -0.30
CA THR A 614 -8.79 -32.63 -1.65
C THR A 614 -10.30 -32.46 -1.68
N PRO A 615 -10.86 -31.83 -2.73
CA PRO A 615 -12.27 -31.43 -2.68
C PRO A 615 -13.25 -32.59 -2.69
N THR A 616 -13.07 -33.52 -1.75
CA THR A 616 -14.05 -34.57 -1.45
C THR A 616 -14.39 -35.40 -2.68
N TRP A 617 -13.35 -36.00 -3.27
CA TRP A 617 -13.59 -37.01 -4.30
C TRP A 617 -12.98 -38.34 -3.85
N ARG A 618 -13.22 -38.71 -2.60
CA ARG A 618 -12.70 -39.93 -1.99
C ARG A 618 -12.84 -41.13 -2.93
N VAL A 619 -11.72 -41.80 -3.18
CA VAL A 619 -11.68 -43.02 -3.97
C VAL A 619 -11.60 -44.20 -3.01
N TYR A 620 -12.43 -45.22 -3.25
CA TYR A 620 -12.50 -46.36 -2.35
C TYR A 620 -11.14 -47.03 -2.23
N SER A 621 -10.69 -47.27 -0.99
CA SER A 621 -9.35 -47.79 -0.77
C SER A 621 -9.33 -49.31 -0.83
N THR A 622 -10.11 -49.96 0.03
CA THR A 622 -10.00 -51.41 0.18
C THR A 622 -10.33 -52.15 -1.12
N GLY A 623 -11.38 -51.72 -1.82
CA GLY A 623 -11.87 -52.42 -2.98
C GLY A 623 -11.32 -51.98 -4.32
N SER A 624 -10.30 -51.12 -4.36
CA SER A 624 -9.80 -50.58 -5.61
C SER A 624 -8.29 -50.79 -5.74
N ASN A 625 -7.79 -51.91 -5.22
CA ASN A 625 -6.42 -52.36 -5.44
C ASN A 625 -5.40 -51.31 -4.99
N VAL A 626 -5.38 -51.09 -3.68
CA VAL A 626 -4.38 -50.20 -3.09
C VAL A 626 -3.02 -50.88 -3.14
N PHE A 627 -2.02 -50.18 -3.67
CA PHE A 627 -0.67 -50.70 -3.81
C PHE A 627 0.31 -49.69 -3.23
N GLN A 628 1.38 -50.19 -2.63
CA GLN A 628 2.38 -49.35 -1.99
C GLN A 628 3.68 -49.40 -2.78
N THR A 629 4.10 -48.26 -3.31
CA THR A 629 5.36 -48.13 -4.03
C THR A 629 6.28 -47.15 -3.29
N ARG A 630 7.55 -47.17 -3.67
CA ARG A 630 8.51 -46.24 -3.08
C ARG A 630 8.18 -44.79 -3.39
N ALA A 631 7.34 -44.53 -4.39
CA ALA A 631 6.89 -43.18 -4.70
C ALA A 631 5.64 -42.78 -3.94
N GLY A 632 5.03 -43.70 -3.19
CA GLY A 632 3.83 -43.39 -2.44
C GLY A 632 2.80 -44.51 -2.45
N CYS A 633 1.53 -44.16 -2.56
CA CYS A 633 0.46 -45.14 -2.63
C CYS A 633 -0.38 -44.93 -3.87
N LEU A 634 -0.63 -46.02 -4.59
CA LEU A 634 -1.37 -46.01 -5.84
C LEU A 634 -2.74 -46.65 -5.61
N ILE A 635 -3.80 -45.96 -6.02
CA ILE A 635 -5.18 -46.42 -5.86
C ILE A 635 -5.83 -46.43 -7.24
N GLY A 636 -6.47 -47.55 -7.56
CA GLY A 636 -7.14 -47.71 -8.83
C GLY A 636 -6.38 -48.46 -9.90
N ALA A 637 -5.23 -49.04 -9.56
CA ALA A 637 -4.43 -49.79 -10.50
C ALA A 637 -4.09 -51.16 -9.92
N GLU A 638 -4.12 -52.18 -10.75
CA GLU A 638 -3.85 -53.55 -10.34
C GLU A 638 -2.42 -53.92 -10.70
N TYR A 639 -1.65 -54.36 -9.72
CA TYR A 639 -0.26 -54.74 -9.95
C TYR A 639 -0.21 -56.15 -10.53
N VAL A 640 0.49 -56.29 -11.66
CA VAL A 640 0.64 -57.57 -12.33
C VAL A 640 2.10 -57.98 -12.29
N ASN A 641 2.33 -59.29 -12.43
CA ASN A 641 3.67 -59.86 -12.36
C ASN A 641 4.39 -59.84 -13.69
N ASN A 642 3.73 -59.43 -14.78
CA ASN A 642 4.38 -59.34 -16.07
C ASN A 642 5.29 -58.12 -16.11
N SER A 643 5.96 -57.92 -17.25
CA SER A 643 6.87 -56.80 -17.42
C SER A 643 6.85 -56.39 -18.88
N TYR A 644 6.47 -55.13 -19.14
CA TYR A 644 6.43 -54.56 -20.47
C TYR A 644 7.29 -53.32 -20.53
N GLU A 645 7.40 -52.73 -21.72
CA GLU A 645 8.04 -51.43 -21.85
C GLU A 645 7.21 -50.35 -21.17
N CYS A 646 7.89 -49.36 -20.61
CA CYS A 646 7.21 -48.32 -19.85
C CYS A 646 6.26 -47.54 -20.76
N ASP A 647 5.06 -47.29 -20.25
CA ASP A 647 4.06 -46.47 -20.94
C ASP A 647 3.84 -45.15 -20.23
N ILE A 648 3.46 -45.18 -18.95
CA ILE A 648 3.33 -43.99 -18.12
C ILE A 648 4.23 -44.19 -16.92
N PRO A 649 5.27 -43.39 -16.74
CA PRO A 649 6.23 -43.62 -15.64
C PRO A 649 5.65 -43.21 -14.30
N ILE A 650 5.57 -44.16 -13.37
CA ILE A 650 5.17 -43.86 -12.00
C ILE A 650 6.37 -43.52 -11.14
N GLY A 651 7.39 -44.35 -11.17
CA GLY A 651 8.63 -44.08 -10.46
C GLY A 651 9.21 -45.31 -9.80
N ALA A 652 10.51 -45.23 -9.50
CA ALA A 652 11.24 -46.30 -8.81
C ALA A 652 11.10 -47.64 -9.56
N GLY A 653 11.13 -47.56 -10.88
CA GLY A 653 11.02 -48.75 -11.70
C GLY A 653 9.60 -49.24 -11.94
N ILE A 654 8.60 -48.49 -11.51
CA ILE A 654 7.20 -48.88 -11.67
C ILE A 654 6.57 -48.00 -12.74
N CYS A 655 5.88 -48.63 -13.69
CA CYS A 655 5.15 -47.94 -14.75
C CYS A 655 3.70 -48.42 -14.74
N ALA A 656 2.86 -47.70 -15.46
CA ALA A 656 1.43 -47.99 -15.54
C ALA A 656 0.98 -47.96 -16.99
N SER A 657 -0.08 -48.71 -17.28
CA SER A 657 -0.60 -48.82 -18.64
C SER A 657 -2.08 -49.14 -18.59
N TYR A 658 -2.73 -49.03 -19.75
CA TYR A 658 -4.13 -49.37 -19.93
C TYR A 658 -4.21 -50.56 -20.87
N GLN A 659 -4.64 -51.71 -20.36
CA GLN A 659 -4.55 -52.94 -21.12
C GLN A 659 -5.72 -53.85 -20.76
N THR A 660 -5.59 -55.13 -21.09
CA THR A 660 -6.62 -56.14 -20.85
C THR A 660 -7.93 -55.77 -21.55
N GLN A 674 -10.81 -54.06 -20.20
CA GLN A 674 -9.78 -53.04 -20.24
C GLN A 674 -9.73 -52.27 -18.93
N SER A 675 -8.54 -52.23 -18.33
CA SER A 675 -8.34 -51.57 -17.05
C SER A 675 -6.91 -51.07 -16.95
N ILE A 676 -6.65 -50.31 -15.89
CA ILE A 676 -5.33 -49.75 -15.63
C ILE A 676 -4.52 -50.72 -14.78
N ILE A 677 -3.31 -51.03 -15.22
CA ILE A 677 -2.43 -51.96 -14.53
C ILE A 677 -1.10 -51.27 -14.25
N ALA A 678 -0.41 -51.77 -13.23
CA ALA A 678 0.91 -51.30 -12.86
C ALA A 678 1.89 -52.48 -12.88
N TYR A 679 3.13 -52.20 -13.26
CA TYR A 679 4.10 -53.27 -13.43
C TYR A 679 5.51 -52.70 -13.30
N THR A 680 6.49 -53.61 -13.30
CA THR A 680 7.89 -53.24 -13.33
C THR A 680 8.38 -53.26 -14.77
N MET A 681 9.04 -52.18 -15.19
CA MET A 681 9.44 -52.04 -16.57
C MET A 681 10.52 -53.06 -16.94
N SER A 682 10.54 -53.45 -18.20
CA SER A 682 11.54 -54.36 -18.74
C SER A 682 12.57 -53.59 -19.53
N LEU A 683 13.84 -53.89 -19.29
CA LEU A 683 14.94 -53.17 -19.91
C LEU A 683 15.22 -53.62 -21.34
N GLY A 684 14.74 -54.79 -21.74
CA GLY A 684 14.96 -55.27 -23.08
C GLY A 684 14.94 -56.79 -23.11
N ALA A 685 15.01 -57.31 -24.32
CA ALA A 685 14.96 -58.76 -24.53
C ALA A 685 16.32 -59.38 -24.24
N GLU A 686 16.29 -60.55 -23.59
CA GLU A 686 17.52 -61.26 -23.27
C GLU A 686 18.20 -61.76 -24.53
N ASN A 687 19.54 -61.75 -24.50
CA ASN A 687 20.33 -62.21 -25.63
C ASN A 687 21.67 -62.72 -25.12
N SER A 688 22.15 -63.80 -25.73
CA SER A 688 23.44 -64.39 -25.37
C SER A 688 24.24 -64.61 -26.64
N VAL A 689 25.53 -64.29 -26.59
CA VAL A 689 26.42 -64.41 -27.73
C VAL A 689 27.21 -65.71 -27.57
N ALA A 690 27.22 -66.54 -28.62
CA ALA A 690 27.92 -67.81 -28.57
C ALA A 690 29.42 -67.59 -28.67
N TYR A 691 30.03 -67.09 -27.60
CA TYR A 691 31.45 -66.79 -27.60
C TYR A 691 32.28 -68.06 -27.58
N SER A 692 33.38 -68.04 -28.34
CA SER A 692 34.39 -69.09 -28.30
C SER A 692 35.69 -68.48 -28.80
N ASN A 693 36.79 -69.16 -28.49
CA ASN A 693 38.11 -68.69 -28.89
C ASN A 693 38.66 -69.41 -30.12
N ASN A 694 37.79 -70.02 -30.94
CA ASN A 694 38.18 -70.37 -32.29
C ASN A 694 37.02 -70.20 -33.28
N SER A 695 36.07 -69.32 -32.98
CA SER A 695 34.87 -69.16 -33.78
C SER A 695 34.62 -67.70 -34.08
N ILE A 696 34.17 -67.42 -35.32
CA ILE A 696 33.88 -66.07 -35.77
C ILE A 696 32.56 -66.09 -36.54
N ALA A 697 31.93 -64.93 -36.62
CA ALA A 697 30.69 -64.74 -37.37
C ALA A 697 30.88 -63.65 -38.40
N ILE A 698 30.56 -63.95 -39.65
CA ILE A 698 30.77 -62.99 -40.73
C ILE A 698 29.47 -62.80 -41.52
N PRO A 699 29.05 -61.56 -41.78
CA PRO A 699 27.81 -61.34 -42.52
C PRO A 699 27.95 -61.69 -44.00
N THR A 700 26.85 -62.11 -44.60
CA THR A 700 26.82 -62.47 -46.02
C THR A 700 25.93 -61.56 -46.85
N ASN A 701 25.21 -60.63 -46.22
CA ASN A 701 24.33 -59.71 -46.94
C ASN A 701 24.32 -58.39 -46.20
N PHE A 702 23.61 -57.41 -46.76
CA PHE A 702 23.55 -56.09 -46.15
C PHE A 702 22.20 -55.46 -46.41
N THR A 703 21.97 -54.33 -45.74
CA THR A 703 20.75 -53.56 -45.86
C THR A 703 21.10 -52.08 -45.83
N ILE A 704 20.47 -51.31 -46.72
CA ILE A 704 20.62 -49.87 -46.75
C ILE A 704 19.50 -49.26 -45.92
N SER A 705 19.86 -48.52 -44.88
CA SER A 705 18.89 -47.98 -43.94
C SER A 705 18.89 -46.45 -44.01
N VAL A 706 17.70 -45.86 -43.93
CA VAL A 706 17.53 -44.42 -43.90
C VAL A 706 16.73 -44.06 -42.65
N THR A 707 17.29 -43.16 -41.84
CA THR A 707 16.64 -42.68 -40.62
C THR A 707 16.60 -41.16 -40.61
N THR A 708 15.81 -40.60 -39.71
CA THR A 708 15.63 -39.16 -39.61
C THR A 708 16.08 -38.65 -38.24
N GLU A 709 16.56 -37.41 -38.24
CA GLU A 709 16.90 -36.71 -37.00
C GLU A 709 16.41 -35.27 -37.11
N ILE A 710 15.79 -34.77 -36.05
CA ILE A 710 15.17 -33.45 -36.04
C ILE A 710 15.87 -32.58 -35.01
N LEU A 711 16.29 -31.38 -35.41
CA LEU A 711 16.98 -30.48 -34.51
C LEU A 711 16.40 -29.08 -34.60
N PRO A 712 15.97 -28.49 -33.48
CA PRO A 712 15.57 -27.08 -33.49
C PRO A 712 16.77 -26.16 -33.71
N VAL A 713 16.51 -25.01 -34.31
CA VAL A 713 17.54 -24.06 -34.68
C VAL A 713 17.31 -22.69 -34.06
N SER A 714 16.09 -22.17 -34.14
CA SER A 714 15.80 -20.82 -33.64
C SER A 714 14.43 -20.80 -32.98
N MET A 715 14.22 -19.79 -32.15
CA MET A 715 12.95 -19.54 -31.50
C MET A 715 12.33 -18.26 -32.06
N THR A 716 11.19 -17.87 -31.48
CA THR A 716 10.49 -16.67 -31.89
C THR A 716 11.13 -15.44 -31.28
N LYS A 717 11.26 -14.37 -32.08
CA LYS A 717 11.81 -13.11 -31.61
C LYS A 717 10.67 -12.22 -31.14
N THR A 718 10.73 -11.78 -29.89
CA THR A 718 9.66 -11.00 -29.28
C THR A 718 10.17 -9.64 -28.84
N SER A 719 9.27 -8.67 -28.78
CA SER A 719 9.56 -7.34 -28.28
C SER A 719 8.45 -6.92 -27.32
N VAL A 720 8.82 -6.14 -26.31
CA VAL A 720 7.90 -5.76 -25.23
C VAL A 720 7.92 -4.24 -25.10
N ASP A 721 6.73 -3.64 -25.02
CA ASP A 721 6.57 -2.22 -24.76
C ASP A 721 6.29 -2.03 -23.27
N CYS A 722 7.20 -1.35 -22.57
CA CYS A 722 7.09 -1.21 -21.13
C CYS A 722 5.88 -0.38 -20.72
N THR A 723 5.73 0.80 -21.32
CA THR A 723 4.68 1.72 -20.88
C THR A 723 3.30 1.14 -21.10
N MET A 724 3.09 0.49 -22.25
CA MET A 724 1.77 -0.07 -22.53
C MET A 724 1.47 -1.26 -21.63
N TYR A 725 2.48 -2.08 -21.34
CA TYR A 725 2.24 -3.26 -20.51
C TYR A 725 2.01 -2.89 -19.04
N ILE A 726 2.84 -1.98 -18.51
CA ILE A 726 2.80 -1.70 -17.08
C ILE A 726 1.63 -0.77 -16.75
N CYS A 727 1.47 0.30 -17.50
CA CYS A 727 0.45 1.31 -17.21
C CYS A 727 -0.69 1.29 -18.22
N GLY A 728 -0.40 1.34 -19.51
CA GLY A 728 -1.43 1.38 -20.52
C GLY A 728 -1.66 2.77 -21.06
N ASP A 729 -2.77 3.39 -20.68
CA ASP A 729 -3.12 4.73 -21.15
C ASP A 729 -3.23 5.73 -20.00
N SER A 730 -2.54 5.48 -18.89
CA SER A 730 -2.58 6.37 -17.73
C SER A 730 -1.29 7.19 -17.73
N THR A 731 -1.42 8.50 -18.01
CA THR A 731 -0.26 9.37 -18.02
C THR A 731 0.31 9.56 -16.62
N GLU A 732 -0.56 9.60 -15.61
CA GLU A 732 -0.08 9.68 -14.23
C GLU A 732 0.73 8.44 -13.85
N CYS A 733 0.27 7.27 -14.27
CA CYS A 733 1.03 6.04 -14.04
C CYS A 733 2.38 6.10 -14.74
N SER A 734 2.41 6.66 -15.95
CA SER A 734 3.69 6.83 -16.64
C SER A 734 4.62 7.76 -15.87
N ASN A 735 4.07 8.84 -15.32
CA ASN A 735 4.89 9.77 -14.55
C ASN A 735 5.48 9.09 -13.31
N LEU A 736 4.69 8.28 -12.61
CA LEU A 736 5.24 7.56 -11.47
C LEU A 736 6.23 6.48 -11.90
N LEU A 737 5.99 5.84 -13.05
CA LEU A 737 6.89 4.79 -13.52
C LEU A 737 8.25 5.37 -13.91
N LEU A 738 8.26 6.59 -14.43
CA LEU A 738 9.52 7.21 -14.83
C LEU A 738 10.52 7.29 -13.69
N GLN A 739 10.06 7.41 -12.45
CA GLN A 739 10.93 7.54 -11.30
C GLN A 739 11.66 6.25 -10.94
N TYR A 740 11.12 5.09 -11.33
CA TYR A 740 11.64 3.81 -10.85
C TYR A 740 12.99 3.44 -11.45
N GLY A 741 13.49 4.16 -12.44
CA GLY A 741 14.82 3.89 -12.94
C GLY A 741 14.89 3.55 -14.42
N SER A 742 15.81 2.67 -14.78
CA SER A 742 16.07 2.30 -16.17
C SER A 742 16.08 0.79 -16.33
N PHE A 743 15.08 0.13 -15.75
CA PHE A 743 14.95 -1.31 -15.93
C PHE A 743 14.62 -1.66 -17.37
N CYS A 744 13.79 -0.84 -18.01
CA CYS A 744 13.32 -1.15 -19.36
C CYS A 744 14.43 -1.09 -20.38
N THR A 745 15.44 -0.23 -20.17
CA THR A 745 16.59 -0.23 -21.07
C THR A 745 17.30 -1.58 -21.04
N GLN A 746 17.51 -2.14 -19.85
CA GLN A 746 18.15 -3.45 -19.73
C GLN A 746 17.28 -4.54 -20.34
N LEU A 747 15.96 -4.49 -20.11
CA LEU A 747 15.08 -5.49 -20.68
C LEU A 747 15.12 -5.45 -22.20
N LYS A 748 15.07 -4.26 -22.78
CA LYS A 748 15.13 -4.12 -24.24
C LYS A 748 16.47 -4.60 -24.78
N ARG A 749 17.56 -4.30 -24.07
CA ARG A 749 18.87 -4.78 -24.50
C ARG A 749 18.94 -6.30 -24.52
N ALA A 750 18.43 -6.95 -23.48
CA ALA A 750 18.44 -8.41 -23.43
C ALA A 750 17.60 -9.01 -24.56
N LEU A 751 16.41 -8.44 -24.77
CA LEU A 751 15.54 -8.98 -25.84
C LEU A 751 16.17 -8.78 -27.21
N THR A 752 16.82 -7.64 -27.44
CA THR A 752 17.49 -7.41 -28.71
C THR A 752 18.65 -8.39 -28.91
N GLY A 753 19.40 -8.67 -27.83
CA GLY A 753 20.45 -9.66 -27.93
C GLY A 753 19.93 -11.03 -28.33
N ILE A 754 18.83 -11.45 -27.72
CA ILE A 754 18.23 -12.74 -28.10
C ILE A 754 17.78 -12.71 -29.55
N ALA A 755 17.16 -11.61 -29.97
CA ALA A 755 16.65 -11.51 -31.34
C ALA A 755 17.77 -11.61 -32.38
N VAL A 756 18.90 -10.95 -32.13
CA VAL A 756 20.01 -11.05 -33.09
C VAL A 756 20.66 -12.43 -33.01
N GLU A 757 20.68 -13.06 -31.83
CA GLU A 757 21.23 -14.40 -31.71
C GLU A 757 20.45 -15.40 -32.55
N GLN A 758 19.13 -15.22 -32.65
CA GLN A 758 18.33 -16.16 -33.45
C GLN A 758 18.76 -16.15 -34.92
N ASP A 759 18.90 -14.95 -35.49
CA ASP A 759 19.33 -14.84 -36.89
C ASP A 759 20.75 -15.37 -37.06
N LYS A 760 21.62 -15.12 -36.07
CA LYS A 760 22.97 -15.68 -36.13
C LYS A 760 22.94 -17.19 -36.17
N ASN A 761 22.08 -17.81 -35.35
CA ASN A 761 21.97 -19.27 -35.33
C ASN A 761 21.53 -19.79 -36.69
N THR A 762 20.51 -19.18 -37.28
CA THR A 762 20.03 -19.65 -38.58
C THR A 762 21.10 -19.52 -39.65
N GLN A 763 21.79 -18.38 -39.69
CA GLN A 763 22.83 -18.18 -40.69
C GLN A 763 23.98 -19.16 -40.50
N GLU A 764 24.35 -19.43 -39.24
CA GLU A 764 25.43 -20.37 -38.99
C GLU A 764 25.06 -21.78 -39.43
N VAL A 765 23.81 -22.19 -39.20
CA VAL A 765 23.42 -23.55 -39.56
C VAL A 765 23.32 -23.71 -41.08
N PHE A 766 22.67 -22.76 -41.76
CA PHE A 766 22.25 -23.01 -43.14
C PHE A 766 23.16 -22.41 -44.20
N ALA A 767 23.84 -21.30 -43.92
CA ALA A 767 24.65 -20.62 -44.94
C ALA A 767 26.06 -21.17 -44.93
N GLN A 768 26.20 -22.40 -45.41
CA GLN A 768 27.48 -23.10 -45.45
C GLN A 768 28.00 -23.31 -46.86
N VAL A 769 27.34 -22.74 -47.86
CA VAL A 769 27.74 -22.88 -49.26
C VAL A 769 28.03 -21.50 -49.82
N LYS A 770 29.18 -21.35 -50.48
CA LYS A 770 29.49 -20.10 -51.15
C LYS A 770 28.68 -19.94 -52.43
N GLN A 771 28.53 -21.01 -53.19
CA GLN A 771 27.83 -20.99 -54.47
C GLN A 771 26.45 -21.62 -54.34
N ILE A 772 25.60 -21.31 -55.30
CA ILE A 772 24.25 -21.87 -55.37
C ILE A 772 24.24 -22.84 -56.54
N TYR A 773 24.40 -24.13 -56.23
CA TYR A 773 24.46 -25.15 -57.26
C TYR A 773 23.06 -25.57 -57.70
N LYS A 774 22.96 -25.98 -58.96
CA LYS A 774 21.70 -26.43 -59.55
C LYS A 774 21.88 -27.83 -60.11
N THR A 775 20.85 -28.66 -59.97
CA THR A 775 20.90 -30.01 -60.49
C THR A 775 20.81 -30.01 -62.00
N PRO A 776 21.37 -31.02 -62.67
CA PRO A 776 21.31 -31.08 -64.13
C PRO A 776 19.89 -31.30 -64.61
N PRO A 777 19.57 -30.89 -65.84
CA PRO A 777 18.20 -31.09 -66.35
C PRO A 777 17.78 -32.54 -66.43
N ILE A 778 18.72 -33.46 -66.67
CA ILE A 778 18.42 -34.88 -66.77
C ILE A 778 18.73 -35.53 -65.42
N LYS A 779 17.70 -36.05 -64.76
CA LYS A 779 17.86 -36.62 -63.43
C LYS A 779 17.97 -38.15 -63.52
N TYR A 780 19.11 -38.61 -64.02
CA TYR A 780 19.47 -40.02 -64.00
C TYR A 780 20.78 -40.17 -63.24
N PHE A 781 20.78 -41.01 -62.21
CA PHE A 781 21.92 -41.20 -61.33
C PHE A 781 22.18 -42.67 -61.08
N GLY A 782 22.17 -43.46 -62.15
CA GLY A 782 22.49 -44.87 -62.03
C GLY A 782 21.44 -45.73 -61.37
N GLY A 783 20.19 -45.27 -61.32
CA GLY A 783 19.12 -46.02 -60.72
C GLY A 783 18.58 -45.43 -59.42
N PHE A 784 19.29 -44.47 -58.83
CA PHE A 784 18.79 -43.79 -57.64
C PHE A 784 17.83 -42.68 -58.04
N ASN A 785 16.74 -42.56 -57.28
CA ASN A 785 15.64 -41.70 -57.69
C ASN A 785 15.83 -40.25 -57.25
N PHE A 786 15.94 -40.01 -55.95
CA PHE A 786 16.09 -38.68 -55.35
C PHE A 786 14.90 -37.77 -55.60
N SER A 787 13.77 -38.30 -56.07
CA SER A 787 12.66 -37.44 -56.46
C SER A 787 11.93 -36.86 -55.25
N GLN A 788 11.94 -37.56 -54.12
CA GLN A 788 11.19 -37.12 -52.95
C GLN A 788 11.91 -36.05 -52.14
N ILE A 789 13.17 -35.75 -52.46
CA ILE A 789 13.93 -34.74 -51.71
C ILE A 789 14.36 -33.56 -52.58
N LEU A 790 14.23 -33.65 -53.89
CA LEU A 790 14.55 -32.52 -54.76
C LEU A 790 13.38 -31.54 -54.83
N PRO A 791 13.64 -30.27 -55.11
CA PRO A 791 12.55 -29.29 -55.16
C PRO A 791 11.56 -29.58 -56.28
N ASP A 792 10.31 -29.19 -56.05
CA ASP A 792 9.24 -29.37 -57.00
C ASP A 792 8.92 -28.05 -57.67
N PRO A 793 9.12 -27.90 -58.99
CA PRO A 793 8.87 -26.61 -59.63
C PRO A 793 7.41 -26.28 -59.83
N SER A 794 6.51 -27.28 -59.78
CA SER A 794 5.09 -27.00 -59.96
C SER A 794 4.54 -26.15 -58.81
N LYS A 795 4.97 -26.44 -57.59
CA LYS A 795 4.49 -25.69 -56.43
C LYS A 795 5.06 -24.26 -56.46
N PRO A 796 4.31 -23.30 -55.94
CA PRO A 796 4.81 -21.91 -55.90
C PRO A 796 5.84 -21.66 -54.81
N SER A 797 6.13 -22.65 -53.97
CA SER A 797 7.10 -22.49 -52.90
C SER A 797 8.46 -23.11 -53.21
N LYS A 798 8.58 -23.87 -54.29
CA LYS A 798 9.82 -24.54 -54.68
C LYS A 798 10.33 -25.45 -53.55
N ARG A 799 9.42 -26.21 -52.96
CA ARG A 799 9.74 -27.13 -51.88
C ARG A 799 9.57 -28.57 -52.33
N SER A 800 10.25 -29.45 -51.61
CA SER A 800 10.28 -30.89 -51.96
C SER A 800 9.03 -31.60 -51.45
N PRO A 801 8.69 -32.77 -52.02
CA PRO A 801 7.58 -33.56 -51.48
C PRO A 801 7.62 -33.88 -49.97
N ILE A 802 8.76 -33.74 -49.29
CA ILE A 802 8.89 -34.07 -47.82
C ILE A 802 8.92 -32.77 -47.03
N GLU A 803 9.55 -31.72 -47.53
CA GLU A 803 9.52 -30.41 -46.90
C GLU A 803 8.09 -29.88 -46.76
N ASP A 804 7.26 -30.09 -47.79
CA ASP A 804 5.87 -29.67 -47.71
C ASP A 804 5.14 -30.44 -46.62
N LEU A 805 5.37 -31.75 -46.53
CA LEU A 805 4.74 -32.54 -45.48
C LEU A 805 5.18 -32.06 -44.10
N LEU A 806 6.47 -31.76 -43.93
CA LEU A 806 6.97 -31.27 -42.65
C LEU A 806 6.35 -29.93 -42.29
N PHE A 807 6.21 -29.03 -43.26
CA PHE A 807 5.63 -27.73 -42.98
C PHE A 807 4.14 -27.84 -42.68
N ASN A 808 3.46 -28.82 -43.25
CA ASN A 808 2.06 -29.03 -42.92
C ASN A 808 1.89 -29.71 -41.56
N LYS A 809 2.88 -30.49 -41.13
CA LYS A 809 2.73 -31.26 -39.90
C LYS A 809 3.03 -30.43 -38.64
N VAL A 810 3.57 -29.23 -38.79
CA VAL A 810 3.93 -28.38 -37.67
C VAL A 810 3.10 -27.10 -37.75
N THR A 811 2.43 -26.76 -36.65
CA THR A 811 1.60 -25.57 -36.61
C THR A 811 2.24 -24.49 -35.72
N ASP A 832 -6.93 -14.30 -33.38
CA ASP A 832 -7.33 -13.19 -32.51
C ASP A 832 -6.42 -13.12 -31.28
N LEU A 833 -5.79 -14.25 -30.95
CA LEU A 833 -4.86 -14.26 -29.81
C LEU A 833 -3.66 -13.39 -30.08
N ILE A 834 -3.14 -13.42 -31.31
CA ILE A 834 -1.98 -12.60 -31.66
C ILE A 834 -2.31 -11.12 -31.52
N CYS A 835 -3.47 -10.71 -32.04
CA CYS A 835 -3.88 -9.31 -31.93
C CYS A 835 -4.14 -8.92 -30.49
N ALA A 836 -4.75 -9.80 -29.71
CA ALA A 836 -5.01 -9.51 -28.31
C ALA A 836 -3.72 -9.32 -27.53
N GLN A 837 -2.70 -10.15 -27.80
CA GLN A 837 -1.42 -9.98 -27.15
C GLN A 837 -0.69 -8.74 -27.65
N LYS A 838 -0.84 -8.41 -28.93
CA LYS A 838 -0.23 -7.20 -29.48
C LYS A 838 -0.80 -5.95 -28.81
N PHE A 839 -2.10 -5.94 -28.55
CA PHE A 839 -2.73 -4.79 -27.90
C PHE A 839 -2.28 -4.63 -26.45
N LYS A 840 -1.60 -5.62 -25.88
CA LYS A 840 -1.01 -5.51 -24.55
C LYS A 840 0.45 -5.11 -24.59
N GLY A 841 1.01 -4.86 -25.77
CA GLY A 841 2.37 -4.40 -25.90
C GLY A 841 3.40 -5.45 -26.25
N LEU A 842 2.99 -6.68 -26.57
CA LEU A 842 3.90 -7.77 -26.87
C LEU A 842 3.81 -8.08 -28.36
N THR A 843 4.89 -7.82 -29.09
CA THR A 843 4.92 -7.98 -30.53
C THR A 843 5.94 -9.05 -30.93
N VAL A 844 5.81 -9.55 -32.15
CA VAL A 844 6.67 -10.59 -32.70
C VAL A 844 7.36 -10.04 -33.94
N LEU A 845 8.69 -10.19 -34.00
CA LEU A 845 9.48 -9.70 -35.13
C LEU A 845 9.69 -10.81 -36.15
N PRO A 846 9.72 -10.47 -37.44
CA PRO A 846 9.91 -11.50 -38.48
C PRO A 846 11.37 -11.90 -38.59
N PRO A 847 11.64 -13.14 -38.99
CA PRO A 847 13.02 -13.56 -39.22
C PRO A 847 13.64 -12.85 -40.42
N LEU A 848 14.97 -12.70 -40.38
CA LEU A 848 15.67 -12.06 -41.49
C LEU A 848 15.61 -12.90 -42.75
N LEU A 849 15.76 -14.22 -42.61
CA LEU A 849 15.73 -15.14 -43.75
C LEU A 849 14.35 -15.77 -43.86
N THR A 850 13.74 -15.65 -45.04
CA THR A 850 12.43 -16.23 -45.27
C THR A 850 12.56 -17.73 -45.56
N ASP A 851 11.41 -18.39 -45.66
CA ASP A 851 11.41 -19.82 -45.92
C ASP A 851 11.93 -20.15 -47.30
N GLU A 852 11.66 -19.29 -48.29
CA GLU A 852 12.15 -19.52 -49.64
C GLU A 852 13.67 -19.51 -49.68
N MET A 853 14.30 -18.59 -48.94
CA MET A 853 15.76 -18.53 -48.91
C MET A 853 16.36 -19.78 -48.28
N ILE A 854 15.76 -20.27 -47.20
CA ILE A 854 16.26 -21.48 -46.55
C ILE A 854 16.08 -22.69 -47.47
N ALA A 855 14.95 -22.75 -48.18
CA ALA A 855 14.75 -23.83 -49.14
C ALA A 855 15.78 -23.76 -50.28
N GLN A 856 16.12 -22.54 -50.72
CA GLN A 856 17.15 -22.39 -51.73
C GLN A 856 18.50 -22.88 -51.23
N TYR A 857 18.85 -22.56 -49.99
CA TYR A 857 20.10 -23.04 -49.40
C TYR A 857 20.12 -24.56 -49.34
N THR A 858 19.01 -25.16 -48.91
CA THR A 858 18.94 -26.62 -48.81
C THR A 858 19.08 -27.27 -50.19
N SER A 859 18.41 -26.69 -51.20
CA SER A 859 18.52 -27.24 -52.55
C SER A 859 19.94 -27.12 -53.09
N ALA A 860 20.62 -26.01 -52.79
CA ALA A 860 22.01 -25.86 -53.21
C ALA A 860 22.89 -26.92 -52.57
N LEU A 861 22.71 -27.16 -51.27
CA LEU A 861 23.49 -28.20 -50.60
C LEU A 861 23.23 -29.57 -51.21
N LEU A 862 21.96 -29.88 -51.48
CA LEU A 862 21.61 -31.17 -52.06
C LEU A 862 22.23 -31.35 -53.45
N ALA A 863 22.14 -30.32 -54.29
CA ALA A 863 22.71 -30.41 -55.63
C ALA A 863 24.22 -30.58 -55.57
N GLY A 864 24.88 -29.84 -54.66
CA GLY A 864 26.32 -29.99 -54.52
C GLY A 864 26.72 -31.40 -54.10
N THR A 865 26.03 -31.94 -53.10
CA THR A 865 26.39 -33.28 -52.62
C THR A 865 26.00 -34.37 -53.60
N ILE A 866 25.04 -34.12 -54.49
CA ILE A 866 24.67 -35.15 -55.45
C ILE A 866 25.61 -35.13 -56.66
N THR A 867 26.07 -33.94 -57.09
CA THR A 867 26.89 -33.86 -58.28
C THR A 867 28.40 -33.93 -58.01
N SER A 868 28.86 -33.56 -56.81
CA SER A 868 30.29 -33.49 -56.55
C SER A 868 30.77 -34.38 -55.42
N GLY A 869 29.88 -34.91 -54.59
CA GLY A 869 30.34 -35.69 -53.45
C GLY A 869 30.74 -34.79 -52.32
N TRP A 870 31.93 -35.03 -51.76
CA TRP A 870 32.45 -34.22 -50.67
C TRP A 870 33.49 -33.19 -51.12
N THR A 871 33.67 -33.03 -52.43
CA THR A 871 34.71 -32.12 -52.92
C THR A 871 34.32 -30.65 -52.79
N PHE A 872 33.03 -30.32 -52.94
CA PHE A 872 32.62 -28.93 -52.87
C PHE A 872 32.69 -28.36 -51.47
N GLY A 873 32.80 -29.22 -50.45
CA GLY A 873 32.95 -28.76 -49.09
C GLY A 873 34.36 -28.44 -48.67
N ALA A 874 35.35 -28.65 -49.54
CA ALA A 874 36.74 -28.36 -49.24
C ALA A 874 37.41 -27.44 -50.24
N GLY A 875 36.76 -27.13 -51.36
CA GLY A 875 37.33 -26.26 -52.36
C GLY A 875 36.49 -26.20 -53.62
N PRO A 876 37.13 -26.30 -54.78
CA PRO A 876 36.39 -26.33 -56.04
C PRO A 876 35.57 -27.61 -56.13
N ALA A 877 34.38 -27.50 -56.72
CA ALA A 877 33.49 -28.64 -56.88
C ALA A 877 33.89 -29.44 -58.11
N LEU A 878 34.18 -30.72 -57.92
CA LEU A 878 34.60 -31.60 -59.01
C LEU A 878 33.53 -32.65 -59.25
N GLN A 879 33.08 -32.76 -60.50
CA GLN A 879 32.00 -33.69 -60.82
C GLN A 879 32.52 -35.13 -60.84
N ILE A 880 31.63 -36.05 -60.53
CA ILE A 880 31.95 -37.48 -60.49
C ILE A 880 30.65 -38.26 -60.66
N PRO A 881 30.64 -39.37 -61.39
CA PRO A 881 29.42 -40.19 -61.48
C PRO A 881 29.01 -40.70 -60.11
N PHE A 882 27.69 -40.81 -59.91
CA PHE A 882 27.17 -41.15 -58.58
C PHE A 882 27.56 -42.57 -58.16
N PRO A 883 27.63 -43.50 -59.11
CA PRO A 883 28.02 -44.86 -58.77
C PRO A 883 29.46 -44.91 -58.26
N MET A 884 30.35 -44.14 -58.87
CA MET A 884 31.73 -44.10 -58.41
C MET A 884 31.84 -43.45 -57.02
N GLN A 885 31.03 -42.44 -56.76
CA GLN A 885 30.99 -41.83 -55.43
C GLN A 885 30.51 -42.84 -54.39
N MET A 886 29.49 -43.63 -54.73
CA MET A 886 29.02 -44.68 -53.83
C MET A 886 30.10 -45.73 -53.59
N ALA A 887 30.87 -46.07 -54.63
CA ALA A 887 31.99 -46.98 -54.46
C ALA A 887 33.05 -46.40 -53.53
N TYR A 888 33.33 -45.11 -53.67
CA TYR A 888 34.26 -44.45 -52.76
C TYR A 888 33.78 -44.54 -51.32
N ARG A 889 32.49 -44.31 -51.08
CA ARG A 889 31.97 -44.38 -49.72
C ARG A 889 31.98 -45.81 -49.18
N PHE A 890 31.72 -46.80 -50.04
CA PHE A 890 31.85 -48.19 -49.62
C PHE A 890 33.28 -48.51 -49.21
N ASN A 891 34.26 -48.01 -49.97
CA ASN A 891 35.65 -48.12 -49.55
C ASN A 891 35.88 -47.42 -48.22
N GLY A 892 35.20 -46.29 -47.99
CA GLY A 892 35.31 -45.58 -46.74
C GLY A 892 34.85 -46.38 -45.55
N ILE A 893 33.78 -47.16 -45.68
CA ILE A 893 33.29 -47.99 -44.58
C ILE A 893 33.99 -49.35 -44.54
N GLY A 894 34.98 -49.57 -45.38
CA GLY A 894 35.77 -50.80 -45.32
C GLY A 894 35.28 -51.94 -46.19
N VAL A 895 34.57 -51.66 -47.28
CA VAL A 895 34.10 -52.67 -48.21
C VAL A 895 34.67 -52.38 -49.58
N THR A 896 35.09 -53.43 -50.28
CA THR A 896 35.71 -53.27 -51.58
C THR A 896 34.71 -52.77 -52.63
N GLN A 897 35.25 -52.22 -53.71
CA GLN A 897 34.41 -51.57 -54.73
C GLN A 897 33.53 -52.56 -55.47
N ASN A 898 34.06 -53.75 -55.76
CA ASN A 898 33.32 -54.72 -56.55
C ASN A 898 32.02 -55.14 -55.88
N VAL A 899 31.95 -55.04 -54.54
CA VAL A 899 30.71 -55.36 -53.84
C VAL A 899 29.59 -54.43 -54.28
N LEU A 900 29.89 -53.12 -54.37
CA LEU A 900 28.88 -52.19 -54.85
C LEU A 900 28.67 -52.30 -56.36
N TYR A 901 29.75 -52.48 -57.11
CA TYR A 901 29.62 -52.51 -58.57
C TYR A 901 28.88 -53.75 -59.06
N GLU A 902 28.85 -54.82 -58.29
CA GLU A 902 28.16 -56.04 -58.67
C GLU A 902 26.78 -56.17 -58.04
N ASN A 903 26.34 -55.17 -57.26
CA ASN A 903 25.03 -55.19 -56.63
C ASN A 903 24.35 -53.82 -56.78
N GLN A 904 24.58 -53.14 -57.91
CA GLN A 904 24.10 -51.77 -58.06
C GLN A 904 22.58 -51.70 -58.02
N LYS A 905 21.92 -52.60 -58.75
CA LYS A 905 20.45 -52.56 -58.83
C LYS A 905 19.82 -52.83 -57.47
N LEU A 906 20.34 -53.82 -56.74
CA LEU A 906 19.79 -54.13 -55.43
C LEU A 906 19.95 -52.96 -54.46
N ILE A 907 21.13 -52.32 -54.47
CA ILE A 907 21.36 -51.19 -53.59
C ILE A 907 20.45 -50.03 -53.93
N ALA A 908 20.28 -49.74 -55.23
CA ALA A 908 19.40 -48.66 -55.64
C ALA A 908 17.95 -48.95 -55.25
N ASN A 909 17.51 -50.19 -55.43
CA ASN A 909 16.15 -50.56 -55.05
C ASN A 909 15.94 -50.41 -53.55
N GLN A 910 16.92 -50.86 -52.75
CA GLN A 910 16.81 -50.72 -51.30
C GLN A 910 16.75 -49.26 -50.88
N PHE A 911 17.57 -48.41 -51.50
CA PHE A 911 17.54 -46.98 -51.18
C PHE A 911 16.18 -46.37 -51.52
N ASN A 912 15.65 -46.70 -52.71
CA ASN A 912 14.36 -46.15 -53.10
C ASN A 912 13.25 -46.61 -52.16
N SER A 913 13.27 -47.88 -51.78
CA SER A 913 12.27 -48.39 -50.85
C SER A 913 12.37 -47.71 -49.49
N ALA A 914 13.60 -47.49 -49.01
CA ALA A 914 13.78 -46.82 -47.72
C ALA A 914 13.27 -45.39 -47.76
N ILE A 915 13.52 -44.67 -48.86
CA ILE A 915 13.02 -43.31 -48.99
C ILE A 915 11.50 -43.29 -49.01
N GLY A 916 10.89 -44.23 -49.75
CA GLY A 916 9.44 -44.31 -49.78
C GLY A 916 8.85 -44.62 -48.42
N LYS A 917 9.49 -45.51 -47.68
CA LYS A 917 9.03 -45.84 -46.33
C LYS A 917 9.14 -44.64 -45.40
N ILE A 918 10.21 -43.84 -45.55
CA ILE A 918 10.34 -42.63 -44.75
C ILE A 918 9.19 -41.68 -45.05
N GLN A 919 8.88 -41.51 -46.33
CA GLN A 919 7.78 -40.62 -46.71
C GLN A 919 6.45 -41.11 -46.13
N ASP A 920 6.19 -42.42 -46.24
CA ASP A 920 4.94 -42.98 -45.71
C ASP A 920 4.86 -42.83 -44.20
N SER A 921 5.96 -43.08 -43.49
CA SER A 921 5.96 -42.95 -42.04
C SER A 921 5.71 -41.51 -41.62
N LEU A 922 6.32 -40.55 -42.33
CA LEU A 922 6.07 -39.15 -42.03
C LEU A 922 4.62 -38.77 -42.30
N SER A 923 4.05 -39.29 -43.38
CA SER A 923 2.67 -38.95 -43.71
C SER A 923 1.67 -39.57 -42.74
N SER A 924 1.97 -40.77 -42.22
CA SER A 924 1.00 -41.49 -41.40
C SER A 924 0.89 -40.88 -40.01
N THR A 925 1.98 -40.89 -39.25
CA THR A 925 1.99 -40.39 -37.88
C THR A 925 2.60 -38.99 -37.84
N PRO A 926 2.09 -38.18 -36.91
CA PRO A 926 2.52 -36.79 -36.78
C PRO A 926 3.19 -36.48 -35.44
N SER A 927 3.34 -37.47 -34.56
CA SER A 927 3.96 -37.24 -33.26
C SER A 927 5.48 -37.24 -33.32
N ALA A 928 6.07 -37.54 -34.48
CA ALA A 928 7.53 -37.55 -34.59
C ALA A 928 8.13 -36.14 -34.58
N LEU A 929 7.32 -35.12 -34.88
CA LEU A 929 7.79 -33.74 -34.92
C LEU A 929 7.57 -33.01 -33.60
N GLY A 930 7.58 -33.74 -32.48
CA GLY A 930 7.25 -33.12 -31.20
C GLY A 930 8.24 -32.05 -30.78
N LYS A 931 9.54 -32.31 -30.96
CA LYS A 931 10.57 -31.42 -30.42
C LYS A 931 10.37 -29.99 -30.90
N LEU A 932 10.27 -29.79 -32.23
CA LEU A 932 9.99 -28.46 -32.76
C LEU A 932 8.73 -27.89 -32.14
N GLN A 933 7.64 -28.68 -32.17
CA GLN A 933 6.39 -28.25 -31.57
C GLN A 933 6.61 -27.82 -30.13
N ASP A 934 7.39 -28.59 -29.38
CA ASP A 934 7.66 -28.26 -27.99
C ASP A 934 8.14 -26.81 -27.87
N VAL A 935 9.12 -26.43 -28.69
CA VAL A 935 9.65 -25.08 -28.63
C VAL A 935 8.53 -24.07 -28.78
N VAL A 936 7.70 -24.26 -29.82
CA VAL A 936 6.61 -23.33 -30.06
C VAL A 936 5.73 -23.24 -28.82
N ASN A 937 5.34 -24.40 -28.28
CA ASN A 937 4.46 -24.42 -27.12
C ASN A 937 5.04 -23.58 -26.00
N HIS A 938 6.33 -23.77 -25.73
CA HIS A 938 6.97 -23.05 -24.62
C HIS A 938 6.75 -21.56 -24.77
N ASN A 939 7.04 -21.03 -25.97
CA ASN A 939 6.89 -19.60 -26.19
C ASN A 939 5.48 -19.17 -25.82
N ALA A 940 4.48 -19.85 -26.37
CA ALA A 940 3.09 -19.49 -26.10
C ALA A 940 2.84 -19.48 -24.60
N GLN A 941 3.26 -20.54 -23.92
CA GLN A 941 3.03 -20.63 -22.48
C GLN A 941 3.54 -19.38 -21.78
N ALA A 942 4.78 -19.00 -22.07
CA ALA A 942 5.36 -17.84 -21.40
C ALA A 942 4.50 -16.62 -21.61
N LEU A 943 4.11 -16.36 -22.86
CA LEU A 943 3.31 -15.17 -23.14
C LEU A 943 2.02 -15.22 -22.35
N ASN A 944 1.37 -16.39 -22.31
CA ASN A 944 0.12 -16.52 -21.56
C ASN A 944 0.31 -16.05 -20.12
N THR A 945 1.36 -16.56 -19.48
CA THR A 945 1.59 -16.18 -18.08
C THR A 945 1.70 -14.67 -17.95
N LEU A 946 2.44 -14.03 -18.85
CA LEU A 946 2.59 -12.59 -18.80
C LEU A 946 1.22 -11.91 -18.81
N VAL A 947 0.35 -12.32 -19.74
CA VAL A 947 -0.98 -11.74 -19.79
C VAL A 947 -1.72 -12.00 -18.50
N LYS A 948 -1.64 -13.23 -17.99
CA LYS A 948 -2.35 -13.56 -16.76
C LYS A 948 -1.81 -12.82 -15.56
N GLN A 949 -0.62 -12.20 -15.68
CA GLN A 949 -0.10 -11.42 -14.57
C GLN A 949 -0.64 -10.01 -14.54
N LEU A 950 -1.47 -9.63 -15.50
CA LEU A 950 -2.09 -8.31 -15.50
C LEU A 950 -3.39 -8.26 -14.71
N SER A 951 -3.88 -9.39 -14.24
CA SER A 951 -5.11 -9.46 -13.44
C SER A 951 -4.83 -9.70 -11.96
N SER A 952 -3.58 -9.59 -11.54
CA SER A 952 -3.23 -9.74 -10.13
C SER A 952 -3.13 -8.37 -9.46
N LYS A 953 -3.44 -8.34 -8.17
CA LYS A 953 -3.38 -7.10 -7.40
C LYS A 953 -2.13 -6.98 -6.55
N PHE A 954 -1.46 -8.09 -6.23
CA PHE A 954 -0.23 -8.08 -5.44
C PHE A 954 -0.43 -7.40 -4.08
N GLY A 955 -1.58 -7.64 -3.46
CA GLY A 955 -1.90 -7.02 -2.19
C GLY A 955 -2.62 -5.69 -2.27
N ALA A 956 -2.80 -5.14 -3.46
CA ALA A 956 -3.53 -3.89 -3.60
C ALA A 956 -5.04 -4.15 -3.58
N ILE A 957 -5.80 -3.06 -3.54
CA ILE A 957 -7.26 -3.18 -3.46
C ILE A 957 -7.84 -3.71 -4.76
N SER A 958 -7.30 -3.27 -5.90
CA SER A 958 -7.86 -3.65 -7.19
C SER A 958 -6.73 -3.73 -8.21
N SER A 959 -7.03 -4.38 -9.33
CA SER A 959 -6.09 -4.54 -10.43
C SER A 959 -6.20 -3.42 -11.46
N VAL A 960 -7.08 -2.44 -11.26
CA VAL A 960 -7.32 -1.37 -12.21
C VAL A 960 -6.70 -0.09 -11.66
N LEU A 961 -5.88 0.58 -12.48
CA LEU A 961 -5.24 1.81 -12.04
C LEU A 961 -6.24 2.94 -11.86
N ASN A 962 -7.26 3.00 -12.73
CA ASN A 962 -8.22 4.10 -12.68
C ASN A 962 -9.01 4.09 -11.38
N ASP A 963 -9.42 2.91 -10.91
CA ASP A 963 -10.18 2.84 -9.67
C ASP A 963 -9.38 3.36 -8.48
N ILE A 964 -8.12 2.96 -8.39
CA ILE A 964 -7.26 3.43 -7.31
C ILE A 964 -7.01 4.93 -7.43
N PHE A 965 -6.77 5.41 -8.65
CA PHE A 965 -6.49 6.83 -8.84
C PHE A 965 -7.69 7.70 -8.49
N SER A 966 -8.90 7.24 -8.81
CA SER A 966 -10.08 8.06 -8.61
C SER A 966 -10.67 7.91 -7.21
N ARG A 967 -10.93 6.68 -6.76
CA ARG A 967 -11.66 6.45 -5.52
C ARG A 967 -10.88 6.84 -4.28
N LEU A 968 -9.56 6.94 -4.35
CA LEU A 968 -8.73 7.25 -3.19
C LEU A 968 -7.99 8.57 -3.41
N ASP A 969 -7.65 9.20 -2.29
CA ASP A 969 -6.89 10.44 -2.36
C ASP A 969 -5.49 10.17 -2.90
N PRO A 970 -4.93 11.08 -3.69
CA PRO A 970 -3.60 10.86 -4.28
C PRO A 970 -2.52 10.63 -3.23
N PRO A 971 -2.57 11.28 -2.05
CA PRO A 971 -1.58 10.92 -1.02
C PRO A 971 -1.58 9.45 -0.65
N GLU A 972 -2.76 8.83 -0.55
CA GLU A 972 -2.86 7.43 -0.13
C GLU A 972 -3.04 6.46 -1.30
N ALA A 973 -3.09 6.95 -2.53
CA ALA A 973 -3.18 6.08 -3.69
C ALA A 973 -1.82 5.60 -4.18
N GLU A 974 -0.73 6.16 -3.63
CA GLU A 974 0.61 5.82 -4.12
C GLU A 974 1.01 4.41 -3.74
N VAL A 975 0.58 3.91 -2.58
CA VAL A 975 1.05 2.61 -2.11
C VAL A 975 0.56 1.48 -3.02
N GLN A 976 -0.75 1.48 -3.33
CA GLN A 976 -1.31 0.41 -4.15
C GLN A 976 -0.73 0.44 -5.56
N ILE A 977 -0.63 1.63 -6.15
CA ILE A 977 -0.09 1.75 -7.50
C ILE A 977 1.37 1.34 -7.52
N ASP A 978 2.13 1.72 -6.49
CA ASP A 978 3.54 1.30 -6.42
C ASP A 978 3.65 -0.21 -6.30
N ARG A 979 2.77 -0.84 -5.52
CA ARG A 979 2.77 -2.29 -5.43
C ARG A 979 2.49 -2.93 -6.79
N LEU A 980 1.52 -2.39 -7.53
CA LEU A 980 1.21 -2.91 -8.86
C LEU A 980 2.41 -2.75 -9.80
N ILE A 981 3.06 -1.59 -9.77
CA ILE A 981 4.22 -1.33 -10.61
C ILE A 981 5.33 -2.32 -10.29
N THR A 982 5.59 -2.53 -9.00
CA THR A 982 6.64 -3.46 -8.60
C THR A 982 6.32 -4.88 -9.05
N GLY A 983 5.07 -5.32 -8.89
CA GLY A 983 4.71 -6.66 -9.33
C GLY A 983 4.86 -6.85 -10.82
N ARG A 984 4.43 -5.86 -11.61
CA ARG A 984 4.54 -5.99 -13.06
C ARG A 984 5.99 -5.95 -13.53
N LEU A 985 6.82 -5.13 -12.89
CA LEU A 985 8.24 -5.12 -13.21
C LEU A 985 8.89 -6.46 -12.88
N GLN A 986 8.52 -7.05 -11.74
CA GLN A 986 9.05 -8.36 -11.38
C GLN A 986 8.63 -9.42 -12.40
N SER A 987 7.38 -9.36 -12.86
CA SER A 987 6.92 -10.31 -13.87
C SER A 987 7.73 -10.17 -15.16
N LEU A 988 7.98 -8.93 -15.59
CA LEU A 988 8.77 -8.71 -16.80
C LEU A 988 10.18 -9.26 -16.64
N GLN A 989 10.80 -9.01 -15.48
CA GLN A 989 12.17 -9.48 -15.25
C GLN A 989 12.23 -11.01 -15.26
N THR A 990 11.25 -11.67 -14.63
CA THR A 990 11.21 -13.13 -14.63
C THR A 990 11.07 -13.66 -16.06
N TYR A 991 10.19 -13.04 -16.85
CA TYR A 991 10.03 -13.47 -18.23
C TYR A 991 11.34 -13.35 -19.00
N VAL A 992 12.06 -12.24 -18.81
CA VAL A 992 13.31 -12.03 -19.53
C VAL A 992 14.35 -13.07 -19.12
N THR A 993 14.43 -13.39 -17.83
CA THR A 993 15.39 -14.40 -17.38
C THR A 993 15.10 -15.77 -17.98
N GLN A 994 13.83 -16.18 -17.98
CA GLN A 994 13.49 -17.46 -18.59
C GLN A 994 13.79 -17.47 -20.08
N GLN A 995 13.55 -16.34 -20.75
CA GLN A 995 13.88 -16.23 -22.17
C GLN A 995 15.37 -16.40 -22.40
N LEU A 996 16.20 -15.81 -21.54
CA LEU A 996 17.64 -15.95 -21.69
C LEU A 996 18.09 -17.40 -21.55
N ILE A 997 17.54 -18.12 -20.57
CA ILE A 997 17.92 -19.51 -20.38
C ILE A 997 17.48 -20.37 -21.58
N ARG A 998 16.26 -20.15 -22.06
CA ARG A 998 15.77 -20.87 -23.23
C ARG A 998 16.63 -20.57 -24.46
N ALA A 999 17.05 -19.31 -24.62
CA ALA A 999 17.90 -18.95 -25.74
C ALA A 999 19.26 -19.66 -25.67
N ALA A 1000 19.80 -19.80 -24.46
CA ALA A 1000 21.06 -20.54 -24.33
C ALA A 1000 20.89 -22.00 -24.77
N GLU A 1001 19.80 -22.64 -24.35
CA GLU A 1001 19.56 -24.01 -24.77
C GLU A 1001 19.40 -24.13 -26.29
N ILE A 1002 18.66 -23.20 -26.89
CA ILE A 1002 18.45 -23.24 -28.34
C ILE A 1002 19.77 -22.99 -29.07
N ARG A 1003 20.63 -22.14 -28.52
CA ARG A 1003 21.93 -21.90 -29.14
C ARG A 1003 22.80 -23.15 -29.12
N ALA A 1004 22.77 -23.90 -28.01
CA ALA A 1004 23.50 -25.17 -27.98
C ALA A 1004 22.98 -26.13 -29.04
N SER A 1005 21.65 -26.20 -29.17
CA SER A 1005 21.06 -27.08 -30.19
C SER A 1005 21.49 -26.65 -31.60
N ALA A 1006 21.51 -25.35 -31.87
CA ALA A 1006 21.91 -24.86 -33.18
C ALA A 1006 23.39 -25.13 -33.47
N ASN A 1007 24.24 -25.03 -32.45
CA ASN A 1007 25.64 -25.39 -32.63
C ASN A 1007 25.79 -26.85 -33.01
N LEU A 1008 25.04 -27.73 -32.33
CA LEU A 1008 25.07 -29.15 -32.69
C LEU A 1008 24.59 -29.36 -34.12
N ALA A 1009 23.53 -28.66 -34.53
CA ALA A 1009 23.01 -28.81 -35.89
C ALA A 1009 24.04 -28.36 -36.93
N ALA A 1010 24.73 -27.26 -36.66
CA ALA A 1010 25.77 -26.80 -37.58
C ALA A 1010 26.91 -27.80 -37.69
N THR A 1011 27.33 -28.37 -36.55
CA THR A 1011 28.37 -29.40 -36.58
C THR A 1011 27.93 -30.61 -37.40
N LYS A 1012 26.68 -31.03 -37.23
CA LYS A 1012 26.19 -32.19 -37.98
C LYS A 1012 26.08 -31.88 -39.47
N MET A 1013 25.69 -30.66 -39.83
CA MET A 1013 25.69 -30.27 -41.23
C MET A 1013 27.09 -30.31 -41.82
N SER A 1014 28.08 -29.84 -41.06
CA SER A 1014 29.45 -29.84 -41.57
C SER A 1014 30.00 -31.25 -41.72
N GLU A 1015 29.70 -32.14 -40.78
CA GLU A 1015 30.40 -33.42 -40.73
C GLU A 1015 29.65 -34.59 -41.34
N CYS A 1016 28.32 -34.54 -41.44
CA CYS A 1016 27.56 -35.63 -42.03
C CYS A 1016 27.10 -35.37 -43.45
N VAL A 1017 26.86 -34.11 -43.81
CA VAL A 1017 26.38 -33.78 -45.15
C VAL A 1017 27.55 -33.42 -46.07
N LEU A 1018 28.51 -32.67 -45.58
CA LEU A 1018 29.66 -32.24 -46.36
C LEU A 1018 30.78 -33.27 -46.39
N GLY A 1019 30.63 -34.39 -45.68
CA GLY A 1019 31.65 -35.41 -45.69
C GLY A 1019 31.09 -36.71 -45.15
N GLN A 1020 31.97 -37.70 -45.04
CA GLN A 1020 31.65 -39.00 -44.46
C GLN A 1020 32.29 -39.10 -43.09
N SER A 1021 31.49 -39.46 -42.09
CA SER A 1021 31.92 -39.44 -40.70
C SER A 1021 32.28 -40.83 -40.21
N LYS A 1022 33.33 -40.91 -39.40
CA LYS A 1022 33.74 -42.15 -38.75
C LYS A 1022 33.30 -42.24 -37.29
N ARG A 1023 32.82 -41.15 -36.71
CA ARG A 1023 32.34 -41.18 -35.34
C ARG A 1023 31.10 -42.08 -35.23
N VAL A 1024 31.08 -42.91 -34.20
CA VAL A 1024 30.01 -43.89 -34.04
C VAL A 1024 28.74 -43.19 -33.58
N ASP A 1025 27.64 -43.45 -34.27
CA ASP A 1025 26.29 -42.98 -33.93
C ASP A 1025 26.13 -41.47 -34.07
N PHE A 1026 27.09 -40.78 -34.70
CA PHE A 1026 26.94 -39.35 -34.90
C PHE A 1026 25.98 -39.04 -36.05
N CYS A 1027 26.04 -39.82 -37.12
CA CYS A 1027 25.17 -39.58 -38.28
C CYS A 1027 24.30 -40.80 -38.55
N GLY A 1028 23.69 -41.35 -37.52
CA GLY A 1028 22.76 -42.45 -37.66
C GLY A 1028 23.28 -43.72 -36.99
N LYS A 1029 22.44 -44.75 -37.06
CA LYS A 1029 22.76 -46.06 -36.50
C LYS A 1029 23.25 -46.97 -37.60
N GLY A 1030 24.50 -47.40 -37.51
CA GLY A 1030 25.15 -48.21 -38.53
C GLY A 1030 26.41 -47.54 -39.02
N TYR A 1031 26.88 -48.01 -40.18
CA TYR A 1031 28.06 -47.43 -40.82
C TYR A 1031 27.60 -46.33 -41.77
N HIS A 1032 27.96 -45.09 -41.45
CA HIS A 1032 27.42 -43.93 -42.15
C HIS A 1032 27.88 -43.91 -43.60
N LEU A 1033 26.93 -43.77 -44.53
CA LEU A 1033 27.23 -43.56 -45.93
C LEU A 1033 27.09 -42.09 -46.33
N MET A 1034 25.90 -41.51 -46.12
CA MET A 1034 25.72 -40.11 -46.51
C MET A 1034 24.43 -39.56 -45.91
N SER A 1035 24.36 -38.24 -45.81
CA SER A 1035 23.21 -37.57 -45.22
C SER A 1035 22.67 -36.48 -46.15
N PHE A 1036 21.37 -36.22 -46.02
CA PHE A 1036 20.69 -35.19 -46.81
C PHE A 1036 19.95 -34.24 -45.86
N PRO A 1037 20.05 -32.93 -46.05
CA PRO A 1037 19.31 -32.00 -45.20
C PRO A 1037 17.98 -31.58 -45.80
N GLN A 1038 17.05 -31.24 -44.91
CA GLN A 1038 15.76 -30.67 -45.26
C GLN A 1038 15.41 -29.61 -44.22
N SER A 1039 14.69 -28.58 -44.65
CA SER A 1039 14.29 -27.50 -43.75
C SER A 1039 12.92 -27.80 -43.14
N ALA A 1040 12.71 -27.30 -41.94
CA ALA A 1040 11.46 -27.46 -41.21
C ALA A 1040 11.22 -26.16 -40.44
N PRO A 1041 9.97 -25.88 -40.07
CA PRO A 1041 9.70 -24.67 -39.29
C PRO A 1041 10.56 -24.58 -38.04
N HIS A 1042 11.44 -23.58 -38.02
CA HIS A 1042 12.37 -23.34 -36.91
C HIS A 1042 13.31 -24.51 -36.66
N GLY A 1043 13.68 -25.25 -37.70
CA GLY A 1043 14.56 -26.37 -37.46
C GLY A 1043 15.01 -27.06 -38.74
N VAL A 1044 15.77 -28.14 -38.55
CA VAL A 1044 16.35 -28.90 -39.65
C VAL A 1044 16.09 -30.38 -39.42
N VAL A 1045 16.01 -31.12 -40.52
CA VAL A 1045 15.82 -32.56 -40.50
C VAL A 1045 16.91 -33.21 -41.35
N PHE A 1046 17.63 -34.16 -40.77
CA PHE A 1046 18.68 -34.89 -41.45
C PHE A 1046 18.20 -36.29 -41.78
N LEU A 1047 18.33 -36.68 -43.04
CA LEU A 1047 18.08 -38.05 -43.48
C LEU A 1047 19.42 -38.74 -43.62
N HIS A 1048 19.68 -39.69 -42.73
CA HIS A 1048 20.94 -40.44 -42.69
C HIS A 1048 20.77 -41.76 -43.41
N VAL A 1049 21.73 -42.07 -44.30
CA VAL A 1049 21.76 -43.31 -45.06
C VAL A 1049 23.00 -44.07 -44.62
N THR A 1050 22.79 -45.28 -44.09
CA THR A 1050 23.82 -46.10 -43.49
C THR A 1050 23.73 -47.53 -44.02
N TYR A 1051 24.82 -48.26 -43.77
CA TYR A 1051 24.99 -49.65 -44.19
C TYR A 1051 24.90 -50.54 -42.97
N VAL A 1052 24.07 -51.58 -43.03
CA VAL A 1052 23.84 -52.48 -41.91
C VAL A 1052 24.13 -53.91 -42.36
N PRO A 1053 25.01 -54.64 -41.68
CA PRO A 1053 25.24 -56.04 -42.05
C PRO A 1053 24.03 -56.91 -41.73
N ALA A 1054 23.95 -58.06 -42.40
CA ALA A 1054 22.83 -58.96 -42.21
C ALA A 1054 23.20 -60.36 -42.70
N GLN A 1055 22.47 -61.35 -42.20
CA GLN A 1055 22.59 -62.75 -42.61
C GLN A 1055 24.01 -63.27 -42.38
N GLU A 1056 24.39 -63.31 -41.10
CA GLU A 1056 25.73 -63.75 -40.71
C GLU A 1056 25.81 -65.28 -40.69
N LYS A 1057 27.04 -65.78 -40.79
CA LYS A 1057 27.31 -67.20 -40.76
C LYS A 1057 28.50 -67.49 -39.84
N ASN A 1058 28.50 -68.70 -39.29
CA ASN A 1058 29.57 -69.15 -38.39
C ASN A 1058 30.74 -69.72 -39.18
N PHE A 1059 31.95 -69.48 -38.68
CA PHE A 1059 33.15 -70.03 -39.28
C PHE A 1059 34.17 -70.31 -38.18
N THR A 1060 35.11 -71.20 -38.50
CA THR A 1060 36.27 -71.43 -37.66
C THR A 1060 37.42 -70.54 -38.14
N THR A 1061 38.12 -69.92 -37.19
CA THR A 1061 39.13 -68.93 -37.52
C THR A 1061 40.45 -69.27 -36.84
N ALA A 1062 41.53 -68.74 -37.41
CA ALA A 1062 42.88 -68.93 -36.90
C ALA A 1062 43.63 -67.60 -36.99
N PRO A 1063 44.59 -67.37 -36.10
CA PRO A 1063 45.34 -66.10 -36.15
C PRO A 1063 46.44 -66.08 -37.20
N ALA A 1064 47.03 -67.23 -37.51
CA ALA A 1064 48.14 -67.30 -38.45
C ALA A 1064 48.16 -68.68 -39.10
N ILE A 1065 48.87 -68.78 -40.21
CA ILE A 1065 49.01 -70.02 -40.96
C ILE A 1065 50.47 -70.43 -40.98
N CYS A 1066 50.75 -71.68 -40.64
CA CYS A 1066 52.11 -72.20 -40.62
C CYS A 1066 52.41 -72.93 -41.92
N HIS A 1067 53.48 -72.51 -42.60
CA HIS A 1067 53.87 -73.14 -43.86
C HIS A 1067 55.37 -72.98 -44.04
N ASP A 1068 56.05 -74.08 -44.36
CA ASP A 1068 57.50 -74.11 -44.56
C ASP A 1068 58.25 -73.59 -43.35
N GLY A 1069 57.72 -73.83 -42.16
CA GLY A 1069 58.34 -73.32 -40.95
C GLY A 1069 58.23 -71.83 -40.77
N LYS A 1070 57.27 -71.19 -41.43
CA LYS A 1070 57.08 -69.75 -41.34
C LYS A 1070 55.64 -69.43 -41.01
N ALA A 1071 55.44 -68.32 -40.31
CA ALA A 1071 54.11 -67.86 -39.92
C ALA A 1071 53.64 -66.78 -40.88
N HIS A 1072 52.42 -66.96 -41.40
CA HIS A 1072 51.81 -66.02 -42.33
C HIS A 1072 50.58 -65.39 -41.69
N PHE A 1073 50.42 -64.09 -41.90
CA PHE A 1073 49.31 -63.30 -41.41
C PHE A 1073 48.59 -62.65 -42.59
N PRO A 1074 47.28 -62.46 -42.49
CA PRO A 1074 46.55 -61.83 -43.60
C PRO A 1074 46.89 -60.35 -43.71
N ARG A 1075 47.04 -59.87 -44.94
CA ARG A 1075 47.40 -58.48 -45.15
C ARG A 1075 46.28 -57.54 -44.73
N GLU A 1076 45.06 -57.79 -45.19
CA GLU A 1076 43.93 -56.94 -44.84
C GLU A 1076 42.63 -57.72 -44.63
N GLY A 1077 42.70 -58.99 -44.26
CA GLY A 1077 41.53 -59.82 -44.11
C GLY A 1077 41.58 -60.66 -42.85
N VAL A 1078 40.96 -61.83 -42.94
CA VAL A 1078 40.87 -62.76 -41.82
C VAL A 1078 40.76 -64.17 -42.39
N PHE A 1079 41.42 -65.12 -41.71
CA PHE A 1079 41.38 -66.52 -42.12
C PHE A 1079 40.13 -67.20 -41.61
N VAL A 1080 39.44 -67.93 -42.50
CA VAL A 1080 38.23 -68.66 -42.14
C VAL A 1080 38.29 -70.05 -42.75
N SER A 1081 37.45 -70.94 -42.22
CA SER A 1081 37.37 -72.30 -42.70
C SER A 1081 35.92 -72.74 -42.76
N ASN A 1082 35.56 -73.44 -43.83
CA ASN A 1082 34.21 -73.99 -44.00
C ASN A 1082 34.11 -75.43 -43.54
N GLY A 1083 35.10 -75.90 -42.76
CA GLY A 1083 35.10 -77.26 -42.27
C GLY A 1083 36.30 -78.07 -42.73
N THR A 1084 36.68 -77.92 -44.00
CA THR A 1084 37.83 -78.62 -44.55
C THR A 1084 38.89 -77.69 -45.10
N HIS A 1085 38.51 -76.70 -45.90
CA HIS A 1085 39.45 -75.83 -46.57
C HIS A 1085 39.55 -74.47 -45.88
N TRP A 1086 40.67 -73.80 -46.10
CA TRP A 1086 40.96 -72.51 -45.49
C TRP A 1086 40.98 -71.42 -46.55
N PHE A 1087 40.31 -70.31 -46.28
CA PHE A 1087 40.28 -69.16 -47.15
C PHE A 1087 40.59 -67.90 -46.35
N VAL A 1088 40.76 -66.79 -47.05
CA VAL A 1088 40.93 -65.48 -46.45
C VAL A 1088 39.87 -64.55 -47.02
N THR A 1089 39.19 -63.81 -46.14
CA THR A 1089 38.07 -62.98 -46.56
C THR A 1089 38.15 -61.62 -45.87
N GLN A 1090 37.46 -60.65 -46.44
CA GLN A 1090 37.32 -59.36 -45.77
C GLN A 1090 36.37 -59.47 -44.60
N ARG A 1091 36.54 -58.56 -43.64
CA ARG A 1091 35.88 -58.70 -42.34
C ARG A 1091 34.40 -58.37 -42.37
N ASN A 1092 33.98 -57.45 -43.24
CA ASN A 1092 32.60 -56.96 -43.24
C ASN A 1092 31.72 -57.63 -44.29
N PHE A 1093 32.26 -58.51 -45.11
CA PHE A 1093 31.49 -59.15 -46.17
C PHE A 1093 32.16 -60.46 -46.53
N TYR A 1094 31.37 -61.52 -46.65
CA TYR A 1094 31.94 -62.84 -46.92
C TYR A 1094 32.30 -62.96 -48.39
N GLU A 1095 33.57 -63.21 -48.67
CA GLU A 1095 34.09 -63.36 -50.02
C GLU A 1095 35.36 -64.19 -49.98
N PRO A 1096 35.25 -65.52 -49.88
CA PRO A 1096 36.44 -66.35 -49.70
C PRO A 1096 37.37 -66.32 -50.90
N GLN A 1097 38.66 -66.42 -50.63
CA GLN A 1097 39.69 -66.43 -51.65
C GLN A 1097 40.81 -67.38 -51.24
N ILE A 1098 41.55 -67.85 -52.23
CA ILE A 1098 42.65 -68.78 -51.97
C ILE A 1098 43.81 -68.03 -51.33
N ILE A 1099 44.38 -68.64 -50.29
CA ILE A 1099 45.48 -68.04 -49.55
C ILE A 1099 46.76 -68.17 -50.38
N THR A 1100 47.30 -67.04 -50.83
CA THR A 1100 48.53 -67.00 -51.60
C THR A 1100 49.55 -66.11 -50.90
N THR A 1101 50.68 -65.88 -51.56
CA THR A 1101 51.71 -64.99 -51.03
C THR A 1101 51.41 -63.52 -51.31
N ASP A 1102 50.36 -63.22 -52.07
CA ASP A 1102 50.03 -61.84 -52.39
C ASP A 1102 49.05 -61.21 -51.40
N ASN A 1103 48.32 -62.02 -50.63
CA ASN A 1103 47.40 -61.51 -49.63
C ASN A 1103 47.83 -61.84 -48.21
N THR A 1104 49.08 -62.28 -48.02
CA THR A 1104 49.62 -62.58 -46.71
C THR A 1104 51.03 -62.03 -46.61
N PHE A 1105 51.50 -61.88 -45.37
CA PHE A 1105 52.88 -61.50 -45.12
C PHE A 1105 53.47 -62.39 -44.03
N VAL A 1106 54.79 -62.56 -44.09
CA VAL A 1106 55.51 -63.51 -43.24
C VAL A 1106 56.15 -62.76 -42.08
N SER A 1107 56.16 -63.38 -40.90
CA SER A 1107 56.82 -62.80 -39.74
C SER A 1107 57.14 -63.92 -38.76
N GLY A 1108 58.43 -64.19 -38.56
CA GLY A 1108 58.85 -65.15 -37.54
C GLY A 1108 58.61 -66.59 -37.93
N ASN A 1109 58.48 -67.42 -36.91
CA ASN A 1109 58.30 -68.87 -37.10
C ASN A 1109 57.06 -69.36 -36.37
N CYS A 1110 56.90 -70.68 -36.27
CA CYS A 1110 55.65 -71.30 -35.80
C CYS A 1110 55.74 -71.78 -34.36
N ASP A 1111 56.44 -71.05 -33.48
CA ASP A 1111 56.57 -71.45 -32.10
C ASP A 1111 56.26 -70.34 -31.11
N VAL A 1112 55.73 -69.21 -31.56
CA VAL A 1112 55.41 -68.08 -30.69
C VAL A 1112 53.91 -67.80 -30.66
N VAL A 1113 53.24 -67.88 -31.80
CA VAL A 1113 51.82 -67.57 -31.89
C VAL A 1113 51.01 -68.72 -31.32
N ILE A 1114 50.02 -68.39 -30.49
CA ILE A 1114 49.14 -69.38 -29.88
C ILE A 1114 47.94 -69.57 -30.80
N GLY A 1115 47.70 -70.81 -31.22
CA GLY A 1115 46.58 -71.13 -32.08
C GLY A 1115 46.90 -71.21 -33.56
N ILE A 1116 48.18 -71.22 -33.94
CA ILE A 1116 48.53 -71.33 -35.36
C ILE A 1116 48.13 -72.69 -35.89
N VAL A 1117 47.83 -72.76 -37.18
CA VAL A 1117 47.39 -73.98 -37.83
C VAL A 1117 48.25 -74.24 -39.06
N ASN A 1118 48.26 -75.51 -39.49
CA ASN A 1118 49.04 -75.93 -40.65
C ASN A 1118 48.17 -75.87 -41.90
N ASN A 1119 48.69 -75.26 -42.96
CA ASN A 1119 48.01 -75.21 -44.25
C ASN A 1119 49.05 -74.88 -45.32
N THR A 1120 48.58 -74.68 -46.54
CA THR A 1120 49.42 -74.42 -47.69
C THR A 1120 49.20 -73.00 -48.20
N VAL A 1121 50.31 -72.30 -48.49
CA VAL A 1121 50.28 -70.97 -49.06
C VAL A 1121 50.73 -71.08 -50.51
N TYR A 1122 49.82 -70.78 -51.44
CA TYR A 1122 50.09 -70.96 -52.86
C TYR A 1122 51.05 -69.90 -53.37
N ASP A 1123 51.98 -70.33 -54.22
CA ASP A 1123 52.94 -69.43 -54.85
C ASP A 1123 52.59 -69.25 -56.32
N PRO A 1124 52.18 -68.06 -56.76
CA PRO A 1124 51.79 -67.87 -58.15
C PRO A 1124 52.93 -67.65 -59.12
N LEU A 1125 54.18 -67.94 -58.73
CA LEU A 1125 55.33 -67.70 -59.57
C LEU A 1125 55.89 -68.97 -60.19
N GLN A 1126 55.87 -70.09 -59.46
CA GLN A 1126 56.46 -71.33 -59.95
C GLN A 1126 55.71 -71.99 -61.12
N PRO A 1127 54.34 -71.89 -61.23
CA PRO A 1127 53.70 -72.59 -62.35
C PRO A 1127 54.13 -72.07 -63.71
N GLU A 1128 54.00 -70.76 -63.94
CA GLU A 1128 54.39 -70.20 -65.23
C GLU A 1128 55.90 -70.22 -65.44
N LEU A 1129 56.68 -70.29 -64.36
CA LEU A 1129 58.13 -70.40 -64.49
C LEU A 1129 58.52 -71.71 -65.15
N ASP A 1130 57.84 -72.80 -64.80
CA ASP A 1130 58.13 -74.10 -65.39
C ASP A 1130 57.44 -74.31 -66.73
N SER A 1131 56.57 -73.38 -67.14
CA SER A 1131 55.87 -73.49 -68.40
C SER A 1131 56.55 -72.67 -69.49
N GLN B 1 28.26 -0.42 65.30
CA GLN B 1 28.58 -1.77 65.76
C GLN B 1 29.74 -2.36 64.96
N CYS B 2 30.08 -1.69 63.85
CA CYS B 2 31.17 -2.13 62.99
C CYS B 2 32.52 -1.99 63.70
N VAL B 3 33.40 -2.95 63.45
CA VAL B 3 34.73 -2.94 64.02
C VAL B 3 35.76 -2.80 62.91
N ASN B 4 36.94 -2.30 63.28
CA ASN B 4 38.02 -2.04 62.34
C ASN B 4 39.25 -2.77 62.84
N LEU B 5 39.73 -3.73 62.06
CA LEU B 5 40.90 -4.54 62.40
C LEU B 5 42.05 -4.09 61.51
N THR B 6 42.95 -3.29 62.07
CA THR B 6 44.08 -2.73 61.31
C THR B 6 45.20 -3.76 61.23
N THR B 7 44.98 -4.76 60.37
CA THR B 7 45.95 -5.82 60.14
C THR B 7 46.15 -6.07 58.64
N ARG B 8 45.86 -5.09 57.79
CA ARG B 8 45.97 -5.25 56.35
C ARG B 8 47.42 -5.09 55.91
N THR B 9 47.86 -6.00 55.04
CA THR B 9 49.17 -5.93 54.40
C THR B 9 48.91 -5.61 52.92
N GLN B 10 48.86 -4.32 52.61
CA GLN B 10 48.46 -3.89 51.28
C GLN B 10 49.52 -4.22 50.24
N LEU B 11 49.09 -4.85 49.15
CA LEU B 11 49.95 -5.15 48.01
C LEU B 11 49.06 -5.18 46.77
N PRO B 12 49.61 -4.86 45.61
CA PRO B 12 48.79 -4.85 44.38
C PRO B 12 48.23 -6.23 44.09
N PRO B 13 46.98 -6.31 43.61
CA PRO B 13 46.40 -7.60 43.27
C PRO B 13 47.07 -8.21 42.05
N ALA B 14 46.96 -9.53 41.94
CA ALA B 14 47.61 -10.25 40.86
C ALA B 14 46.76 -10.21 39.59
N TYR B 15 47.33 -10.67 38.49
CA TYR B 15 46.64 -10.79 37.23
C TYR B 15 46.84 -12.19 36.67
N THR B 16 45.79 -12.77 36.10
CA THR B 16 45.88 -14.10 35.54
C THR B 16 45.05 -14.17 34.27
N ASN B 17 45.06 -15.34 33.63
CA ASN B 17 44.47 -15.53 32.31
C ASN B 17 43.20 -16.35 32.42
N SER B 18 42.11 -15.83 31.84
CA SER B 18 40.86 -16.55 31.69
C SER B 18 40.84 -17.12 30.27
N PHE B 19 41.15 -18.41 30.16
CA PHE B 19 41.28 -19.06 28.86
C PHE B 19 39.95 -19.12 28.10
N THR B 20 38.99 -19.89 28.61
CA THR B 20 37.70 -20.03 27.94
C THR B 20 36.53 -20.07 28.91
N ARG B 21 36.71 -19.56 30.12
CA ARG B 21 35.67 -19.62 31.14
C ARG B 21 34.74 -18.41 31.04
N GLY B 22 33.48 -18.61 31.44
CA GLY B 22 32.52 -17.53 31.46
C GLY B 22 31.47 -17.63 30.38
N VAL B 23 31.03 -18.85 30.07
CA VAL B 23 30.01 -19.09 29.06
C VAL B 23 28.73 -19.50 29.76
N TYR B 24 27.63 -18.80 29.45
CA TYR B 24 26.34 -19.07 30.05
C TYR B 24 25.29 -19.24 28.95
N TYR B 25 24.18 -19.86 29.31
CA TYR B 25 23.10 -20.09 28.37
C TYR B 25 22.43 -18.76 28.01
N PRO B 26 22.37 -18.39 26.73
CA PRO B 26 21.77 -17.08 26.38
C PRO B 26 20.32 -16.95 26.78
N ASP B 27 19.54 -18.02 26.71
CA ASP B 27 18.12 -17.98 27.03
C ASP B 27 17.69 -19.33 27.60
N LYS B 28 16.39 -19.52 27.73
CA LYS B 28 15.82 -20.73 28.30
C LYS B 28 15.14 -21.59 27.23
N VAL B 29 15.63 -21.54 26.00
CA VAL B 29 15.07 -22.29 24.88
C VAL B 29 15.93 -23.54 24.68
N PHE B 30 15.27 -24.69 24.56
CA PHE B 30 15.97 -25.96 24.39
C PHE B 30 16.40 -26.11 22.93
N ARG B 31 17.68 -26.38 22.73
CA ARG B 31 18.24 -26.65 21.41
C ARG B 31 19.10 -27.91 21.49
N SER B 32 19.03 -28.75 20.46
CA SER B 32 19.73 -30.03 20.47
C SER B 32 20.48 -30.22 19.17
N SER B 33 21.76 -30.59 19.27
CA SER B 33 22.61 -30.91 18.12
C SER B 33 22.57 -29.80 17.07
N VAL B 34 23.04 -28.62 17.46
CA VAL B 34 22.96 -27.45 16.60
C VAL B 34 24.16 -26.54 16.87
N LEU B 35 24.40 -25.62 15.94
CA LEU B 35 25.43 -24.59 16.09
C LEU B 35 24.74 -23.24 16.00
N HIS B 36 24.69 -22.53 17.11
CA HIS B 36 23.91 -21.31 17.23
C HIS B 36 24.81 -20.10 17.40
N SER B 37 24.55 -19.05 16.63
CA SER B 37 25.31 -17.82 16.69
C SER B 37 24.54 -16.78 17.49
N THR B 38 25.18 -16.19 18.50
CA THR B 38 24.52 -15.25 19.39
C THR B 38 25.39 -14.02 19.60
N GLN B 39 24.75 -12.90 19.92
CA GLN B 39 25.44 -11.65 20.21
C GLN B 39 24.99 -11.18 21.59
N ASP B 40 25.92 -11.13 22.54
CA ASP B 40 25.55 -10.85 23.93
C ASP B 40 26.80 -10.44 24.69
N LEU B 41 26.62 -10.10 25.96
CA LEU B 41 27.74 -9.73 26.83
C LEU B 41 28.42 -11.00 27.31
N PHE B 42 29.67 -11.19 26.88
CA PHE B 42 30.46 -12.37 27.23
C PHE B 42 31.82 -11.94 27.74
N LEU B 43 32.45 -12.82 28.51
CA LEU B 43 33.84 -12.63 28.88
C LEU B 43 34.74 -13.08 27.73
N PRO B 44 35.55 -12.20 27.16
CA PRO B 44 36.38 -12.59 26.01
C PRO B 44 37.35 -13.72 26.36
N PHE B 45 37.61 -14.57 25.38
CA PHE B 45 38.53 -15.68 25.57
C PHE B 45 39.95 -15.17 25.80
N PHE B 46 40.68 -15.86 26.67
CA PHE B 46 42.07 -15.54 26.99
C PHE B 46 42.20 -14.07 27.42
N SER B 47 41.41 -13.72 28.42
CA SER B 47 41.35 -12.34 28.91
C SER B 47 42.18 -12.19 30.18
N ASN B 48 42.48 -10.93 30.51
CA ASN B 48 43.21 -10.60 31.72
C ASN B 48 42.21 -10.36 32.85
N VAL B 49 42.27 -11.20 33.89
CA VAL B 49 41.34 -11.12 35.00
C VAL B 49 42.11 -10.88 36.29
N THR B 50 41.54 -10.03 37.14
CA THR B 50 42.20 -9.67 38.40
C THR B 50 42.05 -10.80 39.42
N TRP B 51 43.09 -10.98 40.23
CA TRP B 51 43.19 -12.10 41.15
C TRP B 51 43.47 -11.56 42.55
N PHE B 52 42.64 -11.97 43.52
CA PHE B 52 42.77 -11.58 44.91
C PHE B 52 42.89 -12.82 45.78
N HIS B 53 43.74 -12.73 46.79
CA HIS B 53 43.99 -13.84 47.71
C HIS B 53 43.66 -13.40 49.13
N VAL B 54 42.99 -14.28 49.87
CA VAL B 54 42.61 -14.01 51.26
C VAL B 54 43.21 -15.11 52.13
N ILE B 55 44.00 -14.71 53.12
CA ILE B 55 44.62 -15.65 54.04
C ILE B 55 45.00 -14.92 55.33
N LYS B 62 47.90 -10.73 58.11
CA LYS B 62 47.00 -11.50 57.26
C LYS B 62 46.75 -10.77 55.95
N ARG B 63 46.15 -11.48 54.99
CA ARG B 63 45.79 -10.91 53.69
C ARG B 63 44.30 -10.60 53.70
N PHE B 64 43.97 -9.32 53.88
CA PHE B 64 42.58 -8.88 53.94
C PHE B 64 42.38 -7.79 52.89
N ASP B 65 42.03 -8.20 51.68
CA ASP B 65 41.86 -7.30 50.54
C ASP B 65 40.43 -7.40 50.05
N ASN B 66 39.57 -6.50 50.52
CA ASN B 66 38.18 -6.38 50.05
C ASN B 66 37.96 -4.97 49.53
N PRO B 67 38.54 -4.64 48.38
CA PRO B 67 38.38 -3.29 47.83
C PRO B 67 37.05 -3.14 47.12
N VAL B 68 36.72 -1.88 46.83
CA VAL B 68 35.50 -1.56 46.09
C VAL B 68 35.88 -1.64 44.62
N LEU B 69 35.46 -2.71 43.96
CA LEU B 69 35.76 -2.90 42.56
C LEU B 69 34.68 -2.23 41.70
N PRO B 70 35.06 -1.70 40.54
CA PRO B 70 34.05 -1.06 39.67
C PRO B 70 33.13 -2.10 39.04
N PHE B 71 31.93 -1.65 38.71
CA PHE B 71 30.96 -2.44 37.96
C PHE B 71 30.85 -1.90 36.54
N ASN B 72 30.44 -2.77 35.63
CA ASN B 72 30.35 -2.43 34.22
C ASN B 72 29.17 -3.19 33.64
N ASP B 73 29.16 -3.34 32.30
CA ASP B 73 28.07 -4.05 31.63
C ASP B 73 27.79 -5.42 32.24
N GLY B 74 28.78 -6.02 32.90
CA GLY B 74 28.57 -7.26 33.61
C GLY B 74 29.82 -7.63 34.37
N VAL B 75 29.70 -8.63 35.22
CA VAL B 75 30.81 -9.08 36.04
C VAL B 75 30.86 -10.61 36.04
N TYR B 76 32.05 -11.16 35.82
CA TYR B 76 32.31 -12.58 36.00
C TYR B 76 33.11 -12.76 37.28
N PHE B 77 32.59 -13.56 38.20
CA PHE B 77 33.18 -13.79 39.51
C PHE B 77 33.54 -15.27 39.62
N ALA B 78 34.78 -15.56 40.03
CA ALA B 78 35.19 -16.93 40.25
C ALA B 78 35.80 -17.03 41.64
N SER B 79 35.60 -18.18 42.28
CA SER B 79 36.11 -18.39 43.64
C SER B 79 36.60 -19.82 43.77
N ILE B 80 37.89 -19.98 44.06
CA ILE B 80 38.47 -21.26 44.47
C ILE B 80 38.60 -21.22 45.99
N GLU B 81 37.87 -22.11 46.65
CA GLU B 81 37.63 -21.96 48.08
C GLU B 81 37.20 -23.29 48.68
N LYS B 82 37.41 -23.41 49.98
CA LYS B 82 36.85 -24.47 50.80
C LYS B 82 36.45 -23.88 52.13
N SER B 83 35.46 -24.50 52.78
CA SER B 83 34.95 -24.12 54.10
C SER B 83 34.22 -22.78 54.12
N ASN B 84 33.86 -22.23 52.96
CA ASN B 84 32.91 -21.12 52.85
C ASN B 84 33.39 -19.88 53.61
N ILE B 85 34.49 -19.31 53.12
CA ILE B 85 34.91 -18.01 53.62
C ILE B 85 34.09 -16.89 52.98
N ILE B 86 33.88 -16.96 51.67
CA ILE B 86 33.13 -15.92 50.95
C ILE B 86 31.64 -16.21 51.10
N ARG B 87 30.87 -15.18 51.47
CA ARG B 87 29.45 -15.35 51.76
C ARG B 87 28.55 -14.63 50.76
N GLY B 88 28.70 -13.32 50.60
CA GLY B 88 27.76 -12.56 49.79
C GLY B 88 28.35 -11.36 49.10
N TRP B 89 27.50 -10.41 48.72
CA TRP B 89 27.93 -9.28 47.92
C TRP B 89 27.09 -8.05 48.24
N ILE B 90 27.65 -6.88 47.90
CA ILE B 90 26.99 -5.59 48.05
C ILE B 90 27.12 -4.84 46.74
N PHE B 91 26.02 -4.27 46.27
CA PHE B 91 26.01 -3.53 45.01
C PHE B 91 25.39 -2.16 45.23
N GLY B 92 25.91 -1.17 44.51
CA GLY B 92 25.39 0.18 44.62
C GLY B 92 26.26 1.15 43.85
N THR B 93 26.00 2.44 44.07
CA THR B 93 26.75 3.51 43.44
C THR B 93 27.62 4.28 44.42
N THR B 94 27.04 4.79 45.50
CA THR B 94 27.79 5.55 46.50
C THR B 94 28.09 4.75 47.75
N LEU B 95 27.56 3.53 47.88
CA LEU B 95 27.86 2.62 48.98
C LEU B 95 27.50 3.22 50.33
N ASP B 96 26.54 4.14 50.36
CA ASP B 96 26.13 4.78 51.60
C ASP B 96 24.60 4.75 51.67
N SER B 97 24.04 5.41 52.69
CA SER B 97 22.61 5.41 52.90
C SER B 97 21.87 6.37 51.98
N LYS B 98 22.57 7.32 51.35
CA LYS B 98 21.89 8.32 50.54
C LYS B 98 21.21 7.68 49.32
N THR B 99 21.90 6.75 48.66
CA THR B 99 21.39 6.13 47.45
C THR B 99 20.92 4.70 47.73
N GLN B 100 20.08 4.19 46.82
CA GLN B 100 19.58 2.83 46.93
C GLN B 100 20.71 1.83 46.69
N SER B 101 20.76 0.80 47.52
CA SER B 101 21.81 -0.20 47.43
C SER B 101 21.23 -1.58 47.68
N LEU B 102 21.73 -2.55 46.91
CA LEU B 102 21.30 -3.93 46.98
C LEU B 102 22.33 -4.75 47.75
N LEU B 103 21.86 -5.78 48.45
CA LEU B 103 22.75 -6.60 49.26
C LEU B 103 22.27 -8.04 49.22
N ILE B 104 23.21 -8.97 49.05
CA ILE B 104 22.93 -10.40 49.04
C ILE B 104 23.75 -11.05 50.14
N VAL B 105 23.07 -11.74 51.06
CA VAL B 105 23.70 -12.40 52.19
C VAL B 105 23.32 -13.86 52.16
N ASN B 106 24.18 -14.70 52.73
CA ASN B 106 24.01 -16.15 52.73
C ASN B 106 24.04 -16.68 54.16
N ASN B 107 22.98 -17.37 54.57
CA ASN B 107 22.96 -18.12 55.81
C ASN B 107 23.52 -19.52 55.58
N ALA B 108 23.34 -20.39 56.57
CA ALA B 108 23.60 -21.82 56.35
C ALA B 108 22.36 -22.54 55.84
N THR B 109 21.21 -21.85 55.76
CA THR B 109 19.98 -22.49 55.30
C THR B 109 19.17 -21.65 54.31
N ASN B 110 19.49 -20.38 54.12
CA ASN B 110 18.73 -19.58 53.16
C ASN B 110 19.56 -18.38 52.72
N VAL B 111 19.31 -17.93 51.48
CA VAL B 111 19.93 -16.72 50.96
C VAL B 111 18.90 -15.59 50.99
N VAL B 112 19.35 -14.42 51.44
CA VAL B 112 18.49 -13.26 51.65
C VAL B 112 19.00 -12.11 50.79
N ILE B 113 18.09 -11.53 50.00
CA ILE B 113 18.40 -10.40 49.13
C ILE B 113 17.55 -9.22 49.60
N LYS B 114 18.21 -8.08 49.84
CA LYS B 114 17.57 -6.90 50.41
C LYS B 114 18.10 -5.66 49.71
N VAL B 115 17.21 -4.88 49.11
CA VAL B 115 17.60 -3.62 48.47
C VAL B 115 16.98 -2.48 49.29
N CYS B 116 17.83 -1.74 49.99
CA CYS B 116 17.38 -0.67 50.87
C CYS B 116 18.46 0.41 50.88
N GLU B 117 18.40 1.30 51.87
CA GLU B 117 19.39 2.35 52.07
C GLU B 117 20.21 2.00 53.31
N PHE B 118 21.26 1.22 53.10
CA PHE B 118 22.11 0.75 54.19
C PHE B 118 23.25 1.73 54.45
N GLN B 119 23.69 1.79 55.70
CA GLN B 119 24.83 2.61 56.10
C GLN B 119 26.06 1.69 56.14
N PHE B 120 26.62 1.46 54.95
CA PHE B 120 27.74 0.53 54.83
C PHE B 120 28.98 1.10 55.51
N CYS B 121 29.63 0.28 56.32
CA CYS B 121 30.83 0.69 57.03
C CYS B 121 32.05 0.57 56.12
N ASN B 122 33.22 0.91 56.67
CA ASN B 122 34.45 0.79 55.89
C ASN B 122 34.76 -0.67 55.58
N ASP B 123 34.56 -1.56 56.55
CA ASP B 123 34.89 -2.98 56.41
C ASP B 123 33.71 -3.84 56.81
N PRO B 124 32.70 -3.96 55.94
CA PRO B 124 31.60 -4.89 56.23
C PRO B 124 32.06 -6.34 56.11
N PHE B 125 31.68 -7.14 57.10
CA PHE B 125 32.10 -8.54 57.13
C PHE B 125 31.23 -9.31 58.11
N LEU B 126 31.22 -10.63 57.93
CA LEU B 126 30.47 -11.53 58.80
C LEU B 126 31.44 -12.24 59.73
N ASP B 127 31.17 -12.18 61.03
CA ASP B 127 32.05 -12.76 62.03
C ASP B 127 31.31 -13.78 62.87
N MET B 135 30.72 -22.25 65.56
CA MET B 135 29.89 -21.54 64.59
C MET B 135 29.81 -20.06 64.91
N GLU B 136 29.67 -19.24 63.88
CA GLU B 136 29.59 -17.79 64.03
C GLU B 136 28.26 -17.29 63.49
N SER B 137 27.61 -16.41 64.23
CA SER B 137 26.30 -15.88 63.87
C SER B 137 26.26 -14.37 64.08
N GLU B 138 27.28 -13.68 63.60
CA GLU B 138 27.40 -12.24 63.76
C GLU B 138 27.72 -11.59 62.41
N PHE B 139 27.27 -10.34 62.25
CA PHE B 139 27.48 -9.63 61.00
C PHE B 139 27.64 -8.14 61.28
N ARG B 140 28.40 -7.46 60.43
CA ARG B 140 28.58 -6.01 60.50
C ARG B 140 28.63 -5.50 59.06
N VAL B 141 27.47 -5.09 58.54
CA VAL B 141 27.34 -4.54 57.20
C VAL B 141 26.78 -3.12 57.23
N TYR B 142 25.73 -2.90 58.02
CA TYR B 142 25.06 -1.62 58.09
C TYR B 142 24.61 -1.36 59.52
N SER B 143 24.10 -0.15 59.75
CA SER B 143 23.54 0.22 61.05
C SER B 143 22.02 0.01 61.08
N SER B 144 21.30 0.70 60.20
CA SER B 144 19.85 0.56 60.12
C SER B 144 19.40 0.88 58.71
N ALA B 145 18.42 0.13 58.21
CA ALA B 145 17.88 0.31 56.88
C ALA B 145 16.69 1.27 56.96
N ASN B 146 16.87 2.48 56.42
CA ASN B 146 15.82 3.49 56.51
C ASN B 146 14.57 3.08 55.75
N ASN B 147 14.68 2.94 54.43
CA ASN B 147 13.54 2.64 53.57
C ASN B 147 13.85 1.41 52.73
N CYS B 148 12.88 0.52 52.60
CA CYS B 148 13.02 -0.71 51.85
C CYS B 148 11.89 -0.85 50.84
N THR B 149 12.19 -1.50 49.71
CA THR B 149 11.21 -1.65 48.64
C THR B 149 11.13 -3.05 48.08
N PHE B 150 12.01 -3.96 48.47
CA PHE B 150 11.96 -5.33 47.98
C PHE B 150 12.71 -6.24 48.94
N GLU B 151 12.29 -7.51 48.96
CA GLU B 151 12.92 -8.53 49.79
C GLU B 151 12.80 -9.86 49.06
N TYR B 152 13.79 -10.73 49.27
CA TYR B 152 13.78 -12.04 48.63
C TYR B 152 14.47 -13.04 49.53
N VAL B 153 13.88 -14.23 49.68
CA VAL B 153 14.48 -15.32 50.43
C VAL B 153 14.37 -16.59 49.60
N SER B 154 15.44 -17.37 49.55
CA SER B 154 15.39 -18.63 48.81
C SER B 154 16.44 -19.58 49.35
N GLN B 155 16.60 -20.71 48.66
CA GLN B 155 17.61 -21.70 49.03
C GLN B 155 19.01 -21.15 48.73
N PRO B 156 19.96 -21.30 49.65
CA PRO B 156 21.25 -20.62 49.49
C PRO B 156 21.98 -21.04 48.22
N PHE B 157 22.69 -20.08 47.64
CA PHE B 157 23.41 -20.33 46.39
C PHE B 157 24.50 -21.36 46.57
N LEU B 158 25.25 -21.28 47.66
CA LEU B 158 26.37 -22.19 47.91
C LEU B 158 25.88 -23.49 48.52
N ASN B 167 43.82 -28.51 50.29
CA ASN B 167 43.10 -29.14 49.18
C ASN B 167 41.90 -28.30 48.76
N PHE B 168 42.16 -27.23 48.01
CA PHE B 168 41.08 -26.40 47.51
C PHE B 168 40.24 -27.18 46.50
N LYS B 169 38.93 -27.22 46.73
CA LYS B 169 38.08 -28.04 45.89
C LYS B 169 36.90 -27.29 45.29
N ASN B 170 36.31 -26.34 46.02
CA ASN B 170 35.10 -25.68 45.55
C ASN B 170 35.45 -24.61 44.54
N LEU B 171 34.92 -24.72 43.32
CA LEU B 171 35.07 -23.69 42.29
C LEU B 171 33.68 -23.15 41.99
N ARG B 172 33.44 -21.91 42.37
CA ARG B 172 32.15 -21.26 42.21
C ARG B 172 32.27 -20.17 41.16
N GLU B 173 31.45 -20.26 40.11
CA GLU B 173 31.46 -19.29 39.04
C GLU B 173 30.10 -18.60 38.99
N PHE B 174 30.13 -17.27 38.88
CA PHE B 174 28.92 -16.46 38.85
C PHE B 174 29.05 -15.41 37.77
N VAL B 175 27.92 -15.06 37.16
CA VAL B 175 27.84 -13.98 36.19
C VAL B 175 26.70 -13.07 36.62
N PHE B 176 27.02 -11.79 36.80
CA PHE B 176 26.06 -10.79 37.24
C PHE B 176 25.85 -9.77 36.13
N LYS B 177 24.59 -9.54 35.75
CA LYS B 177 24.24 -8.56 34.74
C LYS B 177 23.12 -7.66 35.26
N ASN B 178 23.13 -6.41 34.79
CA ASN B 178 22.11 -5.42 35.14
C ASN B 178 21.55 -4.86 33.84
N ILE B 179 20.44 -5.42 33.37
CA ILE B 179 19.87 -5.09 32.07
C ILE B 179 18.47 -4.53 32.27
N ASP B 180 18.27 -3.26 31.88
CA ASP B 180 16.98 -2.56 31.91
C ASP B 180 16.17 -2.87 33.16
N GLY B 181 16.77 -2.60 34.33
CA GLY B 181 16.08 -2.76 35.58
C GLY B 181 15.99 -4.18 36.10
N TYR B 182 16.69 -5.13 35.48
CA TYR B 182 16.68 -6.53 35.87
C TYR B 182 18.08 -6.96 36.28
N PHE B 183 18.19 -7.59 37.45
CA PHE B 183 19.44 -8.16 37.92
C PHE B 183 19.41 -9.65 37.62
N LYS B 184 20.32 -10.10 36.75
CA LYS B 184 20.39 -11.48 36.33
C LYS B 184 21.64 -12.14 36.90
N ILE B 185 21.47 -13.31 37.50
CA ILE B 185 22.55 -14.06 38.12
C ILE B 185 22.58 -15.45 37.51
N TYR B 186 23.71 -15.81 36.91
CA TYR B 186 23.99 -17.16 36.44
C TYR B 186 25.06 -17.78 37.32
N SER B 187 24.98 -19.08 37.55
CA SER B 187 25.88 -19.71 38.50
C SER B 187 26.27 -21.10 38.05
N LYS B 188 27.39 -21.58 38.59
CA LYS B 188 27.87 -22.93 38.34
C LYS B 188 28.83 -23.31 39.47
N HIS B 189 28.80 -24.58 39.87
CA HIS B 189 29.66 -25.11 40.91
C HIS B 189 30.41 -26.33 40.39
N THR B 190 31.67 -26.47 40.80
CA THR B 190 32.48 -27.59 40.32
C THR B 190 33.50 -28.03 41.35
N PRO B 191 33.64 -29.34 41.57
CA PRO B 191 34.80 -29.84 42.33
C PRO B 191 36.02 -29.93 41.42
N ILE B 192 37.14 -29.38 41.89
CA ILE B 192 38.35 -29.35 41.08
C ILE B 192 39.02 -30.72 41.09
N ASP B 199 46.00 -22.40 38.79
CA ASP B 199 45.02 -21.34 38.84
C ASP B 199 43.70 -21.79 38.23
N LEU B 200 43.18 -21.00 37.29
CA LEU B 200 41.95 -21.36 36.61
C LEU B 200 42.22 -22.56 35.70
N PRO B 201 41.52 -23.68 35.87
CA PRO B 201 41.82 -24.87 35.08
C PRO B 201 41.32 -24.75 33.65
N GLN B 202 41.89 -25.59 32.79
CA GLN B 202 41.43 -25.67 31.42
C GLN B 202 40.12 -26.44 31.34
N GLY B 203 39.49 -26.36 30.17
CA GLY B 203 38.25 -27.06 29.92
C GLY B 203 37.11 -26.10 29.65
N PHE B 204 35.92 -26.67 29.46
CA PHE B 204 34.72 -25.90 29.13
C PHE B 204 33.60 -26.27 30.08
N SER B 205 32.85 -25.25 30.50
CA SER B 205 31.68 -25.45 31.36
C SER B 205 30.72 -24.30 31.14
N ALA B 206 29.44 -24.61 31.04
CA ALA B 206 28.40 -23.61 30.79
C ALA B 206 27.67 -23.29 32.09
N LEU B 207 27.35 -22.02 32.27
CA LEU B 207 26.72 -21.53 33.49
C LEU B 207 25.20 -21.49 33.29
N GLU B 208 24.48 -22.31 34.03
CA GLU B 208 23.03 -22.33 33.93
C GLU B 208 22.43 -21.12 34.65
N PRO B 209 21.33 -20.57 34.13
CA PRO B 209 20.71 -19.42 34.79
C PRO B 209 20.21 -19.78 36.19
N LEU B 210 20.33 -18.82 37.10
CA LEU B 210 20.00 -19.06 38.50
C LEU B 210 18.89 -18.16 39.03
N VAL B 211 18.97 -16.86 38.78
CA VAL B 211 18.08 -15.91 39.45
C VAL B 211 17.87 -14.68 38.58
N ASP B 212 16.66 -14.11 38.65
CA ASP B 212 16.33 -12.84 38.01
C ASP B 212 15.45 -12.03 38.96
N LEU B 213 15.90 -10.82 39.27
CA LEU B 213 15.19 -9.94 40.21
C LEU B 213 14.85 -8.62 39.55
N PRO B 214 13.63 -8.11 39.71
CA PRO B 214 13.25 -6.77 39.20
C PRO B 214 13.55 -5.65 40.20
N ILE B 215 14.84 -5.40 40.41
CA ILE B 215 15.29 -4.41 41.40
C ILE B 215 15.34 -2.99 40.85
N GLY B 216 15.77 -2.79 39.61
CA GLY B 216 15.63 -1.52 38.94
C GLY B 216 16.52 -0.39 39.41
N ILE B 217 17.53 -0.67 40.25
CA ILE B 217 18.40 0.38 40.76
C ILE B 217 19.64 0.48 39.88
N ASN B 218 20.29 1.63 39.95
CA ASN B 218 21.51 1.90 39.17
C ASN B 218 22.70 1.30 39.91
N ILE B 219 23.59 0.66 39.15
CA ILE B 219 24.69 -0.09 39.75
C ILE B 219 26.01 0.42 39.19
N THR B 220 26.97 0.72 40.08
CA THR B 220 28.24 1.28 39.64
C THR B 220 29.43 0.57 40.28
N ARG B 221 29.24 0.03 41.48
CA ARG B 221 30.35 -0.58 42.21
C ARG B 221 29.84 -1.78 43.00
N PHE B 222 30.77 -2.63 43.42
CA PHE B 222 30.43 -3.81 44.20
C PHE B 222 31.62 -4.23 45.05
N GLN B 223 31.33 -5.06 46.05
CA GLN B 223 32.34 -5.51 47.00
C GLN B 223 31.91 -6.85 47.58
N THR B 224 32.88 -7.73 47.81
CA THR B 224 32.60 -9.07 48.32
C THR B 224 32.49 -9.07 49.84
N LEU B 225 32.06 -10.21 50.38
CA LEU B 225 31.83 -10.39 51.80
C LEU B 225 32.55 -11.64 52.28
N LEU B 226 33.31 -11.51 53.37
CA LEU B 226 34.06 -12.61 53.94
C LEU B 226 33.47 -13.03 55.28
N ALA B 227 33.71 -14.29 55.64
CA ALA B 227 33.24 -14.87 56.89
C ALA B 227 34.43 -15.08 57.81
N LEU B 228 34.75 -14.06 58.60
CA LEU B 228 35.85 -14.16 59.55
C LEU B 228 35.47 -15.02 60.74
N HIS B 229 36.43 -15.80 61.24
CA HIS B 229 36.22 -16.67 62.39
C HIS B 229 37.17 -16.27 63.50
N ARG B 230 36.63 -16.05 64.69
CA ARG B 230 37.44 -15.71 65.86
C ARG B 230 37.62 -16.95 66.73
N SER B 231 38.83 -17.48 66.75
CA SER B 231 39.12 -18.68 67.53
C SER B 231 40.13 -18.39 68.64
N GLY B 241 44.92 -10.97 66.57
CA GLY B 241 43.97 -10.54 65.56
C GLY B 241 42.89 -11.55 65.29
N TRP B 242 42.80 -12.01 64.04
CA TRP B 242 41.83 -13.01 63.63
C TRP B 242 42.51 -14.07 62.79
N THR B 243 41.97 -15.29 62.84
CA THR B 243 42.46 -16.40 62.05
C THR B 243 41.42 -16.73 60.98
N ALA B 244 41.84 -16.68 59.72
CA ALA B 244 40.96 -16.92 58.59
C ALA B 244 41.58 -17.94 57.65
N GLY B 245 40.74 -18.63 56.90
CA GLY B 245 41.21 -19.61 55.94
C GLY B 245 41.76 -18.96 54.68
N ALA B 246 42.25 -19.82 53.79
CA ALA B 246 42.84 -19.37 52.54
C ALA B 246 41.85 -19.59 51.39
N ALA B 247 41.69 -18.56 50.55
CA ALA B 247 40.82 -18.65 49.40
C ALA B 247 41.32 -17.68 48.33
N ALA B 248 40.90 -17.94 47.09
CA ALA B 248 41.27 -17.07 45.98
C ALA B 248 40.01 -16.72 45.19
N TYR B 249 39.94 -15.48 44.71
CA TYR B 249 38.81 -15.11 43.87
C TYR B 249 39.25 -14.17 42.75
N TYR B 250 38.64 -14.37 41.59
CA TYR B 250 39.01 -13.72 40.34
C TYR B 250 37.85 -12.91 39.81
N VAL B 251 38.15 -11.74 39.26
CA VAL B 251 37.15 -10.81 38.75
C VAL B 251 37.46 -10.49 37.28
N GLY B 252 36.45 -10.61 36.43
CA GLY B 252 36.59 -10.22 35.05
C GLY B 252 35.37 -9.43 34.59
N TYR B 253 35.52 -8.75 33.46
CA TYR B 253 34.48 -7.86 32.94
C TYR B 253 33.99 -8.35 31.60
N LEU B 254 32.68 -8.28 31.40
CA LEU B 254 32.04 -8.72 30.16
C LEU B 254 32.02 -7.59 29.13
N GLN B 255 32.09 -7.97 27.87
CA GLN B 255 32.01 -7.05 26.74
C GLN B 255 31.03 -7.61 25.72
N PRO B 256 30.42 -6.75 24.90
CA PRO B 256 29.50 -7.25 23.87
C PRO B 256 30.28 -7.95 22.76
N ARG B 257 29.96 -9.23 22.53
CA ARG B 257 30.70 -10.05 21.59
C ARG B 257 29.74 -11.04 20.95
N THR B 258 30.19 -11.57 19.80
CA THR B 258 29.45 -12.59 19.06
C THR B 258 30.13 -13.93 19.27
N PHE B 259 29.35 -14.92 19.70
CA PHE B 259 29.85 -16.25 19.99
C PHE B 259 29.11 -17.28 19.13
N LEU B 260 29.78 -18.40 18.86
CA LEU B 260 29.19 -19.54 18.17
C LEU B 260 29.22 -20.73 19.13
N LEU B 261 28.06 -21.15 19.59
CA LEU B 261 27.93 -22.19 20.59
C LEU B 261 27.46 -23.49 19.95
N LYS B 262 27.89 -24.60 20.54
CA LYS B 262 27.54 -25.94 20.05
C LYS B 262 26.66 -26.63 21.08
N TYR B 263 25.47 -27.05 20.67
CA TYR B 263 24.56 -27.82 21.50
C TYR B 263 24.62 -29.28 21.07
N ASN B 264 24.87 -30.17 22.02
CA ASN B 264 25.00 -31.60 21.75
C ASN B 264 23.62 -32.25 21.76
N GLU B 265 23.60 -33.58 21.81
CA GLU B 265 22.35 -34.33 21.71
C GLU B 265 21.40 -34.00 22.85
N ASN B 266 21.92 -33.88 24.07
CA ASN B 266 21.09 -33.59 25.24
C ASN B 266 20.95 -32.10 25.50
N GLY B 267 21.28 -31.26 24.53
CA GLY B 267 21.10 -29.83 24.67
C GLY B 267 21.99 -29.18 25.70
N THR B 268 23.25 -29.60 25.77
CA THR B 268 24.23 -29.01 26.67
C THR B 268 25.30 -28.33 25.84
N ILE B 269 25.61 -27.08 26.20
CA ILE B 269 26.66 -26.34 25.50
C ILE B 269 28.01 -26.96 25.84
N THR B 270 28.68 -27.51 24.82
CA THR B 270 29.94 -28.21 25.03
C THR B 270 31.14 -27.49 24.42
N ASP B 271 30.93 -26.56 23.49
CA ASP B 271 32.04 -25.83 22.89
C ASP B 271 31.54 -24.49 22.38
N ALA B 272 32.48 -23.55 22.26
CA ALA B 272 32.16 -22.21 21.81
C ALA B 272 33.34 -21.65 21.01
N VAL B 273 33.03 -20.69 20.14
CA VAL B 273 34.02 -19.99 19.33
C VAL B 273 33.78 -18.49 19.47
N ASP B 274 34.83 -17.75 19.76
CA ASP B 274 34.80 -16.30 19.87
C ASP B 274 35.26 -15.70 18.54
N CYS B 275 34.33 -15.08 17.80
CA CYS B 275 34.62 -14.63 16.45
C CYS B 275 35.68 -13.54 16.38
N ALA B 276 35.83 -12.75 17.43
CA ALA B 276 36.70 -11.58 17.41
C ALA B 276 38.09 -11.86 17.95
N LEU B 277 38.43 -13.11 18.23
CA LEU B 277 39.72 -13.42 18.84
C LEU B 277 40.86 -13.31 17.84
N ASP B 278 40.83 -14.10 16.78
CA ASP B 278 41.92 -14.17 15.82
C ASP B 278 41.34 -14.49 14.46
N PRO B 279 42.14 -14.38 13.38
CA PRO B 279 41.61 -14.71 12.05
C PRO B 279 41.07 -16.12 11.93
N LEU B 280 41.68 -17.10 12.62
CA LEU B 280 41.21 -18.47 12.52
C LEU B 280 39.80 -18.63 13.08
N SER B 281 39.52 -18.02 14.23
CA SER B 281 38.19 -18.13 14.83
C SER B 281 37.14 -17.44 13.98
N GLU B 282 37.49 -16.29 13.38
CA GLU B 282 36.54 -15.59 12.55
C GLU B 282 36.28 -16.33 11.25
N THR B 283 37.30 -17.01 10.71
CA THR B 283 37.06 -17.93 9.61
C THR B 283 36.15 -19.08 10.02
N LYS B 284 36.38 -19.63 11.22
CA LYS B 284 35.59 -20.75 11.69
C LYS B 284 34.12 -20.37 11.81
N CYS B 285 33.83 -19.19 12.36
CA CYS B 285 32.45 -18.78 12.55
C CYS B 285 31.86 -18.07 11.34
N THR B 286 32.68 -17.76 10.32
CA THR B 286 32.14 -17.35 9.03
C THR B 286 31.64 -18.55 8.23
N LEU B 287 32.28 -19.70 8.38
CA LEU B 287 31.85 -20.93 7.72
C LEU B 287 30.85 -21.72 8.56
N LYS B 288 30.53 -21.25 9.78
CA LYS B 288 29.57 -21.90 10.66
C LYS B 288 29.96 -23.35 10.94
N SER B 289 31.25 -23.55 11.22
CA SER B 289 31.76 -24.88 11.52
C SER B 289 32.98 -24.75 12.42
N PHE B 290 33.28 -25.83 13.13
CA PHE B 290 34.44 -25.89 14.02
C PHE B 290 35.68 -26.46 13.34
N THR B 291 35.58 -26.85 12.07
CA THR B 291 36.70 -27.42 11.33
C THR B 291 36.84 -26.68 10.02
N VAL B 292 38.09 -26.44 9.61
CA VAL B 292 38.40 -25.72 8.39
C VAL B 292 39.33 -26.58 7.54
N GLU B 293 38.99 -26.74 6.27
CA GLU B 293 39.85 -27.45 5.33
C GLU B 293 40.90 -26.51 4.75
N LYS B 294 41.87 -27.09 4.06
CA LYS B 294 42.93 -26.31 3.44
C LYS B 294 42.37 -25.45 2.32
N GLY B 295 42.76 -24.19 2.30
CA GLY B 295 42.29 -23.29 1.26
C GLY B 295 42.45 -21.84 1.69
N ILE B 296 41.85 -20.96 0.89
CA ILE B 296 41.83 -19.53 1.14
C ILE B 296 40.38 -19.07 1.15
N TYR B 297 40.00 -18.30 2.16
CA TYR B 297 38.60 -17.92 2.37
C TYR B 297 38.48 -16.41 2.50
N GLN B 298 37.55 -15.82 1.74
CA GLN B 298 37.17 -14.43 1.94
C GLN B 298 36.38 -14.33 3.24
N THR B 299 36.88 -13.52 4.17
CA THR B 299 36.36 -13.53 5.53
C THR B 299 35.59 -12.27 5.89
N SER B 300 36.17 -11.09 5.70
CA SER B 300 35.52 -9.86 6.11
C SER B 300 36.16 -8.68 5.37
N ASN B 301 35.82 -7.47 5.81
CA ASN B 301 36.27 -6.25 5.17
C ASN B 301 37.05 -5.40 6.17
N PHE B 302 37.88 -4.53 5.63
CA PHE B 302 38.71 -3.60 6.39
C PHE B 302 38.17 -2.19 6.20
N ARG B 303 38.02 -1.45 7.32
CA ARG B 303 37.53 -0.08 7.27
C ARG B 303 38.18 0.71 8.40
N VAL B 304 38.61 1.94 8.09
CA VAL B 304 39.13 2.84 9.11
C VAL B 304 37.99 3.65 9.72
N GLN B 305 38.04 3.84 11.04
CA GLN B 305 36.98 4.53 11.77
C GLN B 305 37.25 6.04 11.86
N PRO B 306 36.20 6.85 11.85
CA PRO B 306 36.38 8.30 12.00
C PRO B 306 36.84 8.65 13.41
N THR B 307 37.62 9.73 13.52
CA THR B 307 38.14 10.13 14.82
C THR B 307 37.36 11.31 15.40
N GLU B 308 37.28 12.41 14.66
CA GLU B 308 36.67 13.64 15.15
C GLU B 308 35.30 13.85 14.49
N SER B 309 34.68 14.98 14.81
CA SER B 309 33.40 15.36 14.23
C SER B 309 33.35 16.87 14.15
N ILE B 310 33.05 17.40 12.96
CA ILE B 310 33.08 18.83 12.71
C ILE B 310 31.74 19.28 12.15
N VAL B 311 31.37 20.52 12.44
CA VAL B 311 30.14 21.14 11.95
C VAL B 311 30.49 22.53 11.43
N ARG B 312 29.86 22.92 10.31
CA ARG B 312 30.14 24.21 9.68
C ARG B 312 28.83 24.86 9.24
N PHE B 313 28.29 25.75 10.08
CA PHE B 313 27.21 26.66 9.75
C PHE B 313 27.85 28.04 9.65
N PRO B 314 27.52 28.87 8.64
CA PRO B 314 28.47 29.93 8.26
C PRO B 314 28.78 30.96 9.34
N ASN B 315 27.91 31.94 9.57
CA ASN B 315 27.87 32.67 10.84
C ASN B 315 26.53 33.36 11.07
N ILE B 316 25.46 32.86 10.45
CA ILE B 316 24.21 33.61 10.31
C ILE B 316 23.76 34.21 11.64
N THR B 317 23.48 35.51 11.63
CA THR B 317 23.06 36.24 12.83
C THR B 317 21.56 36.52 12.79
N ASN B 318 21.08 37.32 13.74
CA ASN B 318 19.68 37.74 13.83
C ASN B 318 18.77 36.56 14.14
N LEU B 319 17.49 36.84 14.36
CA LEU B 319 16.52 35.79 14.67
C LEU B 319 15.34 35.91 13.73
N CYS B 320 14.77 34.78 13.38
CA CYS B 320 13.61 34.77 12.48
C CYS B 320 12.39 35.30 13.21
N PRO B 321 11.60 36.19 12.61
CA PRO B 321 10.46 36.83 13.30
C PRO B 321 9.21 35.97 13.36
N PHE B 322 9.23 34.99 14.27
CA PHE B 322 8.04 34.15 14.48
C PHE B 322 6.98 34.87 15.29
N ASP B 323 7.39 35.75 16.22
CA ASP B 323 6.42 36.53 16.98
C ASP B 323 5.67 37.50 16.08
N GLU B 324 6.36 38.10 15.11
CA GLU B 324 5.74 39.05 14.20
C GLU B 324 4.73 38.39 13.26
N VAL B 325 4.71 37.06 13.19
CA VAL B 325 3.78 36.33 12.35
C VAL B 325 2.66 35.69 13.17
N PHE B 326 3.00 35.11 14.33
CA PHE B 326 2.02 34.39 15.12
C PHE B 326 1.28 35.29 16.11
N ASN B 327 1.85 36.44 16.46
CA ASN B 327 1.22 37.37 17.39
C ASN B 327 0.70 38.62 16.69
N ALA B 328 0.21 38.48 15.46
CA ALA B 328 -0.32 39.61 14.72
C ALA B 328 -1.69 40.02 15.28
N THR B 329 -1.97 41.33 15.22
CA THR B 329 -3.23 41.84 15.73
C THR B 329 -4.41 41.36 14.88
N ARG B 330 -4.31 41.51 13.57
CA ARG B 330 -5.38 41.10 12.67
C ARG B 330 -4.81 40.31 11.50
N PHE B 331 -5.46 39.20 11.17
CA PHE B 331 -5.05 38.35 10.07
C PHE B 331 -5.71 38.86 8.78
N ALA B 332 -5.66 38.06 7.72
CA ALA B 332 -6.26 38.41 6.44
C ALA B 332 -7.33 37.39 6.07
N SER B 333 -8.09 37.73 5.03
CA SER B 333 -9.13 36.83 4.54
C SER B 333 -8.51 35.64 3.82
N VAL B 334 -9.26 34.55 3.75
CA VAL B 334 -8.75 33.32 3.13
C VAL B 334 -8.55 33.53 1.64
N TYR B 335 -9.42 34.30 0.99
CA TYR B 335 -9.25 34.58 -0.44
C TYR B 335 -8.13 35.57 -0.70
N ALA B 336 -7.61 36.23 0.33
CA ALA B 336 -6.52 37.20 0.22
C ALA B 336 -5.48 36.94 1.31
N TRP B 337 -5.06 35.68 1.42
CA TRP B 337 -4.16 35.27 2.50
C TRP B 337 -2.84 36.03 2.42
N ASN B 338 -2.25 36.26 3.60
CA ASN B 338 -1.02 37.04 3.70
C ASN B 338 0.18 36.12 3.57
N ARG B 339 1.13 36.49 2.71
CA ARG B 339 2.35 35.73 2.49
C ARG B 339 3.55 36.56 2.94
N LYS B 340 4.39 35.97 3.77
CA LYS B 340 5.57 36.62 4.32
C LYS B 340 6.81 35.78 4.03
N ARG B 341 7.93 36.46 3.79
CA ARG B 341 9.20 35.82 3.48
C ARG B 341 10.10 35.89 4.69
N ILE B 342 10.64 34.74 5.10
CA ILE B 342 11.58 34.64 6.21
C ILE B 342 12.89 34.10 5.66
N SER B 343 13.95 34.87 5.80
CA SER B 343 15.26 34.48 5.27
C SER B 343 16.35 35.20 6.05
N ASN B 344 17.56 34.65 5.97
CA ASN B 344 18.76 35.24 6.58
C ASN B 344 18.58 35.44 8.08
N CYS B 345 18.26 34.34 8.77
CA CYS B 345 18.05 34.41 10.22
C CYS B 345 18.22 33.01 10.80
N VAL B 346 18.41 32.97 12.12
CA VAL B 346 18.46 31.72 12.86
C VAL B 346 17.06 31.41 13.37
N ALA B 347 16.55 30.25 12.97
CA ALA B 347 15.18 29.84 13.30
C ALA B 347 15.22 28.92 14.53
N ASP B 348 14.37 29.22 15.50
CA ASP B 348 14.28 28.45 16.74
C ASP B 348 12.86 27.94 16.89
N TYR B 349 12.61 26.72 16.42
CA TYR B 349 11.27 26.13 16.49
C TYR B 349 10.98 25.54 17.86
N SER B 350 11.96 25.53 18.77
CA SER B 350 11.72 24.98 20.10
C SER B 350 10.63 25.74 20.85
N VAL B 351 10.65 27.07 20.76
CA VAL B 351 9.63 27.89 21.41
C VAL B 351 8.45 28.07 20.46
N LEU B 352 7.57 27.07 20.42
CA LEU B 352 6.34 27.16 19.65
C LEU B 352 5.11 26.66 20.41
N TYR B 353 5.28 25.95 21.52
CA TYR B 353 4.16 25.48 22.32
C TYR B 353 3.90 26.43 23.50
N ASN B 354 3.67 27.69 23.15
CA ASN B 354 3.46 28.74 24.13
C ASN B 354 2.26 29.60 23.74
N LEU B 355 1.26 28.99 23.12
CA LEU B 355 0.02 29.67 22.76
C LEU B 355 -1.16 28.89 23.32
N ALA B 356 -2.37 29.23 22.88
CA ALA B 356 -3.54 28.47 23.25
C ALA B 356 -3.39 27.04 22.72
N PRO B 357 -3.98 26.05 23.41
CA PRO B 357 -3.86 24.65 22.95
C PRO B 357 -4.23 24.50 21.48
N PHE B 358 -3.22 24.18 20.67
CA PHE B 358 -3.42 24.10 19.23
C PHE B 358 -4.31 22.92 18.87
N PHE B 359 -5.27 23.17 17.98
CA PHE B 359 -6.19 22.12 17.55
C PHE B 359 -5.70 21.38 16.31
N THR B 360 -4.88 22.02 15.49
CA THR B 360 -4.30 21.37 14.31
C THR B 360 -2.84 21.71 14.21
N PHE B 361 -1.98 20.69 14.20
CA PHE B 361 -0.55 20.87 13.96
C PHE B 361 -0.08 19.64 13.19
N LYS B 362 -0.07 19.73 11.88
CA LYS B 362 0.26 18.58 11.04
C LYS B 362 1.41 18.94 10.12
N CYS B 363 2.46 18.11 10.12
CA CYS B 363 3.68 18.45 9.40
C CYS B 363 4.05 17.37 8.39
N TYR B 364 4.19 17.78 7.13
CA TYR B 364 4.44 16.89 6.01
C TYR B 364 5.86 17.07 5.49
N GLY B 365 6.62 15.98 5.44
CA GLY B 365 7.97 15.97 4.93
C GLY B 365 9.05 16.14 5.96
N VAL B 366 8.74 16.69 7.13
CA VAL B 366 9.71 16.87 8.20
C VAL B 366 9.01 16.56 9.52
N SER B 367 9.68 15.79 10.37
CA SER B 367 9.17 15.48 11.69
C SER B 367 9.35 16.69 12.60
N PRO B 368 8.30 17.23 13.19
CA PRO B 368 8.48 18.40 14.08
C PRO B 368 9.31 18.11 15.32
N THR B 369 9.46 16.84 15.71
CA THR B 369 10.01 16.50 17.01
C THR B 369 11.51 16.78 17.09
N LYS B 370 11.87 17.96 17.61
CA LYS B 370 13.24 18.35 17.86
C LYS B 370 14.11 18.18 16.61
N LEU B 371 13.61 18.71 15.49
CA LEU B 371 14.28 18.60 14.20
C LEU B 371 14.50 19.97 13.60
N ASN B 372 15.02 20.90 14.40
CA ASN B 372 15.42 22.21 13.92
C ASN B 372 16.86 22.22 13.42
N ASP B 373 17.40 21.06 13.06
CA ASP B 373 18.77 20.91 12.58
C ASP B 373 18.89 21.11 11.07
N LEU B 374 17.79 21.20 10.35
CA LEU B 374 17.79 21.27 8.90
C LEU B 374 17.95 22.72 8.44
N CYS B 375 18.78 22.93 7.44
CA CYS B 375 19.00 24.26 6.88
C CYS B 375 18.21 24.42 5.58
N PHE B 376 17.42 25.47 5.49
CA PHE B 376 16.58 25.73 4.35
C PHE B 376 17.03 27.01 3.65
N THR B 377 16.64 27.14 2.38
CA THR B 377 16.98 28.34 1.61
C THR B 377 16.12 29.52 2.04
N ASN B 378 14.80 29.39 1.92
CA ASN B 378 13.87 30.43 2.33
C ASN B 378 12.66 29.78 2.97
N VAL B 379 11.94 30.56 3.78
CA VAL B 379 10.73 30.10 4.44
C VAL B 379 9.58 31.02 4.04
N TYR B 380 8.43 30.41 3.75
CA TYR B 380 7.24 31.17 3.37
C TYR B 380 6.15 30.93 4.41
N ALA B 381 5.55 32.02 4.89
CA ALA B 381 4.48 31.94 5.88
C ALA B 381 3.19 32.45 5.25
N ASP B 382 2.17 31.61 5.21
CA ASP B 382 0.87 31.96 4.65
C ASP B 382 -0.16 31.94 5.77
N SER B 383 -0.69 33.10 6.11
CA SER B 383 -1.62 33.26 7.23
C SER B 383 -2.99 33.66 6.70
N PHE B 384 -4.03 33.00 7.21
CA PHE B 384 -5.39 33.36 6.86
C PHE B 384 -6.34 32.87 7.95
N VAL B 385 -7.64 33.11 7.74
CA VAL B 385 -8.68 32.75 8.69
C VAL B 385 -9.75 31.97 7.96
N ILE B 386 -10.15 30.83 8.53
CA ILE B 386 -11.19 29.98 7.97
C ILE B 386 -12.14 29.55 9.07
N ARG B 387 -13.08 28.67 8.76
CA ARG B 387 -13.93 28.06 9.77
C ARG B 387 -13.40 26.69 10.15
N GLY B 388 -13.87 26.19 11.30
CA GLY B 388 -13.35 24.93 11.81
C GLY B 388 -13.61 23.76 10.88
N ASP B 389 -14.77 23.75 10.22
CA ASP B 389 -15.11 22.66 9.31
C ASP B 389 -14.24 22.64 8.06
N GLU B 390 -13.60 23.76 7.72
CA GLU B 390 -12.77 23.83 6.52
C GLU B 390 -11.29 23.55 6.79
N VAL B 391 -10.90 23.35 8.05
CA VAL B 391 -9.48 23.17 8.38
C VAL B 391 -8.93 21.93 7.70
N ARG B 392 -9.73 20.86 7.62
CA ARG B 392 -9.28 19.64 6.97
C ARG B 392 -8.99 19.85 5.48
N GLN B 393 -9.53 20.90 4.88
CA GLN B 393 -9.28 21.15 3.46
C GLN B 393 -7.85 21.59 3.19
N ILE B 394 -7.12 22.04 4.21
CA ILE B 394 -5.75 22.54 4.02
C ILE B 394 -4.83 21.34 4.24
N ALA B 395 -4.61 20.59 3.17
CA ALA B 395 -3.75 19.41 3.15
C ALA B 395 -3.52 18.96 1.72
N PRO B 396 -2.39 18.32 1.41
CA PRO B 396 -2.18 17.82 0.04
C PRO B 396 -3.23 16.79 -0.33
N GLY B 397 -3.65 16.83 -1.59
CA GLY B 397 -4.66 15.92 -2.08
C GLY B 397 -6.02 16.08 -1.44
N GLN B 398 -6.45 17.32 -1.22
CA GLN B 398 -7.76 17.60 -0.63
C GLN B 398 -8.53 18.52 -1.55
N THR B 399 -9.81 18.20 -1.75
CA THR B 399 -10.69 18.96 -2.62
C THR B 399 -11.80 19.60 -1.81
N GLY B 400 -12.08 20.86 -2.11
CA GLY B 400 -13.12 21.59 -1.40
C GLY B 400 -13.22 23.00 -1.97
N ASN B 401 -14.22 23.72 -1.46
CA ASN B 401 -14.44 25.09 -1.93
C ASN B 401 -13.24 25.97 -1.66
N ILE B 402 -12.75 25.96 -0.41
CA ILE B 402 -11.55 26.72 -0.07
C ILE B 402 -10.35 26.16 -0.82
N ALA B 403 -10.29 24.84 -0.99
CA ALA B 403 -9.13 24.21 -1.61
C ALA B 403 -8.94 24.67 -3.05
N ASP B 404 -10.02 24.71 -3.83
CA ASP B 404 -9.90 25.04 -5.24
C ASP B 404 -10.19 26.49 -5.57
N TYR B 405 -10.79 27.26 -4.65
CA TYR B 405 -11.13 28.65 -4.91
C TYR B 405 -10.40 29.64 -4.03
N ASN B 406 -9.80 29.20 -2.91
CA ASN B 406 -9.14 30.11 -1.99
C ASN B 406 -7.66 29.77 -1.78
N TYR B 407 -7.35 28.50 -1.50
CA TYR B 407 -5.98 28.13 -1.17
C TYR B 407 -5.78 26.66 -1.49
N LYS B 408 -4.88 26.36 -2.43
CA LYS B 408 -4.57 24.99 -2.82
C LYS B 408 -3.15 24.65 -2.42
N LEU B 409 -2.97 23.50 -1.78
CA LEU B 409 -1.65 23.02 -1.40
C LEU B 409 -1.18 21.95 -2.38
N PRO B 410 0.11 21.94 -2.73
CA PRO B 410 0.61 20.95 -3.68
C PRO B 410 0.61 19.55 -3.08
N ASP B 411 0.54 18.56 -3.98
CA ASP B 411 0.57 17.17 -3.55
C ASP B 411 1.92 16.78 -2.98
N ASP B 412 2.99 17.42 -3.43
CA ASP B 412 4.35 17.19 -2.91
C ASP B 412 4.77 18.27 -1.92
N PHE B 413 3.81 18.79 -1.15
CA PHE B 413 4.09 19.89 -0.24
C PHE B 413 5.10 19.48 0.82
N THR B 414 6.12 20.31 1.01
CA THR B 414 7.15 20.10 2.03
C THR B 414 7.08 21.27 2.99
N GLY B 415 6.57 21.01 4.19
CA GLY B 415 6.28 22.09 5.12
C GLY B 415 5.28 21.60 6.14
N CYS B 416 4.53 22.55 6.71
CA CYS B 416 3.59 22.17 7.80
C CYS B 416 2.44 23.15 7.90
N VAL B 417 1.40 22.78 8.66
CA VAL B 417 0.22 23.60 8.89
C VAL B 417 -0.06 23.65 10.38
N ILE B 418 -0.29 24.86 10.90
CA ILE B 418 -0.68 25.08 12.29
C ILE B 418 -1.96 25.91 12.27
N ALA B 419 -3.06 25.31 12.72
CA ALA B 419 -4.36 25.96 12.78
C ALA B 419 -4.86 25.94 14.22
N TRP B 420 -5.25 27.12 14.72
CA TRP B 420 -5.72 27.23 16.10
C TRP B 420 -6.95 28.14 16.15
N ASN B 421 -7.85 27.83 17.08
CA ASN B 421 -9.07 28.60 17.24
C ASN B 421 -8.75 30.00 17.76
N SER B 422 -9.45 30.99 17.21
CA SER B 422 -9.27 32.40 17.57
C SER B 422 -10.63 33.04 17.81
N ASN B 423 -11.49 32.37 18.57
CA ASN B 423 -12.82 32.89 18.83
C ASN B 423 -12.78 34.16 19.67
N LYS B 424 -11.91 34.19 20.68
CA LYS B 424 -11.88 35.32 21.61
C LYS B 424 -11.43 36.62 20.97
N LEU B 425 -10.85 36.58 19.77
CA LEU B 425 -10.32 37.77 19.13
C LEU B 425 -10.98 38.10 17.79
N ASP B 426 -11.64 37.14 17.15
CA ASP B 426 -12.23 37.35 15.83
C ASP B 426 -13.75 37.16 15.83
N SER B 427 -14.37 37.05 16.99
CA SER B 427 -15.83 36.91 17.09
C SER B 427 -16.39 38.15 17.76
N LYS B 428 -17.38 38.77 17.11
CA LYS B 428 -18.04 39.95 17.62
C LYS B 428 -19.53 39.68 17.78
N VAL B 429 -20.14 40.35 18.76
CA VAL B 429 -21.56 40.14 19.04
C VAL B 429 -22.41 40.55 17.85
N SER B 430 -22.09 41.70 17.25
CA SER B 430 -22.85 42.17 16.09
C SER B 430 -22.55 41.36 14.83
N GLY B 431 -21.39 40.71 14.77
CA GLY B 431 -21.02 39.94 13.60
C GLY B 431 -19.87 40.55 12.82
N ASN B 432 -18.81 39.76 12.61
CA ASN B 432 -17.62 40.22 11.90
C ASN B 432 -17.72 39.79 10.45
N TYR B 433 -17.89 40.77 9.56
CA TYR B 433 -17.98 40.53 8.12
C TYR B 433 -16.70 40.88 7.38
N ASN B 434 -15.61 41.11 8.11
CA ASN B 434 -14.36 41.53 7.45
C ASN B 434 -13.67 40.35 6.77
N TYR B 435 -14.04 39.12 7.12
CA TYR B 435 -13.42 37.94 6.53
C TYR B 435 -14.32 37.39 5.42
N LEU B 436 -13.77 37.32 4.21
CA LEU B 436 -14.54 36.90 3.04
C LEU B 436 -13.82 35.74 2.35
N TYR B 437 -14.59 35.00 1.54
CA TYR B 437 -14.06 33.90 0.77
C TYR B 437 -14.67 33.94 -0.63
N ARG B 438 -14.17 33.06 -1.49
CA ARG B 438 -14.64 32.95 -2.87
C ARG B 438 -15.37 31.63 -3.05
N LEU B 439 -16.60 31.68 -3.55
CA LEU B 439 -17.43 30.50 -3.74
C LEU B 439 -17.67 30.16 -5.20
N PHE B 440 -17.63 31.15 -6.09
CA PHE B 440 -17.91 30.95 -7.51
C PHE B 440 -16.68 31.31 -8.32
N ARG B 441 -16.24 30.40 -9.18
CA ARG B 441 -15.11 30.65 -10.07
C ARG B 441 -15.22 29.76 -11.29
N LYS B 442 -14.69 30.24 -12.41
CA LYS B 442 -14.77 29.49 -13.66
C LYS B 442 -13.94 28.22 -13.60
N SER B 443 -12.70 28.33 -13.12
CA SER B 443 -11.79 27.19 -13.06
C SER B 443 -11.09 27.16 -11.70
N ASN B 444 -10.66 25.97 -11.31
CA ASN B 444 -10.01 25.79 -10.02
C ASN B 444 -8.65 26.49 -9.99
N LEU B 445 -8.27 26.96 -8.81
CA LEU B 445 -7.02 27.67 -8.64
C LEU B 445 -5.82 26.72 -8.69
N LYS B 446 -4.72 27.22 -9.22
CA LYS B 446 -3.46 26.50 -9.19
C LYS B 446 -2.82 26.64 -7.81
N PRO B 447 -1.93 25.71 -7.45
CA PRO B 447 -1.31 25.78 -6.11
C PRO B 447 -0.52 27.06 -5.92
N PHE B 448 -0.59 27.61 -4.71
CA PHE B 448 0.10 28.84 -4.32
C PHE B 448 -0.24 29.99 -5.27
N GLU B 449 -1.52 30.15 -5.54
CA GLU B 449 -2.03 31.24 -6.38
C GLU B 449 -3.02 32.07 -5.59
N ARG B 450 -3.01 33.38 -5.84
CA ARG B 450 -3.90 34.32 -5.18
C ARG B 450 -4.88 34.88 -6.21
N ASP B 451 -6.16 34.88 -5.88
CA ASP B 451 -7.22 35.34 -6.78
C ASP B 451 -7.95 36.49 -6.11
N ILE B 452 -7.81 37.69 -6.66
CA ILE B 452 -8.47 38.88 -6.13
C ILE B 452 -9.44 39.43 -7.17
N SER B 453 -9.99 38.55 -7.99
CA SER B 453 -10.93 38.98 -9.03
C SER B 453 -12.24 39.44 -8.42
N THR B 454 -12.69 40.62 -8.83
CA THR B 454 -13.97 41.18 -8.39
C THR B 454 -15.02 41.16 -9.49
N GLU B 455 -14.73 40.54 -10.63
CA GLU B 455 -15.67 40.52 -11.74
C GLU B 455 -16.88 39.65 -11.40
N ILE B 456 -18.03 40.04 -11.93
CA ILE B 456 -19.27 39.33 -11.66
C ILE B 456 -19.25 37.98 -12.37
N TYR B 457 -19.60 36.93 -11.65
CA TYR B 457 -19.58 35.59 -12.21
C TYR B 457 -20.69 35.42 -13.23
N GLN B 458 -20.35 34.90 -14.41
CA GLN B 458 -21.32 34.67 -15.48
C GLN B 458 -21.86 33.25 -15.34
N ALA B 459 -22.81 33.09 -14.43
CA ALA B 459 -23.39 31.77 -14.18
C ALA B 459 -24.13 31.25 -15.41
N GLY B 460 -24.87 32.11 -16.08
CA GLY B 460 -25.58 31.77 -17.28
C GLY B 460 -24.84 32.18 -18.54
N ASN B 461 -25.58 32.30 -19.64
CA ASN B 461 -25.01 32.73 -20.90
C ASN B 461 -25.17 34.22 -21.16
N LYS B 462 -26.20 34.85 -20.59
CA LYS B 462 -26.39 36.28 -20.76
C LYS B 462 -25.33 37.06 -19.99
N PRO B 463 -24.91 38.21 -20.51
CA PRO B 463 -23.95 39.03 -19.78
C PRO B 463 -24.55 39.60 -18.50
N CYS B 464 -23.68 39.81 -17.50
CA CYS B 464 -24.10 40.37 -16.23
C CYS B 464 -24.17 41.89 -16.24
N ASN B 465 -23.56 42.54 -17.25
CA ASN B 465 -23.57 44.00 -17.38
C ASN B 465 -22.96 44.69 -16.17
N GLY B 466 -22.05 44.02 -15.48
CA GLY B 466 -21.35 44.63 -14.37
C GLY B 466 -22.20 44.99 -13.18
N VAL B 467 -23.39 44.39 -13.04
CA VAL B 467 -24.28 44.65 -11.93
C VAL B 467 -24.90 43.33 -11.47
N ALA B 468 -25.40 43.35 -10.24
CA ALA B 468 -26.08 42.17 -9.70
C ALA B 468 -27.37 41.89 -10.44
N GLY B 469 -27.64 40.62 -10.70
CA GLY B 469 -28.84 40.26 -11.42
C GLY B 469 -29.00 38.76 -11.50
N PHE B 470 -29.92 38.34 -12.37
CA PHE B 470 -30.19 36.91 -12.56
C PHE B 470 -28.97 36.21 -13.14
N ASN B 471 -28.69 35.02 -12.62
CA ASN B 471 -27.54 34.22 -13.04
C ASN B 471 -26.24 35.01 -12.90
N CYS B 472 -26.19 35.85 -11.86
CA CYS B 472 -25.03 36.71 -11.61
C CYS B 472 -24.87 36.83 -10.09
N TYR B 473 -24.00 35.99 -9.53
CA TYR B 473 -23.72 35.97 -8.11
C TYR B 473 -22.33 36.57 -7.86
N PHE B 474 -22.23 37.39 -6.82
CA PHE B 474 -20.94 37.99 -6.49
C PHE B 474 -19.96 36.91 -6.04
N PRO B 475 -18.72 36.94 -6.54
CA PRO B 475 -17.75 35.91 -6.15
C PRO B 475 -17.45 35.88 -4.65
N LEU B 476 -17.49 37.03 -3.98
CA LEU B 476 -17.14 37.11 -2.57
C LEU B 476 -18.34 36.85 -1.69
N ARG B 477 -18.14 36.01 -0.68
CA ARG B 477 -19.16 35.69 0.31
C ARG B 477 -18.58 35.91 1.71
N SER B 478 -19.45 36.30 2.63
CA SER B 478 -19.03 36.67 3.98
C SER B 478 -19.23 35.50 4.94
N TYR B 479 -18.26 35.33 5.84
CA TYR B 479 -18.34 34.25 6.82
C TYR B 479 -19.35 34.57 7.92
N SER B 480 -19.44 35.83 8.34
CA SER B 480 -20.34 36.28 9.40
C SER B 480 -20.06 35.51 10.71
N PHE B 481 -18.86 35.74 11.23
CA PHE B 481 -18.42 35.06 12.44
C PHE B 481 -19.05 35.69 13.67
N ARG B 482 -19.62 34.84 14.54
CA ARG B 482 -20.16 35.27 15.82
C ARG B 482 -19.80 34.23 16.87
N PRO B 483 -19.66 34.64 18.14
CA PRO B 483 -19.29 33.67 19.18
C PRO B 483 -20.37 32.62 19.44
N THR B 484 -21.61 32.87 19.03
CA THR B 484 -22.70 31.96 19.34
C THR B 484 -22.82 30.81 18.34
N TYR B 485 -21.99 30.78 17.30
CA TYR B 485 -22.04 29.71 16.32
C TYR B 485 -21.49 28.41 16.90
N GLY B 486 -21.49 27.37 16.07
CA GLY B 486 -20.97 26.09 16.48
C GLY B 486 -19.46 26.03 16.43
N VAL B 487 -18.93 24.87 16.82
CA VAL B 487 -17.48 24.66 16.81
C VAL B 487 -16.96 24.74 15.38
N GLY B 488 -17.67 24.11 14.44
CA GLY B 488 -17.23 24.14 13.06
C GLY B 488 -17.26 25.52 12.44
N HIS B 489 -18.21 26.36 12.86
CA HIS B 489 -18.36 27.70 12.30
C HIS B 489 -17.52 28.75 13.04
N GLN B 490 -16.83 28.37 14.11
CA GLN B 490 -16.00 29.31 14.83
C GLN B 490 -14.79 29.72 13.98
N PRO B 491 -14.35 30.96 14.09
CA PRO B 491 -13.16 31.39 13.33
C PRO B 491 -11.90 30.69 13.81
N TYR B 492 -11.03 30.37 12.87
CA TYR B 492 -9.76 29.71 13.15
C TYR B 492 -8.66 30.39 12.34
N ARG B 493 -7.54 30.66 12.99
CA ARG B 493 -6.39 31.26 12.34
C ARG B 493 -5.41 30.15 11.95
N VAL B 494 -5.00 30.15 10.69
CA VAL B 494 -4.16 29.10 10.13
C VAL B 494 -2.90 29.72 9.54
N VAL B 495 -1.75 29.18 9.91
CA VAL B 495 -0.45 29.57 9.38
C VAL B 495 0.18 28.34 8.73
N VAL B 496 0.59 28.49 7.48
CA VAL B 496 1.20 27.43 6.70
C VAL B 496 2.66 27.82 6.46
N LEU B 497 3.59 26.97 6.88
CA LEU B 497 5.01 27.21 6.69
C LEU B 497 5.51 26.31 5.56
N SER B 498 6.11 26.92 4.55
CA SER B 498 6.69 26.20 3.42
C SER B 498 8.20 26.39 3.42
N PHE B 499 8.92 25.27 3.41
CA PHE B 499 10.38 25.28 3.46
C PHE B 499 10.94 25.03 2.05
N GLU B 500 11.99 25.77 1.72
CA GLU B 500 12.66 25.66 0.44
C GLU B 500 13.97 24.90 0.62
N LEU B 501 14.12 23.80 -0.13
CA LEU B 501 15.32 22.97 -0.07
C LEU B 501 15.85 22.82 -1.49
N LEU B 502 16.91 23.58 -1.81
CA LEU B 502 17.50 23.55 -3.14
C LEU B 502 19.02 23.52 -2.98
N HIS B 503 19.73 23.62 -4.11
CA HIS B 503 21.17 23.73 -4.11
C HIS B 503 21.57 25.20 -3.98
N ALA B 504 21.35 25.72 -2.78
CA ALA B 504 21.50 27.12 -2.44
C ALA B 504 22.33 27.24 -1.17
N PRO B 505 22.83 28.45 -0.86
CA PRO B 505 23.56 28.62 0.41
C PRO B 505 22.78 28.18 1.63
N ALA B 506 21.45 28.32 1.63
CA ALA B 506 20.59 27.78 2.68
C ALA B 506 20.97 28.33 4.06
N THR B 507 20.75 29.63 4.20
CA THR B 507 21.18 30.38 5.40
C THR B 507 20.04 30.58 6.40
N VAL B 508 19.15 29.61 6.56
CA VAL B 508 18.09 29.67 7.57
C VAL B 508 18.04 28.30 8.25
N CYS B 509 18.55 28.24 9.48
CA CYS B 509 18.45 27.02 10.29
C CYS B 509 18.81 27.35 11.74
N GLY B 510 18.77 26.31 12.57
CA GLY B 510 18.76 26.45 14.00
C GLY B 510 20.09 26.85 14.61
N PRO B 511 20.10 27.00 15.94
CA PRO B 511 21.31 27.48 16.65
C PRO B 511 22.30 26.37 16.94
N LYS B 512 23.04 25.95 15.93
CA LYS B 512 24.10 24.97 16.07
C LYS B 512 25.45 25.64 15.84
N LYS B 513 26.33 25.51 16.83
CA LYS B 513 27.64 26.16 16.78
C LYS B 513 28.58 25.40 15.88
N SER B 514 29.50 26.10 15.22
CA SER B 514 30.44 25.47 14.31
C SER B 514 31.74 25.21 15.06
N THR B 515 32.53 24.29 14.51
CA THR B 515 33.81 23.93 15.10
C THR B 515 34.91 24.27 14.10
N ASN B 516 36.14 23.86 14.41
CA ASN B 516 37.27 24.12 13.52
C ASN B 516 37.23 23.17 12.32
N LEU B 517 38.01 23.50 11.30
CA LEU B 517 38.12 22.70 10.08
C LEU B 517 39.41 21.92 10.15
N VAL B 518 39.31 20.59 10.11
CA VAL B 518 40.46 19.69 10.17
C VAL B 518 40.46 18.82 8.91
N LYS B 519 41.65 18.65 8.32
CA LYS B 519 41.79 17.97 7.04
C LYS B 519 42.75 16.79 7.17
N ASN B 520 42.73 15.94 6.14
CA ASN B 520 43.68 14.84 5.98
C ASN B 520 43.49 13.76 7.05
N LYS B 521 42.24 13.40 7.31
CA LYS B 521 41.91 12.29 8.20
C LYS B 521 40.41 12.00 8.11
N CYS B 522 40.06 10.73 8.26
CA CYS B 522 38.66 10.33 8.19
C CYS B 522 37.91 10.86 9.41
N VAL B 523 36.95 11.75 9.19
CA VAL B 523 36.15 12.35 10.25
C VAL B 523 34.69 12.35 9.84
N ASN B 524 33.81 12.58 10.83
CA ASN B 524 32.41 12.84 10.60
C ASN B 524 32.22 14.33 10.35
N PHE B 525 31.53 14.68 9.27
CA PHE B 525 31.33 16.08 8.92
C PHE B 525 29.85 16.39 8.75
N ASN B 526 29.49 17.62 9.07
CA ASN B 526 28.14 18.16 8.91
C ASN B 526 28.30 19.53 8.25
N PHE B 527 28.35 19.54 6.93
CA PHE B 527 28.48 20.77 6.16
C PHE B 527 27.08 21.27 5.83
N ASN B 528 26.60 22.23 6.64
CA ASN B 528 25.35 22.94 6.43
C ASN B 528 24.25 21.91 6.14
N GLY B 529 23.88 21.19 7.19
CA GLY B 529 22.83 20.19 7.09
C GLY B 529 23.19 18.92 6.34
N LEU B 530 24.35 18.87 5.68
CA LEU B 530 24.73 17.70 4.89
C LEU B 530 25.72 16.87 5.71
N LYS B 531 25.29 15.68 6.12
CA LYS B 531 26.08 14.83 7.01
C LYS B 531 26.79 13.73 6.22
N GLY B 532 27.96 13.36 6.69
CA GLY B 532 28.69 12.28 6.05
C GLY B 532 29.95 11.92 6.83
N THR B 533 30.70 10.98 6.27
CA THR B 533 31.94 10.50 6.85
C THR B 533 33.01 10.40 5.77
N GLY B 534 34.23 10.76 6.11
CA GLY B 534 35.33 10.66 5.19
C GLY B 534 36.39 11.70 5.48
N VAL B 535 37.40 11.74 4.62
CA VAL B 535 38.52 12.66 4.72
C VAL B 535 38.31 13.80 3.72
N LEU B 536 38.50 15.02 4.18
CA LEU B 536 38.38 16.21 3.36
C LEU B 536 39.76 16.77 3.06
N THR B 537 40.02 17.05 1.79
CA THR B 537 41.31 17.57 1.36
C THR B 537 41.09 18.81 0.50
N GLU B 538 42.17 19.56 0.29
CA GLU B 538 42.11 20.71 -0.60
C GLU B 538 41.83 20.26 -2.02
N SER B 539 40.86 20.90 -2.66
CA SER B 539 40.43 20.53 -4.00
C SER B 539 41.00 21.49 -5.03
N ASN B 540 41.32 20.95 -6.21
CA ASN B 540 41.89 21.71 -7.31
C ASN B 540 40.87 21.89 -8.45
N LYS B 541 39.59 21.90 -8.12
CA LYS B 541 38.54 22.05 -9.11
C LYS B 541 38.28 23.52 -9.41
N LYS B 542 37.91 23.80 -10.65
CA LYS B 542 37.63 25.17 -11.09
C LYS B 542 36.15 25.48 -10.90
N PHE B 543 35.76 25.57 -9.63
CA PHE B 543 34.38 25.92 -9.29
C PHE B 543 34.07 27.34 -9.76
N LEU B 544 32.81 27.55 -10.11
CA LEU B 544 32.35 28.88 -10.47
C LEU B 544 31.66 29.53 -9.28
N PRO B 545 31.65 30.87 -9.21
CA PRO B 545 31.15 31.55 -8.00
C PRO B 545 29.72 31.19 -7.62
N PHE B 546 28.87 30.86 -8.60
CA PHE B 546 27.49 30.50 -8.28
C PHE B 546 27.32 29.04 -7.87
N GLN B 547 28.35 28.21 -8.05
CA GLN B 547 28.26 26.79 -7.74
C GLN B 547 28.59 26.53 -6.28
N GLN B 548 27.94 25.53 -5.70
CA GLN B 548 28.08 25.19 -4.29
C GLN B 548 28.83 23.88 -4.08
N PHE B 549 28.37 22.78 -4.66
CA PHE B 549 29.01 21.49 -4.49
C PHE B 549 29.13 20.77 -5.82
N GLY B 550 30.12 19.89 -5.91
CA GLY B 550 30.38 19.13 -7.10
C GLY B 550 29.72 17.75 -7.07
N ARG B 551 29.94 17.00 -8.15
CA ARG B 551 29.39 15.66 -8.27
C ARG B 551 30.30 14.83 -9.18
N ASP B 552 30.19 13.52 -9.06
CA ASP B 552 31.01 12.58 -9.81
C ASP B 552 30.16 11.79 -10.79
N ILE B 553 30.84 10.96 -11.59
CA ILE B 553 30.15 10.10 -12.55
C ILE B 553 29.25 9.10 -11.86
N ALA B 554 29.56 8.74 -10.61
CA ALA B 554 28.73 7.83 -9.82
C ALA B 554 27.62 8.58 -9.08
N ASP B 555 27.27 9.78 -9.53
CA ASP B 555 26.17 10.60 -8.98
C ASP B 555 26.16 10.62 -7.46
N THR B 556 27.22 11.14 -6.87
CA THR B 556 27.29 11.35 -5.43
C THR B 556 28.11 12.61 -5.15
N THR B 557 27.89 13.18 -3.96
CA THR B 557 28.58 14.41 -3.59
C THR B 557 30.04 14.10 -3.26
N ASP B 558 30.95 14.63 -4.08
CA ASP B 558 32.38 14.41 -3.88
C ASP B 558 33.16 15.71 -3.75
N ALA B 559 32.49 16.85 -3.65
CA ALA B 559 33.15 18.13 -3.45
C ALA B 559 32.17 19.09 -2.79
N VAL B 560 32.68 19.90 -1.88
CA VAL B 560 31.85 20.83 -1.12
C VAL B 560 32.54 22.19 -1.04
N ARG B 561 31.77 23.21 -0.71
CA ARG B 561 32.28 24.56 -0.49
C ARG B 561 32.06 24.93 0.97
N ASP B 562 33.13 25.40 1.62
CA ASP B 562 33.04 25.77 3.02
C ASP B 562 32.13 26.99 3.16
N PRO B 563 31.11 26.95 4.01
CA PRO B 563 30.17 28.08 4.10
C PRO B 563 30.76 29.29 4.80
N GLN B 564 32.01 29.21 5.23
CA GLN B 564 32.67 30.32 5.90
C GLN B 564 33.75 30.95 5.04
N THR B 565 34.62 30.15 4.43
CA THR B 565 35.65 30.64 3.53
C THR B 565 35.46 30.04 2.14
N LEU B 566 35.79 30.82 1.11
CA LEU B 566 35.62 30.40 -0.27
C LEU B 566 36.68 29.36 -0.63
N GLU B 567 36.48 28.16 -0.09
CA GLU B 567 37.42 27.05 -0.29
C GLU B 567 36.65 25.81 -0.72
N ILE B 568 37.17 25.11 -1.73
CA ILE B 568 36.57 23.89 -2.25
C ILE B 568 37.31 22.70 -1.64
N LEU B 569 36.55 21.79 -1.03
CA LEU B 569 37.10 20.62 -0.37
C LEU B 569 36.63 19.35 -1.08
N ASP B 570 37.59 18.49 -1.42
CA ASP B 570 37.28 17.18 -1.98
C ASP B 570 37.05 16.18 -0.85
N ILE B 571 35.98 15.39 -0.99
CA ILE B 571 35.59 14.41 0.01
C ILE B 571 35.90 13.03 -0.53
N THR B 572 36.70 12.26 0.21
CA THR B 572 36.94 10.87 -0.18
C THR B 572 36.69 9.96 1.00
N PRO B 573 36.24 8.73 0.76
CA PRO B 573 36.07 7.79 1.87
C PRO B 573 37.41 7.38 2.48
N CYS B 574 37.37 7.04 3.76
CA CYS B 574 38.57 6.54 4.43
C CYS B 574 38.88 5.13 3.94
N SER B 575 40.05 4.62 4.34
CA SER B 575 40.61 3.42 3.74
C SER B 575 39.69 2.22 3.91
N PHE B 576 39.70 1.35 2.90
CA PHE B 576 38.78 0.22 2.83
C PHE B 576 39.43 -0.89 2.02
N GLY B 577 38.92 -2.11 2.21
CA GLY B 577 39.43 -3.26 1.48
C GLY B 577 38.87 -4.54 2.02
N GLY B 578 39.30 -5.65 1.41
CA GLY B 578 38.86 -6.98 1.81
C GLY B 578 39.98 -7.81 2.41
N VAL B 579 39.63 -8.79 3.24
CA VAL B 579 40.59 -9.60 3.97
C VAL B 579 40.33 -11.06 3.66
N SER B 580 41.39 -11.80 3.31
CA SER B 580 41.32 -13.23 3.07
C SER B 580 42.26 -13.96 4.01
N VAL B 581 41.82 -15.12 4.50
CA VAL B 581 42.59 -15.92 5.45
C VAL B 581 43.05 -17.20 4.74
N ILE B 582 44.36 -17.42 4.73
CA ILE B 582 44.97 -18.58 4.10
C ILE B 582 45.38 -19.54 5.22
N THR B 583 44.84 -20.76 5.18
CA THR B 583 45.12 -21.74 6.21
C THR B 583 45.26 -23.12 5.58
N PRO B 584 46.09 -23.97 6.16
CA PRO B 584 45.97 -25.40 5.90
C PRO B 584 44.82 -25.96 6.73
N GLY B 585 44.63 -27.27 6.73
CA GLY B 585 43.57 -27.84 7.56
C GLY B 585 43.84 -27.62 9.04
N THR B 586 42.76 -27.50 9.80
CA THR B 586 42.90 -27.48 11.25
C THR B 586 43.41 -28.81 11.79
N ASN B 587 43.27 -29.88 11.02
CA ASN B 587 43.87 -31.17 11.36
C ASN B 587 45.39 -31.15 11.23
N THR B 588 45.96 -30.10 10.63
CA THR B 588 47.39 -29.99 10.43
C THR B 588 48.04 -28.95 11.33
N SER B 589 47.52 -27.73 11.34
CA SER B 589 48.11 -26.65 12.12
C SER B 589 47.07 -25.57 12.39
N ASN B 590 47.38 -24.71 13.34
CA ASN B 590 46.53 -23.57 13.69
C ASN B 590 47.09 -22.25 13.19
N GLN B 591 48.20 -22.27 12.44
CA GLN B 591 48.77 -21.06 11.88
C GLN B 591 48.03 -20.64 10.62
N VAL B 592 47.92 -19.33 10.43
CA VAL B 592 47.23 -18.75 9.28
C VAL B 592 48.06 -17.59 8.74
N ALA B 593 47.71 -17.18 7.52
CA ALA B 593 48.26 -15.97 6.90
C ALA B 593 47.11 -15.10 6.45
N VAL B 594 47.36 -13.80 6.32
CA VAL B 594 46.33 -12.83 6.01
C VAL B 594 46.71 -12.07 4.74
N LEU B 595 45.78 -11.97 3.81
CA LEU B 595 45.96 -11.19 2.59
C LEU B 595 44.98 -10.02 2.61
N TYR B 596 45.51 -8.80 2.59
CA TYR B 596 44.70 -7.60 2.42
C TYR B 596 44.67 -7.28 0.93
N GLN B 597 43.49 -7.36 0.34
CA GLN B 597 43.37 -7.35 -1.11
C GLN B 597 43.45 -5.92 -1.66
N GLY B 598 44.33 -5.73 -2.64
CA GLY B 598 44.46 -4.44 -3.31
C GLY B 598 44.90 -3.32 -2.40
N VAL B 599 45.82 -3.59 -1.48
CA VAL B 599 46.30 -2.61 -0.52
C VAL B 599 47.83 -2.65 -0.52
N ASN B 600 48.45 -1.47 -0.61
CA ASN B 600 49.90 -1.38 -0.51
C ASN B 600 50.35 -1.74 0.89
N CYS B 601 51.52 -2.40 0.97
CA CYS B 601 52.04 -2.82 2.26
C CYS B 601 52.52 -1.66 3.12
N THR B 602 52.70 -0.48 2.55
CA THR B 602 52.99 0.72 3.33
C THR B 602 51.73 1.37 3.88
N GLU B 603 50.55 0.90 3.48
CA GLU B 603 49.28 1.41 3.97
C GLU B 603 48.59 0.39 4.88
N VAL B 604 49.38 -0.42 5.58
CA VAL B 604 48.81 -1.38 6.54
C VAL B 604 48.09 -0.61 7.64
N PRO B 605 46.89 -1.01 8.06
CA PRO B 605 46.14 -0.21 9.05
C PRO B 605 46.89 0.03 10.34
N VAL B 606 47.59 -0.98 10.86
CA VAL B 606 48.32 -0.89 12.12
C VAL B 606 47.38 -0.54 13.27
N ALA B 607 46.90 0.71 13.28
CA ALA B 607 45.95 1.21 14.28
C ALA B 607 46.50 1.12 15.70
N ILE B 608 45.72 1.56 16.69
CA ILE B 608 46.16 1.47 18.07
C ILE B 608 45.16 0.66 18.88
N HIS B 609 43.95 1.18 19.06
CA HIS B 609 42.98 0.42 19.84
C HIS B 609 41.60 0.31 19.21
N ALA B 610 41.09 1.39 18.62
CA ALA B 610 39.70 1.42 18.18
C ALA B 610 39.55 2.15 16.85
N ASP B 611 40.45 1.88 15.91
CA ASP B 611 40.40 2.48 14.58
C ASP B 611 40.42 1.41 13.50
N GLN B 612 39.63 0.35 13.68
CA GLN B 612 39.69 -0.80 12.81
C GLN B 612 38.33 -1.49 12.76
N LEU B 613 37.88 -1.82 11.54
CA LEU B 613 36.68 -2.65 11.40
C LEU B 613 36.99 -4.12 11.70
N THR B 614 38.21 -4.56 11.39
CA THR B 614 38.61 -5.92 11.72
C THR B 614 38.57 -6.10 13.23
N PRO B 615 37.99 -7.19 13.73
CA PRO B 615 37.76 -7.30 15.18
C PRO B 615 39.03 -7.49 16.00
N THR B 616 40.02 -6.62 15.78
CA THR B 616 41.18 -6.47 16.67
C THR B 616 41.96 -7.78 16.83
N TRP B 617 42.56 -8.21 15.73
CA TRP B 617 43.54 -9.29 15.75
C TRP B 617 44.81 -8.85 15.03
N ARG B 618 45.33 -7.68 15.42
CA ARG B 618 46.48 -7.07 14.78
C ARG B 618 47.64 -8.04 14.63
N VAL B 619 48.03 -8.31 13.39
CA VAL B 619 49.23 -9.06 13.06
C VAL B 619 50.03 -8.25 12.05
N TYR B 620 51.32 -8.08 12.31
CA TYR B 620 52.14 -7.25 11.43
C TYR B 620 53.61 -7.47 11.73
N SER B 621 54.41 -7.53 10.67
CA SER B 621 55.89 -7.49 10.73
C SER B 621 56.37 -8.67 11.58
N THR B 622 57.24 -8.41 12.57
CA THR B 622 57.92 -9.41 13.41
C THR B 622 58.26 -10.69 12.65
N GLY B 623 57.95 -11.84 13.23
CA GLY B 623 58.23 -13.11 12.56
C GLY B 623 57.26 -13.47 11.46
N SER B 624 56.15 -12.72 11.34
CA SER B 624 55.19 -13.00 10.28
C SER B 624 55.76 -12.71 8.89
N ASN B 625 56.53 -11.62 8.78
CA ASN B 625 57.10 -11.14 7.52
C ASN B 625 56.02 -10.58 6.61
N VAL B 626 56.33 -9.49 5.90
CA VAL B 626 55.37 -8.79 5.05
C VAL B 626 55.86 -8.87 3.61
N PHE B 627 54.97 -9.31 2.72
CA PHE B 627 55.28 -9.44 1.31
C PHE B 627 54.27 -8.65 0.48
N GLN B 628 54.73 -8.08 -0.63
CA GLN B 628 53.89 -7.31 -1.52
C GLN B 628 53.71 -8.06 -2.82
N THR B 629 52.46 -8.37 -3.17
CA THR B 629 52.10 -8.99 -4.42
C THR B 629 51.13 -8.09 -5.17
N ARG B 630 50.88 -8.42 -6.44
CA ARG B 630 49.90 -7.67 -7.22
C ARG B 630 48.47 -7.93 -6.77
N ALA B 631 48.25 -8.96 -5.94
CA ALA B 631 46.93 -9.23 -5.39
C ALA B 631 46.69 -8.57 -4.05
N GLY B 632 47.70 -7.94 -3.46
CA GLY B 632 47.55 -7.27 -2.20
C GLY B 632 48.78 -7.48 -1.32
N CYS B 633 48.58 -7.26 -0.03
CA CYS B 633 49.65 -7.38 0.96
C CYS B 633 49.47 -8.66 1.76
N LEU B 634 50.53 -9.46 1.83
CA LEU B 634 50.50 -10.75 2.51
C LEU B 634 51.29 -10.66 3.81
N ILE B 635 50.69 -11.14 4.89
CA ILE B 635 51.29 -11.11 6.22
C ILE B 635 51.22 -12.51 6.82
N GLY B 636 52.34 -12.99 7.33
CA GLY B 636 52.40 -14.30 7.95
C GLY B 636 53.03 -15.39 7.10
N ALA B 637 53.48 -15.07 5.90
CA ALA B 637 54.10 -16.04 5.00
C ALA B 637 55.48 -15.54 4.59
N GLU B 638 56.41 -16.47 4.43
CA GLU B 638 57.79 -16.14 4.06
C GLU B 638 58.01 -16.49 2.59
N TYR B 639 58.49 -15.52 1.83
CA TYR B 639 58.73 -15.72 0.41
C TYR B 639 60.05 -16.45 0.19
N VAL B 640 60.04 -17.42 -0.73
CA VAL B 640 61.23 -18.21 -1.05
C VAL B 640 61.47 -18.13 -2.55
N ASN B 641 62.71 -18.41 -2.94
CA ASN B 641 63.13 -18.30 -4.34
C ASN B 641 62.90 -19.58 -5.13
N ASN B 642 62.52 -20.67 -4.48
CA ASN B 642 62.25 -21.91 -5.19
C ASN B 642 60.89 -21.84 -5.89
N SER B 643 60.68 -22.78 -6.80
CA SER B 643 59.43 -22.87 -7.56
C SER B 643 58.86 -24.27 -7.42
N TYR B 644 57.60 -24.36 -7.02
CA TYR B 644 56.89 -25.63 -6.88
C TYR B 644 55.56 -25.53 -7.61
N GLU B 645 54.85 -26.65 -7.65
CA GLU B 645 53.48 -26.65 -8.13
C GLU B 645 52.57 -25.90 -7.17
N CYS B 646 51.52 -25.29 -7.70
CA CYS B 646 50.63 -24.49 -6.87
C CYS B 646 49.86 -25.37 -5.89
N ASP B 647 49.76 -24.91 -4.65
CA ASP B 647 49.02 -25.60 -3.60
C ASP B 647 47.80 -24.79 -3.16
N ILE B 648 48.01 -23.56 -2.72
CA ILE B 648 46.91 -22.64 -2.43
C ILE B 648 47.10 -21.40 -3.31
N PRO B 649 46.21 -21.16 -4.27
CA PRO B 649 46.41 -20.05 -5.21
C PRO B 649 46.15 -18.70 -4.54
N ILE B 650 47.19 -17.88 -4.45
CA ILE B 650 47.05 -16.52 -3.94
C ILE B 650 46.69 -15.55 -5.05
N GLY B 651 47.38 -15.65 -6.18
CA GLY B 651 47.05 -14.82 -7.32
C GLY B 651 48.25 -14.19 -7.99
N ALA B 652 48.07 -13.76 -9.25
CA ALA B 652 49.12 -13.09 -10.02
C ALA B 652 50.39 -13.94 -10.09
N GLY B 653 50.21 -15.26 -10.20
CA GLY B 653 51.33 -16.17 -10.27
C GLY B 653 51.96 -16.53 -8.95
N ILE B 654 51.35 -16.15 -7.83
CA ILE B 654 51.89 -16.41 -6.49
C ILE B 654 51.00 -17.45 -5.82
N CYS B 655 51.62 -18.47 -5.26
CA CYS B 655 50.94 -19.52 -4.52
C CYS B 655 51.55 -19.65 -3.12
N ALA B 656 50.85 -20.38 -2.25
CA ALA B 656 51.29 -20.56 -0.87
C ALA B 656 51.19 -22.03 -0.50
N SER B 657 52.02 -22.44 0.46
CA SER B 657 52.06 -23.84 0.87
C SER B 657 52.56 -23.92 2.31
N TYR B 658 52.39 -25.11 2.90
CA TYR B 658 52.81 -25.38 4.27
C TYR B 658 54.00 -26.35 4.21
N GLN B 659 55.19 -25.81 4.41
CA GLN B 659 56.41 -26.60 4.39
C GLN B 659 57.29 -26.24 5.58
N THR B 660 58.22 -27.13 5.90
CA THR B 660 59.22 -26.84 6.97
C THR B 660 59.51 -25.33 7.04
N GLN B 674 57.19 -26.85 8.82
CA GLN B 674 56.37 -26.30 9.90
C GLN B 674 56.20 -24.80 9.78
N SER B 675 56.04 -24.30 8.56
CA SER B 675 55.83 -22.88 8.33
C SER B 675 55.02 -22.69 7.06
N ILE B 676 54.52 -21.48 6.87
CA ILE B 676 53.76 -21.11 5.68
C ILE B 676 54.68 -20.30 4.78
N ILE B 677 54.85 -20.77 3.54
CA ILE B 677 55.73 -20.11 2.59
C ILE B 677 54.93 -19.71 1.36
N ALA B 678 55.40 -18.65 0.69
CA ALA B 678 54.83 -18.19 -0.56
C ALA B 678 55.90 -18.25 -1.65
N TYR B 679 55.48 -18.55 -2.87
CA TYR B 679 56.42 -18.73 -3.95
C TYR B 679 55.73 -18.44 -5.29
N THR B 680 56.54 -18.44 -6.35
CA THR B 680 56.05 -18.33 -7.70
C THR B 680 55.89 -19.74 -8.28
N MET B 681 54.69 -20.03 -8.76
CA MET B 681 54.40 -21.37 -9.24
C MET B 681 55.21 -21.71 -10.49
N SER B 682 55.62 -22.98 -10.60
CA SER B 682 56.39 -23.45 -11.73
C SER B 682 55.47 -24.14 -12.73
N LEU B 683 55.70 -23.87 -14.02
CA LEU B 683 54.86 -24.45 -15.06
C LEU B 683 55.18 -25.92 -15.30
N GLY B 684 56.43 -26.31 -15.20
CA GLY B 684 56.82 -27.69 -15.42
C GLY B 684 58.32 -27.79 -15.59
N ALA B 685 58.76 -29.01 -15.90
CA ALA B 685 60.18 -29.31 -16.07
C ALA B 685 60.62 -28.97 -17.48
N GLU B 686 61.72 -28.23 -17.60
CA GLU B 686 62.22 -27.84 -18.90
C GLU B 686 62.77 -29.04 -19.65
N ASN B 687 62.58 -29.04 -20.97
CA ASN B 687 63.05 -30.14 -21.81
C ASN B 687 63.50 -29.57 -23.15
N SER B 688 64.41 -30.28 -23.80
CA SER B 688 64.92 -29.89 -25.11
C SER B 688 64.96 -31.10 -26.02
N VAL B 689 64.48 -30.94 -27.25
CA VAL B 689 64.44 -32.01 -28.24
C VAL B 689 65.63 -31.86 -29.18
N ALA B 690 66.34 -32.96 -29.42
CA ALA B 690 67.55 -32.95 -30.23
C ALA B 690 67.15 -33.02 -31.71
N TYR B 691 66.76 -31.87 -32.25
CA TYR B 691 66.39 -31.77 -33.65
C TYR B 691 67.62 -31.71 -34.53
N SER B 692 67.56 -32.34 -35.69
CA SER B 692 68.62 -32.26 -36.69
C SER B 692 68.00 -32.55 -38.06
N ASN B 693 68.84 -32.45 -39.10
CA ASN B 693 68.34 -32.65 -40.46
C ASN B 693 67.93 -34.09 -40.72
N ASN B 694 68.65 -35.06 -40.15
CA ASN B 694 68.47 -36.46 -40.50
C ASN B 694 68.52 -37.36 -39.28
N SER B 695 67.86 -36.96 -38.20
CA SER B 695 67.80 -37.76 -36.99
C SER B 695 66.34 -38.07 -36.65
N ILE B 696 66.08 -39.33 -36.30
CA ILE B 696 64.74 -39.75 -35.93
C ILE B 696 64.83 -40.62 -34.68
N ALA B 697 63.72 -40.69 -33.95
CA ALA B 697 63.61 -41.53 -32.75
C ALA B 697 62.48 -42.52 -32.95
N ILE B 698 62.77 -43.79 -32.75
CA ILE B 698 61.81 -44.88 -32.97
C ILE B 698 61.63 -45.63 -31.66
N PRO B 699 60.40 -45.84 -31.19
CA PRO B 699 60.21 -46.62 -29.96
C PRO B 699 60.51 -48.09 -30.17
N THR B 700 60.96 -48.74 -29.09
CA THR B 700 61.26 -50.16 -29.11
C THR B 700 60.39 -50.98 -28.16
N ASN B 701 59.53 -50.34 -27.38
CA ASN B 701 58.68 -51.05 -26.43
C ASN B 701 57.39 -50.24 -26.25
N PHE B 702 56.47 -50.78 -25.47
CA PHE B 702 55.20 -50.10 -25.25
C PHE B 702 54.67 -50.44 -23.86
N THR B 703 53.67 -49.66 -23.45
CA THR B 703 52.99 -49.82 -22.17
C THR B 703 51.49 -49.73 -22.40
N ILE B 704 50.75 -50.57 -21.67
CA ILE B 704 49.29 -50.54 -21.67
C ILE B 704 48.86 -49.74 -20.45
N SER B 705 48.09 -48.67 -20.66
CA SER B 705 47.69 -47.79 -19.59
C SER B 705 46.18 -47.79 -19.43
N VAL B 706 45.73 -47.72 -18.18
CA VAL B 706 44.31 -47.61 -17.86
C VAL B 706 44.12 -46.35 -17.02
N THR B 707 43.20 -45.48 -17.45
CA THR B 707 42.90 -44.25 -16.74
C THR B 707 41.40 -44.14 -16.51
N THR B 708 41.01 -43.24 -15.60
CA THR B 708 39.62 -43.07 -15.22
C THR B 708 39.13 -41.67 -15.56
N GLU B 709 37.84 -41.59 -15.91
CA GLU B 709 37.18 -40.31 -16.12
C GLU B 709 35.80 -40.36 -15.46
N ILE B 710 35.46 -39.33 -14.69
CA ILE B 710 34.22 -39.29 -13.92
C ILE B 710 33.34 -38.18 -14.47
N LEU B 711 32.09 -38.50 -14.76
CA LEU B 711 31.16 -37.53 -15.34
C LEU B 711 29.82 -37.58 -14.61
N PRO B 712 29.34 -36.46 -14.05
CA PRO B 712 27.98 -36.44 -13.51
C PRO B 712 26.94 -36.51 -14.62
N VAL B 713 25.80 -37.13 -14.29
CA VAL B 713 24.75 -37.40 -15.25
C VAL B 713 23.43 -36.78 -14.84
N SER B 714 23.01 -36.99 -13.60
CA SER B 714 21.68 -36.58 -13.15
C SER B 714 21.77 -35.80 -11.85
N MET B 715 20.70 -35.09 -11.54
CA MET B 715 20.55 -34.27 -10.36
C MET B 715 19.42 -34.80 -9.48
N THR B 716 19.28 -34.22 -8.30
CA THR B 716 18.19 -34.58 -7.40
C THR B 716 16.91 -33.87 -7.81
N LYS B 717 15.81 -34.62 -7.87
CA LYS B 717 14.51 -34.07 -8.23
C LYS B 717 13.78 -33.64 -6.96
N THR B 718 13.45 -32.35 -6.88
CA THR B 718 12.83 -31.78 -5.69
C THR B 718 11.44 -31.24 -6.02
N SER B 719 10.59 -31.23 -5.00
CA SER B 719 9.24 -30.69 -5.09
C SER B 719 9.00 -29.78 -3.90
N VAL B 720 8.20 -28.73 -4.12
CA VAL B 720 7.97 -27.70 -3.12
C VAL B 720 6.47 -27.51 -2.95
N ASP B 721 6.01 -27.51 -1.70
CA ASP B 721 4.65 -27.15 -1.34
C ASP B 721 4.64 -25.67 -0.97
N CYS B 722 4.11 -24.84 -1.87
CA CYS B 722 4.24 -23.40 -1.72
C CYS B 722 3.44 -22.88 -0.52
N THR B 723 2.19 -23.32 -0.40
CA THR B 723 1.33 -22.83 0.67
C THR B 723 1.89 -23.20 2.04
N MET B 724 2.37 -24.43 2.19
CA MET B 724 2.91 -24.85 3.48
C MET B 724 4.24 -24.16 3.78
N TYR B 725 5.06 -23.91 2.75
CA TYR B 725 6.31 -23.19 3.00
C TYR B 725 6.05 -21.75 3.43
N ILE B 726 5.09 -21.08 2.79
CA ILE B 726 4.89 -19.66 3.05
C ILE B 726 4.06 -19.45 4.32
N CYS B 727 2.86 -20.01 4.36
CA CYS B 727 1.93 -19.74 5.45
C CYS B 727 1.91 -20.82 6.53
N GLY B 728 2.73 -21.87 6.39
CA GLY B 728 2.76 -22.90 7.42
C GLY B 728 1.43 -23.59 7.58
N ASP B 729 1.02 -23.78 8.84
CA ASP B 729 -0.20 -24.49 9.16
C ASP B 729 -1.40 -23.58 9.37
N SER B 730 -1.18 -22.27 9.54
CA SER B 730 -2.27 -21.34 9.83
C SER B 730 -3.19 -21.24 8.62
N THR B 731 -4.43 -21.71 8.77
CA THR B 731 -5.38 -21.75 7.67
C THR B 731 -5.89 -20.37 7.27
N GLU B 732 -5.58 -19.33 8.05
CA GLU B 732 -6.05 -17.99 7.74
C GLU B 732 -5.02 -17.17 6.95
N CYS B 733 -3.74 -17.50 7.06
CA CYS B 733 -2.73 -16.86 6.22
C CYS B 733 -2.92 -17.23 4.75
N SER B 734 -3.36 -18.45 4.48
CA SER B 734 -3.48 -18.91 3.10
C SER B 734 -4.51 -18.12 2.32
N ASN B 735 -5.48 -17.51 3.01
CA ASN B 735 -6.48 -16.70 2.32
C ASN B 735 -5.83 -15.48 1.67
N LEU B 736 -4.86 -14.86 2.34
CA LEU B 736 -4.17 -13.72 1.77
C LEU B 736 -3.29 -14.10 0.60
N LEU B 737 -2.85 -15.37 0.52
CA LEU B 737 -1.98 -15.79 -0.56
C LEU B 737 -2.69 -15.76 -1.92
N LEU B 738 -4.01 -15.98 -1.93
CA LEU B 738 -4.76 -16.00 -3.17
C LEU B 738 -4.79 -14.65 -3.87
N GLN B 739 -4.42 -13.56 -3.19
CA GLN B 739 -4.43 -12.23 -3.77
C GLN B 739 -3.12 -11.90 -4.48
N TYR B 740 -2.37 -12.92 -4.90
CA TYR B 740 -1.10 -12.70 -5.59
C TYR B 740 -1.03 -13.38 -6.95
N GLY B 741 -2.16 -13.84 -7.47
CA GLY B 741 -2.17 -14.46 -8.79
C GLY B 741 -1.65 -15.88 -8.78
N SER B 742 -1.24 -16.33 -9.96
CA SER B 742 -0.71 -17.68 -10.15
C SER B 742 0.82 -17.65 -10.01
N PHE B 743 1.25 -17.33 -8.79
CA PHE B 743 2.66 -17.16 -8.49
C PHE B 743 3.43 -18.47 -8.40
N CYS B 744 2.79 -19.56 -7.96
CA CYS B 744 3.51 -20.81 -7.73
C CYS B 744 3.17 -21.91 -8.74
N THR B 745 2.19 -21.70 -9.61
CA THR B 745 2.00 -22.64 -10.71
C THR B 745 3.21 -22.65 -11.63
N GLN B 746 3.82 -21.48 -11.85
CA GLN B 746 5.06 -21.42 -12.61
C GLN B 746 6.16 -22.19 -11.91
N LEU B 747 6.24 -22.07 -10.58
CA LEU B 747 7.23 -22.82 -9.81
C LEU B 747 7.06 -24.32 -10.00
N LYS B 748 5.82 -24.79 -9.89
CA LYS B 748 5.55 -26.22 -10.07
C LYS B 748 5.90 -26.66 -11.49
N ARG B 749 5.57 -25.84 -12.48
CA ARG B 749 5.87 -26.18 -13.87
C ARG B 749 7.37 -26.31 -14.10
N ALA B 750 8.14 -25.35 -13.59
CA ALA B 750 9.59 -25.39 -13.77
C ALA B 750 10.21 -26.59 -13.07
N LEU B 751 9.77 -26.87 -11.84
CA LEU B 751 10.31 -28.01 -11.11
C LEU B 751 9.97 -29.33 -11.79
N THR B 752 8.75 -29.45 -12.33
CA THR B 752 8.38 -30.65 -13.06
C THR B 752 9.22 -30.81 -14.32
N GLY B 753 9.49 -29.71 -15.03
CA GLY B 753 10.35 -29.79 -16.19
C GLY B 753 11.74 -30.28 -15.85
N ILE B 754 12.32 -29.77 -14.77
CA ILE B 754 13.64 -30.24 -14.34
C ILE B 754 13.60 -31.73 -13.99
N ALA B 755 12.54 -32.15 -13.28
CA ALA B 755 12.43 -33.54 -12.86
C ALA B 755 12.35 -34.48 -14.06
N VAL B 756 11.60 -34.10 -15.10
CA VAL B 756 11.53 -34.93 -16.30
C VAL B 756 12.87 -34.93 -17.03
N GLU B 757 13.54 -33.78 -17.06
CA GLU B 757 14.83 -33.69 -17.76
C GLU B 757 15.87 -34.61 -17.13
N GLN B 758 15.84 -34.78 -15.81
CA GLN B 758 16.82 -35.67 -15.16
C GLN B 758 16.67 -37.10 -15.65
N ASP B 759 15.44 -37.60 -15.70
CA ASP B 759 15.20 -38.95 -16.19
C ASP B 759 15.57 -39.08 -17.66
N LYS B 760 15.31 -38.03 -18.44
CA LYS B 760 15.73 -38.05 -19.84
C LYS B 760 17.25 -38.16 -19.96
N ASN B 761 17.99 -37.43 -19.11
CA ASN B 761 19.44 -37.50 -19.13
C ASN B 761 19.93 -38.92 -18.84
N THR B 762 19.40 -39.52 -17.78
CA THR B 762 19.82 -40.88 -17.44
C THR B 762 19.50 -41.86 -18.56
N GLN B 763 18.30 -41.75 -19.15
CA GLN B 763 17.91 -42.66 -20.21
C GLN B 763 18.81 -42.51 -21.44
N GLU B 764 19.12 -41.27 -21.83
CA GLU B 764 19.95 -41.09 -23.01
C GLU B 764 21.40 -41.47 -22.78
N VAL B 765 21.88 -41.45 -21.53
CA VAL B 765 23.24 -41.88 -21.28
C VAL B 765 23.34 -43.40 -21.24
N PHE B 766 22.44 -44.07 -20.50
CA PHE B 766 22.67 -45.48 -20.17
C PHE B 766 21.91 -46.46 -21.06
N ALA B 767 20.80 -46.06 -21.67
CA ALA B 767 19.98 -46.98 -22.45
C ALA B 767 20.35 -46.90 -23.93
N GLN B 768 21.53 -47.46 -24.24
CA GLN B 768 22.05 -47.48 -25.61
C GLN B 768 22.12 -48.89 -26.18
N VAL B 769 21.54 -49.88 -25.51
CA VAL B 769 21.57 -51.27 -25.94
C VAL B 769 20.15 -51.74 -26.19
N LYS B 770 19.93 -52.38 -27.33
CA LYS B 770 18.63 -52.97 -27.64
C LYS B 770 18.36 -54.25 -26.86
N GLN B 771 19.36 -55.10 -26.68
CA GLN B 771 19.22 -56.34 -25.95
C GLN B 771 20.14 -56.35 -24.74
N ILE B 772 19.83 -57.22 -23.79
CA ILE B 772 20.65 -57.41 -22.60
C ILE B 772 21.57 -58.59 -22.87
N TYR B 773 22.82 -58.30 -23.21
CA TYR B 773 23.79 -59.33 -23.52
C TYR B 773 24.31 -59.97 -22.25
N LYS B 774 24.53 -61.29 -22.31
CA LYS B 774 25.01 -62.07 -21.19
C LYS B 774 26.38 -62.64 -21.50
N THR B 775 27.31 -62.50 -20.55
CA THR B 775 28.65 -63.04 -20.70
C THR B 775 28.63 -64.57 -20.60
N PRO B 776 29.52 -65.25 -21.32
CA PRO B 776 29.54 -66.70 -21.25
C PRO B 776 29.93 -67.17 -19.86
N PRO B 777 29.44 -68.34 -19.45
CA PRO B 777 29.81 -68.86 -18.13
C PRO B 777 31.30 -69.08 -17.96
N ILE B 778 32.00 -69.49 -19.01
CA ILE B 778 33.45 -69.66 -18.94
C ILE B 778 34.12 -68.31 -19.17
N LYS B 779 34.96 -67.89 -18.22
CA LYS B 779 35.53 -66.56 -18.21
C LYS B 779 36.99 -66.56 -18.66
N TYR B 780 37.32 -67.36 -19.67
CA TYR B 780 38.65 -67.34 -20.27
C TYR B 780 38.60 -66.50 -21.53
N PHE B 781 39.51 -65.52 -21.62
CA PHE B 781 39.55 -64.60 -22.75
C PHE B 781 40.98 -64.41 -23.23
N GLY B 782 41.74 -65.49 -23.33
CA GLY B 782 43.10 -65.44 -23.84
C GLY B 782 44.13 -64.92 -22.87
N GLY B 783 43.82 -64.85 -21.58
CA GLY B 783 44.74 -64.35 -20.59
C GLY B 783 44.32 -63.07 -19.91
N PHE B 784 43.32 -62.36 -20.43
CA PHE B 784 42.81 -61.15 -19.81
C PHE B 784 41.77 -61.53 -18.75
N ASN B 785 41.87 -60.91 -17.58
CA ASN B 785 41.10 -61.36 -16.42
C ASN B 785 39.66 -60.86 -16.45
N PHE B 786 39.48 -59.54 -16.40
CA PHE B 786 38.19 -58.84 -16.43
C PHE B 786 37.33 -59.08 -15.19
N SER B 787 37.83 -59.79 -14.17
CA SER B 787 37.00 -60.12 -13.02
C SER B 787 36.69 -58.91 -12.16
N GLN B 788 37.45 -57.83 -12.28
CA GLN B 788 37.24 -56.66 -11.43
C GLN B 788 36.14 -55.75 -11.93
N ILE B 789 35.70 -55.91 -13.18
CA ILE B 789 34.65 -55.07 -13.75
C ILE B 789 33.39 -55.85 -14.07
N LEU B 790 33.44 -57.18 -14.04
CA LEU B 790 32.27 -58.00 -14.28
C LEU B 790 31.41 -58.08 -13.02
N PRO B 791 30.10 -58.29 -13.17
CA PRO B 791 29.23 -58.34 -11.99
C PRO B 791 29.57 -59.51 -11.08
N ASP B 792 29.39 -59.29 -9.79
CA ASP B 792 29.64 -60.33 -8.78
C ASP B 792 28.32 -60.95 -8.36
N PRO B 793 28.13 -62.26 -8.56
CA PRO B 793 26.83 -62.87 -8.23
C PRO B 793 26.66 -63.18 -6.76
N SER B 794 27.75 -63.30 -5.99
CA SER B 794 27.62 -63.62 -4.57
C SER B 794 26.91 -62.51 -3.81
N LYS B 795 27.26 -61.26 -4.10
CA LYS B 795 26.63 -60.14 -3.40
C LYS B 795 25.19 -59.95 -3.88
N PRO B 796 24.30 -59.50 -3.00
CA PRO B 796 22.90 -59.31 -3.42
C PRO B 796 22.71 -58.18 -4.40
N SER B 797 23.64 -57.23 -4.48
CA SER B 797 23.47 -56.09 -5.37
C SER B 797 23.84 -56.40 -6.80
N LYS B 798 24.54 -57.51 -7.05
CA LYS B 798 25.00 -57.89 -8.39
C LYS B 798 25.84 -56.78 -9.02
N ARG B 799 26.78 -56.25 -8.24
CA ARG B 799 27.68 -55.19 -8.68
C ARG B 799 29.11 -55.69 -8.67
N SER B 800 29.89 -55.02 -9.52
CA SER B 800 31.31 -55.35 -9.69
C SER B 800 32.13 -54.90 -8.49
N PRO B 801 33.30 -55.50 -8.24
CA PRO B 801 34.17 -55.01 -7.19
C PRO B 801 34.50 -53.50 -7.22
N ILE B 802 34.46 -52.82 -8.37
CA ILE B 802 34.81 -51.37 -8.48
C ILE B 802 33.55 -50.51 -8.29
N GLU B 803 32.40 -50.93 -8.81
CA GLU B 803 31.13 -50.25 -8.61
C GLU B 803 30.76 -50.18 -7.13
N ASP B 804 31.01 -51.26 -6.39
CA ASP B 804 30.73 -51.25 -4.96
C ASP B 804 31.59 -50.24 -4.23
N LEU B 805 32.88 -50.18 -4.58
CA LEU B 805 33.77 -49.18 -3.97
C LEU B 805 33.32 -47.77 -4.30
N LEU B 806 32.90 -47.54 -5.55
CA LEU B 806 32.42 -46.21 -5.94
C LEU B 806 31.17 -45.83 -5.15
N PHE B 807 30.24 -46.77 -4.98
CA PHE B 807 29.03 -46.47 -4.24
C PHE B 807 29.30 -46.27 -2.75
N ASN B 808 30.32 -46.94 -2.21
CA ASN B 808 30.67 -46.73 -0.82
C ASN B 808 31.39 -45.39 -0.62
N LYS B 809 32.12 -44.92 -1.64
CA LYS B 809 32.90 -43.70 -1.47
C LYS B 809 32.01 -42.46 -1.43
N VAL B 810 31.03 -42.38 -2.33
CA VAL B 810 30.18 -41.20 -2.42
C VAL B 810 29.04 -41.34 -1.40
N THR B 811 28.90 -40.34 -0.55
CA THR B 811 27.87 -40.37 0.49
C THR B 811 26.59 -39.71 -0.01
N ALA B 829 16.31 -39.92 19.01
CA ALA B 829 17.54 -39.96 18.24
C ALA B 829 17.70 -38.71 17.38
N ALA B 830 16.97 -37.66 17.76
CA ALA B 830 17.01 -36.34 17.13
C ALA B 830 16.43 -36.37 15.72
N ARG B 831 15.78 -35.28 15.32
CA ARG B 831 15.16 -35.22 14.00
C ARG B 831 16.23 -35.07 12.93
N ASP B 832 16.12 -35.88 11.88
CA ASP B 832 17.05 -35.83 10.77
C ASP B 832 16.83 -34.57 9.94
N LEU B 833 17.84 -34.23 9.13
CA LEU B 833 17.72 -33.07 8.25
C LEU B 833 16.65 -33.28 7.20
N ILE B 834 16.52 -34.51 6.68
CA ILE B 834 15.51 -34.79 5.66
C ILE B 834 14.12 -34.59 6.22
N CYS B 835 13.86 -35.09 7.43
CA CYS B 835 12.55 -34.91 8.05
C CYS B 835 12.28 -33.45 8.36
N ALA B 836 13.30 -32.72 8.81
CA ALA B 836 13.12 -31.30 9.09
C ALA B 836 12.77 -30.52 7.84
N GLN B 837 13.41 -30.85 6.72
CA GLN B 837 13.07 -30.20 5.45
C GLN B 837 11.68 -30.61 4.98
N LYS B 838 11.32 -31.89 5.18
CA LYS B 838 10.02 -32.38 4.72
C LYS B 838 8.88 -31.73 5.49
N PHE B 839 9.07 -31.46 6.79
CA PHE B 839 8.02 -30.82 7.57
C PHE B 839 7.79 -29.37 7.19
N LYS B 840 8.48 -28.84 6.19
CA LYS B 840 8.28 -27.47 5.73
C LYS B 840 7.90 -27.38 4.26
N GLY B 841 7.55 -28.50 3.63
CA GLY B 841 7.06 -28.50 2.27
C GLY B 841 8.06 -28.80 1.18
N LEU B 842 9.25 -29.27 1.52
CA LEU B 842 10.28 -29.60 0.55
C LEU B 842 10.51 -31.11 0.56
N THR B 843 10.31 -31.74 -0.60
CA THR B 843 10.40 -33.19 -0.71
C THR B 843 11.28 -33.59 -1.88
N VAL B 844 11.69 -34.86 -1.89
CA VAL B 844 12.57 -35.41 -2.92
C VAL B 844 11.82 -36.55 -3.62
N LEU B 845 11.83 -36.53 -4.95
CA LEU B 845 11.18 -37.55 -5.75
C LEU B 845 12.17 -38.62 -6.18
N PRO B 846 11.79 -39.90 -6.10
CA PRO B 846 12.71 -40.95 -6.51
C PRO B 846 12.90 -40.97 -8.02
N PRO B 847 14.07 -41.37 -8.51
CA PRO B 847 14.28 -41.48 -9.95
C PRO B 847 13.53 -42.67 -10.54
N LEU B 848 13.30 -42.59 -11.85
CA LEU B 848 12.57 -43.64 -12.54
C LEU B 848 13.34 -44.95 -12.58
N LEU B 849 14.64 -44.89 -12.84
CA LEU B 849 15.48 -46.08 -12.93
C LEU B 849 16.20 -46.30 -11.61
N THR B 850 16.10 -47.51 -11.08
CA THR B 850 16.81 -47.86 -9.86
C THR B 850 18.27 -48.17 -10.17
N ASP B 851 19.06 -48.34 -9.10
CA ASP B 851 20.47 -48.66 -9.28
C ASP B 851 20.67 -50.03 -9.91
N GLU B 852 19.79 -50.98 -9.61
CA GLU B 852 19.89 -52.32 -10.20
C GLU B 852 19.73 -52.27 -11.71
N MET B 853 18.80 -51.44 -12.20
CA MET B 853 18.59 -51.34 -13.65
C MET B 853 19.80 -50.72 -14.34
N ILE B 854 20.40 -49.69 -13.73
CA ILE B 854 21.58 -49.08 -14.32
C ILE B 854 22.75 -50.06 -14.32
N ALA B 855 22.88 -50.84 -13.25
CA ALA B 855 23.91 -51.88 -13.22
C ALA B 855 23.66 -52.93 -14.29
N GLN B 856 22.40 -53.27 -14.55
CA GLN B 856 22.08 -54.21 -15.62
C GLN B 856 22.47 -53.66 -16.98
N TYR B 857 22.19 -52.37 -17.22
CA TYR B 857 22.59 -51.75 -18.48
C TYR B 857 24.10 -51.77 -18.65
N THR B 858 24.84 -51.43 -17.59
CA THR B 858 26.30 -51.43 -17.66
C THR B 858 26.84 -52.84 -17.91
N SER B 859 26.25 -53.84 -17.26
CA SER B 859 26.67 -55.22 -17.48
C SER B 859 26.42 -55.66 -18.91
N ALA B 860 25.28 -55.27 -19.47
CA ALA B 860 24.98 -55.61 -20.86
C ALA B 860 25.99 -54.96 -21.81
N LEU B 861 26.33 -53.70 -21.57
CA LEU B 861 27.32 -53.04 -22.42
C LEU B 861 28.68 -53.72 -22.32
N LEU B 862 29.08 -54.10 -21.10
CA LEU B 862 30.37 -54.76 -20.92
C LEU B 862 30.40 -56.12 -21.61
N ALA B 863 29.33 -56.91 -21.46
CA ALA B 863 29.28 -58.21 -22.11
C ALA B 863 29.31 -58.07 -23.63
N GLY B 864 28.57 -57.10 -24.17
CA GLY B 864 28.60 -56.87 -25.60
C GLY B 864 29.97 -56.50 -26.11
N THR B 865 30.65 -55.58 -25.42
CA THR B 865 31.95 -55.14 -25.91
C THR B 865 33.02 -56.21 -25.70
N ILE B 866 32.83 -57.12 -24.74
CA ILE B 866 33.82 -58.18 -24.56
C ILE B 866 33.60 -59.33 -25.54
N THR B 867 32.35 -59.63 -25.90
CA THR B 867 32.10 -60.78 -26.76
C THR B 867 32.07 -60.43 -28.24
N SER B 868 31.71 -59.20 -28.61
CA SER B 868 31.50 -58.86 -30.01
C SER B 868 32.39 -57.74 -30.54
N GLY B 869 33.05 -56.99 -29.67
CA GLY B 869 33.83 -55.86 -30.12
C GLY B 869 32.97 -54.65 -30.41
N TRP B 870 33.08 -54.09 -31.61
CA TRP B 870 32.29 -52.93 -32.01
C TRP B 870 31.13 -53.30 -32.93
N THR B 871 30.88 -54.59 -33.15
CA THR B 871 29.82 -54.99 -34.08
C THR B 871 28.43 -54.80 -33.51
N PHE B 872 28.26 -54.99 -32.20
CA PHE B 872 26.94 -54.87 -31.60
C PHE B 872 26.44 -53.42 -31.56
N GLY B 873 27.32 -52.45 -31.75
CA GLY B 873 26.92 -51.06 -31.80
C GLY B 873 26.45 -50.57 -33.15
N ALA B 874 26.59 -51.39 -34.19
CA ALA B 874 26.20 -51.01 -35.54
C ALA B 874 25.22 -51.99 -36.18
N GLY B 875 24.73 -52.97 -35.43
CA GLY B 875 23.82 -53.95 -35.99
C GLY B 875 23.79 -55.23 -35.20
N PRO B 876 23.79 -56.37 -35.89
CA PRO B 876 23.83 -57.66 -35.21
C PRO B 876 25.18 -57.87 -34.54
N ALA B 877 25.17 -58.49 -33.37
CA ALA B 877 26.39 -58.77 -32.64
C ALA B 877 27.06 -60.01 -33.20
N LEU B 878 28.30 -59.88 -33.66
CA LEU B 878 29.06 -60.97 -34.25
C LEU B 878 30.20 -61.34 -33.32
N GLN B 879 30.29 -62.62 -32.97
CA GLN B 879 31.29 -63.08 -32.04
C GLN B 879 32.67 -63.13 -32.70
N ILE B 880 33.70 -62.90 -31.88
CA ILE B 880 35.10 -62.90 -32.34
C ILE B 880 35.98 -63.19 -31.14
N PRO B 881 37.03 -64.01 -31.27
CA PRO B 881 37.94 -64.22 -30.15
C PRO B 881 38.59 -62.92 -29.70
N PHE B 882 38.82 -62.80 -28.40
CA PHE B 882 39.28 -61.53 -27.84
C PHE B 882 40.68 -61.17 -28.33
N PRO B 883 41.54 -62.18 -28.53
CA PRO B 883 42.88 -61.90 -29.05
C PRO B 883 42.81 -61.31 -30.46
N MET B 884 41.93 -61.85 -31.31
CA MET B 884 41.77 -61.31 -32.65
C MET B 884 41.18 -59.91 -32.63
N GLN B 885 40.26 -59.64 -31.71
CA GLN B 885 39.73 -58.29 -31.57
C GLN B 885 40.81 -57.32 -31.14
N MET B 886 41.68 -57.74 -30.22
CA MET B 886 42.78 -56.87 -29.79
C MET B 886 43.78 -56.66 -30.91
N ALA B 887 43.99 -57.66 -31.77
CA ALA B 887 44.82 -57.47 -32.95
C ALA B 887 44.20 -56.46 -33.91
N TYR B 888 42.88 -56.52 -34.09
CA TYR B 888 42.20 -55.52 -34.90
C TYR B 888 42.41 -54.12 -34.33
N ARG B 889 42.29 -53.98 -33.01
CA ARG B 889 42.47 -52.67 -32.40
C ARG B 889 43.93 -52.20 -32.51
N PHE B 890 44.89 -53.12 -32.44
CA PHE B 890 46.28 -52.76 -32.68
C PHE B 890 46.47 -52.26 -34.11
N ASN B 891 45.84 -52.93 -35.08
CA ASN B 891 45.88 -52.45 -36.46
C ASN B 891 45.26 -51.07 -36.58
N GLY B 892 44.24 -50.79 -35.76
CA GLY B 892 43.58 -49.50 -35.80
C GLY B 892 44.46 -48.31 -35.45
N ILE B 893 45.54 -48.54 -34.71
CA ILE B 893 46.44 -47.46 -34.30
C ILE B 893 47.75 -47.49 -35.06
N GLY B 894 47.85 -48.28 -36.13
CA GLY B 894 49.03 -48.29 -36.96
C GLY B 894 50.11 -49.27 -36.59
N VAL B 895 49.78 -50.29 -35.78
CA VAL B 895 50.74 -51.32 -35.39
C VAL B 895 50.28 -52.65 -36.00
N THR B 896 51.24 -53.40 -36.53
CA THR B 896 50.90 -54.65 -37.20
C THR B 896 50.44 -55.71 -36.20
N GLN B 897 49.78 -56.74 -36.73
CA GLN B 897 49.15 -57.75 -35.88
C GLN B 897 50.17 -58.67 -35.21
N ASN B 898 51.29 -58.95 -35.88
CA ASN B 898 52.29 -59.84 -35.31
C ASN B 898 52.93 -59.24 -34.06
N VAL B 899 52.85 -57.92 -33.88
CA VAL B 899 53.34 -57.30 -32.66
C VAL B 899 52.52 -57.78 -31.47
N LEU B 900 51.20 -57.83 -31.61
CA LEU B 900 50.36 -58.33 -30.53
C LEU B 900 50.44 -59.84 -30.42
N TYR B 901 50.44 -60.55 -31.54
CA TYR B 901 50.42 -62.00 -31.50
C TYR B 901 51.71 -62.59 -30.92
N GLU B 902 52.80 -61.84 -30.95
CA GLU B 902 54.07 -62.30 -30.41
C GLU B 902 54.35 -61.75 -29.01
N ASN B 903 53.44 -60.96 -28.44
CA ASN B 903 53.60 -60.39 -27.11
C ASN B 903 52.32 -60.52 -26.31
N GLN B 904 51.56 -61.60 -26.53
CA GLN B 904 50.25 -61.72 -25.91
C GLN B 904 50.34 -61.79 -24.39
N LYS B 905 51.28 -62.59 -23.88
CA LYS B 905 51.41 -62.75 -22.43
C LYS B 905 51.80 -61.44 -21.77
N LEU B 906 52.76 -60.72 -22.35
CA LEU B 906 53.20 -59.46 -21.76
C LEU B 906 52.08 -58.43 -21.74
N ILE B 907 51.32 -58.33 -22.84
CA ILE B 907 50.22 -57.38 -22.92
C ILE B 907 49.14 -57.72 -21.91
N ALA B 908 48.79 -59.01 -21.78
CA ALA B 908 47.79 -59.41 -20.81
C ALA B 908 48.25 -59.12 -19.38
N ASN B 909 49.52 -59.38 -19.08
CA ASN B 909 50.04 -59.09 -17.74
C ASN B 909 50.00 -57.59 -17.46
N GLN B 910 50.37 -56.77 -18.44
CA GLN B 910 50.33 -55.32 -18.25
C GLN B 910 48.91 -54.84 -18.00
N PHE B 911 47.94 -55.36 -18.76
CA PHE B 911 46.55 -54.96 -18.56
C PHE B 911 46.06 -55.36 -17.17
N ASN B 912 46.38 -56.58 -16.74
CA ASN B 912 45.95 -57.03 -15.41
C ASN B 912 46.57 -56.17 -14.31
N SER B 913 47.86 -55.86 -14.44
CA SER B 913 48.52 -55.01 -13.44
C SER B 913 47.91 -53.62 -13.40
N ALA B 914 47.59 -53.06 -14.57
CA ALA B 914 46.97 -51.74 -14.59
C ALA B 914 45.59 -51.75 -13.95
N ILE B 915 44.82 -52.82 -14.18
CA ILE B 915 43.51 -52.93 -13.54
C ILE B 915 43.65 -53.02 -12.02
N GLY B 916 44.62 -53.81 -11.55
CA GLY B 916 44.86 -53.88 -10.12
C GLY B 916 45.32 -52.55 -9.53
N LYS B 917 46.11 -51.78 -10.28
CA LYS B 917 46.50 -50.47 -9.82
C LYS B 917 45.31 -49.53 -9.75
N ILE B 918 44.36 -49.64 -10.69
CA ILE B 918 43.13 -48.86 -10.61
C ILE B 918 42.37 -49.21 -9.34
N GLN B 919 42.23 -50.52 -9.08
CA GLN B 919 41.72 -51.02 -7.80
C GLN B 919 42.32 -50.28 -6.61
N ASP B 920 43.65 -50.36 -6.49
CA ASP B 920 44.32 -49.82 -5.31
C ASP B 920 44.17 -48.31 -5.22
N SER B 921 44.33 -47.61 -6.34
CA SER B 921 44.26 -46.15 -6.34
C SER B 921 42.87 -45.67 -5.93
N LEU B 922 41.82 -46.30 -6.46
CA LEU B 922 40.47 -45.89 -6.09
C LEU B 922 40.17 -46.25 -4.65
N SER B 923 40.68 -47.39 -4.17
CA SER B 923 40.41 -47.79 -2.79
C SER B 923 41.12 -46.89 -1.78
N SER B 924 42.34 -46.45 -2.09
CA SER B 924 43.13 -45.70 -1.12
C SER B 924 42.71 -44.24 -1.04
N THR B 925 42.85 -43.51 -2.14
CA THR B 925 42.54 -42.08 -2.14
C THR B 925 41.05 -41.85 -1.92
N PRO B 926 40.72 -40.79 -1.20
CA PRO B 926 39.34 -40.49 -0.82
C PRO B 926 38.77 -39.23 -1.45
N SER B 927 39.55 -38.52 -2.25
CA SER B 927 39.09 -37.28 -2.88
C SER B 927 39.02 -37.39 -4.40
N ALA B 928 38.95 -38.60 -4.93
CA ALA B 928 38.92 -38.78 -6.38
C ALA B 928 37.56 -38.46 -6.99
N LEU B 929 36.48 -38.64 -6.24
CA LEU B 929 35.13 -38.50 -6.75
C LEU B 929 34.50 -37.16 -6.41
N GLY B 930 35.31 -36.14 -6.13
CA GLY B 930 34.79 -34.84 -5.76
C GLY B 930 33.90 -34.21 -6.80
N LYS B 931 34.01 -34.63 -8.06
CA LYS B 931 33.09 -34.15 -9.09
C LYS B 931 31.66 -34.57 -8.78
N LEU B 932 31.47 -35.83 -8.37
CA LEU B 932 30.13 -36.29 -8.04
C LEU B 932 29.66 -35.73 -6.71
N GLN B 933 30.53 -35.74 -5.70
CA GLN B 933 30.14 -35.30 -4.36
C GLN B 933 29.65 -33.86 -4.37
N ASP B 934 30.33 -32.99 -5.13
CA ASP B 934 29.89 -31.60 -5.26
C ASP B 934 28.43 -31.53 -5.69
N VAL B 935 28.05 -32.35 -6.67
CA VAL B 935 26.67 -32.34 -7.16
C VAL B 935 25.72 -32.63 -6.01
N VAL B 936 26.07 -33.55 -5.13
CA VAL B 936 25.26 -33.81 -3.94
C VAL B 936 25.25 -32.58 -3.05
N ASN B 937 26.43 -32.04 -2.74
CA ASN B 937 26.54 -30.97 -1.75
C ASN B 937 25.74 -29.75 -2.18
N HIS B 938 25.92 -29.34 -3.45
CA HIS B 938 25.22 -28.16 -3.94
C HIS B 938 23.71 -28.30 -3.82
N ASN B 939 23.20 -29.53 -3.79
CA ASN B 939 21.78 -29.71 -3.53
C ASN B 939 21.45 -29.44 -2.07
N ALA B 940 22.13 -30.13 -1.16
CA ALA B 940 21.75 -30.07 0.25
C ALA B 940 21.82 -28.65 0.78
N GLN B 941 22.94 -27.98 0.55
CA GLN B 941 23.08 -26.58 0.95
C GLN B 941 21.92 -25.74 0.42
N ALA B 942 21.59 -25.92 -0.85
CA ALA B 942 20.53 -25.12 -1.46
C ALA B 942 19.21 -25.29 -0.71
N LEU B 943 18.95 -26.51 -0.22
CA LEU B 943 17.75 -26.71 0.59
C LEU B 943 17.90 -26.06 1.95
N ASN B 944 19.06 -26.26 2.59
CA ASN B 944 19.24 -25.77 3.97
C ASN B 944 19.04 -24.27 4.04
N THR B 945 19.67 -23.54 3.12
CA THR B 945 19.50 -22.09 3.05
C THR B 945 18.02 -21.73 3.05
N LEU B 946 17.23 -22.40 2.21
CA LEU B 946 15.80 -22.13 2.13
C LEU B 946 15.17 -22.19 3.52
N VAL B 947 15.46 -23.26 4.27
CA VAL B 947 14.87 -23.41 5.59
C VAL B 947 15.28 -22.26 6.48
N LYS B 948 16.56 -21.88 6.44
CA LYS B 948 17.02 -20.76 7.27
C LYS B 948 16.27 -19.49 6.95
N GLN B 949 15.88 -19.29 5.68
CA GLN B 949 15.17 -18.07 5.32
C GLN B 949 13.81 -17.95 5.99
N LEU B 950 13.30 -19.04 6.58
CA LEU B 950 12.06 -18.97 7.33
C LEU B 950 12.22 -18.32 8.70
N SER B 951 13.45 -18.07 9.15
CA SER B 951 13.68 -17.51 10.48
C SER B 951 13.98 -16.02 10.46
N SER B 952 13.85 -15.37 9.30
CA SER B 952 14.13 -13.95 9.19
C SER B 952 12.83 -13.15 9.21
N LYS B 953 12.89 -11.96 9.80
CA LYS B 953 11.68 -11.16 10.01
C LYS B 953 11.29 -10.35 8.78
N PHE B 954 12.26 -10.01 7.92
CA PHE B 954 12.00 -9.21 6.72
C PHE B 954 11.38 -7.85 7.06
N GLY B 955 11.75 -7.28 8.20
CA GLY B 955 11.23 -6.00 8.63
C GLY B 955 9.98 -6.06 9.49
N ALA B 956 9.42 -7.24 9.71
CA ALA B 956 8.22 -7.38 10.52
C ALA B 956 8.58 -7.46 12.00
N ILE B 957 7.55 -7.49 12.85
CA ILE B 957 7.79 -7.57 14.29
C ILE B 957 8.32 -8.95 14.67
N SER B 958 7.82 -10.00 14.04
CA SER B 958 8.24 -11.35 14.37
C SER B 958 8.13 -12.23 13.13
N SER B 959 8.86 -13.34 13.15
CA SER B 959 8.82 -14.30 12.06
C SER B 959 7.75 -15.37 12.23
N VAL B 960 7.06 -15.38 13.36
CA VAL B 960 5.96 -16.31 13.60
C VAL B 960 4.65 -15.58 13.34
N LEU B 961 3.89 -16.06 12.35
CA LEU B 961 2.64 -15.39 11.98
C LEU B 961 1.51 -15.68 12.95
N ASN B 962 1.54 -16.80 13.66
CA ASN B 962 0.51 -17.06 14.67
C ASN B 962 0.60 -16.05 15.80
N ASP B 963 1.81 -15.72 16.24
CA ASP B 963 1.98 -14.70 17.26
C ASP B 963 1.49 -13.34 16.77
N ILE B 964 1.78 -12.99 15.52
CA ILE B 964 1.32 -11.72 14.97
C ILE B 964 -0.20 -11.68 14.94
N PHE B 965 -0.83 -12.76 14.52
CA PHE B 965 -2.29 -12.77 14.40
C PHE B 965 -2.97 -12.77 15.77
N SER B 966 -2.40 -13.46 16.75
CA SER B 966 -2.96 -13.47 18.10
C SER B 966 -2.57 -12.25 18.92
N ARG B 967 -1.66 -11.41 18.41
CA ARG B 967 -1.16 -10.27 19.18
C ARG B 967 -1.96 -9.01 18.90
N LEU B 968 -2.02 -8.59 17.64
CA LEU B 968 -2.48 -7.25 17.32
C LEU B 968 -3.53 -7.21 16.21
N ASP B 969 -3.98 -6.00 15.85
CA ASP B 969 -5.13 -5.73 15.01
C ASP B 969 -4.81 -5.99 13.53
N PRO B 970 -5.83 -6.31 12.74
CA PRO B 970 -5.63 -6.57 11.31
C PRO B 970 -4.98 -5.40 10.58
N PRO B 971 -5.27 -4.14 10.93
CA PRO B 971 -4.64 -3.03 10.18
C PRO B 971 -3.11 -3.10 10.07
N GLU B 972 -2.41 -3.51 11.13
CA GLU B 972 -0.96 -3.67 11.07
C GLU B 972 -0.55 -5.10 10.73
N ALA B 973 -1.37 -6.08 11.11
CA ALA B 973 -1.10 -7.46 10.74
C ALA B 973 -1.06 -7.61 9.23
N GLU B 974 -1.83 -6.81 8.49
CA GLU B 974 -1.77 -6.86 7.04
C GLU B 974 -0.37 -6.53 6.54
N VAL B 975 0.22 -5.45 7.06
CA VAL B 975 1.58 -5.08 6.64
C VAL B 975 2.59 -6.14 7.04
N GLN B 976 2.47 -6.66 8.27
CA GLN B 976 3.41 -7.68 8.72
C GLN B 976 3.37 -8.91 7.84
N ILE B 977 2.16 -9.45 7.59
CA ILE B 977 2.02 -10.63 6.78
C ILE B 977 2.43 -10.36 5.34
N ASP B 978 2.17 -9.15 4.84
CA ASP B 978 2.55 -8.80 3.48
C ASP B 978 4.06 -8.85 3.30
N ARG B 979 4.80 -8.25 4.24
CA ARG B 979 6.25 -8.26 4.09
C ARG B 979 6.82 -9.66 4.27
N LEU B 980 6.26 -10.45 5.19
CA LEU B 980 6.71 -11.84 5.34
C LEU B 980 6.48 -12.63 4.05
N ILE B 981 5.30 -12.47 3.45
CA ILE B 981 4.96 -13.20 2.23
C ILE B 981 5.87 -12.79 1.09
N THR B 982 6.14 -11.49 0.96
CA THR B 982 7.03 -11.03 -0.10
C THR B 982 8.43 -11.62 0.06
N GLY B 983 8.95 -11.63 1.29
CA GLY B 983 10.27 -12.22 1.51
C GLY B 983 10.32 -13.69 1.13
N ARG B 984 9.32 -14.45 1.58
CA ARG B 984 9.30 -15.88 1.28
C ARG B 984 9.18 -16.13 -0.22
N LEU B 985 8.34 -15.37 -0.91
CA LEU B 985 8.19 -15.54 -2.35
C LEU B 985 9.49 -15.22 -3.08
N GLN B 986 10.19 -14.17 -2.66
CA GLN B 986 11.47 -13.83 -3.27
C GLN B 986 12.48 -14.96 -3.08
N SER B 987 12.53 -15.55 -1.88
CA SER B 987 13.45 -16.65 -1.65
C SER B 987 13.13 -17.84 -2.55
N LEU B 988 11.84 -18.17 -2.68
CA LEU B 988 11.46 -19.30 -3.54
C LEU B 988 11.85 -19.04 -5.00
N GLN B 989 11.62 -17.83 -5.49
CA GLN B 989 11.97 -17.51 -6.88
C GLN B 989 13.48 -17.62 -7.11
N THR B 990 14.28 -17.12 -6.15
CA THR B 990 15.73 -17.25 -6.28
C THR B 990 16.15 -18.72 -6.34
N TYR B 991 15.55 -19.55 -5.47
CA TYR B 991 15.88 -20.98 -5.48
C TYR B 991 15.58 -21.60 -6.84
N VAL B 992 14.41 -21.27 -7.41
CA VAL B 992 14.03 -21.87 -8.69
C VAL B 992 14.99 -21.44 -9.80
N THR B 993 15.38 -20.17 -9.82
CA THR B 993 16.31 -19.70 -10.85
C THR B 993 17.65 -20.43 -10.76
N GLN B 994 18.19 -20.57 -9.55
CA GLN B 994 19.45 -21.29 -9.40
C GLN B 994 19.30 -22.74 -9.83
N GLN B 995 18.17 -23.35 -9.52
CA GLN B 995 17.95 -24.74 -9.94
C GLN B 995 17.93 -24.86 -11.46
N LEU B 996 17.31 -23.90 -12.16
CA LEU B 996 17.30 -23.95 -13.61
C LEU B 996 18.71 -23.86 -14.19
N ILE B 997 19.53 -22.95 -13.66
CA ILE B 997 20.89 -22.82 -14.19
C ILE B 997 21.70 -24.10 -13.94
N ARG B 998 21.59 -24.66 -12.73
CA ARG B 998 22.31 -25.90 -12.44
C ARG B 998 21.81 -27.06 -13.30
N ALA B 999 20.52 -27.08 -13.62
CA ALA B 999 19.99 -28.12 -14.50
C ALA B 999 20.58 -28.02 -15.89
N ALA B 1000 20.75 -26.79 -16.39
CA ALA B 1000 21.39 -26.62 -17.70
C ALA B 1000 22.82 -27.16 -17.69
N GLU B 1001 23.56 -26.86 -16.61
CA GLU B 1001 24.93 -27.38 -16.49
C GLU B 1001 24.94 -28.92 -16.51
N ILE B 1002 24.05 -29.53 -15.73
CA ILE B 1002 24.00 -30.98 -15.65
C ILE B 1002 23.63 -31.58 -17.01
N ARG B 1003 22.73 -30.91 -17.75
CA ARG B 1003 22.36 -31.40 -19.07
C ARG B 1003 23.54 -31.40 -20.03
N ALA B 1004 24.36 -30.34 -20.00
CA ALA B 1004 25.55 -30.32 -20.84
C ALA B 1004 26.49 -31.47 -20.49
N SER B 1005 26.69 -31.69 -19.18
CA SER B 1005 27.56 -32.79 -18.77
C SER B 1005 27.02 -34.15 -19.23
N ALA B 1006 25.71 -34.34 -19.14
CA ALA B 1006 25.11 -35.61 -19.55
C ALA B 1006 25.22 -35.82 -21.05
N ASN B 1007 25.09 -34.74 -21.84
CA ASN B 1007 25.29 -34.86 -23.28
C ASN B 1007 26.72 -35.29 -23.61
N LEU B 1008 27.69 -34.70 -22.91
CA LEU B 1008 29.08 -35.12 -23.11
C LEU B 1008 29.26 -36.60 -22.75
N ALA B 1009 28.66 -37.03 -21.65
CA ALA B 1009 28.78 -38.43 -21.24
C ALA B 1009 28.16 -39.37 -22.27
N ALA B 1010 27.01 -39.00 -22.84
CA ALA B 1010 26.39 -39.84 -23.86
C ALA B 1010 27.26 -39.93 -25.10
N THR B 1011 27.87 -38.81 -25.51
CA THR B 1011 28.77 -38.84 -26.66
C THR B 1011 29.97 -39.74 -26.40
N LYS B 1012 30.54 -39.67 -25.19
CA LYS B 1012 31.68 -40.52 -24.86
C LYS B 1012 31.29 -41.99 -24.82
N MET B 1013 30.09 -42.30 -24.33
CA MET B 1013 29.61 -43.68 -24.36
C MET B 1013 29.47 -44.17 -25.79
N SER B 1014 28.96 -43.33 -26.69
CA SER B 1014 28.80 -43.74 -28.07
C SER B 1014 30.13 -43.95 -28.76
N GLU B 1015 31.12 -43.09 -28.51
CA GLU B 1015 32.32 -43.08 -29.34
C GLU B 1015 33.52 -43.80 -28.73
N CYS B 1016 33.59 -43.97 -27.42
CA CYS B 1016 34.73 -44.65 -26.80
C CYS B 1016 34.42 -46.09 -26.39
N VAL B 1017 33.19 -46.39 -26.01
CA VAL B 1017 32.83 -47.74 -25.58
C VAL B 1017 32.33 -48.58 -26.75
N LEU B 1018 31.52 -47.99 -27.63
CA LEU B 1018 30.95 -48.70 -28.76
C LEU B 1018 31.84 -48.66 -30.00
N GLY B 1019 33.02 -48.06 -29.92
CA GLY B 1019 33.93 -48.02 -31.04
C GLY B 1019 35.31 -47.62 -30.60
N GLN B 1020 36.20 -47.50 -31.58
CA GLN B 1020 37.57 -47.04 -31.37
C GLN B 1020 37.70 -45.64 -31.94
N SER B 1021 38.22 -44.71 -31.15
CA SER B 1021 38.22 -43.29 -31.49
C SER B 1021 39.59 -42.84 -31.96
N LYS B 1022 39.62 -42.08 -33.06
CA LYS B 1022 40.84 -41.46 -33.56
C LYS B 1022 41.05 -40.06 -33.04
N ARG B 1023 40.07 -39.48 -32.35
CA ARG B 1023 40.21 -38.13 -31.80
C ARG B 1023 41.24 -38.14 -30.69
N VAL B 1024 42.10 -37.11 -30.67
CA VAL B 1024 43.21 -37.05 -29.74
C VAL B 1024 42.70 -36.59 -28.37
N ASP B 1025 43.01 -37.37 -27.34
CA ASP B 1025 42.70 -37.09 -25.94
C ASP B 1025 41.20 -37.07 -25.65
N PHE B 1026 40.39 -37.68 -26.51
CA PHE B 1026 38.96 -37.78 -26.23
C PHE B 1026 38.64 -38.96 -25.32
N CYS B 1027 39.34 -40.09 -25.49
CA CYS B 1027 39.11 -41.26 -24.67
C CYS B 1027 40.38 -41.66 -23.93
N GLY B 1028 41.05 -40.69 -23.31
CA GLY B 1028 42.24 -40.95 -22.52
C GLY B 1028 43.48 -40.31 -23.14
N LYS B 1029 44.60 -40.52 -22.46
CA LYS B 1029 45.89 -39.99 -22.88
C LYS B 1029 46.70 -41.11 -23.50
N GLY B 1030 47.05 -40.96 -24.77
CA GLY B 1030 47.70 -41.99 -25.54
C GLY B 1030 46.83 -42.43 -26.70
N TYR B 1031 47.26 -43.50 -27.37
CA TYR B 1031 46.50 -44.05 -28.49
C TYR B 1031 45.40 -44.95 -27.94
N HIS B 1032 44.15 -44.55 -28.17
CA HIS B 1032 43.02 -45.23 -27.56
C HIS B 1032 42.87 -46.65 -28.10
N LEU B 1033 42.74 -47.61 -27.19
CA LEU B 1033 42.46 -48.99 -27.55
C LEU B 1033 41.01 -49.37 -27.26
N MET B 1034 40.54 -49.18 -26.02
CA MET B 1034 39.15 -49.50 -25.71
C MET B 1034 38.73 -48.77 -24.44
N SER B 1035 37.47 -48.96 -24.05
CA SER B 1035 36.92 -48.29 -22.88
C SER B 1035 35.84 -49.16 -22.25
N PHE B 1036 35.73 -49.08 -20.92
CA PHE B 1036 34.75 -49.83 -20.16
C PHE B 1036 33.96 -48.89 -19.27
N PRO B 1037 32.64 -49.00 -19.24
CA PRO B 1037 31.83 -48.14 -18.36
C PRO B 1037 31.51 -48.79 -17.02
N GLN B 1038 31.33 -47.93 -16.02
CA GLN B 1038 30.85 -48.33 -14.71
C GLN B 1038 29.90 -47.24 -14.20
N SER B 1039 28.91 -47.66 -13.42
CA SER B 1039 27.94 -46.72 -12.88
C SER B 1039 28.35 -46.24 -11.49
N ALA B 1040 28.03 -45.01 -11.19
CA ALA B 1040 28.33 -44.39 -9.90
C ALA B 1040 27.12 -43.56 -9.49
N PRO B 1041 26.97 -43.27 -8.18
CA PRO B 1041 25.85 -42.43 -7.75
C PRO B 1041 25.79 -41.11 -8.51
N HIS B 1042 24.72 -40.93 -9.28
CA HIS B 1042 24.47 -39.76 -10.10
C HIS B 1042 25.50 -39.55 -11.21
N GLY B 1043 26.16 -40.60 -11.68
CA GLY B 1043 27.16 -40.38 -12.70
C GLY B 1043 27.72 -41.67 -13.26
N VAL B 1044 28.72 -41.50 -14.13
CA VAL B 1044 29.35 -42.60 -14.83
C VAL B 1044 30.86 -42.46 -14.73
N VAL B 1045 31.56 -43.61 -14.75
CA VAL B 1045 33.00 -43.67 -14.71
C VAL B 1045 33.47 -44.48 -15.91
N PHE B 1046 34.41 -43.92 -16.66
CA PHE B 1046 34.97 -44.57 -17.84
C PHE B 1046 36.41 -45.00 -17.54
N LEU B 1047 36.70 -46.27 -17.80
CA LEU B 1047 38.06 -46.80 -17.74
C LEU B 1047 38.59 -46.90 -19.17
N HIS B 1048 39.55 -46.04 -19.50
CA HIS B 1048 40.13 -45.99 -20.84
C HIS B 1048 41.42 -46.80 -20.86
N VAL B 1049 41.54 -47.70 -21.84
CA VAL B 1049 42.73 -48.50 -22.07
C VAL B 1049 43.40 -47.98 -23.32
N THR B 1050 44.65 -47.54 -23.18
CA THR B 1050 45.41 -46.90 -24.25
C THR B 1050 46.81 -47.49 -24.35
N TYR B 1051 47.45 -47.20 -25.47
CA TYR B 1051 48.77 -47.69 -25.85
C TYR B 1051 49.76 -46.53 -25.81
N VAL B 1052 50.89 -46.72 -25.12
CA VAL B 1052 51.89 -45.68 -24.96
C VAL B 1052 53.24 -46.19 -25.42
N PRO B 1053 53.92 -45.52 -26.35
CA PRO B 1053 55.26 -45.95 -26.75
C PRO B 1053 56.28 -45.72 -25.64
N ALA B 1054 57.38 -46.47 -25.70
CA ALA B 1054 58.41 -46.37 -24.69
C ALA B 1054 59.73 -46.92 -25.23
N GLN B 1055 60.82 -46.53 -24.56
CA GLN B 1055 62.17 -47.01 -24.86
C GLN B 1055 62.58 -46.70 -26.30
N GLU B 1056 62.65 -45.40 -26.61
CA GLU B 1056 62.98 -44.96 -27.95
C GLU B 1056 64.48 -45.01 -28.19
N LYS B 1057 64.86 -45.10 -29.46
CA LYS B 1057 66.25 -45.15 -29.89
C LYS B 1057 66.48 -44.19 -31.04
N ASN B 1058 67.72 -43.71 -31.14
CA ASN B 1058 68.14 -42.77 -32.17
C ASN B 1058 68.52 -43.51 -33.44
N PHE B 1059 68.20 -42.90 -34.59
CA PHE B 1059 68.58 -43.44 -35.88
C PHE B 1059 68.80 -42.31 -36.87
N THR B 1060 69.58 -42.59 -37.91
CA THR B 1060 69.72 -41.72 -39.05
C THR B 1060 68.68 -42.10 -40.09
N THR B 1061 68.09 -41.09 -40.74
CA THR B 1061 66.99 -41.31 -41.66
C THR B 1061 67.25 -40.60 -42.98
N ALA B 1062 66.60 -41.08 -44.02
CA ALA B 1062 66.64 -40.50 -45.36
C ALA B 1062 65.24 -40.47 -45.94
N PRO B 1063 64.94 -39.50 -46.81
CA PRO B 1063 63.60 -39.44 -47.40
C PRO B 1063 63.39 -40.41 -48.56
N ALA B 1064 64.47 -40.77 -49.25
CA ALA B 1064 64.37 -41.65 -50.41
C ALA B 1064 65.69 -42.39 -50.61
N ILE B 1065 65.65 -43.44 -51.43
CA ILE B 1065 66.81 -44.24 -51.75
C ILE B 1065 67.07 -44.16 -53.25
N CYS B 1066 68.31 -43.89 -53.63
CA CYS B 1066 68.70 -43.81 -55.03
C CYS B 1066 69.30 -45.13 -55.48
N HIS B 1067 68.74 -45.71 -56.54
CA HIS B 1067 69.22 -46.98 -57.07
C HIS B 1067 68.94 -47.05 -58.56
N ASP B 1068 69.98 -47.33 -59.35
CA ASP B 1068 69.86 -47.45 -60.80
C ASP B 1068 69.26 -46.19 -61.41
N GLY B 1069 69.61 -45.04 -60.86
CA GLY B 1069 69.09 -43.78 -61.35
C GLY B 1069 67.61 -43.55 -61.06
N LYS B 1070 67.05 -44.27 -60.08
CA LYS B 1070 65.64 -44.13 -59.73
C LYS B 1070 65.51 -43.88 -58.24
N ALA B 1071 64.50 -43.10 -57.88
CA ALA B 1071 64.21 -42.76 -56.50
C ALA B 1071 63.13 -43.67 -55.95
N HIS B 1072 63.39 -44.27 -54.80
CA HIS B 1072 62.48 -45.20 -54.14
C HIS B 1072 62.02 -44.61 -52.81
N PHE B 1073 60.73 -44.76 -52.53
CA PHE B 1073 60.07 -44.28 -51.33
C PHE B 1073 59.40 -45.45 -50.61
N PRO B 1074 59.34 -45.42 -49.28
CA PRO B 1074 58.71 -46.53 -48.56
C PRO B 1074 57.20 -46.50 -48.68
N ARG B 1075 56.61 -47.68 -48.83
CA ARG B 1075 55.16 -47.77 -49.00
C ARG B 1075 54.41 -47.47 -47.70
N GLU B 1076 54.89 -48.00 -46.59
CA GLU B 1076 54.18 -47.85 -45.32
C GLU B 1076 55.06 -47.28 -44.22
N GLY B 1077 56.36 -47.55 -44.27
CA GLY B 1077 57.22 -47.22 -43.15
C GLY B 1077 58.15 -46.05 -43.37
N VAL B 1078 59.39 -46.20 -42.89
CA VAL B 1078 60.38 -45.13 -42.93
C VAL B 1078 61.76 -45.78 -42.98
N PHE B 1079 62.69 -45.10 -43.66
CA PHE B 1079 64.05 -45.60 -43.82
C PHE B 1079 64.88 -45.22 -42.59
N VAL B 1080 65.62 -46.19 -42.06
CA VAL B 1080 66.46 -45.97 -40.89
C VAL B 1080 67.82 -46.62 -41.15
N SER B 1081 68.82 -46.13 -40.43
CA SER B 1081 70.18 -46.66 -40.50
C SER B 1081 70.70 -46.90 -39.09
N ASN B 1082 71.23 -48.10 -38.84
CA ASN B 1082 71.83 -48.42 -37.56
C ASN B 1082 73.29 -48.03 -37.48
N GLY B 1083 73.85 -47.45 -38.54
CA GLY B 1083 75.22 -46.99 -38.54
C GLY B 1083 75.97 -47.36 -39.81
N THR B 1084 75.66 -48.54 -40.36
CA THR B 1084 76.34 -48.99 -41.58
C THR B 1084 75.33 -49.46 -42.63
N HIS B 1085 74.19 -49.97 -42.19
CA HIS B 1085 73.22 -50.58 -43.08
C HIS B 1085 71.88 -49.87 -42.99
N TRP B 1086 71.10 -49.98 -44.06
CA TRP B 1086 69.81 -49.32 -44.20
C TRP B 1086 68.68 -50.34 -44.17
N PHE B 1087 67.63 -50.01 -43.42
CA PHE B 1087 66.43 -50.84 -43.32
C PHE B 1087 65.20 -49.95 -43.43
N VAL B 1088 64.05 -50.59 -43.56
CA VAL B 1088 62.75 -49.92 -43.55
C VAL B 1088 61.93 -50.49 -42.40
N THR B 1089 61.33 -49.61 -41.61
CA THR B 1089 60.61 -50.03 -40.41
C THR B 1089 59.27 -49.30 -40.32
N GLN B 1090 58.34 -49.89 -39.57
CA GLN B 1090 57.11 -49.19 -39.27
C GLN B 1090 57.38 -48.07 -38.28
N ARG B 1091 56.48 -47.07 -38.28
CA ARG B 1091 56.76 -45.82 -37.61
C ARG B 1091 56.62 -45.89 -36.09
N ASN B 1092 55.69 -46.70 -35.59
CA ASN B 1092 55.40 -46.74 -34.16
C ASN B 1092 56.07 -47.89 -33.43
N PHE B 1093 56.86 -48.71 -34.11
CA PHE B 1093 57.51 -49.85 -33.48
C PHE B 1093 58.72 -50.23 -34.32
N TYR B 1094 59.86 -50.45 -33.66
CA TYR B 1094 61.10 -50.74 -34.36
C TYR B 1094 61.11 -52.19 -34.82
N GLU B 1095 61.18 -52.39 -36.13
CA GLU B 1095 61.22 -53.74 -36.71
C GLU B 1095 61.90 -53.65 -38.07
N PRO B 1096 63.23 -53.67 -38.09
CA PRO B 1096 63.94 -53.46 -39.35
C PRO B 1096 63.72 -54.60 -40.34
N GLN B 1097 63.76 -54.25 -41.63
CA GLN B 1097 63.56 -55.22 -42.70
C GLN B 1097 64.44 -54.84 -43.88
N ILE B 1098 64.73 -55.82 -44.72
CA ILE B 1098 65.53 -55.60 -45.91
C ILE B 1098 64.75 -54.78 -46.92
N ILE B 1099 65.38 -53.76 -47.48
CA ILE B 1099 64.73 -52.88 -48.45
C ILE B 1099 64.67 -53.62 -49.78
N THR B 1100 63.46 -54.01 -50.19
CA THR B 1100 63.22 -54.71 -51.45
C THR B 1100 62.24 -53.90 -52.29
N THR B 1101 61.91 -54.43 -53.47
CA THR B 1101 60.93 -53.81 -54.34
C THR B 1101 59.50 -54.03 -53.87
N ASP B 1102 59.28 -54.89 -52.88
CA ASP B 1102 57.95 -55.18 -52.39
C ASP B 1102 57.46 -54.21 -51.33
N ASN B 1103 58.36 -53.43 -50.72
CA ASN B 1103 57.98 -52.44 -49.71
C ASN B 1103 58.39 -51.03 -50.11
N THR B 1104 58.65 -50.79 -51.38
CA THR B 1104 59.00 -49.47 -51.88
C THR B 1104 58.31 -49.23 -53.21
N PHE B 1105 58.20 -47.96 -53.59
CA PHE B 1105 57.70 -47.60 -54.91
C PHE B 1105 58.59 -46.52 -55.52
N VAL B 1106 58.61 -46.50 -56.84
CA VAL B 1106 59.53 -45.66 -57.61
C VAL B 1106 58.79 -44.44 -58.15
N SER B 1107 59.48 -43.30 -58.15
CA SER B 1107 58.91 -42.08 -58.72
C SER B 1107 60.06 -41.15 -59.12
N GLY B 1108 60.28 -41.01 -60.42
CA GLY B 1108 61.28 -40.08 -60.91
C GLY B 1108 62.71 -40.55 -60.69
N ASN B 1109 63.63 -39.60 -60.86
CA ASN B 1109 65.05 -39.84 -60.68
C ASN B 1109 65.53 -39.17 -59.40
N CYS B 1110 66.85 -39.19 -59.17
CA CYS B 1110 67.45 -38.76 -57.93
C CYS B 1110 67.90 -37.30 -57.95
N ASP B 1111 67.53 -36.54 -58.97
CA ASP B 1111 67.99 -35.16 -59.13
C ASP B 1111 67.03 -34.13 -58.56
N VAL B 1112 65.92 -34.56 -57.94
CA VAL B 1112 64.92 -33.64 -57.44
C VAL B 1112 64.82 -33.69 -55.91
N VAL B 1113 64.94 -34.87 -55.33
CA VAL B 1113 64.75 -35.03 -53.88
C VAL B 1113 65.98 -34.54 -53.14
N ILE B 1114 65.77 -33.69 -52.15
CA ILE B 1114 66.84 -33.20 -51.29
C ILE B 1114 67.06 -34.21 -50.17
N GLY B 1115 68.30 -34.70 -50.04
CA GLY B 1115 68.64 -35.65 -49.02
C GLY B 1115 68.61 -37.10 -49.42
N ILE B 1116 68.48 -37.40 -50.71
CA ILE B 1116 68.47 -38.79 -51.16
C ILE B 1116 69.84 -39.40 -50.97
N VAL B 1117 69.87 -40.71 -50.67
CA VAL B 1117 71.12 -41.41 -50.40
C VAL B 1117 71.23 -42.61 -51.36
N ASN B 1118 72.46 -43.11 -51.47
CA ASN B 1118 72.77 -44.24 -52.34
C ASN B 1118 72.73 -45.54 -51.55
N ASN B 1119 72.00 -46.52 -52.05
CA ASN B 1119 71.94 -47.84 -51.44
C ASN B 1119 71.48 -48.83 -52.50
N THR B 1120 71.20 -50.06 -52.07
CA THR B 1120 70.81 -51.15 -52.95
C THR B 1120 69.41 -51.61 -52.60
N VAL B 1121 68.58 -51.79 -53.62
CA VAL B 1121 67.22 -52.31 -53.47
C VAL B 1121 67.22 -53.73 -54.03
N TYR B 1122 66.86 -54.69 -53.18
CA TYR B 1122 66.99 -56.11 -53.51
C TYR B 1122 65.77 -56.57 -54.30
N ASP B 1123 66.03 -57.20 -55.45
CA ASP B 1123 64.96 -57.73 -56.29
C ASP B 1123 64.76 -59.20 -55.97
N PRO B 1124 63.60 -59.61 -55.44
CA PRO B 1124 63.40 -61.03 -55.10
C PRO B 1124 63.34 -61.95 -56.31
N LEU B 1125 63.11 -61.42 -57.51
CA LEU B 1125 62.92 -62.27 -58.68
C LEU B 1125 64.23 -62.85 -59.20
N GLN B 1126 65.33 -62.11 -59.09
CA GLN B 1126 66.60 -62.59 -59.64
C GLN B 1126 67.11 -63.87 -59.00
N PRO B 1127 67.17 -63.99 -57.66
CA PRO B 1127 67.64 -65.27 -57.08
C PRO B 1127 66.77 -66.45 -57.45
N GLU B 1128 65.45 -66.25 -57.58
CA GLU B 1128 64.57 -67.35 -57.94
C GLU B 1128 64.73 -67.71 -59.41
N LEU B 1129 64.98 -66.71 -60.27
CA LEU B 1129 65.10 -66.99 -61.70
C LEU B 1129 66.43 -67.66 -62.02
N ASP B 1130 67.52 -67.21 -61.38
CA ASP B 1130 68.82 -67.82 -61.65
C ASP B 1130 68.94 -69.21 -61.04
N SER B 1131 68.08 -69.57 -60.11
CA SER B 1131 68.10 -70.88 -59.49
C SER B 1131 67.20 -71.86 -60.25
N GLN C 1 5.74 63.37 -16.69
CA GLN C 1 5.73 64.05 -17.98
C GLN C 1 6.03 63.07 -19.11
N CYS C 2 5.26 63.17 -20.20
CA CYS C 2 5.35 62.24 -21.31
C CYS C 2 5.70 62.99 -22.59
N VAL C 3 6.36 62.29 -23.51
CA VAL C 3 6.79 62.85 -24.78
C VAL C 3 6.01 62.18 -25.89
N ASN C 4 5.42 62.99 -26.76
CA ASN C 4 4.66 62.49 -27.91
C ASN C 4 5.58 62.37 -29.12
N LEU C 5 5.66 61.17 -29.67
CA LEU C 5 6.48 60.91 -30.86
C LEU C 5 5.97 59.65 -31.53
N THR C 6 5.50 59.79 -32.77
CA THR C 6 4.95 58.68 -33.53
C THR C 6 5.62 58.60 -34.91
N THR C 7 6.91 58.91 -34.96
CA THR C 7 7.69 58.82 -36.20
C THR C 7 8.20 57.42 -36.47
N ARG C 8 7.57 56.41 -35.89
CA ARG C 8 8.00 55.03 -36.08
C ARG C 8 7.89 54.62 -37.54
N THR C 9 8.83 53.80 -37.99
CA THR C 9 8.82 53.24 -39.33
C THR C 9 8.07 51.91 -39.27
N GLN C 10 6.82 51.92 -39.70
CA GLN C 10 5.99 50.72 -39.63
C GLN C 10 6.41 49.73 -40.71
N LEU C 11 6.96 48.60 -40.28
CA LEU C 11 7.40 47.55 -41.20
C LEU C 11 7.31 46.22 -40.47
N PRO C 12 7.08 45.12 -41.17
CA PRO C 12 7.06 43.81 -40.52
C PRO C 12 8.43 43.45 -39.96
N PRO C 13 8.47 42.83 -38.79
CA PRO C 13 9.77 42.42 -38.22
C PRO C 13 10.36 41.27 -39.00
N ALA C 14 11.70 41.19 -38.99
CA ALA C 14 12.36 40.12 -39.71
C ALA C 14 12.26 38.82 -38.95
N TYR C 15 12.43 37.71 -39.66
CA TYR C 15 12.53 36.38 -39.07
C TYR C 15 13.88 35.79 -39.41
N THR C 16 14.57 35.24 -38.40
CA THR C 16 15.89 34.68 -38.61
C THR C 16 16.01 33.36 -37.85
N ASN C 17 17.15 32.71 -37.99
CA ASN C 17 17.38 31.36 -37.47
C ASN C 17 18.26 31.42 -36.24
N SER C 18 17.77 30.82 -35.14
CA SER C 18 18.57 30.58 -33.95
C SER C 18 19.05 29.14 -34.04
N PHE C 19 20.28 28.97 -34.52
CA PHE C 19 20.83 27.64 -34.75
C PHE C 19 21.03 26.86 -33.46
N THR C 20 21.96 27.30 -32.63
CA THR C 20 22.33 26.57 -31.41
C THR C 20 22.56 27.55 -30.26
N ARG C 21 21.68 28.54 -30.12
CA ARG C 21 21.79 29.55 -29.08
C ARG C 21 20.73 29.33 -28.01
N GLY C 22 20.96 29.94 -26.86
CA GLY C 22 20.03 29.86 -25.75
C GLY C 22 20.26 28.74 -24.77
N VAL C 23 21.50 28.25 -24.64
CA VAL C 23 21.83 27.17 -23.72
C VAL C 23 22.39 27.80 -22.45
N TYR C 24 21.83 27.42 -21.30
CA TYR C 24 22.23 27.95 -20.01
C TYR C 24 22.45 26.81 -19.03
N TYR C 25 23.21 27.10 -17.98
CA TYR C 25 23.46 26.11 -16.94
C TYR C 25 22.17 25.86 -16.16
N PRO C 26 21.66 24.62 -16.13
CA PRO C 26 20.37 24.38 -15.48
C PRO C 26 20.44 24.23 -13.96
N ASP C 27 21.63 24.14 -13.38
CA ASP C 27 21.75 23.97 -11.93
C ASP C 27 23.11 24.47 -11.48
N LYS C 28 23.23 24.66 -10.17
CA LYS C 28 24.47 25.11 -9.55
C LYS C 28 25.40 23.98 -9.17
N VAL C 29 25.06 22.74 -9.52
CA VAL C 29 25.91 21.60 -9.22
C VAL C 29 27.06 21.55 -10.21
N PHE C 30 28.28 21.36 -9.71
CA PHE C 30 29.45 21.30 -10.56
C PHE C 30 29.64 19.89 -11.11
N ARG C 31 29.85 19.80 -12.42
CA ARG C 31 30.13 18.53 -13.08
C ARG C 31 31.29 18.73 -14.05
N SER C 32 31.98 17.64 -14.36
CA SER C 32 33.13 17.71 -15.26
C SER C 32 33.33 16.36 -15.92
N SER C 33 33.64 16.39 -17.22
CA SER C 33 33.93 15.19 -18.02
C SER C 33 32.80 14.18 -17.91
N VAL C 34 31.58 14.61 -18.24
CA VAL C 34 30.40 13.77 -18.13
C VAL C 34 29.35 14.28 -19.10
N LEU C 35 28.52 13.37 -19.58
CA LEU C 35 27.36 13.70 -20.41
C LEU C 35 26.11 13.62 -19.54
N HIS C 36 25.34 14.70 -19.50
CA HIS C 36 24.19 14.79 -18.61
C HIS C 36 22.93 15.09 -19.41
N SER C 37 21.87 14.33 -19.14
CA SER C 37 20.58 14.53 -19.78
C SER C 37 19.64 15.23 -18.83
N THR C 38 19.05 16.35 -19.27
CA THR C 38 18.21 17.16 -18.41
C THR C 38 16.98 17.65 -19.17
N GLN C 39 15.83 17.62 -18.50
CA GLN C 39 14.60 18.15 -19.05
C GLN C 39 14.33 19.51 -18.43
N ASP C 40 14.16 20.53 -19.27
CA ASP C 40 14.00 21.89 -18.79
C ASP C 40 13.45 22.76 -19.91
N LEU C 41 13.29 24.05 -19.63
CA LEU C 41 12.83 25.02 -20.62
C LEU C 41 14.04 25.55 -21.38
N PHE C 42 14.10 25.25 -22.67
CA PHE C 42 15.22 25.64 -23.53
C PHE C 42 14.69 26.24 -24.81
N LEU C 43 15.55 26.99 -25.49
CA LEU C 43 15.23 27.46 -26.83
C LEU C 43 15.54 26.36 -27.84
N PRO C 44 14.55 25.87 -28.59
CA PRO C 44 14.80 24.77 -29.53
C PRO C 44 15.83 25.14 -30.59
N PHE C 45 16.61 24.15 -30.99
CA PHE C 45 17.64 24.36 -31.99
C PHE C 45 17.02 24.71 -33.34
N PHE C 46 17.71 25.57 -34.08
CA PHE C 46 17.29 25.98 -35.43
C PHE C 46 15.85 26.49 -35.42
N SER C 47 15.60 27.46 -34.55
CA SER C 47 14.25 27.97 -34.35
C SER C 47 14.07 29.30 -35.06
N ASN C 48 12.81 29.69 -35.24
CA ASN C 48 12.47 30.98 -35.82
C ASN C 48 12.42 32.03 -34.73
N VAL C 49 13.31 33.02 -34.82
CA VAL C 49 13.39 34.10 -33.84
C VAL C 49 13.12 35.43 -34.54
N THR C 50 12.38 36.31 -33.87
CA THR C 50 12.02 37.59 -34.45
C THR C 50 13.16 38.58 -34.29
N TRP C 51 13.38 39.38 -35.32
CA TRP C 51 14.51 40.30 -35.42
C TRP C 51 13.97 41.72 -35.63
N PHE C 52 14.38 42.63 -34.75
CA PHE C 52 14.02 44.04 -34.84
C PHE C 52 15.28 44.87 -34.99
N HIS C 53 15.28 45.76 -35.97
CA HIS C 53 16.43 46.62 -36.26
C HIS C 53 16.07 48.06 -35.92
N VAL C 54 16.97 48.75 -35.22
CA VAL C 54 16.74 50.11 -34.75
C VAL C 54 17.83 51.01 -35.31
N ILE C 55 17.42 52.10 -35.96
CA ILE C 55 18.35 53.08 -36.49
C ILE C 55 17.83 54.48 -36.22
N LYS C 62 13.27 57.64 -39.20
CA LYS C 62 14.22 56.72 -38.58
C LYS C 62 13.52 55.46 -38.08
N ARG C 63 14.31 54.41 -37.86
CA ARG C 63 13.78 53.13 -37.41
C ARG C 63 13.63 53.15 -35.89
N PHE C 64 12.38 53.21 -35.42
CA PHE C 64 12.11 53.26 -33.99
C PHE C 64 10.89 52.39 -33.72
N ASP C 65 11.13 51.12 -33.42
CA ASP C 65 10.06 50.15 -33.18
C ASP C 65 10.29 49.48 -31.84
N ASN C 66 9.40 49.76 -30.88
CA ASN C 66 9.44 49.13 -29.55
C ASN C 66 8.05 48.62 -29.20
N PRO C 67 7.57 47.58 -29.88
CA PRO C 67 6.28 47.01 -29.55
C PRO C 67 6.36 46.12 -28.32
N VAL C 68 5.23 46.02 -27.62
CA VAL C 68 5.17 45.19 -26.43
C VAL C 68 4.95 43.75 -26.86
N LEU C 69 5.92 42.89 -26.58
CA LEU C 69 5.92 41.51 -27.02
C LEU C 69 5.42 40.58 -25.92
N PRO C 70 4.85 39.43 -26.26
CA PRO C 70 4.41 38.48 -25.24
C PRO C 70 5.59 37.92 -24.44
N PHE C 71 5.25 37.34 -23.29
CA PHE C 71 6.23 36.80 -22.35
C PHE C 71 5.81 35.40 -21.93
N ASN C 72 5.63 34.52 -22.91
CA ASN C 72 5.32 33.12 -22.62
C ASN C 72 6.45 32.48 -21.82
N ASP C 73 6.31 31.19 -21.48
CA ASP C 73 6.99 30.55 -20.36
C ASP C 73 8.44 30.99 -20.17
N GLY C 74 9.12 31.34 -21.25
CA GLY C 74 10.46 31.90 -21.14
C GLY C 74 10.73 32.81 -22.31
N VAL C 75 11.79 33.61 -22.20
CA VAL C 75 12.18 34.52 -23.26
C VAL C 75 13.70 34.48 -23.42
N TYR C 76 14.16 34.38 -24.67
CA TYR C 76 15.56 34.52 -25.01
C TYR C 76 15.74 35.83 -25.76
N PHE C 77 16.58 36.71 -25.23
CA PHE C 77 16.81 38.04 -25.78
C PHE C 77 18.26 38.14 -26.25
N ALA C 78 18.45 38.61 -27.47
CA ALA C 78 19.78 38.81 -28.01
C ALA C 78 19.93 40.24 -28.50
N SER C 79 21.12 40.81 -28.33
CA SER C 79 21.39 42.18 -28.73
C SER C 79 22.72 42.24 -29.45
N ILE C 80 22.67 42.61 -30.73
CA ILE C 80 23.86 42.99 -31.48
C ILE C 80 23.95 44.51 -31.43
N GLU C 81 24.97 45.01 -30.74
CA GLU C 81 24.98 46.39 -30.30
C GLU C 81 26.40 46.94 -30.32
N LYS C 82 26.49 48.26 -30.49
CA LYS C 82 27.71 49.02 -30.26
C LYS C 82 27.31 50.33 -29.61
N SER C 83 28.11 50.77 -28.63
CA SER C 83 27.94 52.02 -27.91
C SER C 83 26.66 52.06 -27.05
N ASN C 84 26.11 50.90 -26.71
CA ASN C 84 25.14 50.76 -25.61
C ASN C 84 23.89 51.61 -25.87
N ILE C 85 23.12 51.21 -26.88
CA ILE C 85 21.83 51.84 -27.11
C ILE C 85 20.75 51.21 -26.24
N ILE C 86 20.70 49.87 -26.21
CA ILE C 86 19.71 49.17 -25.39
C ILE C 86 20.05 49.36 -23.92
N ARG C 87 19.05 49.73 -23.12
CA ARG C 87 19.28 50.03 -21.71
C ARG C 87 18.61 49.04 -20.78
N GLY C 88 17.29 48.87 -20.84
CA GLY C 88 16.60 48.05 -19.87
C GLY C 88 15.34 47.39 -20.37
N TRP C 89 14.47 46.99 -19.44
CA TRP C 89 13.26 46.25 -19.79
C TRP C 89 12.17 46.55 -18.78
N ILE C 90 10.92 46.31 -19.20
CA ILE C 90 9.76 46.39 -18.32
C ILE C 90 8.91 45.14 -18.54
N PHE C 91 8.32 44.64 -17.45
CA PHE C 91 7.53 43.43 -17.47
C PHE C 91 6.24 43.64 -16.69
N GLY C 92 5.18 43.02 -17.18
CA GLY C 92 3.89 43.09 -16.51
C GLY C 92 2.82 42.44 -17.37
N THR C 93 1.57 42.61 -16.94
CA THR C 93 0.41 42.13 -17.67
C THR C 93 -0.45 43.27 -18.19
N THR C 94 -0.90 44.15 -17.30
CA THR C 94 -1.69 45.31 -17.68
C THR C 94 -0.83 46.55 -17.88
N LEU C 95 0.32 46.62 -17.21
CA LEU C 95 1.26 47.73 -17.31
C LEU C 95 0.66 49.03 -16.76
N ASP C 96 -0.28 48.90 -15.82
CA ASP C 96 -0.87 50.05 -15.15
C ASP C 96 -0.86 49.82 -13.64
N SER C 97 -1.53 50.72 -12.90
CA SER C 97 -1.59 50.58 -11.45
C SER C 97 -2.50 49.46 -10.98
N LYS C 98 -3.27 48.85 -11.89
CA LYS C 98 -4.19 47.79 -11.50
C LYS C 98 -3.43 46.56 -10.99
N THR C 99 -2.30 46.23 -11.61
CA THR C 99 -1.54 45.03 -11.28
C THR C 99 -0.10 45.40 -10.97
N GLN C 100 0.71 44.37 -10.72
CA GLN C 100 2.11 44.57 -10.37
C GLN C 100 2.94 44.79 -11.63
N SER C 101 3.99 45.60 -11.49
CA SER C 101 4.89 45.90 -12.60
C SER C 101 6.33 45.78 -12.14
N LEU C 102 7.16 45.21 -13.03
CA LEU C 102 8.60 45.03 -12.72
C LEU C 102 9.40 45.78 -13.80
N LEU C 103 10.53 46.37 -13.43
CA LEU C 103 11.30 47.17 -14.37
C LEU C 103 12.79 47.11 -14.01
N ILE C 104 13.63 47.05 -15.03
CA ILE C 104 15.08 47.01 -14.88
C ILE C 104 15.68 48.10 -15.74
N VAL C 105 16.57 48.90 -15.15
CA VAL C 105 17.34 49.91 -15.89
C VAL C 105 18.83 49.64 -15.69
N ASN C 106 19.59 49.80 -16.77
CA ASN C 106 21.04 49.60 -16.77
C ASN C 106 21.71 50.77 -17.48
N ASN C 107 21.38 52.00 -17.05
CA ASN C 107 21.76 53.18 -17.81
C ASN C 107 23.24 53.53 -17.62
N ALA C 108 24.11 52.55 -17.83
CA ALA C 108 25.56 52.69 -17.78
C ALA C 108 26.08 53.19 -16.43
N THR C 109 25.24 53.20 -15.40
CA THR C 109 25.65 53.61 -14.06
C THR C 109 25.58 52.47 -13.07
N ASN C 110 24.41 51.86 -12.90
CA ASN C 110 24.23 50.73 -12.00
C ASN C 110 22.87 50.11 -12.29
N VAL C 111 22.81 48.78 -12.26
CA VAL C 111 21.57 48.08 -12.53
C VAL C 111 20.59 48.33 -11.39
N VAL C 112 19.38 48.77 -11.72
CA VAL C 112 18.33 49.05 -10.74
C VAL C 112 17.08 48.28 -11.13
N ILE C 113 16.55 47.53 -10.16
CA ILE C 113 15.32 46.75 -10.34
C ILE C 113 14.25 47.33 -9.43
N LYS C 114 13.06 47.51 -9.98
CA LYS C 114 11.98 48.24 -9.31
C LYS C 114 10.70 47.46 -9.55
N VAL C 115 10.10 46.96 -8.48
CA VAL C 115 8.91 46.10 -8.57
C VAL C 115 7.81 46.78 -7.77
N CYS C 116 7.01 47.59 -8.47
CA CYS C 116 5.94 48.35 -7.82
C CYS C 116 4.82 48.55 -8.85
N GLU C 117 3.92 49.48 -8.56
CA GLU C 117 2.83 49.84 -9.47
C GLU C 117 3.22 51.06 -10.26
N PHE C 118 3.05 51.00 -11.57
CA PHE C 118 3.47 52.06 -12.49
C PHE C 118 2.27 52.62 -13.24
N GLN C 119 2.51 53.75 -13.90
CA GLN C 119 1.56 54.33 -14.85
C GLN C 119 2.38 54.73 -16.08
N PHE C 120 2.56 53.79 -17.00
CA PHE C 120 3.38 54.02 -18.18
C PHE C 120 2.61 54.82 -19.22
N CYS C 121 3.35 55.51 -20.07
CA CYS C 121 2.76 56.26 -21.18
C CYS C 121 2.63 55.33 -22.38
N ASN C 122 2.21 55.88 -23.52
CA ASN C 122 2.06 55.08 -24.73
C ASN C 122 3.40 54.69 -25.35
N ASP C 123 4.52 55.25 -24.86
CA ASP C 123 5.84 54.87 -25.32
C ASP C 123 6.88 55.19 -24.25
N PRO C 124 7.02 54.35 -23.22
CA PRO C 124 8.06 54.59 -22.21
C PRO C 124 9.46 54.32 -22.75
N PHE C 125 10.32 55.34 -22.72
CA PHE C 125 11.70 55.19 -23.14
C PHE C 125 12.53 56.32 -22.54
N LEU C 126 13.83 56.27 -22.79
CA LEU C 126 14.77 57.30 -22.35
C LEU C 126 15.47 57.91 -23.56
N ASP C 127 16.21 58.98 -23.31
CA ASP C 127 16.92 59.69 -24.38
C ASP C 127 18.41 59.74 -24.11
N MET C 135 24.90 64.42 -22.65
CA MET C 135 24.61 63.88 -21.33
C MET C 135 23.21 63.28 -21.28
N GLU C 136 22.82 62.79 -20.10
CA GLU C 136 21.54 62.12 -19.90
C GLU C 136 20.73 62.92 -18.88
N SER C 137 19.80 63.74 -19.37
CA SER C 137 18.96 64.58 -18.51
C SER C 137 17.52 64.59 -19.02
N GLU C 138 17.01 63.40 -19.37
CA GLU C 138 15.62 63.30 -19.80
C GLU C 138 15.14 61.87 -19.56
N PHE C 139 14.29 61.69 -18.55
CA PHE C 139 13.70 60.40 -18.21
C PHE C 139 12.18 60.52 -18.33
N ARG C 140 11.63 60.01 -19.43
CA ARG C 140 10.18 60.08 -19.68
C ARG C 140 9.66 58.65 -19.83
N VAL C 141 9.36 58.01 -18.71
CA VAL C 141 8.88 56.64 -18.67
C VAL C 141 7.53 56.53 -17.96
N TYR C 142 7.43 57.15 -16.78
CA TYR C 142 6.24 57.01 -15.96
C TYR C 142 5.90 58.34 -15.31
N SER C 143 4.73 58.39 -14.67
CA SER C 143 4.29 59.58 -13.97
C SER C 143 3.68 59.30 -12.60
N SER C 144 3.62 58.04 -12.17
CA SER C 144 3.03 57.68 -10.89
C SER C 144 3.93 56.69 -10.17
N ALA C 145 3.82 56.67 -8.83
CA ALA C 145 4.60 55.77 -7.99
C ALA C 145 3.74 55.34 -6.82
N ASN C 146 3.12 54.16 -6.94
CA ASN C 146 2.26 53.61 -5.91
C ASN C 146 3.09 52.73 -4.97
N ASN C 147 2.42 51.90 -4.18
CA ASN C 147 3.10 51.01 -3.23
C ASN C 147 4.18 50.19 -3.93
N CYS C 148 5.17 49.75 -3.16
CA CYS C 148 6.36 49.08 -3.69
C CYS C 148 6.54 47.75 -2.99
N THR C 149 7.23 46.80 -3.64
CA THR C 149 7.42 45.48 -3.07
C THR C 149 8.88 45.12 -2.85
N PHE C 150 9.74 45.33 -3.86
CA PHE C 150 11.11 44.87 -3.77
C PHE C 150 12.00 45.85 -4.53
N GLU C 151 13.27 45.93 -4.11
CA GLU C 151 14.26 46.78 -4.75
C GLU C 151 15.60 46.06 -4.80
N TYR C 152 16.40 46.39 -5.81
CA TYR C 152 17.71 45.78 -5.99
C TYR C 152 18.62 46.73 -6.75
N VAL C 153 19.82 46.94 -6.22
CA VAL C 153 20.84 47.77 -6.87
C VAL C 153 22.17 47.03 -6.79
N SER C 154 22.88 46.96 -7.92
CA SER C 154 24.16 46.25 -7.96
C SER C 154 24.97 46.79 -9.14
N GLN C 155 26.04 46.07 -9.48
CA GLN C 155 26.91 46.47 -10.57
C GLN C 155 26.17 46.38 -11.90
N PRO C 156 26.46 47.30 -12.83
CA PRO C 156 25.82 47.23 -14.15
C PRO C 156 26.16 45.96 -14.90
N PHE C 157 25.20 45.47 -15.69
CA PHE C 157 25.38 44.22 -16.42
C PHE C 157 26.44 44.37 -17.51
N LEU C 158 26.52 45.54 -18.13
CA LEU C 158 27.47 45.79 -19.21
C LEU C 158 28.92 45.67 -18.75
N ASN C 167 31.53 48.50 -37.58
CA ASN C 167 31.08 47.12 -37.38
C ASN C 167 30.71 46.90 -35.92
N PHE C 168 29.58 46.22 -35.70
CA PHE C 168 29.15 45.91 -34.34
C PHE C 168 30.14 44.98 -33.66
N LYS C 169 30.37 45.21 -32.38
CA LYS C 169 31.36 44.43 -31.64
C LYS C 169 30.80 43.88 -30.34
N ASN C 170 29.56 44.23 -29.99
CA ASN C 170 28.96 43.77 -28.76
C ASN C 170 27.84 42.77 -29.05
N LEU C 171 27.89 41.60 -28.42
CA LEU C 171 26.80 40.64 -28.48
C LEU C 171 26.41 40.27 -27.06
N ARG C 172 25.16 40.51 -26.71
CA ARG C 172 24.65 40.27 -25.37
C ARG C 172 23.49 39.28 -25.44
N GLU C 173 23.56 38.21 -24.66
CA GLU C 173 22.54 37.18 -24.64
C GLU C 173 21.95 37.10 -23.23
N PHE C 174 20.63 37.03 -23.14
CA PHE C 174 19.94 36.96 -21.86
C PHE C 174 18.80 35.96 -21.95
N VAL C 175 18.52 35.31 -20.84
CA VAL C 175 17.40 34.37 -20.72
C VAL C 175 16.59 34.79 -19.50
N PHE C 176 15.30 35.02 -19.70
CA PHE C 176 14.39 35.42 -18.64
C PHE C 176 13.35 34.33 -18.43
N LYS C 177 13.21 33.88 -17.19
CA LYS C 177 12.22 32.88 -16.82
C LYS C 177 11.46 33.35 -15.58
N ASN C 178 10.20 32.94 -15.49
CA ASN C 178 9.34 33.26 -14.34
C ASN C 178 8.70 31.95 -13.89
N ILE C 179 9.34 31.27 -12.93
CA ILE C 179 8.92 29.95 -12.47
C ILE C 179 8.57 30.04 -10.99
N ASP C 180 7.34 29.63 -10.65
CA ASP C 180 6.87 29.59 -9.27
C ASP C 180 7.03 30.93 -8.57
N GLY C 181 6.77 32.01 -9.30
CA GLY C 181 6.90 33.33 -8.73
C GLY C 181 8.33 33.82 -8.59
N TYR C 182 9.30 33.09 -9.12
CA TYR C 182 10.71 33.48 -9.07
C TYR C 182 11.15 33.96 -10.45
N PHE C 183 11.82 35.10 -10.48
CA PHE C 183 12.35 35.65 -11.73
C PHE C 183 13.83 35.28 -11.84
N LYS C 184 14.17 34.51 -12.87
CA LYS C 184 15.52 34.05 -13.10
C LYS C 184 16.07 34.71 -14.37
N ILE C 185 17.26 35.28 -14.27
CA ILE C 185 17.91 35.96 -15.37
C ILE C 185 19.30 35.37 -15.54
N TYR C 186 19.55 34.77 -16.71
CA TYR C 186 20.85 34.29 -17.11
C TYR C 186 21.42 35.23 -18.18
N SER C 187 22.74 35.39 -18.18
CA SER C 187 23.34 36.39 -19.06
C SER C 187 24.67 35.90 -19.59
N LYS C 188 25.08 36.50 -20.72
CA LYS C 188 26.38 36.24 -21.32
C LYS C 188 26.74 37.40 -22.23
N HIS C 189 28.03 37.73 -22.28
CA HIS C 189 28.54 38.81 -23.11
C HIS C 189 29.69 38.29 -23.96
N THR C 190 29.79 38.79 -25.19
CA THR C 190 30.84 38.33 -26.09
C THR C 190 31.14 39.41 -27.12
N PRO C 191 32.36 39.45 -27.66
CA PRO C 191 32.66 40.36 -28.76
C PRO C 191 32.45 39.71 -30.12
N ILE C 192 32.10 40.54 -31.09
CA ILE C 192 31.87 40.07 -32.45
C ILE C 192 32.51 41.03 -33.46
N ASP C 199 21.81 38.43 -38.45
CA ASP C 199 22.14 37.00 -38.45
C ASP C 199 23.00 36.64 -37.24
N LEU C 200 22.43 35.83 -36.34
CA LEU C 200 23.18 35.40 -35.17
C LEU C 200 24.35 34.51 -35.59
N PRO C 201 25.51 34.68 -34.97
CA PRO C 201 26.68 33.87 -35.37
C PRO C 201 26.51 32.41 -34.96
N GLN C 202 27.14 31.53 -35.74
CA GLN C 202 27.09 30.10 -35.46
C GLN C 202 28.16 29.74 -34.44
N GLY C 203 27.75 29.03 -33.40
CA GLY C 203 28.67 28.62 -32.35
C GLY C 203 27.93 28.20 -31.11
N PHE C 204 28.71 27.91 -30.08
CA PHE C 204 28.17 27.50 -28.79
C PHE C 204 28.73 28.38 -27.69
N SER C 205 27.85 28.90 -26.83
CA SER C 205 28.25 29.72 -25.70
C SER C 205 27.18 29.60 -24.62
N ALA C 206 27.52 28.92 -23.53
CA ALA C 206 26.56 28.73 -22.45
C ALA C 206 26.37 30.03 -21.68
N LEU C 207 25.20 30.16 -21.04
CA LEU C 207 24.81 31.37 -20.34
C LEU C 207 24.82 31.09 -18.84
N GLU C 208 25.79 31.66 -18.14
CA GLU C 208 25.90 31.49 -16.70
C GLU C 208 24.81 32.29 -15.99
N PRO C 209 24.22 31.76 -14.92
CA PRO C 209 23.16 32.49 -14.21
C PRO C 209 23.69 33.77 -13.59
N LEU C 210 22.82 34.79 -13.58
CA LEU C 210 23.18 36.09 -13.04
C LEU C 210 22.30 36.50 -11.86
N VAL C 211 20.98 36.49 -12.01
CA VAL C 211 20.08 37.06 -11.02
C VAL C 211 18.95 36.09 -10.72
N ASP C 212 18.58 36.00 -9.44
CA ASP C 212 17.39 35.27 -9.03
C ASP C 212 16.64 36.13 -8.02
N LEU C 213 15.35 36.37 -8.27
CA LEU C 213 14.57 37.29 -7.46
C LEU C 213 13.27 36.64 -7.01
N PRO C 214 12.96 36.68 -5.72
CA PRO C 214 11.65 36.22 -5.19
C PRO C 214 10.57 37.30 -5.32
N ILE C 215 9.97 37.38 -6.50
CA ILE C 215 9.03 38.48 -6.79
C ILE C 215 7.59 37.98 -6.70
N GLY C 216 7.22 37.04 -7.55
CA GLY C 216 5.85 36.58 -7.62
C GLY C 216 4.96 37.53 -8.39
N ILE C 217 5.30 37.77 -9.66
CA ILE C 217 4.58 38.73 -10.50
C ILE C 217 4.04 38.01 -11.72
N ASN C 218 2.79 38.30 -12.05
CA ASN C 218 2.10 37.71 -13.21
C ASN C 218 2.52 38.50 -14.45
N ILE C 219 3.44 37.93 -15.22
CA ILE C 219 4.02 38.58 -16.39
C ILE C 219 3.51 37.91 -17.65
N THR C 220 3.01 38.72 -18.60
CA THR C 220 2.54 38.19 -19.87
C THR C 220 3.14 38.97 -21.03
N ARG C 221 3.38 40.27 -20.82
CA ARG C 221 3.78 41.17 -21.90
C ARG C 221 4.97 42.01 -21.41
N PHE C 222 5.85 42.37 -22.34
CA PHE C 222 7.07 43.08 -21.96
C PHE C 222 7.55 43.95 -23.12
N GLN C 223 8.44 44.89 -22.78
CA GLN C 223 8.92 45.89 -23.73
C GLN C 223 10.41 46.12 -23.51
N THR C 224 11.07 46.61 -24.55
CA THR C 224 12.49 46.96 -24.51
C THR C 224 12.65 48.47 -24.25
N LEU C 225 13.82 48.85 -23.76
CA LEU C 225 14.13 50.23 -23.42
C LEU C 225 15.29 50.74 -24.25
N LEU C 226 15.08 51.86 -24.94
CA LEU C 226 16.07 52.50 -25.77
C LEU C 226 16.44 53.87 -25.20
N ALA C 227 17.65 54.31 -25.53
CA ALA C 227 18.14 55.64 -25.15
C ALA C 227 18.67 56.32 -26.41
N LEU C 228 17.90 57.27 -26.93
CA LEU C 228 18.26 57.92 -28.18
C LEU C 228 19.44 58.87 -27.98
N HIS C 229 20.07 59.23 -29.09
CA HIS C 229 21.20 60.15 -29.10
C HIS C 229 20.73 61.46 -29.75
N ARG C 230 20.32 62.40 -28.90
CA ARG C 230 19.78 63.66 -29.39
C ARG C 230 20.85 64.46 -30.11
N SER C 231 20.44 65.14 -31.18
CA SER C 231 21.37 65.93 -32.00
C SER C 231 21.38 67.39 -31.56
N GLY C 241 14.65 66.17 -31.82
CA GLY C 241 15.52 65.74 -32.90
C GLY C 241 16.65 64.84 -32.45
N TRP C 242 16.51 63.54 -32.69
CA TRP C 242 17.50 62.56 -32.31
C TRP C 242 17.75 61.61 -33.48
N THR C 243 18.93 61.00 -33.47
CA THR C 243 19.32 60.00 -34.47
C THR C 243 19.83 58.76 -33.74
N ALA C 244 18.97 57.75 -33.62
CA ALA C 244 19.36 56.52 -32.94
C ALA C 244 20.42 55.77 -33.73
N GLY C 245 21.39 55.20 -33.02
CA GLY C 245 22.42 54.42 -33.66
C GLY C 245 21.92 53.06 -34.11
N ALA C 246 22.70 52.44 -34.99
CA ALA C 246 22.32 51.13 -35.52
C ALA C 246 22.43 50.08 -34.43
N ALA C 247 21.39 49.26 -34.30
CA ALA C 247 21.36 48.20 -33.30
C ALA C 247 20.35 47.15 -33.75
N ALA C 248 20.49 45.94 -33.20
CA ALA C 248 19.55 44.88 -33.54
C ALA C 248 19.25 44.08 -32.28
N TYR C 249 17.99 43.68 -32.11
CA TYR C 249 17.64 42.80 -31.01
C TYR C 249 16.69 41.71 -31.49
N TYR C 250 16.94 40.50 -31.02
CA TYR C 250 16.23 39.30 -31.42
C TYR C 250 15.50 38.71 -30.21
N VAL C 251 14.33 38.15 -30.46
CA VAL C 251 13.48 37.58 -29.42
C VAL C 251 13.09 36.16 -29.83
N GLY C 252 13.26 35.21 -28.91
CA GLY C 252 12.80 33.86 -29.11
C GLY C 252 12.09 33.34 -27.88
N TYR C 253 11.29 32.29 -28.09
CA TYR C 253 10.47 31.72 -27.04
C TYR C 253 11.02 30.37 -26.61
N LEU C 254 10.91 30.08 -25.30
CA LEU C 254 11.40 28.84 -24.74
C LEU C 254 10.30 27.79 -24.70
N GLN C 255 10.71 26.53 -24.78
CA GLN C 255 9.79 25.40 -24.75
C GLN C 255 10.37 24.32 -23.85
N PRO C 256 9.52 23.48 -23.25
CA PRO C 256 10.02 22.39 -22.40
C PRO C 256 10.47 21.21 -23.24
N ARG C 257 11.71 20.78 -23.03
CA ARG C 257 12.27 19.67 -23.79
C ARG C 257 13.47 19.11 -23.06
N THR C 258 13.98 17.99 -23.58
CA THR C 258 15.13 17.29 -23.01
C THR C 258 16.37 17.58 -23.84
N PHE C 259 17.47 17.88 -23.17
CA PHE C 259 18.75 18.15 -23.80
C PHE C 259 19.81 17.23 -23.23
N LEU C 260 20.86 17.00 -24.03
CA LEU C 260 22.02 16.23 -23.61
C LEU C 260 23.23 17.14 -23.68
N LEU C 261 23.78 17.51 -22.53
CA LEU C 261 24.88 18.46 -22.43
C LEU C 261 26.19 17.74 -22.13
N LYS C 262 27.27 18.29 -22.67
CA LYS C 262 28.61 17.71 -22.52
C LYS C 262 29.50 18.69 -21.75
N TYR C 263 30.17 18.17 -20.72
CA TYR C 263 31.10 18.94 -19.92
C TYR C 263 32.53 18.47 -20.19
N ASN C 264 33.45 19.41 -20.34
CA ASN C 264 34.86 19.07 -20.53
C ASN C 264 35.52 18.88 -19.17
N GLU C 265 36.85 18.84 -19.15
CA GLU C 265 37.57 18.65 -17.89
C GLU C 265 37.25 19.76 -16.90
N ASN C 266 37.25 21.01 -17.37
CA ASN C 266 36.71 22.10 -16.58
C ASN C 266 35.19 22.11 -16.68
N GLY C 267 34.54 22.60 -15.63
CA GLY C 267 33.10 22.53 -15.55
C GLY C 267 32.37 23.47 -16.48
N THR C 268 32.64 23.37 -17.79
CA THR C 268 32.02 24.21 -18.79
C THR C 268 31.23 23.36 -19.77
N ILE C 269 30.06 23.85 -20.17
CA ILE C 269 29.25 23.18 -21.17
C ILE C 269 29.80 23.55 -22.56
N THR C 270 30.24 22.55 -23.30
CA THR C 270 30.86 22.78 -24.60
C THR C 270 30.04 22.27 -25.77
N ASP C 271 29.07 21.39 -25.55
CA ASP C 271 28.26 20.88 -26.63
C ASP C 271 26.91 20.43 -26.08
N ALA C 272 25.90 20.42 -26.95
CA ALA C 272 24.57 20.01 -26.56
C ALA C 272 23.88 19.35 -27.73
N VAL C 273 22.94 18.47 -27.41
CA VAL C 273 22.12 17.77 -28.40
C VAL C 273 20.67 17.91 -27.98
N ASP C 274 19.82 18.35 -28.91
CA ASP C 274 18.39 18.45 -28.69
C ASP C 274 17.74 17.13 -29.09
N CYS C 275 17.20 16.40 -28.11
CA CYS C 275 16.66 15.06 -28.34
C CYS C 275 15.33 15.05 -29.06
N ALA C 276 14.85 16.17 -29.62
CA ALA C 276 13.57 16.19 -30.32
C ALA C 276 13.66 16.86 -31.68
N LEU C 277 14.88 17.12 -32.17
CA LEU C 277 15.03 17.83 -33.44
C LEU C 277 14.77 16.90 -34.62
N ASP C 278 15.55 15.84 -34.74
CA ASP C 278 15.46 14.91 -35.86
C ASP C 278 15.74 13.51 -35.35
N PRO C 279 15.46 12.47 -36.15
CA PRO C 279 15.73 11.11 -35.69
C PRO C 279 17.17 10.85 -35.29
N LEU C 280 18.13 11.48 -35.97
CA LEU C 280 19.54 11.27 -35.64
C LEU C 280 19.85 11.76 -34.23
N SER C 281 19.34 12.93 -33.85
CA SER C 281 19.59 13.45 -32.51
C SER C 281 18.92 12.58 -31.45
N GLU C 282 17.73 12.06 -31.73
CA GLU C 282 17.07 11.18 -30.78
C GLU C 282 17.84 9.88 -30.61
N THR C 283 18.40 9.35 -31.71
CA THR C 283 19.26 8.18 -31.60
C THR C 283 20.51 8.50 -30.77
N LYS C 284 21.09 9.68 -30.98
CA LYS C 284 22.26 10.08 -30.21
C LYS C 284 21.94 10.16 -28.73
N CYS C 285 20.78 10.71 -28.39
CA CYS C 285 20.37 10.78 -26.99
C CYS C 285 20.12 9.40 -26.41
N THR C 286 19.52 8.50 -27.19
CA THR C 286 19.28 7.14 -26.71
C THR C 286 20.60 6.42 -26.45
N LEU C 287 21.58 6.57 -27.34
CA LEU C 287 22.88 5.94 -27.16
C LEU C 287 23.77 6.66 -26.17
N LYS C 288 23.36 7.85 -25.70
CA LYS C 288 24.13 8.64 -24.74
C LYS C 288 25.53 8.95 -25.27
N SER C 289 25.62 9.31 -26.53
CA SER C 289 26.90 9.62 -27.15
C SER C 289 26.68 10.58 -28.30
N PHE C 290 27.77 11.25 -28.70
CA PHE C 290 27.73 12.22 -29.79
C PHE C 290 28.09 11.60 -31.14
N THR C 291 28.50 10.34 -31.18
CA THR C 291 28.81 9.65 -32.42
C THR C 291 28.02 8.34 -32.48
N VAL C 292 27.60 7.98 -33.69
CA VAL C 292 26.81 6.79 -33.92
C VAL C 292 27.51 5.93 -34.96
N GLU C 293 27.63 4.64 -34.68
CA GLU C 293 28.19 3.68 -35.62
C GLU C 293 27.10 3.18 -36.57
N LYS C 294 27.53 2.46 -37.60
CA LYS C 294 26.59 1.91 -38.58
C LYS C 294 25.72 0.84 -37.93
N GLY C 295 24.45 0.82 -38.31
CA GLY C 295 23.52 -0.17 -37.81
C GLY C 295 22.12 0.37 -37.79
N ILE C 296 21.24 -0.39 -37.14
CA ILE C 296 19.84 -0.02 -36.95
C ILE C 296 19.53 -0.08 -35.46
N TYR C 297 18.89 0.96 -34.93
CA TYR C 297 18.66 1.10 -33.50
C TYR C 297 17.18 1.29 -33.24
N GLN C 298 16.64 0.52 -32.30
CA GLN C 298 15.26 0.68 -31.86
C GLN C 298 15.17 1.96 -31.06
N THR C 299 14.67 3.03 -31.69
CA THR C 299 14.77 4.35 -31.08
C THR C 299 13.63 4.64 -30.12
N SER C 300 12.38 4.49 -30.57
CA SER C 300 11.28 4.92 -29.71
C SER C 300 9.99 4.20 -30.12
N ASN C 301 8.86 4.71 -29.64
CA ASN C 301 7.55 4.19 -29.99
C ASN C 301 6.68 5.33 -30.49
N PHE C 302 5.83 5.02 -31.46
CA PHE C 302 4.91 5.99 -32.04
C PHE C 302 3.48 5.60 -31.73
N ARG C 303 2.63 6.61 -31.54
CA ARG C 303 1.24 6.43 -31.18
C ARG C 303 0.46 7.66 -31.60
N VAL C 304 -0.83 7.48 -31.87
CA VAL C 304 -1.71 8.57 -32.24
C VAL C 304 -2.58 8.93 -31.04
N GLN C 305 -3.07 10.17 -31.04
CA GLN C 305 -3.83 10.72 -29.92
C GLN C 305 -5.26 11.00 -30.32
N PRO C 306 -6.19 10.97 -29.37
CA PRO C 306 -7.59 11.24 -29.69
C PRO C 306 -7.82 12.66 -30.15
N THR C 307 -8.85 12.85 -30.96
CA THR C 307 -9.18 14.17 -31.49
C THR C 307 -10.38 14.77 -30.74
N GLU C 308 -11.48 14.04 -30.69
CA GLU C 308 -12.69 14.50 -30.03
C GLU C 308 -12.96 13.67 -28.78
N SER C 309 -14.11 13.91 -28.15
CA SER C 309 -14.56 13.13 -27.01
C SER C 309 -16.07 13.02 -27.06
N ILE C 310 -16.58 11.84 -26.70
CA ILE C 310 -18.01 11.56 -26.74
C ILE C 310 -18.45 10.98 -25.41
N VAL C 311 -19.71 11.23 -25.06
CA VAL C 311 -20.33 10.71 -23.85
C VAL C 311 -21.71 10.18 -24.21
N ARG C 312 -22.02 8.97 -23.74
CA ARG C 312 -23.31 8.34 -24.01
C ARG C 312 -23.93 7.87 -22.69
N PHE C 313 -25.18 8.23 -22.47
CA PHE C 313 -25.96 7.85 -21.30
C PHE C 313 -27.36 7.45 -21.73
N PRO C 314 -28.04 6.56 -20.95
CA PRO C 314 -29.19 5.85 -21.50
C PRO C 314 -30.32 6.73 -22.03
N ASN C 315 -30.97 7.50 -21.15
CA ASN C 315 -32.02 8.44 -21.52
C ASN C 315 -32.52 9.12 -20.26
N ILE C 316 -33.42 10.09 -20.46
CA ILE C 316 -34.14 10.72 -19.35
C ILE C 316 -35.58 10.25 -19.40
N THR C 317 -35.91 9.23 -18.60
CA THR C 317 -37.20 8.56 -18.64
C THR C 317 -37.77 8.49 -17.22
N ASN C 318 -39.09 8.39 -17.13
CA ASN C 318 -39.84 8.33 -15.88
C ASN C 318 -39.31 9.32 -14.85
N LEU C 319 -39.40 10.59 -15.20
CA LEU C 319 -38.95 11.68 -14.34
C LEU C 319 -39.74 11.67 -13.02
N CYS C 320 -39.08 12.13 -11.96
CA CYS C 320 -39.71 12.21 -10.65
C CYS C 320 -40.91 13.17 -10.70
N PRO C 321 -41.94 12.91 -9.88
CA PRO C 321 -43.15 13.76 -9.91
C PRO C 321 -42.95 15.10 -9.21
N PHE C 322 -41.99 15.88 -9.71
CA PHE C 322 -41.78 17.22 -9.18
C PHE C 322 -42.84 18.20 -9.68
N ASP C 323 -43.32 18.00 -10.90
CA ASP C 323 -44.40 18.85 -11.41
C ASP C 323 -45.68 18.67 -10.60
N GLU C 324 -45.97 17.43 -10.20
CA GLU C 324 -47.17 17.18 -9.40
C GLU C 324 -47.12 17.90 -8.07
N VAL C 325 -45.96 17.95 -7.43
CA VAL C 325 -45.81 18.63 -6.14
C VAL C 325 -45.82 20.15 -6.32
N PHE C 326 -45.10 20.66 -7.32
CA PHE C 326 -45.01 22.10 -7.50
C PHE C 326 -46.30 22.67 -8.09
N ASN C 327 -46.89 22.00 -9.08
CA ASN C 327 -48.03 22.53 -9.82
C ASN C 327 -49.36 21.98 -9.32
N ALA C 328 -49.43 21.56 -8.05
CA ALA C 328 -50.70 21.14 -7.49
C ALA C 328 -51.67 22.30 -7.43
N THR C 329 -52.92 22.05 -7.84
CA THR C 329 -53.90 23.12 -7.94
C THR C 329 -54.21 23.74 -6.57
N ARG C 330 -54.36 22.90 -5.56
CA ARG C 330 -54.68 23.35 -4.20
C ARG C 330 -53.55 22.92 -3.26
N PHE C 331 -53.03 23.88 -2.51
CA PHE C 331 -51.95 23.62 -1.55
C PHE C 331 -52.51 23.62 -0.13
N ALA C 332 -52.00 22.70 0.68
CA ALA C 332 -52.46 22.56 2.05
C ALA C 332 -51.94 23.69 2.93
N SER C 333 -52.50 23.79 4.13
CA SER C 333 -52.09 24.81 5.08
C SER C 333 -50.74 24.44 5.71
N VAL C 334 -50.19 25.39 6.46
CA VAL C 334 -48.88 25.19 7.07
C VAL C 334 -48.96 24.15 8.19
N TYR C 335 -50.02 24.20 9.00
CA TYR C 335 -50.15 23.25 10.11
C TYR C 335 -50.32 21.83 9.60
N ALA C 336 -50.87 21.67 8.39
CA ALA C 336 -51.13 20.35 7.82
C ALA C 336 -50.36 20.18 6.52
N TRP C 337 -49.07 20.51 6.53
CA TRP C 337 -48.26 20.43 5.33
C TRP C 337 -48.30 19.02 4.74
N ASN C 338 -48.47 18.95 3.42
CA ASN C 338 -48.56 17.67 2.73
C ASN C 338 -47.15 17.11 2.52
N ARG C 339 -46.94 15.89 3.00
CA ARG C 339 -45.64 15.22 2.91
C ARG C 339 -45.73 14.07 1.93
N LYS C 340 -44.78 14.00 1.00
CA LYS C 340 -44.74 12.97 -0.02
C LYS C 340 -43.34 12.40 -0.13
N ARG C 341 -43.26 11.13 -0.51
CA ARG C 341 -41.99 10.44 -0.71
C ARG C 341 -41.79 10.15 -2.19
N ILE C 342 -40.62 10.54 -2.71
CA ILE C 342 -40.27 10.36 -4.11
C ILE C 342 -39.02 9.50 -4.19
N SER C 343 -39.09 8.43 -4.98
CA SER C 343 -37.97 7.52 -5.13
C SER C 343 -38.07 6.80 -6.47
N ASN C 344 -36.95 6.21 -6.88
CA ASN C 344 -36.86 5.39 -8.08
C ASN C 344 -37.25 6.18 -9.33
N CYS C 345 -36.53 7.28 -9.57
CA CYS C 345 -36.77 8.11 -10.73
C CYS C 345 -35.56 9.04 -10.92
N VAL C 346 -35.67 9.91 -11.92
CA VAL C 346 -34.59 10.83 -12.25
C VAL C 346 -34.91 12.19 -11.62
N ALA C 347 -33.98 12.70 -10.82
CA ALA C 347 -34.14 14.00 -10.17
C ALA C 347 -33.65 15.08 -11.11
N ASP C 348 -34.56 15.63 -11.91
CA ASP C 348 -34.21 16.68 -12.88
C ASP C 348 -34.27 18.04 -12.19
N TYR C 349 -33.29 18.27 -11.31
CA TYR C 349 -33.18 19.57 -10.65
C TYR C 349 -32.78 20.69 -11.60
N SER C 350 -32.26 20.34 -12.78
CA SER C 350 -31.88 21.37 -13.75
C SER C 350 -33.09 22.11 -14.29
N VAL C 351 -34.20 21.41 -14.53
CA VAL C 351 -35.40 22.03 -15.08
C VAL C 351 -36.36 22.35 -13.95
N LEU C 352 -36.22 23.54 -13.37
CA LEU C 352 -37.13 24.00 -12.33
C LEU C 352 -37.58 25.45 -12.50
N TYR C 353 -36.92 26.25 -13.33
CA TYR C 353 -37.25 27.66 -13.49
C TYR C 353 -38.25 27.87 -14.63
N ASN C 354 -39.39 27.19 -14.54
CA ASN C 354 -40.47 27.34 -15.51
C ASN C 354 -41.78 27.76 -14.83
N LEU C 355 -41.67 28.57 -13.77
CA LEU C 355 -42.84 29.01 -13.03
C LEU C 355 -42.81 30.52 -12.84
N ALA C 356 -43.71 31.03 -11.99
CA ALA C 356 -43.68 32.44 -11.64
C ALA C 356 -42.36 32.76 -10.92
N PRO C 357 -41.89 34.01 -10.99
CA PRO C 357 -40.62 34.37 -10.35
C PRO C 357 -40.52 33.92 -8.91
N PHE C 358 -39.61 32.98 -8.64
CA PHE C 358 -39.41 32.49 -7.29
C PHE C 358 -38.57 33.48 -6.50
N PHE C 359 -38.99 33.73 -5.25
CA PHE C 359 -38.36 34.75 -4.44
C PHE C 359 -37.50 34.20 -3.29
N THR C 360 -37.75 32.96 -2.86
CA THR C 360 -36.93 32.34 -1.83
C THR C 360 -36.44 30.99 -2.35
N PHE C 361 -35.12 30.79 -2.36
CA PHE C 361 -34.53 29.53 -2.78
C PHE C 361 -33.24 29.34 -1.98
N LYS C 362 -33.34 28.62 -0.88
CA LYS C 362 -32.23 28.44 0.05
C LYS C 362 -31.93 26.96 0.18
N CYS C 363 -30.72 26.56 -0.18
CA CYS C 363 -30.28 25.17 -0.12
C CYS C 363 -29.23 25.01 0.96
N TYR C 364 -29.46 24.08 1.89
CA TYR C 364 -28.54 23.81 2.98
C TYR C 364 -28.04 22.38 2.88
N GLY C 365 -26.72 22.21 2.87
CA GLY C 365 -26.09 20.90 2.82
C GLY C 365 -25.71 20.42 1.44
N VAL C 366 -26.38 20.92 0.41
CA VAL C 366 -26.13 20.52 -0.97
C VAL C 366 -25.73 21.77 -1.76
N SER C 367 -24.73 21.62 -2.61
CA SER C 367 -24.26 22.74 -3.41
C SER C 367 -25.33 23.16 -4.42
N PRO C 368 -25.66 24.45 -4.51
CA PRO C 368 -26.70 24.89 -5.45
C PRO C 368 -26.20 25.10 -6.87
N THR C 369 -24.91 24.92 -7.12
CA THR C 369 -24.33 25.19 -8.44
C THR C 369 -24.48 23.98 -9.36
N LYS C 370 -25.73 23.62 -9.59
CA LYS C 370 -26.10 22.53 -10.51
C LYS C 370 -25.40 21.23 -10.13
N LEU C 371 -25.70 20.75 -8.93
CA LEU C 371 -25.12 19.51 -8.40
C LEU C 371 -26.09 18.34 -8.54
N ASN C 372 -26.83 18.28 -9.64
CA ASN C 372 -27.83 17.24 -9.85
C ASN C 372 -27.24 15.87 -10.17
N ASP C 373 -25.92 15.69 -10.05
CA ASP C 373 -25.27 14.45 -10.43
C ASP C 373 -25.01 13.52 -9.25
N LEU C 374 -25.45 13.88 -8.05
CA LEU C 374 -25.26 13.05 -6.87
C LEU C 374 -26.54 12.29 -6.57
N CYS C 375 -26.40 11.12 -5.96
CA CYS C 375 -27.53 10.21 -5.79
C CYS C 375 -28.09 10.28 -4.38
N PHE C 376 -29.40 10.11 -4.26
CA PHE C 376 -30.10 10.09 -2.99
C PHE C 376 -31.05 8.90 -2.95
N THR C 377 -31.34 8.42 -1.73
CA THR C 377 -32.24 7.28 -1.58
C THR C 377 -33.69 7.69 -1.76
N ASN C 378 -34.19 8.58 -0.90
CA ASN C 378 -35.56 9.05 -0.96
C ASN C 378 -35.57 10.57 -0.83
N VAL C 379 -36.59 11.19 -1.41
CA VAL C 379 -36.79 12.64 -1.35
C VAL C 379 -38.10 12.89 -0.63
N TYR C 380 -38.04 13.67 0.44
CA TYR C 380 -39.23 14.06 1.19
C TYR C 380 -39.64 15.46 0.76
N ALA C 381 -40.83 15.57 0.18
CA ALA C 381 -41.36 16.84 -0.30
C ALA C 381 -42.48 17.26 0.65
N ASP C 382 -42.26 18.36 1.38
CA ASP C 382 -43.24 18.91 2.29
C ASP C 382 -43.73 20.24 1.74
N SER C 383 -45.01 20.33 1.41
CA SER C 383 -45.58 21.50 0.78
C SER C 383 -46.61 22.14 1.70
N PHE C 384 -46.59 23.48 1.78
CA PHE C 384 -47.57 24.21 2.57
C PHE C 384 -47.62 25.65 2.06
N VAL C 385 -48.46 26.46 2.70
CA VAL C 385 -48.63 27.87 2.36
C VAL C 385 -48.54 28.69 3.64
N ILE C 386 -47.72 29.74 3.62
CA ILE C 386 -47.54 30.62 4.76
C ILE C 386 -47.67 32.06 4.29
N ARG C 387 -47.44 32.99 5.21
CA ARG C 387 -47.44 34.42 4.89
C ARG C 387 -46.05 34.84 4.41
N GLY C 388 -45.95 36.09 3.94
CA GLY C 388 -44.69 36.59 3.44
C GLY C 388 -43.64 36.74 4.53
N ASP C 389 -44.04 37.21 5.70
CA ASP C 389 -43.07 37.51 6.76
C ASP C 389 -42.55 36.27 7.48
N GLU C 390 -43.25 35.14 7.37
CA GLU C 390 -42.85 33.92 8.04
C GLU C 390 -41.98 33.02 7.18
N VAL C 391 -41.62 33.44 5.97
CA VAL C 391 -40.81 32.60 5.09
C VAL C 391 -39.46 32.31 5.73
N ARG C 392 -38.86 33.33 6.36
CA ARG C 392 -37.59 33.13 7.06
C ARG C 392 -37.71 32.20 8.26
N GLN C 393 -38.92 31.94 8.74
CA GLN C 393 -39.10 31.05 9.88
C GLN C 393 -38.82 29.60 9.54
N ILE C 394 -39.03 29.18 8.30
CA ILE C 394 -38.75 27.79 7.88
C ILE C 394 -37.29 27.78 7.46
N ALA C 395 -36.40 27.66 8.47
CA ALA C 395 -34.96 27.68 8.26
C ALA C 395 -34.27 27.25 9.55
N PRO C 396 -33.06 26.68 9.49
CA PRO C 396 -32.38 26.28 10.71
C PRO C 396 -32.09 27.47 11.62
N GLY C 397 -32.25 27.24 12.92
CA GLY C 397 -31.94 28.27 13.91
C GLY C 397 -32.78 29.53 13.79
N GLN C 398 -34.08 29.38 13.51
CA GLN C 398 -35.00 30.50 13.38
C GLN C 398 -36.15 30.33 14.35
N THR C 399 -36.54 31.43 14.99
CA THR C 399 -37.58 31.41 16.01
C THR C 399 -38.78 32.23 15.53
N GLY C 400 -39.95 31.76 15.94
CA GLY C 400 -41.19 32.41 15.56
C GLY C 400 -42.37 31.50 15.85
N ASN C 401 -43.56 31.99 15.51
CA ASN C 401 -44.77 31.21 15.72
C ASN C 401 -44.80 29.97 14.85
N ILE C 402 -44.57 30.14 13.54
CA ILE C 402 -44.58 29.01 12.62
C ILE C 402 -43.39 28.11 12.85
N ALA C 403 -42.21 28.70 13.09
CA ALA C 403 -41.01 27.91 13.29
C ALA C 403 -41.06 27.06 14.54
N ASP C 404 -41.90 27.40 15.50
CA ASP C 404 -42.00 26.65 16.76
C ASP C 404 -43.23 25.78 16.86
N TYR C 405 -44.37 26.19 16.29
CA TYR C 405 -45.61 25.45 16.46
C TYR C 405 -46.08 24.76 15.18
N ASN C 406 -45.51 25.07 14.02
CA ASN C 406 -45.97 24.52 12.76
C ASN C 406 -44.94 23.67 12.06
N TYR C 407 -43.75 24.20 11.80
CA TYR C 407 -42.73 23.47 11.06
C TYR C 407 -41.35 23.96 11.47
N LYS C 408 -40.47 23.01 11.80
CA LYS C 408 -39.11 23.31 12.21
C LYS C 408 -38.14 22.50 11.36
N LEU C 409 -36.98 23.11 11.03
CA LEU C 409 -35.97 22.43 10.25
C LEU C 409 -34.78 22.06 11.14
N PRO C 410 -34.14 20.92 10.89
CA PRO C 410 -33.01 20.51 11.73
C PRO C 410 -31.77 21.33 11.43
N ASP C 411 -30.85 21.35 12.41
CA ASP C 411 -29.58 22.05 12.22
C ASP C 411 -28.72 21.37 11.18
N ASP C 412 -28.85 20.05 11.02
CA ASP C 412 -28.11 19.30 10.01
C ASP C 412 -28.95 19.03 8.77
N PHE C 413 -29.79 19.98 8.39
CA PHE C 413 -30.69 19.79 7.27
C PHE C 413 -29.91 19.63 5.96
N THR C 414 -30.33 18.66 5.15
CA THR C 414 -29.72 18.39 3.86
C THR C 414 -30.82 18.43 2.80
N GLY C 415 -30.87 19.53 2.06
CA GLY C 415 -31.89 19.69 1.05
C GLY C 415 -32.04 21.17 0.69
N CYS C 416 -33.25 21.53 0.27
CA CYS C 416 -33.55 22.88 -0.19
C CYS C 416 -34.94 23.29 0.26
N VAL C 417 -35.14 24.60 0.33
CA VAL C 417 -36.44 25.19 0.63
C VAL C 417 -36.72 26.25 -0.42
N ILE C 418 -37.86 26.14 -1.10
CA ILE C 418 -38.24 27.05 -2.16
C ILE C 418 -39.61 27.63 -1.83
N ALA C 419 -39.66 28.96 -1.71
CA ALA C 419 -40.90 29.68 -1.46
C ALA C 419 -41.16 30.65 -2.60
N TRP C 420 -42.37 30.59 -3.16
CA TRP C 420 -42.72 31.42 -4.31
C TRP C 420 -44.11 31.99 -4.10
N ASN C 421 -44.36 33.14 -4.76
CA ASN C 421 -45.61 33.85 -4.59
C ASN C 421 -46.75 33.15 -5.33
N SER C 422 -47.92 33.12 -4.69
CA SER C 422 -49.16 32.65 -5.30
C SER C 422 -50.31 33.57 -4.90
N ASN C 423 -50.07 34.88 -4.93
CA ASN C 423 -51.06 35.84 -4.45
C ASN C 423 -52.32 35.82 -5.32
N LYS C 424 -52.16 35.67 -6.63
CA LYS C 424 -53.31 35.68 -7.53
C LYS C 424 -54.26 34.52 -7.27
N LEU C 425 -53.79 33.45 -6.65
CA LEU C 425 -54.60 32.25 -6.43
C LEU C 425 -54.96 32.01 -4.97
N ASP C 426 -54.02 32.21 -4.05
CA ASP C 426 -54.25 31.93 -2.64
C ASP C 426 -54.93 33.07 -1.90
N SER C 427 -55.20 34.19 -2.58
CA SER C 427 -55.94 35.30 -2.01
C SER C 427 -57.26 35.44 -2.73
N LYS C 428 -58.34 35.61 -1.97
CA LYS C 428 -59.68 35.73 -2.52
C LYS C 428 -60.22 37.13 -2.22
N VAL C 429 -61.07 37.62 -3.12
CA VAL C 429 -61.57 38.99 -3.02
C VAL C 429 -62.31 39.19 -1.71
N SER C 430 -63.25 38.30 -1.40
CA SER C 430 -63.98 38.37 -0.14
C SER C 430 -63.19 37.83 1.04
N GLY C 431 -62.11 37.08 0.78
CA GLY C 431 -61.30 36.52 1.84
C GLY C 431 -61.31 35.00 1.84
N ASN C 432 -60.16 34.40 1.56
CA ASN C 432 -60.03 32.94 1.53
C ASN C 432 -59.72 32.46 2.94
N TYR C 433 -60.71 31.85 3.59
CA TYR C 433 -60.59 31.39 4.96
C TYR C 433 -60.16 29.92 5.06
N ASN C 434 -59.87 29.28 3.93
CA ASN C 434 -59.48 27.87 3.96
C ASN C 434 -58.16 27.67 4.70
N TYR C 435 -57.19 28.56 4.48
CA TYR C 435 -55.88 28.41 5.10
C TYR C 435 -55.96 28.65 6.59
N LEU C 436 -55.32 27.78 7.37
CA LEU C 436 -55.26 27.91 8.82
C LEU C 436 -53.83 27.69 9.29
N TYR C 437 -53.48 28.34 10.40
CA TYR C 437 -52.14 28.24 10.96
C TYR C 437 -52.23 28.13 12.47
N ARG C 438 -51.39 27.25 13.04
CA ARG C 438 -51.34 27.11 14.49
C ARG C 438 -50.73 28.36 15.12
N LEU C 439 -51.30 28.77 16.25
CA LEU C 439 -50.84 29.98 16.93
C LEU C 439 -50.55 29.70 18.41
N PHE C 440 -51.20 28.68 18.96
CA PHE C 440 -51.09 28.34 20.37
C PHE C 440 -50.71 26.88 20.53
N ARG C 441 -49.70 26.61 21.34
CA ARG C 441 -49.30 25.23 21.65
C ARG C 441 -48.49 25.25 22.93
N LYS C 442 -48.58 24.15 23.69
CA LYS C 442 -47.88 24.07 24.96
C LYS C 442 -46.37 24.07 24.77
N SER C 443 -45.87 23.32 23.80
CA SER C 443 -44.44 23.20 23.56
C SER C 443 -44.16 23.31 22.07
N ASN C 444 -42.88 23.37 21.72
CA ASN C 444 -42.46 23.49 20.33
C ASN C 444 -42.67 22.17 19.60
N LEU C 445 -42.33 22.14 18.32
CA LEU C 445 -42.51 20.96 17.47
C LEU C 445 -41.15 20.46 17.01
N LYS C 446 -40.97 19.14 17.09
CA LYS C 446 -39.74 18.53 16.60
C LYS C 446 -39.67 18.63 15.08
N PRO C 447 -38.46 18.70 14.52
CA PRO C 447 -38.33 18.75 13.06
C PRO C 447 -38.89 17.50 12.41
N PHE C 448 -39.50 17.70 11.23
CA PHE C 448 -40.08 16.61 10.43
C PHE C 448 -41.11 15.81 11.22
N GLU C 449 -42.00 16.52 11.90
CA GLU C 449 -43.09 15.92 12.65
C GLU C 449 -44.41 16.57 12.24
N ARG C 450 -45.41 15.75 11.95
CA ARG C 450 -46.72 16.21 11.51
C ARG C 450 -47.72 16.06 12.64
N ASP C 451 -48.45 17.14 12.93
CA ASP C 451 -49.46 17.14 13.97
C ASP C 451 -50.71 17.86 13.45
N ILE C 452 -51.88 17.27 13.70
CA ILE C 452 -53.15 17.86 13.27
C ILE C 452 -54.08 17.95 14.46
N SER C 453 -53.53 18.13 15.66
CA SER C 453 -54.32 18.20 16.87
C SER C 453 -55.22 19.43 16.85
N THR C 454 -56.45 19.25 17.33
CA THR C 454 -57.45 20.32 17.36
C THR C 454 -57.91 20.65 18.78
N GLU C 455 -57.22 20.15 19.81
CA GLU C 455 -57.62 20.41 21.18
C GLU C 455 -57.44 21.88 21.53
N ILE C 456 -58.36 22.40 22.36
CA ILE C 456 -58.29 23.79 22.79
C ILE C 456 -57.05 23.99 23.64
N TYR C 457 -56.30 25.04 23.35
CA TYR C 457 -55.07 25.32 24.07
C TYR C 457 -55.37 25.78 25.49
N GLN C 458 -54.73 25.15 26.47
CA GLN C 458 -54.93 25.48 27.89
C GLN C 458 -53.90 26.54 28.27
N ALA C 459 -54.28 27.81 28.10
CA ALA C 459 -53.38 28.90 28.44
C ALA C 459 -53.22 29.04 29.95
N GLY C 460 -54.32 29.04 30.68
CA GLY C 460 -54.32 29.23 32.12
C GLY C 460 -54.48 27.94 32.88
N ASN C 461 -54.85 28.08 34.15
CA ASN C 461 -55.04 26.92 35.02
C ASN C 461 -56.43 26.32 34.92
N LYS C 462 -57.45 27.14 34.70
CA LYS C 462 -58.81 26.63 34.60
C LYS C 462 -58.95 25.75 33.35
N PRO C 463 -59.58 24.59 33.47
CA PRO C 463 -59.74 23.71 32.31
C PRO C 463 -60.66 24.31 31.26
N CYS C 464 -60.38 23.96 30.00
CA CYS C 464 -61.17 24.44 28.89
C CYS C 464 -62.25 23.46 28.44
N ASN C 465 -62.03 22.16 28.64
CA ASN C 465 -62.99 21.12 28.28
C ASN C 465 -63.36 21.15 26.80
N GLY C 466 -62.43 21.60 25.96
CA GLY C 466 -62.68 21.63 24.53
C GLY C 466 -63.70 22.64 24.08
N VAL C 467 -63.93 23.70 24.87
CA VAL C 467 -64.88 24.74 24.51
C VAL C 467 -64.23 26.10 24.69
N ALA C 468 -64.77 27.10 23.99
CA ALA C 468 -64.22 28.44 24.05
C ALA C 468 -64.63 29.13 25.35
N GLY C 469 -63.80 30.08 25.79
CA GLY C 469 -64.08 30.80 27.01
C GLY C 469 -62.89 31.63 27.45
N PHE C 470 -62.86 31.93 28.75
CA PHE C 470 -61.76 32.70 29.32
C PHE C 470 -60.48 31.87 29.30
N ASN C 471 -59.40 32.46 28.80
CA ASN C 471 -58.10 31.79 28.68
C ASN C 471 -58.21 30.48 27.89
N CYS C 472 -59.14 30.44 26.93
CA CYS C 472 -59.38 29.25 26.13
C CYS C 472 -59.55 29.72 24.68
N TYR C 473 -58.52 29.50 23.87
CA TYR C 473 -58.50 29.93 22.48
C TYR C 473 -58.16 28.75 21.58
N PHE C 474 -58.75 28.75 20.39
CA PHE C 474 -58.46 27.70 19.42
C PHE C 474 -57.01 27.80 18.97
N PRO C 475 -56.25 26.70 18.98
CA PRO C 475 -54.85 26.78 18.55
C PRO C 475 -54.66 27.17 17.10
N LEU C 476 -55.67 26.97 16.26
CA LEU C 476 -55.60 27.27 14.84
C LEU C 476 -56.37 28.55 14.53
N ARG C 477 -55.68 29.52 13.95
CA ARG C 477 -56.28 30.78 13.51
C ARG C 477 -56.33 30.80 11.99
N SER C 478 -57.11 31.75 11.46
CA SER C 478 -57.30 31.89 10.03
C SER C 478 -56.50 33.10 9.53
N TYR C 479 -55.71 32.89 8.49
CA TYR C 479 -54.96 34.00 7.89
C TYR C 479 -55.90 35.04 7.29
N SER C 480 -56.95 34.58 6.60
CA SER C 480 -57.91 35.45 5.92
C SER C 480 -57.21 36.39 4.94
N PHE C 481 -56.56 35.78 3.95
CA PHE C 481 -55.84 36.55 2.95
C PHE C 481 -56.81 37.36 2.08
N ARG C 482 -56.40 38.58 1.75
CA ARG C 482 -57.19 39.47 0.92
C ARG C 482 -56.27 40.19 -0.05
N PRO C 483 -56.77 40.61 -1.21
CA PRO C 483 -55.93 41.35 -2.16
C PRO C 483 -55.41 42.67 -1.61
N THR C 484 -56.08 43.26 -0.62
CA THR C 484 -55.61 44.51 -0.02
C THR C 484 -54.37 44.31 0.84
N TYR C 485 -53.99 43.06 1.12
CA TYR C 485 -52.83 42.79 1.95
C TYR C 485 -51.54 43.20 1.21
N GLY C 486 -50.51 43.50 2.00
CA GLY C 486 -49.22 43.87 1.47
C GLY C 486 -48.38 42.66 1.11
N VAL C 487 -47.11 42.94 0.79
CA VAL C 487 -46.18 41.88 0.44
C VAL C 487 -45.93 40.97 1.64
N GLY C 488 -45.74 41.56 2.81
CA GLY C 488 -45.50 40.77 4.02
C GLY C 488 -46.64 39.86 4.41
N HIS C 489 -47.87 40.20 4.01
CA HIS C 489 -49.03 39.36 4.26
C HIS C 489 -49.44 38.56 3.05
N GLN C 490 -48.71 38.66 1.94
CA GLN C 490 -49.05 37.91 0.75
C GLN C 490 -48.84 36.42 0.97
N PRO C 491 -49.79 35.58 0.56
CA PRO C 491 -49.62 34.13 0.72
C PRO C 491 -48.55 33.58 -0.22
N TYR C 492 -47.66 32.77 0.31
CA TYR C 492 -46.56 32.19 -0.44
C TYR C 492 -46.56 30.68 -0.25
N ARG C 493 -46.36 29.95 -1.34
CA ARG C 493 -46.27 28.49 -1.30
C ARG C 493 -44.82 28.08 -1.07
N VAL C 494 -44.60 27.24 -0.07
CA VAL C 494 -43.27 26.80 0.34
C VAL C 494 -43.18 25.29 0.21
N VAL C 495 -42.14 24.81 -0.46
CA VAL C 495 -41.86 23.39 -0.61
C VAL C 495 -40.46 23.14 -0.07
N VAL C 496 -40.36 22.19 0.85
CA VAL C 496 -39.09 21.75 1.43
C VAL C 496 -38.78 20.37 0.86
N LEU C 497 -37.66 20.27 0.16
CA LEU C 497 -37.19 19.02 -0.42
C LEU C 497 -36.00 18.55 0.39
N SER C 498 -36.20 17.47 1.15
CA SER C 498 -35.18 16.91 2.02
C SER C 498 -34.64 15.62 1.42
N PHE C 499 -33.32 15.51 1.36
CA PHE C 499 -32.65 14.36 0.78
C PHE C 499 -32.08 13.49 1.90
N GLU C 500 -32.57 12.26 2.00
CA GLU C 500 -32.15 11.32 3.03
C GLU C 500 -31.05 10.43 2.49
N LEU C 501 -29.96 10.30 3.25
CA LEU C 501 -28.81 9.49 2.87
C LEU C 501 -28.80 8.26 3.76
N LEU C 502 -29.29 7.15 3.24
CA LEU C 502 -29.35 5.87 3.95
C LEU C 502 -28.43 4.86 3.30
N HIS C 503 -28.35 3.67 3.90
CA HIS C 503 -27.52 2.58 3.36
C HIS C 503 -28.28 1.85 2.25
N ALA C 504 -28.52 2.57 1.17
CA ALA C 504 -29.32 2.11 0.05
C ALA C 504 -28.61 2.48 -1.24
N PRO C 505 -28.93 1.80 -2.35
CA PRO C 505 -28.28 2.14 -3.63
C PRO C 505 -28.53 3.56 -4.11
N ALA C 506 -29.45 4.30 -3.50
CA ALA C 506 -29.70 5.71 -3.82
C ALA C 506 -30.10 5.87 -5.28
N THR C 507 -31.28 5.32 -5.59
CA THR C 507 -31.77 5.32 -6.97
C THR C 507 -31.95 6.73 -7.52
N VAL C 508 -32.40 7.67 -6.69
CA VAL C 508 -32.64 9.03 -7.15
C VAL C 508 -31.31 9.73 -7.35
N CYS C 509 -30.85 9.80 -8.60
CA CYS C 509 -29.55 10.36 -8.94
C CYS C 509 -29.64 11.67 -9.70
N GLY C 510 -30.33 11.69 -10.83
CA GLY C 510 -30.44 12.88 -11.64
C GLY C 510 -30.06 12.63 -13.09
N PRO C 511 -30.03 13.68 -13.89
CA PRO C 511 -29.73 13.54 -15.32
C PRO C 511 -28.24 13.73 -15.60
N LYS C 512 -27.88 13.47 -16.86
CA LYS C 512 -26.52 13.71 -17.34
C LYS C 512 -26.58 13.90 -18.85
N LYS C 513 -25.88 14.93 -19.34
CA LYS C 513 -25.90 15.24 -20.76
C LYS C 513 -25.15 14.19 -21.56
N SER C 514 -25.59 13.98 -22.79
CA SER C 514 -24.98 13.05 -23.73
C SER C 514 -24.68 13.78 -25.04
N THR C 515 -23.68 13.28 -25.77
CA THR C 515 -23.26 13.89 -27.02
C THR C 515 -23.37 12.87 -28.14
N ASN C 516 -23.33 13.37 -29.37
CA ASN C 516 -23.37 12.51 -30.54
C ASN C 516 -22.10 11.66 -30.63
N LEU C 517 -22.23 10.50 -31.26
CA LEU C 517 -21.12 9.56 -31.39
C LEU C 517 -20.46 9.71 -32.75
N VAL C 518 -19.14 9.46 -32.78
CA VAL C 518 -18.34 9.53 -34.00
C VAL C 518 -17.61 8.21 -34.17
N LYS C 519 -17.52 7.75 -35.41
CA LYS C 519 -16.90 6.47 -35.73
C LYS C 519 -15.72 6.68 -36.67
N ASN C 520 -14.91 5.62 -36.79
CA ASN C 520 -13.77 5.59 -37.72
C ASN C 520 -12.74 6.66 -37.39
N LYS C 521 -12.49 6.87 -36.10
CA LYS C 521 -11.48 7.83 -35.64
C LYS C 521 -11.16 7.59 -34.17
N CYS C 522 -9.87 7.57 -33.82
CA CYS C 522 -9.49 7.34 -32.43
C CYS C 522 -10.03 8.46 -31.55
N VAL C 523 -10.67 8.08 -30.44
CA VAL C 523 -11.38 9.02 -29.60
C VAL C 523 -11.49 8.40 -28.21
N ASN C 524 -11.47 9.24 -27.18
CA ASN C 524 -11.74 8.80 -25.82
C ASN C 524 -13.24 8.91 -25.56
N PHE C 525 -13.81 7.85 -24.99
CA PHE C 525 -15.25 7.73 -24.84
C PHE C 525 -15.61 7.31 -23.42
N ASN C 526 -16.79 7.72 -22.99
CA ASN C 526 -17.40 7.27 -21.75
C ASN C 526 -18.74 6.63 -22.08
N PHE C 527 -18.93 5.39 -21.66
CA PHE C 527 -20.14 4.62 -21.93
C PHE C 527 -20.68 4.17 -20.58
N ASN C 528 -21.49 5.02 -19.95
CA ASN C 528 -22.14 4.72 -18.67
C ASN C 528 -21.14 4.22 -17.63
N GLY C 529 -20.06 4.97 -17.46
CA GLY C 529 -19.01 4.61 -16.53
C GLY C 529 -17.90 3.76 -17.12
N LEU C 530 -18.05 3.29 -18.35
CA LEU C 530 -16.99 2.53 -19.02
C LEU C 530 -16.15 3.53 -19.80
N LYS C 531 -14.97 3.87 -19.27
CA LYS C 531 -14.09 4.86 -19.89
C LYS C 531 -13.04 4.13 -20.73
N GLY C 532 -12.86 4.58 -21.97
CA GLY C 532 -11.91 3.94 -22.84
C GLY C 532 -11.42 4.87 -23.93
N THR C 533 -10.54 4.33 -24.77
CA THR C 533 -9.99 5.08 -25.89
C THR C 533 -9.82 4.15 -27.08
N GLY C 534 -10.18 4.64 -28.27
CA GLY C 534 -9.97 3.87 -29.48
C GLY C 534 -10.94 4.28 -30.58
N VAL C 535 -11.05 3.39 -31.56
CA VAL C 535 -11.87 3.58 -32.75
C VAL C 535 -13.08 2.66 -32.65
N LEU C 536 -14.26 3.20 -32.93
CA LEU C 536 -15.51 2.47 -32.88
C LEU C 536 -15.94 2.10 -34.30
N THR C 537 -16.29 0.84 -34.51
CA THR C 537 -16.64 0.32 -35.82
C THR C 537 -17.92 -0.49 -35.72
N GLU C 538 -18.70 -0.51 -36.80
CA GLU C 538 -19.87 -1.36 -36.86
C GLU C 538 -19.46 -2.82 -36.65
N SER C 539 -20.16 -3.51 -35.76
CA SER C 539 -19.76 -4.83 -35.32
C SER C 539 -20.71 -5.91 -35.83
N ASN C 540 -20.31 -7.16 -35.60
CA ASN C 540 -21.04 -8.33 -36.03
C ASN C 540 -21.49 -9.22 -34.87
N LYS C 541 -20.94 -9.00 -33.67
CA LYS C 541 -21.21 -9.87 -32.54
C LYS C 541 -22.70 -9.93 -32.24
N LYS C 542 -23.18 -11.14 -31.92
CA LYS C 542 -24.59 -11.38 -31.64
C LYS C 542 -24.83 -11.32 -30.12
N PHE C 543 -24.79 -10.09 -29.61
CA PHE C 543 -25.05 -9.85 -28.19
C PHE C 543 -26.47 -10.25 -27.83
N LEU C 544 -26.63 -11.32 -27.05
CA LEU C 544 -27.98 -11.69 -26.68
C LEU C 544 -28.50 -10.72 -25.62
N PRO C 545 -29.83 -10.51 -25.56
CA PRO C 545 -30.40 -9.30 -24.92
C PRO C 545 -29.73 -8.75 -23.67
N PHE C 546 -29.49 -9.57 -22.65
CA PHE C 546 -29.17 -9.00 -21.34
C PHE C 546 -27.73 -8.48 -21.24
N GLN C 547 -26.77 -9.12 -21.91
CA GLN C 547 -25.38 -8.72 -21.75
C GLN C 547 -25.12 -7.40 -22.47
N GLN C 548 -24.19 -6.60 -21.90
CA GLN C 548 -23.92 -5.25 -22.36
C GLN C 548 -22.64 -5.13 -23.17
N PHE C 549 -21.50 -5.57 -22.62
CA PHE C 549 -20.22 -5.44 -23.30
C PHE C 549 -19.51 -6.78 -23.34
N GLY C 550 -18.64 -6.94 -24.34
CA GLY C 550 -17.91 -8.17 -24.56
C GLY C 550 -16.44 -8.05 -24.18
N ARG C 551 -15.77 -9.20 -24.27
CA ARG C 551 -14.35 -9.31 -23.95
C ARG C 551 -13.69 -10.28 -24.93
N ASP C 552 -12.38 -10.16 -25.05
CA ASP C 552 -11.58 -11.04 -25.89
C ASP C 552 -10.86 -12.08 -25.01
N ILE C 553 -9.95 -12.83 -25.63
CA ILE C 553 -9.22 -13.88 -24.90
C ILE C 553 -8.36 -13.26 -23.80
N ALA C 554 -7.76 -12.11 -24.08
CA ALA C 554 -6.91 -11.43 -23.11
C ALA C 554 -7.70 -10.74 -22.00
N ASP C 555 -9.03 -10.85 -22.02
CA ASP C 555 -9.90 -10.30 -20.97
C ASP C 555 -9.81 -8.78 -20.92
N THR C 556 -9.98 -8.15 -22.09
CA THR C 556 -10.09 -6.71 -22.19
C THR C 556 -11.33 -6.36 -23.02
N THR C 557 -11.85 -5.16 -22.78
CA THR C 557 -13.09 -4.74 -23.44
C THR C 557 -12.92 -4.71 -24.95
N ASP C 558 -13.72 -5.50 -25.65
CA ASP C 558 -13.67 -5.63 -27.10
C ASP C 558 -14.83 -4.97 -27.80
N ALA C 559 -16.05 -5.12 -27.28
CA ALA C 559 -17.23 -4.54 -27.88
C ALA C 559 -18.08 -3.89 -26.79
N VAL C 560 -18.90 -2.92 -27.21
CA VAL C 560 -19.78 -2.19 -26.31
C VAL C 560 -21.15 -2.09 -26.95
N ARG C 561 -22.15 -1.77 -26.13
CA ARG C 561 -23.52 -1.56 -26.59
C ARG C 561 -23.93 -0.14 -26.30
N ASP C 562 -24.40 0.56 -27.33
CA ASP C 562 -24.84 1.94 -27.16
C ASP C 562 -26.20 1.96 -26.46
N PRO C 563 -26.32 2.57 -25.28
CA PRO C 563 -27.62 2.58 -24.60
C PRO C 563 -28.53 3.70 -25.07
N GLN C 564 -28.55 3.94 -26.39
CA GLN C 564 -29.52 4.84 -26.99
C GLN C 564 -30.09 4.33 -28.31
N THR C 565 -29.45 3.34 -28.94
CA THR C 565 -29.96 2.76 -30.18
C THR C 565 -29.85 1.25 -30.21
N LEU C 566 -29.42 0.61 -29.11
CA LEU C 566 -29.28 -0.84 -29.02
C LEU C 566 -28.34 -1.39 -30.09
N GLU C 567 -27.29 -0.63 -30.42
CA GLU C 567 -26.33 -1.03 -31.42
C GLU C 567 -25.03 -1.48 -30.76
N ILE C 568 -24.41 -2.51 -31.34
CA ILE C 568 -23.15 -3.06 -30.83
C ILE C 568 -22.00 -2.50 -31.65
N LEU C 569 -21.04 -1.90 -30.97
CA LEU C 569 -19.89 -1.28 -31.60
C LEU C 569 -18.62 -2.00 -31.18
N ASP C 570 -17.81 -2.41 -32.16
CA ASP C 570 -16.51 -3.00 -31.88
C ASP C 570 -15.49 -1.91 -31.61
N ILE C 571 -14.66 -2.13 -30.61
CA ILE C 571 -13.66 -1.16 -30.17
C ILE C 571 -12.28 -1.69 -30.54
N THR C 572 -11.51 -0.88 -31.27
CA THR C 572 -10.13 -1.29 -31.53
C THR C 572 -9.17 -0.15 -31.21
N PRO C 573 -8.02 -0.44 -30.62
CA PRO C 573 -7.05 0.62 -30.32
C PRO C 573 -6.54 1.29 -31.59
N CYS C 574 -6.34 2.60 -31.49
CA CYS C 574 -5.80 3.35 -32.62
C CYS C 574 -4.31 3.04 -32.79
N SER C 575 -3.79 3.42 -33.95
CA SER C 575 -2.51 2.90 -34.42
C SER C 575 -1.37 3.23 -33.47
N PHE C 576 -0.47 2.26 -33.28
CA PHE C 576 0.74 2.42 -32.48
C PHE C 576 1.78 1.42 -32.96
N GLY C 577 3.03 1.65 -32.59
CA GLY C 577 4.08 0.74 -33.00
C GLY C 577 5.44 1.24 -32.54
N GLY C 578 6.47 0.56 -33.04
CA GLY C 578 7.85 0.91 -32.74
C GLY C 578 8.52 1.63 -33.89
N VAL C 579 9.52 2.45 -33.56
CA VAL C 579 10.22 3.28 -34.53
C VAL C 579 11.71 3.02 -34.38
N SER C 580 12.35 2.59 -35.46
CA SER C 580 13.78 2.33 -35.52
C SER C 580 14.43 3.23 -36.55
N VAL C 581 15.69 3.57 -36.31
CA VAL C 581 16.44 4.49 -37.17
C VAL C 581 17.61 3.73 -37.79
N ILE C 582 17.67 3.72 -39.11
CA ILE C 582 18.75 3.10 -39.86
C ILE C 582 19.72 4.21 -40.26
N THR C 583 20.97 4.09 -39.84
CA THR C 583 21.98 5.09 -40.15
C THR C 583 23.31 4.41 -40.45
N PRO C 584 24.09 4.98 -41.36
CA PRO C 584 25.52 4.65 -41.41
C PRO C 584 26.24 5.36 -40.29
N GLY C 585 27.57 5.26 -40.25
CA GLY C 585 28.32 5.98 -39.24
C GLY C 585 28.20 7.48 -39.40
N THR C 586 28.24 8.19 -38.27
CA THR C 586 28.29 9.64 -38.31
C THR C 586 29.60 10.14 -38.91
N ASN C 587 30.62 9.27 -38.96
CA ASN C 587 31.87 9.60 -39.64
C ASN C 587 31.72 9.55 -41.17
N THR C 588 30.59 9.06 -41.68
CA THR C 588 30.36 8.94 -43.11
C THR C 588 29.32 9.91 -43.62
N SER C 589 28.16 9.99 -42.97
CA SER C 589 27.08 10.84 -43.44
C SER C 589 26.16 11.18 -42.27
N ASN C 590 25.20 12.04 -42.54
CA ASN C 590 24.19 12.42 -41.54
C ASN C 590 22.78 12.02 -41.96
N GLN C 591 22.60 11.47 -43.15
CA GLN C 591 21.29 11.02 -43.59
C GLN C 591 20.89 9.75 -42.85
N VAL C 592 19.58 9.61 -42.60
CA VAL C 592 19.03 8.47 -41.89
C VAL C 592 17.75 8.02 -42.58
N ALA C 593 17.32 6.81 -42.24
CA ALA C 593 16.03 6.27 -42.67
C ALA C 593 15.27 5.81 -41.43
N VAL C 594 13.95 5.75 -41.55
CA VAL C 594 13.08 5.43 -40.41
C VAL C 594 12.21 4.25 -40.79
N LEU C 595 12.14 3.27 -39.88
CA LEU C 595 11.28 2.11 -40.04
C LEU C 595 10.22 2.12 -38.95
N TYR C 596 8.96 2.11 -39.36
CA TYR C 596 7.83 1.94 -38.46
C TYR C 596 7.40 0.48 -38.51
N GLN C 597 7.48 -0.20 -37.36
CA GLN C 597 7.27 -1.63 -37.31
C GLN C 597 5.78 -1.95 -37.18
N GLY C 598 5.30 -2.84 -38.05
CA GLY C 598 3.90 -3.24 -38.04
C GLY C 598 2.92 -2.15 -38.43
N VAL C 599 3.25 -1.37 -39.45
CA VAL C 599 2.37 -0.31 -39.95
C VAL C 599 2.19 -0.51 -41.44
N ASN C 600 1.06 -0.06 -41.98
CA ASN C 600 0.69 -0.31 -43.35
C ASN C 600 1.03 0.85 -44.30
N CYS C 601 1.93 1.74 -43.88
CA CYS C 601 2.44 2.83 -44.71
C CYS C 601 1.37 3.88 -45.00
N THR C 602 0.13 3.62 -44.56
CA THR C 602 -0.95 4.59 -44.65
C THR C 602 -1.38 5.14 -43.30
N GLU C 603 -1.04 4.45 -42.21
CA GLU C 603 -1.26 4.94 -40.87
C GLU C 603 -0.10 5.78 -40.35
N VAL C 604 0.93 5.99 -41.17
CA VAL C 604 2.02 6.86 -40.76
C VAL C 604 1.49 8.29 -40.58
N PRO C 605 1.65 8.89 -39.41
CA PRO C 605 0.97 10.16 -39.13
C PRO C 605 1.41 11.28 -40.06
N VAL C 606 0.45 12.13 -40.43
CA VAL C 606 0.73 13.38 -41.09
C VAL C 606 0.51 14.59 -40.18
N ALA C 607 -0.46 14.51 -39.27
CA ALA C 607 -0.69 15.50 -38.21
C ALA C 607 -1.09 16.86 -38.75
N ILE C 608 -1.45 17.77 -37.84
CA ILE C 608 -1.76 19.16 -38.21
C ILE C 608 -0.81 20.08 -37.46
N HIS C 609 -0.93 20.12 -36.14
CA HIS C 609 0.06 20.83 -35.34
C HIS C 609 0.67 19.98 -34.23
N ALA C 610 -0.15 19.20 -33.51
CA ALA C 610 0.36 18.31 -32.48
C ALA C 610 -0.70 17.24 -32.21
N ASP C 611 -0.51 16.05 -32.78
CA ASP C 611 -1.37 14.93 -32.46
C ASP C 611 -0.60 13.62 -32.41
N GLN C 612 0.69 13.69 -32.10
CA GLN C 612 1.55 12.50 -32.03
C GLN C 612 2.47 12.61 -30.82
N LEU C 613 2.85 11.46 -30.27
CA LEU C 613 3.82 11.40 -29.20
C LEU C 613 5.25 11.36 -29.70
N THR C 614 5.47 11.17 -30.99
CA THR C 614 6.82 11.25 -31.54
C THR C 614 7.31 12.69 -31.47
N PRO C 615 8.58 12.91 -31.13
CA PRO C 615 9.07 14.29 -30.97
C PRO C 615 9.22 15.06 -32.27
N THR C 616 8.11 15.15 -33.02
CA THR C 616 7.90 16.06 -34.15
C THR C 616 9.13 16.17 -35.06
N TRP C 617 9.43 15.06 -35.72
CA TRP C 617 10.40 15.07 -36.83
C TRP C 617 9.81 14.34 -38.03
N ARG C 618 8.56 14.68 -38.37
CA ARG C 618 7.83 13.94 -39.41
C ARG C 618 8.57 13.96 -40.73
N VAL C 619 8.69 12.79 -41.35
CA VAL C 619 9.15 12.66 -42.73
C VAL C 619 7.94 12.33 -43.59
N TYR C 620 7.48 13.32 -44.37
CA TYR C 620 6.13 13.30 -44.92
C TYR C 620 5.85 12.14 -45.87
N SER C 621 6.36 12.21 -47.09
CA SER C 621 6.34 11.12 -48.07
C SER C 621 6.94 11.63 -49.37
N THR C 622 7.28 10.70 -50.26
CA THR C 622 7.49 10.91 -51.69
C THR C 622 8.71 11.79 -51.97
N GLY C 623 9.27 12.40 -50.94
CA GLY C 623 10.58 13.02 -51.08
C GLY C 623 11.69 12.00 -50.92
N SER C 624 11.68 11.29 -49.79
CA SER C 624 12.66 10.26 -49.49
C SER C 624 12.18 8.86 -49.83
N ASN C 625 11.05 8.74 -50.54
CA ASN C 625 10.47 7.48 -50.97
C ASN C 625 9.90 6.68 -49.82
N VAL C 626 8.81 5.96 -50.07
CA VAL C 626 8.10 5.17 -49.06
C VAL C 626 7.96 3.74 -49.57
N PHE C 627 8.41 2.78 -48.78
CA PHE C 627 8.41 1.37 -49.15
C PHE C 627 7.68 0.58 -48.09
N GLN C 628 6.97 -0.46 -48.52
CA GLN C 628 6.23 -1.33 -47.62
C GLN C 628 6.83 -2.73 -47.65
N THR C 629 7.15 -3.27 -46.47
CA THR C 629 7.69 -4.61 -46.33
C THR C 629 6.98 -5.30 -45.18
N ARG C 630 7.20 -6.61 -45.07
CA ARG C 630 6.59 -7.37 -43.97
C ARG C 630 7.10 -6.92 -42.61
N ALA C 631 8.22 -6.20 -42.56
CA ALA C 631 8.67 -5.58 -41.31
C ALA C 631 7.87 -4.32 -40.98
N GLY C 632 7.44 -3.58 -41.99
CA GLY C 632 6.67 -2.38 -41.76
C GLY C 632 6.91 -1.36 -42.86
N CYS C 633 6.83 -0.08 -42.48
CA CYS C 633 6.95 1.02 -43.41
C CYS C 633 8.35 1.62 -43.32
N LEU C 634 9.05 1.69 -44.45
CA LEU C 634 10.38 2.26 -44.53
C LEU C 634 10.31 3.60 -45.25
N ILE C 635 10.87 4.64 -44.65
CA ILE C 635 10.89 5.97 -45.24
C ILE C 635 12.32 6.48 -45.23
N GLY C 636 12.80 6.97 -46.37
CA GLY C 636 14.15 7.46 -46.50
C GLY C 636 15.07 6.59 -47.31
N ALA C 637 14.61 5.45 -47.80
CA ALA C 637 15.41 4.55 -48.61
C ALA C 637 14.74 4.32 -49.94
N GLU C 638 15.54 4.21 -51.00
CA GLU C 638 15.05 3.97 -52.35
C GLU C 638 15.23 2.49 -52.68
N TYR C 639 14.13 1.83 -53.03
CA TYR C 639 14.18 0.42 -53.37
C TYR C 639 14.76 0.24 -54.77
N VAL C 640 15.69 -0.70 -54.90
CA VAL C 640 16.33 -0.99 -56.17
C VAL C 640 16.13 -2.45 -56.52
N ASN C 641 16.32 -2.77 -57.80
CA ASN C 641 16.12 -4.12 -58.30
C ASN C 641 17.38 -4.97 -58.27
N ASN C 642 18.51 -4.41 -57.88
CA ASN C 642 19.75 -5.17 -57.79
C ASN C 642 19.77 -6.00 -56.50
N SER C 643 20.78 -6.85 -56.39
CA SER C 643 20.96 -7.70 -55.22
C SER C 643 22.42 -7.67 -54.79
N TYR C 644 22.65 -7.44 -53.50
CA TYR C 644 23.97 -7.47 -52.91
C TYR C 644 23.92 -8.25 -51.62
N GLU C 645 25.09 -8.48 -51.03
CA GLU C 645 25.15 -9.11 -49.72
C GLU C 645 24.64 -8.14 -48.65
N CYS C 646 24.04 -8.69 -47.61
CA CYS C 646 23.41 -7.86 -46.60
C CYS C 646 24.42 -6.97 -45.89
N ASP C 647 24.06 -5.70 -45.72
CA ASP C 647 24.89 -4.72 -45.04
C ASP C 647 24.25 -4.28 -43.72
N ILE C 648 23.02 -3.78 -43.78
CA ILE C 648 22.25 -3.48 -42.57
C ILE C 648 20.94 -4.27 -42.66
N PRO C 649 20.75 -5.29 -41.81
CA PRO C 649 19.55 -6.12 -41.93
C PRO C 649 18.30 -5.36 -41.51
N ILE C 650 17.34 -5.28 -42.41
CA ILE C 650 16.02 -4.71 -42.10
C ILE C 650 15.05 -5.79 -41.66
N GLY C 651 14.99 -6.89 -42.40
CA GLY C 651 14.17 -8.02 -42.03
C GLY C 651 13.39 -8.56 -43.20
N ALA C 652 12.90 -9.79 -43.06
CA ALA C 652 12.08 -10.46 -44.07
C ALA C 652 12.77 -10.46 -45.44
N GLY C 653 14.08 -10.70 -45.43
CA GLY C 653 14.84 -10.75 -46.66
C GLY C 653 15.26 -9.41 -47.21
N ILE C 654 14.99 -8.32 -46.49
CA ILE C 654 15.28 -6.97 -46.96
C ILE C 654 16.44 -6.41 -46.16
N CYS C 655 17.43 -5.85 -46.86
CA CYS C 655 18.58 -5.19 -46.26
C CYS C 655 18.70 -3.78 -46.83
N ALA C 656 19.57 -2.99 -46.20
CA ALA C 656 19.80 -1.61 -46.61
C ALA C 656 21.29 -1.32 -46.60
N SER C 657 21.68 -0.31 -47.38
CA SER C 657 23.09 0.06 -47.47
C SER C 657 23.19 1.51 -47.92
N TYR C 658 24.41 2.04 -47.84
CA TYR C 658 24.72 3.41 -48.23
C TYR C 658 25.62 3.35 -49.47
N GLN C 659 25.12 3.77 -50.63
CA GLN C 659 25.94 3.55 -51.86
C GLN C 659 26.07 4.77 -52.78
N THR C 660 26.84 4.62 -53.86
CA THR C 660 27.10 5.72 -54.84
C THR C 660 28.02 6.77 -54.21
N GLN C 674 26.50 8.05 -51.47
CA GLN C 674 25.71 9.23 -51.94
C GLN C 674 24.28 9.14 -51.41
N SER C 675 23.61 7.98 -51.52
CA SER C 675 22.28 7.86 -50.93
C SER C 675 22.17 6.56 -50.14
N ILE C 676 20.96 6.30 -49.64
CA ILE C 676 20.64 5.08 -48.89
C ILE C 676 19.67 4.27 -49.72
N ILE C 677 20.02 3.01 -49.99
CA ILE C 677 19.18 2.14 -50.82
C ILE C 677 18.77 0.93 -50.00
N ALA C 678 17.64 0.34 -50.39
CA ALA C 678 17.13 -0.89 -49.81
C ALA C 678 16.96 -1.92 -50.90
N TYR C 679 17.21 -3.19 -50.57
CA TYR C 679 17.22 -4.24 -51.59
C TYR C 679 16.91 -5.58 -50.93
N THR C 680 16.75 -6.59 -51.79
CA THR C 680 16.62 -7.97 -51.34
C THR C 680 18.00 -8.62 -51.38
N MET C 681 18.40 -9.23 -50.26
CA MET C 681 19.73 -9.79 -50.15
C MET C 681 19.93 -10.96 -51.10
N SER C 682 21.16 -11.10 -51.59
CA SER C 682 21.53 -12.19 -52.48
C SER C 682 22.19 -13.31 -51.67
N LEU C 683 21.94 -14.55 -52.07
CA LEU C 683 22.48 -15.70 -51.36
C LEU C 683 23.85 -16.13 -51.87
N GLY C 684 24.19 -15.80 -53.10
CA GLY C 684 25.48 -16.16 -53.66
C GLY C 684 25.41 -16.17 -55.17
N ALA C 685 26.49 -16.67 -55.77
CA ALA C 685 26.62 -16.73 -57.22
C ALA C 685 26.13 -18.08 -57.74
N GLU C 686 25.27 -18.04 -58.76
CA GLU C 686 24.74 -19.27 -59.33
C GLU C 686 25.86 -20.08 -59.97
N ASN C 687 25.79 -21.40 -59.79
CA ASN C 687 26.80 -22.31 -60.32
C ASN C 687 26.13 -23.56 -60.85
N SER C 688 26.73 -24.15 -61.87
CA SER C 688 26.23 -25.38 -62.48
C SER C 688 27.39 -26.35 -62.66
N VAL C 689 27.18 -27.59 -62.23
CA VAL C 689 28.19 -28.63 -62.33
C VAL C 689 27.85 -29.53 -63.51
N ALA C 690 28.87 -29.84 -64.32
CA ALA C 690 28.68 -30.62 -65.54
C ALA C 690 28.65 -32.11 -65.20
N TYR C 691 27.53 -32.54 -64.62
CA TYR C 691 27.35 -33.95 -64.32
C TYR C 691 27.17 -34.75 -65.60
N SER C 692 27.71 -35.97 -65.59
CA SER C 692 27.65 -36.84 -66.75
C SER C 692 27.79 -38.28 -66.31
N ASN C 693 27.55 -39.19 -67.26
CA ASN C 693 27.68 -40.62 -66.97
C ASN C 693 29.12 -41.03 -66.69
N ASN C 694 30.08 -40.45 -67.43
CA ASN C 694 31.45 -40.94 -67.41
C ASN C 694 32.48 -39.82 -67.43
N SER C 695 32.17 -38.68 -66.83
CA SER C 695 33.08 -37.54 -66.79
C SER C 695 33.55 -37.30 -65.37
N ILE C 696 34.86 -37.07 -65.20
CA ILE C 696 35.42 -36.79 -63.89
C ILE C 696 36.32 -35.57 -63.99
N ALA C 697 36.46 -34.87 -62.86
CA ALA C 697 37.34 -33.71 -62.75
C ALA C 697 38.41 -34.01 -61.72
N ILE C 698 39.66 -33.76 -62.07
CA ILE C 698 40.78 -34.09 -61.19
C ILE C 698 41.71 -32.89 -61.06
N PRO C 699 42.12 -32.51 -59.86
CA PRO C 699 43.02 -31.36 -59.71
C PRO C 699 44.41 -31.65 -60.23
N THR C 700 45.10 -30.58 -60.65
CA THR C 700 46.46 -30.68 -61.14
C THR C 700 47.44 -29.81 -60.34
N ASN C 701 46.97 -29.00 -59.41
CA ASN C 701 47.84 -28.17 -58.59
C ASN C 701 47.19 -28.01 -57.22
N PHE C 702 47.88 -27.33 -56.31
CA PHE C 702 47.35 -27.15 -54.96
C PHE C 702 47.82 -25.81 -54.40
N THR C 703 47.17 -25.42 -53.31
CA THR C 703 47.48 -24.19 -52.59
C THR C 703 47.51 -24.48 -51.10
N ILE C 704 48.45 -23.85 -50.41
CA ILE C 704 48.55 -23.92 -48.96
C ILE C 704 47.86 -22.69 -48.39
N SER C 705 46.86 -22.90 -47.53
CA SER C 705 46.06 -21.82 -47.01
C SER C 705 46.19 -21.75 -45.49
N VAL C 706 46.28 -20.53 -44.97
CA VAL C 706 46.35 -20.29 -43.53
C VAL C 706 45.20 -19.38 -43.14
N THR C 707 44.39 -19.82 -42.19
CA THR C 707 43.24 -19.06 -41.71
C THR C 707 43.31 -18.93 -40.20
N THR C 708 42.54 -17.98 -39.66
CA THR C 708 42.57 -17.67 -38.25
C THR C 708 41.21 -17.91 -37.61
N GLU C 709 41.24 -18.33 -36.34
CA GLU C 709 40.02 -18.51 -35.55
C GLU C 709 40.25 -17.94 -34.16
N ILE C 710 39.32 -17.11 -33.68
CA ILE C 710 39.43 -16.43 -32.40
C ILE C 710 38.39 -17.00 -31.46
N LEU C 711 38.82 -17.38 -30.25
CA LEU C 711 37.91 -17.96 -29.28
C LEU C 711 38.11 -17.35 -27.90
N PRO C 712 37.05 -16.82 -27.28
CA PRO C 712 37.16 -16.38 -25.89
C PRO C 712 37.36 -17.55 -24.95
N VAL C 713 38.09 -17.30 -23.86
CA VAL C 713 38.46 -18.33 -22.89
C VAL C 713 38.00 -17.97 -21.48
N SER C 714 38.37 -16.78 -21.00
CA SER C 714 38.12 -16.39 -19.62
C SER C 714 37.31 -15.10 -19.58
N MET C 715 37.00 -14.68 -18.35
CA MET C 715 36.15 -13.52 -18.09
C MET C 715 36.72 -12.76 -16.91
N THR C 716 36.31 -11.50 -16.78
CA THR C 716 36.76 -10.68 -15.66
C THR C 716 36.16 -11.20 -14.36
N LYS C 717 36.98 -11.25 -13.32
CA LYS C 717 36.56 -11.69 -11.99
C LYS C 717 36.26 -10.48 -11.13
N THR C 718 35.03 -10.39 -10.64
CA THR C 718 34.58 -9.24 -9.87
C THR C 718 34.13 -9.66 -8.47
N SER C 719 34.23 -8.73 -7.54
CA SER C 719 33.75 -8.90 -6.18
C SER C 719 32.94 -7.67 -5.78
N VAL C 720 31.91 -7.91 -4.97
CA VAL C 720 30.97 -6.87 -4.56
C VAL C 720 30.91 -6.83 -3.04
N ASP C 721 31.03 -5.63 -2.48
CA ASP C 721 30.81 -5.40 -1.06
C ASP C 721 29.36 -4.97 -0.85
N CYS C 722 28.61 -5.78 -0.09
CA CYS C 722 27.19 -5.52 0.12
C CYS C 722 26.88 -4.20 0.81
N THR C 723 27.30 -4.07 2.08
CA THR C 723 26.88 -2.94 2.88
C THR C 723 27.39 -1.63 2.31
N MET C 724 28.52 -1.66 1.61
CA MET C 724 29.04 -0.45 1.00
C MET C 724 28.17 0.00 -0.17
N TYR C 725 27.66 -0.95 -0.96
CA TYR C 725 26.78 -0.61 -2.07
C TYR C 725 25.39 -0.23 -1.59
N ILE C 726 24.85 -0.95 -0.61
CA ILE C 726 23.47 -0.76 -0.19
C ILE C 726 23.35 0.40 0.79
N CYS C 727 24.22 0.42 1.80
CA CYS C 727 24.10 1.40 2.88
C CYS C 727 25.16 2.49 2.83
N GLY C 728 26.34 2.18 2.33
CA GLY C 728 27.41 3.17 2.27
C GLY C 728 28.08 3.36 3.62
N ASP C 729 28.01 4.57 4.16
CA ASP C 729 28.67 4.92 5.41
C ASP C 729 27.70 5.11 6.57
N SER C 730 26.45 4.70 6.43
CA SER C 730 25.44 4.88 7.46
C SER C 730 25.32 3.63 8.31
N THR C 731 25.48 3.78 9.63
CA THR C 731 25.48 2.63 10.53
C THR C 731 24.08 2.09 10.74
N GLU C 732 23.08 2.97 10.88
CA GLU C 732 21.73 2.51 11.15
C GLU C 732 21.15 1.72 9.97
N CYS C 733 21.52 2.08 8.74
CA CYS C 733 21.15 1.27 7.60
C CYS C 733 21.74 -0.13 7.70
N SER C 734 22.99 -0.22 8.15
CA SER C 734 23.62 -1.54 8.33
C SER C 734 22.88 -2.34 9.40
N ASN C 735 22.49 -1.69 10.50
CA ASN C 735 21.74 -2.37 11.55
C ASN C 735 20.41 -2.89 11.03
N LEU C 736 19.71 -2.08 10.23
CA LEU C 736 18.46 -2.52 9.64
C LEU C 736 18.64 -3.61 8.59
N LEU C 737 19.74 -3.59 7.84
CA LEU C 737 19.99 -4.60 6.81
C LEU C 737 20.40 -5.93 7.42
N LEU C 738 21.04 -5.91 8.59
CA LEU C 738 21.42 -7.14 9.27
C LEU C 738 20.23 -8.05 9.59
N GLN C 739 19.00 -7.55 9.42
CA GLN C 739 17.80 -8.30 9.74
C GLN C 739 17.19 -8.99 8.53
N TYR C 740 17.72 -8.75 7.33
CA TYR C 740 17.08 -9.19 6.09
C TYR C 740 17.45 -10.61 5.69
N GLY C 741 18.37 -11.27 6.39
CA GLY C 741 18.67 -12.67 6.13
C GLY C 741 20.10 -12.85 5.64
N SER C 742 20.27 -13.82 4.73
CA SER C 742 21.58 -14.22 4.22
C SER C 742 21.64 -14.09 2.70
N PHE C 743 21.14 -12.97 2.18
CA PHE C 743 21.27 -12.70 0.75
C PHE C 743 22.73 -12.55 0.35
N CYS C 744 23.50 -11.85 1.17
CA CYS C 744 24.87 -11.51 0.82
C CYS C 744 25.79 -12.73 0.82
N THR C 745 25.55 -13.69 1.71
CA THR C 745 26.32 -14.93 1.66
C THR C 745 26.10 -15.63 0.33
N GLN C 746 24.86 -15.68 -0.13
CA GLN C 746 24.57 -16.32 -1.42
C GLN C 746 25.24 -15.58 -2.58
N LEU C 747 25.16 -14.24 -2.57
CA LEU C 747 25.77 -13.47 -3.65
C LEU C 747 27.28 -13.66 -3.68
N LYS C 748 27.92 -13.60 -2.51
CA LYS C 748 29.37 -13.78 -2.43
C LYS C 748 29.76 -15.18 -2.88
N ARG C 749 28.98 -16.19 -2.49
CA ARG C 749 29.27 -17.56 -2.91
C ARG C 749 29.20 -17.70 -4.42
N ALA C 750 28.15 -17.13 -5.04
CA ALA C 750 28.03 -17.22 -6.49
C ALA C 750 29.19 -16.53 -7.19
N LEU C 751 29.57 -15.33 -6.72
CA LEU C 751 30.67 -14.61 -7.34
C LEU C 751 31.98 -15.37 -7.20
N THR C 752 32.22 -15.97 -6.03
CA THR C 752 33.43 -16.76 -5.83
C THR C 752 33.46 -17.97 -6.75
N GLY C 753 32.32 -18.63 -6.93
CA GLY C 753 32.26 -19.75 -7.86
C GLY C 753 32.61 -19.34 -9.28
N ILE C 754 32.07 -18.21 -9.74
CA ILE C 754 32.42 -17.72 -11.07
C ILE C 754 33.91 -17.43 -11.16
N ALA C 755 34.47 -16.79 -10.12
CA ALA C 755 35.88 -16.42 -10.14
C ALA C 755 36.78 -17.65 -10.25
N VAL C 756 36.47 -18.71 -9.50
CA VAL C 756 37.32 -19.90 -9.59
C VAL C 756 37.10 -20.62 -10.93
N GLU C 757 35.89 -20.58 -11.47
CA GLU C 757 35.65 -21.21 -12.78
C GLU C 757 36.46 -20.54 -13.88
N GLN C 758 36.69 -19.24 -13.78
CA GLN C 758 37.50 -18.56 -14.81
C GLN C 758 38.93 -19.12 -14.86
N ASP C 759 39.55 -19.27 -13.68
CA ASP C 759 40.90 -19.84 -13.63
C ASP C 759 40.90 -21.29 -14.09
N LYS C 760 39.85 -22.04 -13.75
CA LYS C 760 39.74 -23.42 -14.24
C LYS C 760 39.67 -23.46 -15.76
N ASN C 761 38.93 -22.53 -16.37
CA ASN C 761 38.83 -22.46 -17.82
C ASN C 761 40.20 -22.21 -18.45
N THR C 762 40.92 -21.23 -17.92
CA THR C 762 42.23 -20.93 -18.48
C THR C 762 43.18 -22.11 -18.34
N GLN C 763 43.19 -22.75 -17.17
CA GLN C 763 44.07 -23.90 -16.96
C GLN C 763 43.71 -25.05 -17.90
N GLU C 764 42.41 -25.29 -18.10
CA GLU C 764 42.00 -26.37 -18.98
C GLU C 764 42.42 -26.10 -20.42
N VAL C 765 42.30 -24.85 -20.88
CA VAL C 765 42.65 -24.56 -22.27
C VAL C 765 44.15 -24.63 -22.49
N PHE C 766 44.94 -24.04 -21.59
CA PHE C 766 46.34 -23.78 -21.93
C PHE C 766 47.34 -24.76 -21.33
N ALA C 767 47.01 -25.42 -20.22
CA ALA C 767 47.97 -26.30 -19.55
C ALA C 767 47.77 -27.75 -20.01
N GLN C 768 48.20 -28.00 -21.24
CA GLN C 768 48.06 -29.32 -21.86
C GLN C 768 49.40 -30.01 -22.10
N VAL C 769 50.51 -29.41 -21.67
CA VAL C 769 51.84 -29.98 -21.86
C VAL C 769 52.45 -30.26 -20.49
N LYS C 770 53.04 -31.45 -20.36
CA LYS C 770 53.73 -31.79 -19.12
C LYS C 770 55.03 -31.03 -18.97
N GLN C 771 55.82 -30.95 -20.05
CA GLN C 771 57.13 -30.32 -20.03
C GLN C 771 57.12 -29.04 -20.86
N ILE C 772 58.11 -28.20 -20.61
CA ILE C 772 58.29 -26.95 -21.34
C ILE C 772 59.39 -27.21 -22.37
N TYR C 773 59.01 -27.39 -23.62
CA TYR C 773 59.96 -27.68 -24.68
C TYR C 773 60.57 -26.39 -25.21
N LYS C 774 61.79 -26.51 -25.75
CA LYS C 774 62.52 -25.39 -26.32
C LYS C 774 62.92 -25.71 -27.76
N THR C 775 62.98 -24.67 -28.57
CA THR C 775 63.41 -24.82 -29.95
C THR C 775 64.94 -24.87 -30.04
N PRO C 776 65.48 -25.52 -31.06
CA PRO C 776 66.94 -25.57 -31.21
C PRO C 776 67.50 -24.19 -31.52
N PRO C 777 68.77 -23.95 -31.17
CA PRO C 777 69.35 -22.62 -31.44
C PRO C 777 69.38 -22.25 -32.91
N ILE C 778 69.54 -23.22 -33.81
CA ILE C 778 69.57 -22.95 -35.24
C ILE C 778 68.17 -23.20 -35.81
N LYS C 779 67.56 -22.14 -36.34
CA LYS C 779 66.17 -22.20 -36.80
C LYS C 779 66.12 -22.46 -38.30
N TYR C 780 66.51 -23.68 -38.67
CA TYR C 780 66.36 -24.16 -40.04
C TYR C 780 65.46 -25.40 -40.03
N PHE C 781 64.38 -25.34 -40.81
CA PHE C 781 63.39 -26.41 -40.87
C PHE C 781 63.04 -26.73 -42.32
N GLY C 782 64.05 -26.84 -43.17
CA GLY C 782 63.83 -27.23 -44.54
C GLY C 782 63.23 -26.17 -45.43
N GLY C 783 63.34 -24.91 -45.06
CA GLY C 783 62.82 -23.81 -45.85
C GLY C 783 61.63 -23.09 -45.25
N PHE C 784 61.01 -23.65 -44.22
CA PHE C 784 59.89 -23.01 -43.54
C PHE C 784 60.43 -22.04 -42.49
N ASN C 785 59.87 -20.83 -42.45
CA ASN C 785 60.48 -19.76 -41.67
C ASN C 785 60.11 -19.84 -40.19
N PHE C 786 58.82 -19.74 -39.88
CA PHE C 786 58.27 -19.80 -38.52
C PHE C 786 58.70 -18.63 -37.63
N SER C 787 59.42 -17.64 -38.15
CA SER C 787 59.97 -16.60 -37.30
C SER C 787 58.91 -15.66 -36.74
N GLN C 788 57.75 -15.57 -37.39
CA GLN C 788 56.72 -14.62 -36.96
C GLN C 788 55.77 -15.19 -35.92
N ILE C 789 55.87 -16.48 -35.60
CA ILE C 789 55.07 -17.07 -34.53
C ILE C 789 55.93 -17.56 -33.36
N LEU C 790 57.24 -17.61 -33.53
CA LEU C 790 58.14 -17.99 -32.45
C LEU C 790 58.39 -16.82 -31.51
N PRO C 791 58.75 -17.10 -30.26
CA PRO C 791 59.04 -16.00 -29.32
C PRO C 791 60.21 -15.15 -29.78
N ASP C 792 60.11 -13.85 -29.50
CA ASP C 792 61.17 -12.92 -29.86
C ASP C 792 61.95 -12.53 -28.62
N PRO C 793 63.22 -12.93 -28.51
CA PRO C 793 63.98 -12.62 -27.27
C PRO C 793 64.20 -11.13 -27.04
N SER C 794 64.11 -10.30 -28.09
CA SER C 794 64.36 -8.88 -27.93
C SER C 794 63.33 -8.22 -27.02
N LYS C 795 62.05 -8.57 -27.19
CA LYS C 795 61.01 -7.96 -26.38
C LYS C 795 61.12 -8.43 -24.93
N PRO C 796 60.93 -7.54 -23.96
CA PRO C 796 60.92 -7.96 -22.56
C PRO C 796 59.85 -9.00 -22.26
N SER C 797 58.70 -8.94 -22.93
CA SER C 797 57.60 -9.86 -22.68
C SER C 797 57.85 -11.25 -23.27
N LYS C 798 58.85 -11.40 -24.14
CA LYS C 798 59.16 -12.68 -24.78
C LYS C 798 57.96 -13.22 -25.55
N ARG C 799 57.43 -12.40 -26.46
CA ARG C 799 56.27 -12.75 -27.25
C ARG C 799 56.60 -12.72 -28.74
N SER C 800 55.83 -13.47 -29.50
CA SER C 800 56.00 -13.52 -30.97
C SER C 800 55.60 -12.18 -31.58
N PRO C 801 56.06 -11.86 -32.80
CA PRO C 801 55.57 -10.67 -33.48
C PRO C 801 54.05 -10.58 -33.62
N ILE C 802 53.33 -11.69 -33.84
CA ILE C 802 51.85 -11.69 -34.06
C ILE C 802 51.09 -11.48 -32.75
N GLU C 803 51.58 -12.03 -31.63
CA GLU C 803 50.97 -11.87 -30.32
C GLU C 803 51.06 -10.43 -29.85
N ASP C 804 52.13 -9.71 -30.22
CA ASP C 804 52.21 -8.29 -29.88
C ASP C 804 51.09 -7.50 -30.55
N LEU C 805 50.84 -7.78 -31.84
CA LEU C 805 49.73 -7.14 -32.53
C LEU C 805 48.40 -7.48 -31.86
N LEU C 806 48.21 -8.75 -31.50
CA LEU C 806 46.97 -9.16 -30.86
C LEU C 806 46.76 -8.43 -29.54
N PHE C 807 47.82 -8.30 -28.73
CA PHE C 807 47.68 -7.65 -27.44
C PHE C 807 47.51 -6.15 -27.58
N ASN C 808 48.07 -5.55 -28.64
CA ASN C 808 47.87 -4.12 -28.85
C ASN C 808 46.49 -3.81 -29.40
N LYS C 809 45.89 -4.73 -30.15
CA LYS C 809 44.60 -4.46 -30.78
C LYS C 809 43.40 -4.66 -29.86
N VAL C 810 43.60 -5.22 -28.67
CA VAL C 810 42.52 -5.43 -27.71
C VAL C 810 42.82 -4.60 -26.46
N THR C 811 41.87 -3.76 -26.07
CA THR C 811 42.04 -2.88 -24.92
C THR C 811 40.97 -3.14 -23.86
N ASP C 832 39.31 7.04 -14.02
CA ASP C 832 38.40 7.65 -13.06
C ASP C 832 37.19 6.76 -12.83
N LEU C 833 36.80 6.00 -13.87
CA LEU C 833 35.69 5.06 -13.73
C LEU C 833 36.03 3.96 -12.74
N ILE C 834 37.28 3.49 -12.76
CA ILE C 834 37.69 2.43 -11.84
C ILE C 834 37.59 2.91 -10.40
N CYS C 835 38.06 4.13 -10.12
CA CYS C 835 37.99 4.66 -8.77
C CYS C 835 36.54 4.88 -8.33
N ALA C 836 35.70 5.38 -9.23
CA ALA C 836 34.29 5.58 -8.91
C ALA C 836 33.60 4.27 -8.58
N GLN C 837 33.90 3.21 -9.35
CA GLN C 837 33.33 1.90 -9.05
C GLN C 837 33.89 1.34 -7.75
N LYS C 838 35.18 1.57 -7.48
CA LYS C 838 35.78 1.07 -6.26
C LYS C 838 35.16 1.71 -5.03
N PHE C 839 34.88 3.00 -5.10
CA PHE C 839 34.28 3.69 -3.96
C PHE C 839 32.87 3.21 -3.64
N LYS C 840 32.23 2.47 -4.56
CA LYS C 840 30.91 1.91 -4.32
C LYS C 840 30.94 0.44 -3.92
N GLY C 841 32.12 -0.13 -3.72
CA GLY C 841 32.24 -1.50 -3.26
C GLY C 841 32.42 -2.56 -4.34
N LEU C 842 32.72 -2.16 -5.57
CA LEU C 842 32.91 -3.11 -6.68
C LEU C 842 34.39 -3.15 -7.03
N THR C 843 34.98 -4.35 -6.98
CA THR C 843 36.41 -4.51 -7.23
C THR C 843 36.63 -5.63 -8.25
N VAL C 844 37.82 -5.61 -8.85
CA VAL C 844 38.23 -6.59 -9.84
C VAL C 844 39.45 -7.34 -9.31
N LEU C 845 39.41 -8.68 -9.38
CA LEU C 845 40.49 -9.54 -8.93
C LEU C 845 41.39 -9.95 -10.09
N PRO C 846 42.69 -10.10 -9.86
CA PRO C 846 43.61 -10.48 -10.94
C PRO C 846 43.56 -11.97 -11.20
N PRO C 847 43.78 -12.39 -12.44
CA PRO C 847 43.84 -13.83 -12.74
C PRO C 847 45.06 -14.48 -12.13
N LEU C 848 44.94 -15.78 -11.88
CA LEU C 848 46.04 -16.54 -11.27
C LEU C 848 47.26 -16.61 -12.18
N LEU C 849 47.04 -16.85 -13.46
CA LEU C 849 48.14 -16.97 -14.43
C LEU C 849 48.35 -15.63 -15.12
N THR C 850 49.60 -15.19 -15.15
CA THR C 850 49.95 -13.95 -15.84
C THR C 850 50.11 -14.20 -17.33
N ASP C 851 50.24 -13.11 -18.09
CA ASP C 851 50.39 -13.22 -19.53
C ASP C 851 51.70 -13.87 -19.92
N GLU C 852 52.76 -13.66 -19.13
CA GLU C 852 54.04 -14.29 -19.42
C GLU C 852 53.95 -15.81 -19.33
N MET C 853 53.21 -16.31 -18.34
CA MET C 853 53.05 -17.76 -18.19
C MET C 853 52.28 -18.35 -19.36
N ILE C 854 51.23 -17.66 -19.81
CA ILE C 854 50.46 -18.15 -20.95
C ILE C 854 51.30 -18.14 -22.22
N ALA C 855 52.13 -17.10 -22.39
CA ALA C 855 53.04 -17.06 -23.52
C ALA C 855 54.05 -18.20 -23.46
N GLN C 856 54.53 -18.52 -22.26
CA GLN C 856 55.43 -19.65 -22.10
C GLN C 856 54.75 -20.96 -22.49
N TYR C 857 53.50 -21.14 -22.08
CA TYR C 857 52.75 -22.35 -22.45
C TYR C 857 52.61 -22.46 -23.96
N THR C 858 52.24 -21.36 -24.62
CA THR C 858 52.08 -21.40 -26.07
C THR C 858 53.41 -21.67 -26.77
N SER C 859 54.50 -21.09 -26.26
CA SER C 859 55.80 -21.34 -26.86
C SER C 859 56.21 -22.80 -26.70
N ALA C 860 55.91 -23.40 -25.55
CA ALA C 860 56.20 -24.82 -25.36
C ALA C 860 55.41 -25.68 -26.33
N LEU C 861 54.12 -25.36 -26.51
CA LEU C 861 53.32 -26.11 -27.47
C LEU C 861 53.87 -25.99 -28.89
N LEU C 862 54.25 -24.77 -29.28
CA LEU C 862 54.78 -24.55 -30.62
C LEU C 862 56.09 -25.30 -30.82
N ALA C 863 57.00 -25.25 -29.84
CA ALA C 863 58.27 -25.95 -29.97
C ALA C 863 58.06 -27.46 -30.06
N GLY C 864 57.15 -28.00 -29.23
CA GLY C 864 56.87 -29.42 -29.30
C GLY C 864 56.32 -29.85 -30.64
N THR C 865 55.36 -29.08 -31.18
CA THR C 865 54.78 -29.48 -32.45
C THR C 865 55.75 -29.27 -33.61
N ILE C 866 56.68 -28.31 -33.50
CA ILE C 866 57.62 -28.09 -34.58
C ILE C 866 58.70 -29.16 -34.59
N THR C 867 59.18 -29.56 -33.41
CA THR C 867 60.31 -30.49 -33.37
C THR C 867 59.90 -31.96 -33.27
N SER C 868 58.66 -32.27 -32.94
CA SER C 868 58.29 -33.65 -32.68
C SER C 868 57.02 -34.11 -33.37
N GLY C 869 56.34 -33.25 -34.11
CA GLY C 869 55.09 -33.68 -34.75
C GLY C 869 53.99 -33.86 -33.72
N TRP C 870 53.26 -34.96 -33.83
CA TRP C 870 52.17 -35.27 -32.92
C TRP C 870 52.55 -36.29 -31.85
N THR C 871 53.83 -36.64 -31.75
CA THR C 871 54.23 -37.69 -30.81
C THR C 871 54.21 -37.20 -29.37
N PHE C 872 54.48 -35.91 -29.13
CA PHE C 872 54.53 -35.41 -27.76
C PHE C 872 53.16 -35.30 -27.12
N GLY C 873 52.09 -35.40 -27.90
CA GLY C 873 50.75 -35.38 -27.36
C GLY C 873 50.20 -36.73 -26.94
N ALA C 874 50.98 -37.80 -27.13
CA ALA C 874 50.54 -39.15 -26.77
C ALA C 874 51.56 -39.91 -25.93
N GLY C 875 52.69 -39.29 -25.58
CA GLY C 875 53.72 -39.96 -24.81
C GLY C 875 55.04 -39.21 -24.85
N PRO C 876 56.14 -39.94 -24.95
CA PRO C 876 57.44 -39.30 -25.06
C PRO C 876 57.58 -38.61 -26.41
N ALA C 877 58.23 -37.44 -26.40
CA ALA C 877 58.43 -36.67 -27.62
C ALA C 877 59.58 -37.28 -28.42
N LEU C 878 59.30 -37.64 -29.68
CA LEU C 878 60.29 -38.23 -30.56
C LEU C 878 60.57 -37.26 -31.71
N GLN C 879 61.85 -36.93 -31.90
CA GLN C 879 62.22 -35.96 -32.91
C GLN C 879 62.12 -36.54 -34.31
N ILE C 880 61.87 -35.67 -35.28
CA ILE C 880 61.74 -36.05 -36.67
C ILE C 880 61.99 -34.82 -37.52
N PRO C 881 62.67 -34.93 -38.67
CA PRO C 881 62.85 -33.76 -39.55
C PRO C 881 61.51 -33.22 -40.01
N PHE C 882 61.43 -31.89 -40.15
CA PHE C 882 60.15 -31.25 -40.43
C PHE C 882 59.62 -31.64 -41.80
N PRO C 883 60.51 -31.82 -42.78
CA PRO C 883 60.07 -32.25 -44.11
C PRO C 883 59.44 -33.63 -44.06
N MET C 884 60.01 -34.54 -43.26
CA MET C 884 59.46 -35.89 -43.17
C MET C 884 58.09 -35.90 -42.49
N GLN C 885 57.90 -35.09 -41.46
CA GLN C 885 56.59 -35.04 -40.82
C GLN C 885 55.57 -34.32 -41.69
N MET C 886 56.02 -33.36 -42.51
CA MET C 886 55.12 -32.77 -43.49
C MET C 886 54.69 -33.79 -44.54
N ALA C 887 55.61 -34.67 -44.93
CA ALA C 887 55.25 -35.77 -45.83
C ALA C 887 54.27 -36.72 -45.16
N TYR C 888 54.45 -36.98 -43.86
CA TYR C 888 53.48 -37.79 -43.11
C TYR C 888 52.10 -37.17 -43.16
N ARG C 889 52.03 -35.85 -42.92
CA ARG C 889 50.75 -35.17 -42.94
C ARG C 889 50.13 -35.14 -44.33
N PHE C 890 50.94 -35.05 -45.38
CA PHE C 890 50.43 -35.20 -46.73
C PHE C 890 49.83 -36.59 -46.94
N ASN C 891 50.52 -37.62 -46.42
CA ASN C 891 49.96 -38.97 -46.47
C ASN C 891 48.65 -39.05 -45.72
N GLY C 892 48.49 -38.24 -44.68
CA GLY C 892 47.27 -38.28 -43.89
C GLY C 892 46.02 -37.90 -44.67
N ILE C 893 46.15 -36.98 -45.63
CA ILE C 893 45.00 -36.49 -46.39
C ILE C 893 44.84 -37.21 -47.73
N GLY C 894 45.61 -38.27 -47.97
CA GLY C 894 45.44 -39.06 -49.18
C GLY C 894 46.30 -38.66 -50.35
N VAL C 895 47.43 -38.00 -50.12
CA VAL C 895 48.37 -37.63 -51.17
C VAL C 895 49.68 -38.33 -50.91
N THR C 896 50.29 -38.88 -51.96
CA THR C 896 51.51 -39.65 -51.80
C THR C 896 52.67 -38.76 -51.37
N GLN C 897 53.69 -39.39 -50.79
CA GLN C 897 54.81 -38.65 -50.20
C GLN C 897 55.60 -37.90 -51.26
N ASN C 898 55.88 -38.53 -52.40
CA ASN C 898 56.75 -37.92 -53.40
C ASN C 898 56.23 -36.57 -53.86
N VAL C 899 54.90 -36.40 -53.88
CA VAL C 899 54.32 -35.13 -54.30
C VAL C 899 54.88 -33.98 -53.47
N LEU C 900 55.07 -34.22 -52.17
CA LEU C 900 55.72 -33.21 -51.34
C LEU C 900 57.21 -33.10 -51.67
N TYR C 901 57.89 -34.25 -51.76
CA TYR C 901 59.34 -34.21 -51.90
C TYR C 901 59.78 -33.61 -53.22
N GLU C 902 58.94 -33.71 -54.25
CA GLU C 902 59.23 -33.11 -55.54
C GLU C 902 58.74 -31.67 -55.66
N ASN C 903 58.02 -31.17 -54.65
CA ASN C 903 57.51 -29.81 -54.68
C ASN C 903 57.82 -29.09 -53.36
N GLN C 904 58.93 -29.45 -52.72
CA GLN C 904 59.23 -28.94 -51.38
C GLN C 904 59.35 -27.43 -51.38
N LYS C 905 60.33 -26.89 -52.12
CA LYS C 905 60.63 -25.46 -52.07
C LYS C 905 59.37 -24.64 -52.35
N LEU C 906 58.69 -24.92 -53.46
CA LEU C 906 57.47 -24.22 -53.79
C LEU C 906 56.50 -24.23 -52.62
N ILE C 907 56.25 -25.42 -52.06
CA ILE C 907 55.33 -25.52 -50.93
C ILE C 907 55.78 -24.60 -49.81
N ALA C 908 57.06 -24.67 -49.45
CA ALA C 908 57.58 -23.82 -48.39
C ALA C 908 57.29 -22.36 -48.71
N ASN C 909 57.60 -21.94 -49.94
CA ASN C 909 57.35 -20.56 -50.33
C ASN C 909 55.90 -20.19 -50.07
N GLN C 910 54.97 -21.02 -50.55
CA GLN C 910 53.56 -20.73 -50.35
C GLN C 910 53.27 -20.51 -48.87
N PHE C 911 53.74 -21.43 -48.03
CA PHE C 911 53.49 -21.31 -46.60
C PHE C 911 53.96 -19.96 -46.10
N ASN C 912 55.20 -19.59 -46.43
CA ASN C 912 55.74 -18.31 -45.96
C ASN C 912 54.81 -17.17 -46.36
N SER C 913 54.43 -17.13 -47.64
CA SER C 913 53.60 -16.03 -48.11
C SER C 913 52.32 -15.96 -47.29
N ALA C 914 51.69 -17.12 -47.06
CA ALA C 914 50.43 -17.13 -46.33
C ALA C 914 50.59 -16.47 -44.97
N ILE C 915 51.67 -16.82 -44.25
CA ILE C 915 51.88 -16.25 -42.93
C ILE C 915 51.95 -14.73 -43.03
N GLY C 916 52.70 -14.22 -44.01
CA GLY C 916 52.79 -12.79 -44.19
C GLY C 916 51.42 -12.16 -44.37
N LYS C 917 50.58 -12.79 -45.19
CA LYS C 917 49.25 -12.24 -45.43
C LYS C 917 48.46 -12.13 -44.14
N ILE C 918 48.61 -13.10 -43.24
CA ILE C 918 47.89 -13.05 -41.98
C ILE C 918 48.21 -11.76 -41.24
N GLN C 919 49.48 -11.36 -41.27
CA GLN C 919 49.90 -10.15 -40.57
C GLN C 919 49.16 -8.92 -41.12
N ASP C 920 49.01 -8.86 -42.44
CA ASP C 920 48.27 -7.75 -43.03
C ASP C 920 46.83 -7.74 -42.53
N SER C 921 46.21 -8.91 -42.40
CA SER C 921 44.85 -8.98 -41.89
C SER C 921 44.73 -8.48 -40.46
N LEU C 922 45.84 -8.36 -39.74
CA LEU C 922 45.83 -7.80 -38.39
C LEU C 922 46.41 -6.39 -38.35
N SER C 923 46.83 -5.83 -39.49
CA SER C 923 47.35 -4.47 -39.54
C SER C 923 46.56 -3.58 -40.49
N SER C 924 45.39 -4.03 -40.94
CA SER C 924 44.57 -3.23 -41.84
C SER C 924 43.12 -3.23 -41.40
N THR C 925 42.73 -4.21 -40.60
CA THR C 925 41.34 -4.38 -40.17
C THR C 925 41.25 -4.17 -38.67
N PRO C 926 40.14 -3.55 -38.24
CA PRO C 926 39.90 -3.25 -36.84
C PRO C 926 38.66 -3.93 -36.27
N SER C 927 38.20 -5.03 -36.89
CA SER C 927 37.02 -5.75 -36.43
C SER C 927 37.24 -7.25 -36.34
N ALA C 928 38.49 -7.71 -36.43
CA ALA C 928 38.76 -9.14 -36.37
C ALA C 928 38.67 -9.69 -34.95
N LEU C 929 39.02 -8.88 -33.95
CA LEU C 929 39.04 -9.31 -32.55
C LEU C 929 37.79 -8.84 -31.81
N GLY C 930 36.64 -8.88 -32.47
CA GLY C 930 35.42 -8.33 -31.92
C GLY C 930 34.82 -9.12 -30.77
N LYS C 931 35.12 -10.42 -30.68
CA LYS C 931 34.51 -11.23 -29.62
C LYS C 931 35.08 -10.89 -28.24
N LEU C 932 36.40 -10.78 -28.15
CA LEU C 932 37.02 -10.40 -26.88
C LEU C 932 36.61 -9.00 -26.47
N GLN C 933 36.57 -8.08 -27.44
CA GLN C 933 36.10 -6.73 -27.16
C GLN C 933 34.66 -6.73 -26.70
N ASP C 934 33.82 -7.60 -27.28
CA ASP C 934 32.44 -7.70 -26.84
C ASP C 934 32.34 -8.19 -25.41
N VAL C 935 33.16 -9.17 -25.04
CA VAL C 935 33.16 -9.65 -23.66
C VAL C 935 33.52 -8.52 -22.69
N VAL C 936 34.59 -7.79 -23.02
CA VAL C 936 35.03 -6.68 -22.18
C VAL C 936 33.94 -5.62 -22.07
N ASN C 937 33.32 -5.28 -23.20
CA ASN C 937 32.29 -4.25 -23.23
C ASN C 937 31.07 -4.66 -22.43
N HIS C 938 30.68 -5.94 -22.51
CA HIS C 938 29.53 -6.40 -21.74
C HIS C 938 29.80 -6.32 -20.24
N ASN C 939 31.00 -6.72 -19.81
CA ASN C 939 31.33 -6.60 -18.39
C ASN C 939 31.28 -5.15 -17.93
N ALA C 940 31.89 -4.25 -18.72
CA ALA C 940 31.91 -2.83 -18.36
C ALA C 940 30.50 -2.25 -18.32
N GLN C 941 29.66 -2.62 -19.27
CA GLN C 941 28.29 -2.11 -19.32
C GLN C 941 27.50 -2.59 -18.10
N ALA C 942 27.67 -3.85 -17.71
CA ALA C 942 26.96 -4.35 -16.53
C ALA C 942 27.39 -3.60 -15.27
N LEU C 943 28.71 -3.37 -15.11
CA LEU C 943 29.18 -2.63 -13.94
C LEU C 943 28.65 -1.19 -13.95
N ASN C 944 28.64 -0.54 -15.11
CA ASN C 944 28.16 0.83 -15.19
C ASN C 944 26.67 0.91 -14.87
N THR C 945 25.88 -0.05 -15.34
CA THR C 945 24.47 -0.08 -15.01
C THR C 945 24.26 -0.27 -13.50
N LEU C 946 25.04 -1.16 -12.89
CA LEU C 946 24.93 -1.35 -11.45
C LEU C 946 25.25 -0.07 -10.70
N VAL C 947 26.30 0.64 -11.12
CA VAL C 947 26.65 1.88 -10.44
C VAL C 947 25.56 2.94 -10.62
N LYS C 948 25.04 3.06 -11.84
CA LYS C 948 24.04 4.09 -12.11
C LYS C 948 22.70 3.79 -11.47
N GLN C 949 22.44 2.54 -11.10
CA GLN C 949 21.18 2.22 -10.43
C GLN C 949 21.11 2.72 -8.99
N LEU C 950 22.12 3.42 -8.50
CA LEU C 950 22.12 3.91 -7.12
C LEU C 950 21.42 5.25 -6.94
N SER C 951 21.03 5.91 -8.04
CA SER C 951 20.36 7.20 -7.97
C SER C 951 18.86 7.10 -8.13
N SER C 952 18.30 5.90 -8.07
CA SER C 952 16.85 5.71 -8.19
C SER C 952 16.22 5.74 -6.81
N LYS C 953 15.16 6.55 -6.67
CA LYS C 953 14.49 6.70 -5.39
C LYS C 953 13.60 5.53 -5.03
N PHE C 954 13.16 4.75 -6.02
CA PHE C 954 12.31 3.58 -5.81
C PHE C 954 11.02 3.94 -5.06
N GLY C 955 10.48 5.12 -5.33
CA GLY C 955 9.26 5.57 -4.69
C GLY C 955 9.43 6.22 -3.34
N ALA C 956 10.66 6.49 -2.91
CA ALA C 956 10.92 7.15 -1.64
C ALA C 956 11.10 8.66 -1.85
N ILE C 957 11.17 9.38 -0.73
CA ILE C 957 11.32 10.83 -0.81
C ILE C 957 12.68 11.22 -1.38
N SER C 958 13.72 10.45 -1.08
CA SER C 958 15.05 10.76 -1.57
C SER C 958 15.83 9.46 -1.71
N SER C 959 16.91 9.52 -2.49
CA SER C 959 17.82 8.40 -2.65
C SER C 959 18.99 8.44 -1.69
N VAL C 960 19.11 9.49 -0.88
CA VAL C 960 20.18 9.65 0.08
C VAL C 960 19.68 9.19 1.44
N LEU C 961 20.40 8.25 2.06
CA LEU C 961 19.97 7.70 3.33
C LEU C 961 20.10 8.73 4.46
N ASN C 962 21.17 9.51 4.43
CA ASN C 962 21.41 10.49 5.49
C ASN C 962 20.30 11.54 5.52
N ASP C 963 19.86 12.00 4.34
CA ASP C 963 18.78 12.98 4.29
C ASP C 963 17.50 12.42 4.88
N ILE C 964 17.16 11.17 4.55
CA ILE C 964 15.96 10.55 5.09
C ILE C 964 16.04 10.42 6.60
N PHE C 965 17.21 10.00 7.10
CA PHE C 965 17.36 9.78 8.53
C PHE C 965 17.38 11.08 9.31
N SER C 966 17.91 12.16 8.72
CA SER C 966 18.01 13.42 9.44
C SER C 966 16.80 14.34 9.25
N ARG C 967 15.96 14.07 8.26
CA ARG C 967 14.83 14.95 7.95
C ARG C 967 13.48 14.41 8.40
N LEU C 968 13.43 13.21 9.00
CA LEU C 968 12.13 12.60 9.24
C LEU C 968 12.25 11.54 10.31
N ASP C 969 11.10 11.22 10.93
CA ASP C 969 11.04 10.38 12.11
C ASP C 969 11.23 8.90 11.78
N PRO C 970 11.64 8.11 12.76
CA PRO C 970 11.85 6.66 12.54
C PRO C 970 10.61 5.93 12.02
N PRO C 971 9.39 6.27 12.48
CA PRO C 971 8.23 5.50 11.99
C PRO C 971 8.08 5.48 10.47
N GLU C 972 8.36 6.58 9.79
CA GLU C 972 8.34 6.57 8.32
C GLU C 972 9.70 6.27 7.73
N ALA C 973 10.78 6.56 8.46
CA ALA C 973 12.10 6.20 7.99
C ALA C 973 12.21 4.70 7.79
N GLU C 974 11.51 3.91 8.62
CA GLU C 974 11.51 2.46 8.44
C GLU C 974 11.05 2.10 7.03
N VAL C 975 9.89 2.63 6.61
CA VAL C 975 9.35 2.26 5.30
C VAL C 975 10.21 2.82 4.17
N GLN C 976 10.74 4.03 4.34
CA GLN C 976 11.57 4.61 3.28
C GLN C 976 12.84 3.79 3.06
N ILE C 977 13.55 3.48 4.15
CA ILE C 977 14.77 2.69 4.03
C ILE C 977 14.44 1.27 3.59
N ASP C 978 13.29 0.74 3.96
CA ASP C 978 12.90 -0.58 3.46
C ASP C 978 12.75 -0.56 1.94
N ARG C 979 12.09 0.48 1.41
CA ARG C 979 11.94 0.59 -0.04
C ARG C 979 13.30 0.68 -0.73
N LEU C 980 14.19 1.53 -0.23
CA LEU C 980 15.49 1.69 -0.85
C LEU C 980 16.30 0.39 -0.79
N ILE C 981 16.27 -0.29 0.37
CA ILE C 981 17.03 -1.52 0.55
C ILE C 981 16.51 -2.61 -0.39
N THR C 982 15.19 -2.73 -0.50
CA THR C 982 14.62 -3.73 -1.39
C THR C 982 15.02 -3.46 -2.84
N GLY C 983 14.97 -2.20 -3.26
CA GLY C 983 15.37 -1.89 -4.63
C GLY C 983 16.82 -2.24 -4.91
N ARG C 984 17.71 -1.88 -3.99
CA ARG C 984 19.13 -2.15 -4.20
C ARG C 984 19.43 -3.64 -4.16
N LEU C 985 18.75 -4.39 -3.27
CA LEU C 985 18.91 -5.84 -3.24
C LEU C 985 18.45 -6.47 -4.55
N GLN C 986 17.33 -6.00 -5.09
CA GLN C 986 16.87 -6.51 -6.37
C GLN C 986 17.88 -6.25 -7.47
N SER C 987 18.48 -5.06 -7.48
CA SER C 987 19.51 -4.76 -8.47
C SER C 987 20.70 -5.71 -8.35
N LEU C 988 21.15 -5.96 -7.12
CA LEU C 988 22.28 -6.86 -6.92
C LEU C 988 21.95 -8.29 -7.40
N GLN C 989 20.75 -8.77 -7.06
CA GLN C 989 20.37 -10.12 -7.48
C GLN C 989 20.30 -10.24 -9.00
N THR C 990 19.76 -9.21 -9.67
CA THR C 990 19.72 -9.22 -11.12
C THR C 990 21.12 -9.28 -11.71
N TYR C 991 22.05 -8.47 -11.17
CA TYR C 991 23.42 -8.50 -11.67
C TYR C 991 24.03 -9.88 -11.51
N VAL C 992 23.82 -10.52 -10.35
CA VAL C 992 24.40 -11.84 -10.12
C VAL C 992 23.85 -12.87 -11.11
N THR C 993 22.53 -12.83 -11.36
CA THR C 993 21.94 -13.78 -12.29
C THR C 993 22.50 -13.61 -13.71
N GLN C 994 22.61 -12.36 -14.18
CA GLN C 994 23.18 -12.14 -15.50
C GLN C 994 24.62 -12.62 -15.57
N GLN C 995 25.38 -12.40 -14.49
CA GLN C 995 26.76 -12.88 -14.45
C GLN C 995 26.83 -14.40 -14.55
N LEU C 996 25.93 -15.09 -13.87
CA LEU C 996 25.93 -16.55 -13.93
C LEU C 996 25.65 -17.05 -15.35
N ILE C 997 24.68 -16.44 -16.04
CA ILE C 997 24.37 -16.86 -17.40
C ILE C 997 25.56 -16.61 -18.33
N ARG C 998 26.18 -15.43 -18.21
CA ARG C 998 27.35 -15.13 -19.04
C ARG C 998 28.49 -16.08 -18.76
N ALA C 999 28.67 -16.48 -17.49
CA ALA C 999 29.72 -17.42 -17.14
C ALA C 999 29.47 -18.78 -17.77
N ALA C 1000 28.21 -19.21 -17.81
CA ALA C 1000 27.90 -20.47 -18.48
C ALA C 1000 28.27 -20.43 -19.96
N GLU C 1001 27.94 -19.31 -20.62
CA GLU C 1001 28.29 -19.18 -22.04
C GLU C 1001 29.81 -19.20 -22.24
N ILE C 1002 30.54 -18.49 -21.38
CA ILE C 1002 32.00 -18.45 -21.49
C ILE C 1002 32.59 -19.85 -21.26
N ARG C 1003 32.01 -20.61 -20.34
CA ARG C 1003 32.48 -21.97 -20.09
C ARG C 1003 32.29 -22.86 -21.30
N ALA C 1004 31.15 -22.73 -21.99
CA ALA C 1004 30.95 -23.49 -23.21
C ALA C 1004 32.01 -23.13 -24.26
N SER C 1005 32.29 -21.84 -24.42
CA SER C 1005 33.30 -21.42 -25.38
C SER C 1005 34.68 -21.96 -25.02
N ALA C 1006 35.02 -21.95 -23.73
CA ALA C 1006 36.31 -22.46 -23.30
C ALA C 1006 36.42 -23.97 -23.50
N ASN C 1007 35.34 -24.71 -23.30
CA ASN C 1007 35.36 -26.14 -23.58
C ASN C 1007 35.62 -26.40 -25.06
N LEU C 1008 34.97 -25.63 -25.94
CA LEU C 1008 35.25 -25.76 -27.37
C LEU C 1008 36.70 -25.45 -27.69
N ALA C 1009 37.25 -24.39 -27.06
CA ALA C 1009 38.66 -24.04 -27.30
C ALA C 1009 39.60 -25.15 -26.86
N ALA C 1010 39.32 -25.77 -25.71
CA ALA C 1010 40.15 -26.87 -25.23
C ALA C 1010 40.08 -28.05 -26.20
N THR C 1011 38.89 -28.37 -26.69
CA THR C 1011 38.77 -29.46 -27.66
C THR C 1011 39.55 -29.16 -28.94
N LYS C 1012 39.47 -27.92 -29.42
CA LYS C 1012 40.21 -27.57 -30.63
C LYS C 1012 41.72 -27.62 -30.40
N MET C 1013 42.18 -27.18 -29.22
CA MET C 1013 43.60 -27.30 -28.90
C MET C 1013 44.04 -28.75 -28.89
N SER C 1014 43.21 -29.63 -28.33
CA SER C 1014 43.58 -31.04 -28.26
C SER C 1014 43.60 -31.69 -29.63
N GLU C 1015 42.64 -31.36 -30.50
CA GLU C 1015 42.44 -32.13 -31.72
C GLU C 1015 43.07 -31.52 -32.96
N CYS C 1016 43.33 -30.22 -33.00
CA CYS C 1016 43.94 -29.60 -34.17
C CYS C 1016 45.41 -29.28 -33.99
N VAL C 1017 45.86 -29.06 -32.76
CA VAL C 1017 47.25 -28.70 -32.50
C VAL C 1017 48.08 -29.94 -32.12
N LEU C 1018 47.51 -30.83 -31.31
CA LEU C 1018 48.21 -32.03 -30.87
C LEU C 1018 48.02 -33.21 -31.80
N GLY C 1019 47.31 -33.02 -32.93
CA GLY C 1019 47.13 -34.08 -33.89
C GLY C 1019 46.58 -33.53 -35.18
N GLN C 1020 46.36 -34.43 -36.13
CA GLN C 1020 45.76 -34.09 -37.41
C GLN C 1020 44.32 -34.59 -37.44
N SER C 1021 43.39 -33.70 -37.77
CA SER C 1021 41.97 -33.98 -37.66
C SER C 1021 41.38 -34.36 -39.01
N LYS C 1022 40.50 -35.37 -38.99
CA LYS C 1022 39.75 -35.77 -40.17
C LYS C 1022 38.33 -35.21 -40.19
N ARG C 1023 37.89 -34.54 -39.13
CA ARG C 1023 36.57 -33.94 -39.11
C ARG C 1023 36.51 -32.77 -40.07
N VAL C 1024 35.41 -32.68 -40.82
CA VAL C 1024 35.27 -31.66 -41.85
C VAL C 1024 34.93 -30.33 -41.20
N ASP C 1025 35.70 -29.29 -41.57
CA ASP C 1025 35.49 -27.91 -41.16
C ASP C 1025 35.68 -27.68 -39.67
N PHE C 1026 36.41 -28.57 -38.98
CA PHE C 1026 36.68 -28.37 -37.56
C PHE C 1026 37.96 -27.57 -37.32
N CYS C 1027 38.96 -27.73 -38.18
CA CYS C 1027 40.20 -26.98 -38.04
C CYS C 1027 40.50 -26.21 -39.32
N GLY C 1028 39.51 -25.48 -39.82
CA GLY C 1028 39.68 -24.65 -41.00
C GLY C 1028 38.88 -25.18 -42.18
N LYS C 1029 39.04 -24.49 -43.31
CA LYS C 1029 38.40 -24.84 -44.57
C LYS C 1029 39.42 -25.50 -45.48
N GLY C 1030 39.12 -26.71 -45.93
CA GLY C 1030 40.04 -27.51 -46.71
C GLY C 1030 40.50 -28.73 -45.92
N TYR C 1031 41.46 -29.42 -46.50
CA TYR C 1031 42.04 -30.60 -45.85
C TYR C 1031 43.06 -30.16 -44.81
N HIS C 1032 42.76 -30.43 -43.54
CA HIS C 1032 43.58 -29.93 -42.45
C HIS C 1032 44.98 -30.54 -42.49
N LEU C 1033 45.99 -29.69 -42.40
CA LEU C 1033 47.38 -30.13 -42.27
C LEU C 1033 47.89 -29.94 -40.85
N MET C 1034 47.82 -28.72 -40.31
CA MET C 1034 48.30 -28.49 -38.96
C MET C 1034 47.70 -27.20 -38.41
N SER C 1035 48.02 -26.90 -37.14
CA SER C 1035 47.51 -25.71 -36.48
C SER C 1035 48.54 -25.19 -35.50
N PHE C 1036 48.51 -23.88 -35.28
CA PHE C 1036 49.44 -23.20 -34.37
C PHE C 1036 48.65 -22.29 -33.42
N PRO C 1037 48.87 -22.38 -32.12
CA PRO C 1037 48.17 -21.52 -31.17
C PRO C 1037 48.95 -20.25 -30.82
N GLN C 1038 48.19 -19.19 -30.58
CA GLN C 1038 48.70 -17.93 -30.05
C GLN C 1038 47.77 -17.42 -28.97
N SER C 1039 48.34 -16.77 -27.97
CA SER C 1039 47.56 -16.24 -26.86
C SER C 1039 47.10 -14.82 -27.17
N ALA C 1040 45.91 -14.48 -26.69
CA ALA C 1040 45.33 -13.15 -26.86
C ALA C 1040 44.67 -12.76 -25.55
N PRO C 1041 44.47 -11.46 -25.31
CA PRO C 1041 43.79 -11.04 -24.08
C PRO C 1041 42.45 -11.72 -23.89
N HIS C 1042 42.34 -12.54 -22.84
CA HIS C 1042 41.14 -13.30 -22.51
C HIS C 1042 40.76 -14.33 -23.55
N GLY C 1043 41.69 -14.77 -24.39
CA GLY C 1043 41.30 -15.72 -25.42
C GLY C 1043 42.48 -16.34 -26.13
N VAL C 1044 42.15 -17.13 -27.15
CA VAL C 1044 43.14 -17.85 -27.93
C VAL C 1044 42.86 -17.63 -29.42
N VAL C 1045 43.91 -17.71 -30.22
CA VAL C 1045 43.83 -17.59 -31.67
C VAL C 1045 44.51 -18.81 -32.28
N PHE C 1046 43.83 -19.45 -33.22
CA PHE C 1046 44.35 -20.63 -33.91
C PHE C 1046 44.64 -20.27 -35.35
N LEU C 1047 45.85 -20.59 -35.82
CA LEU C 1047 46.23 -20.48 -37.21
C LEU C 1047 46.19 -21.88 -37.81
N HIS C 1048 45.22 -22.12 -38.70
CA HIS C 1048 45.03 -23.41 -39.35
C HIS C 1048 45.68 -23.39 -40.71
N VAL C 1049 46.54 -24.39 -40.96
CA VAL C 1049 47.19 -24.59 -42.25
C VAL C 1049 46.53 -25.79 -42.91
N THR C 1050 45.96 -25.56 -44.10
CA THR C 1050 45.18 -26.54 -44.83
C THR C 1050 45.62 -26.60 -46.30
N TYR C 1051 45.19 -27.67 -46.96
CA TYR C 1051 45.53 -27.97 -48.34
C TYR C 1051 44.28 -27.79 -49.20
N VAL C 1052 44.40 -27.05 -50.30
CA VAL C 1052 43.27 -26.76 -51.17
C VAL C 1052 43.61 -27.16 -52.61
N PRO C 1053 42.85 -28.03 -53.25
CA PRO C 1053 43.13 -28.39 -54.64
C PRO C 1053 42.82 -27.22 -55.58
N ALA C 1054 43.46 -27.25 -56.75
CA ALA C 1054 43.30 -26.17 -57.71
C ALA C 1054 43.66 -26.66 -59.11
N GLN C 1055 43.18 -25.93 -60.11
CA GLN C 1055 43.47 -26.16 -61.52
C GLN C 1055 43.04 -27.57 -61.95
N GLU C 1056 41.73 -27.81 -61.88
CA GLU C 1056 41.17 -29.11 -62.21
C GLU C 1056 41.03 -29.27 -63.73
N LYS C 1057 41.00 -30.54 -64.15
CA LYS C 1057 40.88 -30.87 -65.57
C LYS C 1057 39.86 -31.99 -65.75
N ASN C 1058 39.26 -32.02 -66.93
CA ASN C 1058 38.26 -33.01 -67.31
C ASN C 1058 38.93 -34.27 -67.85
N PHE C 1059 38.35 -35.43 -67.52
CA PHE C 1059 38.83 -36.70 -68.03
C PHE C 1059 37.65 -37.64 -68.19
N THR C 1060 37.82 -38.65 -69.06
CA THR C 1060 36.85 -39.72 -69.18
C THR C 1060 37.16 -40.80 -68.16
N THR C 1061 36.12 -41.43 -67.63
CA THR C 1061 36.31 -42.39 -66.55
C THR C 1061 35.49 -43.65 -66.81
N ALA C 1062 35.94 -44.75 -66.22
CA ALA C 1062 35.27 -46.04 -66.28
C ALA C 1062 35.38 -46.71 -64.92
N PRO C 1063 34.42 -47.55 -64.56
CA PRO C 1063 34.48 -48.22 -63.25
C PRO C 1063 35.45 -49.39 -63.21
N ALA C 1064 35.58 -50.11 -64.33
CA ALA C 1064 36.43 -51.30 -64.37
C ALA C 1064 36.99 -51.46 -65.77
N ILE C 1065 38.04 -52.27 -65.88
CA ILE C 1065 38.70 -52.54 -67.15
C ILE C 1065 38.55 -54.03 -67.47
N CYS C 1066 38.12 -54.33 -68.68
CA CYS C 1066 37.93 -55.71 -69.11
C CYS C 1066 39.17 -56.20 -69.86
N HIS C 1067 39.73 -57.32 -69.40
CA HIS C 1067 40.89 -57.91 -70.04
C HIS C 1067 40.85 -59.41 -69.86
N ASP C 1068 40.99 -60.14 -70.98
CA ASP C 1068 40.97 -61.60 -70.98
C ASP C 1068 39.68 -62.15 -70.37
N GLY C 1069 38.57 -61.44 -70.56
CA GLY C 1069 37.32 -61.85 -69.97
C GLY C 1069 37.23 -61.69 -68.47
N LYS C 1070 38.08 -60.83 -67.89
CA LYS C 1070 38.09 -60.60 -66.46
C LYS C 1070 37.99 -59.11 -66.17
N ALA C 1071 37.39 -58.77 -65.04
CA ALA C 1071 37.20 -57.40 -64.63
C ALA C 1071 38.31 -56.99 -63.66
N HIS C 1072 38.91 -55.83 -63.92
CA HIS C 1072 39.98 -55.29 -63.09
C HIS C 1072 39.52 -53.97 -62.50
N PHE C 1073 39.75 -53.80 -61.20
CA PHE C 1073 39.42 -52.61 -60.45
C PHE C 1073 40.69 -51.99 -59.89
N PRO C 1074 40.74 -50.65 -59.79
CA PRO C 1074 41.96 -50.01 -59.28
C PRO C 1074 42.12 -50.25 -57.79
N ARG C 1075 43.38 -50.42 -57.38
CA ARG C 1075 43.66 -50.73 -55.98
C ARG C 1075 43.50 -49.51 -55.09
N GLU C 1076 43.98 -48.35 -55.52
CA GLU C 1076 43.94 -47.16 -54.69
C GLU C 1076 43.38 -45.94 -55.42
N GLY C 1077 43.56 -45.89 -56.72
CA GLY C 1077 43.24 -44.70 -57.50
C GLY C 1077 41.96 -44.85 -58.31
N VAL C 1078 41.99 -44.31 -59.52
CA VAL C 1078 40.83 -44.27 -60.40
C VAL C 1078 41.33 -44.28 -61.84
N PHE C 1079 40.54 -44.92 -62.71
CA PHE C 1079 40.86 -45.01 -64.13
C PHE C 1079 40.47 -43.73 -64.84
N VAL C 1080 41.39 -43.18 -65.64
CA VAL C 1080 41.16 -41.95 -66.38
C VAL C 1080 41.61 -42.12 -67.82
N SER C 1081 41.05 -41.29 -68.69
CA SER C 1081 41.37 -41.30 -70.10
C SER C 1081 41.42 -39.86 -70.60
N ASN C 1082 42.49 -39.55 -71.33
CA ASN C 1082 42.67 -38.26 -71.99
C ASN C 1082 42.11 -38.24 -73.41
N GLY C 1083 41.59 -39.37 -73.88
CA GLY C 1083 40.97 -39.41 -75.19
C GLY C 1083 41.35 -40.63 -76.02
N THR C 1084 42.58 -41.11 -75.88
CA THR C 1084 43.04 -42.23 -76.69
C THR C 1084 43.68 -43.32 -75.85
N HIS C 1085 44.13 -42.98 -74.64
CA HIS C 1085 44.84 -43.92 -73.79
C HIS C 1085 44.27 -43.88 -72.37
N TRP C 1086 44.44 -44.99 -71.66
CA TRP C 1086 43.89 -45.17 -70.33
C TRP C 1086 45.02 -45.27 -69.30
N PHE C 1087 44.84 -44.59 -68.17
CA PHE C 1087 45.80 -44.61 -67.08
C PHE C 1087 45.04 -44.77 -65.76
N VAL C 1088 45.80 -44.94 -64.68
CA VAL C 1088 45.27 -44.98 -63.33
C VAL C 1088 46.00 -43.93 -62.50
N THR C 1089 45.25 -43.11 -61.79
CA THR C 1089 45.83 -42.00 -61.04
C THR C 1089 45.23 -41.92 -59.65
N GLN C 1090 45.98 -41.30 -58.74
CA GLN C 1090 45.44 -41.01 -57.42
C GLN C 1090 44.34 -39.96 -57.53
N ARG C 1091 43.39 -40.02 -56.60
CA ARG C 1091 42.14 -39.28 -56.73
C ARG C 1091 42.25 -37.80 -56.38
N ASN C 1092 43.34 -37.38 -55.73
CA ASN C 1092 43.47 -35.99 -55.27
C ASN C 1092 44.56 -35.22 -56.00
N PHE C 1093 45.30 -35.86 -56.90
CA PHE C 1093 46.39 -35.21 -57.61
C PHE C 1093 46.63 -35.98 -58.89
N TYR C 1094 46.69 -35.26 -60.01
CA TYR C 1094 46.81 -35.93 -61.31
C TYR C 1094 48.23 -36.46 -61.49
N GLU C 1095 48.33 -37.78 -61.64
CA GLU C 1095 49.62 -38.45 -61.82
C GLU C 1095 49.40 -39.76 -62.55
N PRO C 1096 49.24 -39.71 -63.87
CA PRO C 1096 48.87 -40.92 -64.61
C PRO C 1096 49.97 -41.97 -64.59
N GLN C 1097 49.54 -43.23 -64.64
CA GLN C 1097 50.46 -44.35 -64.65
C GLN C 1097 49.89 -45.47 -65.51
N ILE C 1098 50.78 -46.33 -66.00
CA ILE C 1098 50.36 -47.44 -66.84
C ILE C 1098 49.60 -48.45 -66.00
N ILE C 1099 48.50 -48.96 -66.54
CA ILE C 1099 47.66 -49.94 -65.85
C ILE C 1099 48.36 -51.29 -65.93
N THR C 1100 48.81 -51.79 -64.79
CA THR C 1100 49.47 -53.09 -64.69
C THR C 1100 48.72 -53.97 -63.70
N THR C 1101 49.24 -55.18 -63.49
CA THR C 1101 48.68 -56.08 -62.49
C THR C 1101 49.11 -55.73 -61.08
N ASP C 1102 50.08 -54.82 -60.92
CA ASP C 1102 50.54 -54.37 -59.62
C ASP C 1102 49.58 -53.39 -58.96
N ASN C 1103 48.89 -52.55 -59.74
CA ASN C 1103 48.01 -51.54 -59.18
C ASN C 1103 46.53 -51.82 -59.42
N THR C 1104 46.17 -53.04 -59.85
CA THR C 1104 44.79 -53.42 -60.05
C THR C 1104 44.55 -54.81 -59.45
N PHE C 1105 43.29 -55.10 -59.17
CA PHE C 1105 42.91 -56.43 -58.70
C PHE C 1105 41.70 -56.94 -59.48
N VAL C 1106 41.62 -58.26 -59.63
CA VAL C 1106 40.63 -58.91 -60.46
C VAL C 1106 39.48 -59.39 -59.61
N SER C 1107 38.26 -59.28 -60.14
CA SER C 1107 37.07 -59.76 -59.43
C SER C 1107 35.97 -60.02 -60.45
N GLY C 1108 35.66 -61.29 -60.70
CA GLY C 1108 34.54 -61.64 -61.56
C GLY C 1108 34.86 -61.57 -63.04
N ASN C 1109 33.80 -61.71 -63.83
CA ASN C 1109 33.87 -61.69 -65.29
C ASN C 1109 33.41 -60.34 -65.82
N CYS C 1110 33.29 -60.24 -67.14
CA CYS C 1110 33.08 -58.96 -67.83
C CYS C 1110 31.63 -58.75 -68.25
N ASP C 1111 30.65 -59.26 -67.51
CA ASP C 1111 29.26 -59.06 -67.89
C ASP C 1111 28.37 -58.82 -66.68
N VAL C 1112 28.91 -58.24 -65.62
CA VAL C 1112 28.12 -57.96 -64.42
C VAL C 1112 28.22 -56.46 -64.11
N VAL C 1113 29.30 -55.84 -64.54
CA VAL C 1113 29.56 -54.42 -64.25
C VAL C 1113 29.02 -53.57 -65.39
N ILE C 1114 28.25 -52.55 -65.05
CA ILE C 1114 27.69 -51.64 -66.04
C ILE C 1114 28.71 -50.53 -66.30
N GLY C 1115 29.14 -50.41 -67.55
CA GLY C 1115 30.11 -49.41 -67.92
C GLY C 1115 31.53 -49.89 -68.08
N ILE C 1116 31.76 -51.21 -68.11
CA ILE C 1116 33.11 -51.73 -68.26
C ILE C 1116 33.67 -51.35 -69.63
N VAL C 1117 34.99 -51.20 -69.70
CA VAL C 1117 35.67 -50.70 -70.89
C VAL C 1117 36.78 -51.66 -71.26
N ASN C 1118 36.86 -52.02 -72.54
CA ASN C 1118 37.91 -52.91 -73.02
C ASN C 1118 39.25 -52.18 -73.06
N ASN C 1119 40.29 -52.83 -72.53
CA ASN C 1119 41.64 -52.30 -72.60
C ASN C 1119 42.60 -53.44 -72.28
N THR C 1120 43.89 -53.11 -72.23
CA THR C 1120 44.94 -54.08 -71.96
C THR C 1120 45.61 -53.78 -70.62
N VAL C 1121 45.94 -54.83 -69.89
CA VAL C 1121 46.63 -54.73 -68.61
C VAL C 1121 48.02 -55.31 -68.78
N TYR C 1122 49.03 -54.51 -68.51
CA TYR C 1122 50.41 -54.91 -68.74
C TYR C 1122 50.93 -55.80 -67.61
N ASP C 1123 51.67 -56.84 -67.98
CA ASP C 1123 52.23 -57.79 -67.02
C ASP C 1123 53.72 -57.54 -66.89
N PRO C 1124 54.23 -57.20 -65.70
CA PRO C 1124 55.66 -56.87 -65.56
C PRO C 1124 56.59 -58.07 -65.59
N LEU C 1125 56.08 -59.29 -65.72
CA LEU C 1125 56.92 -60.49 -65.70
C LEU C 1125 57.25 -61.01 -67.08
N GLN C 1126 56.31 -60.93 -68.03
CA GLN C 1126 56.55 -61.49 -69.35
C GLN C 1126 57.74 -60.87 -70.08
N PRO C 1127 57.90 -59.54 -70.13
CA PRO C 1127 59.12 -59.00 -70.78
C PRO C 1127 60.41 -59.45 -70.10
N GLU C 1128 60.39 -59.57 -68.77
CA GLU C 1128 61.59 -60.02 -68.06
C GLU C 1128 61.82 -61.52 -68.27
N LEU C 1129 60.75 -62.31 -68.20
CA LEU C 1129 60.89 -63.76 -68.36
C LEU C 1129 61.28 -64.12 -69.79
N ASP C 1130 60.87 -63.31 -70.77
CA ASP C 1130 61.21 -63.59 -72.16
C ASP C 1130 62.72 -63.51 -72.39
N SER C 1131 63.39 -62.54 -71.80
CA SER C 1131 64.83 -62.40 -71.96
C SER C 1131 65.57 -63.23 -70.93
N GLN D 1 -26.34 -14.04 44.87
CA GLN D 1 -25.81 -12.81 45.44
C GLN D 1 -24.86 -13.12 46.59
N VAL D 2 -24.31 -12.07 47.19
CA VAL D 2 -23.41 -12.24 48.33
C VAL D 2 -24.20 -12.74 49.53
N GLN D 3 -23.67 -13.77 50.18
CA GLN D 3 -24.34 -14.36 51.34
C GLN D 3 -23.32 -14.58 52.45
N LEU D 4 -23.66 -14.15 53.66
CA LEU D 4 -22.85 -14.36 54.85
C LEU D 4 -23.73 -14.97 55.94
N VAL D 5 -23.25 -16.05 56.54
CA VAL D 5 -24.00 -16.77 57.57
C VAL D 5 -23.14 -16.85 58.82
N GLN D 6 -23.70 -16.46 59.95
CA GLN D 6 -23.02 -16.47 61.24
C GLN D 6 -23.54 -17.60 62.12
N SER D 7 -22.97 -17.70 63.31
CA SER D 7 -23.32 -18.78 64.24
C SER D 7 -24.60 -18.44 64.99
N GLY D 8 -25.00 -19.32 65.90
CA GLY D 8 -26.18 -19.13 66.70
C GLY D 8 -25.90 -18.34 67.97
N ALA D 9 -26.93 -18.24 68.80
CA ALA D 9 -26.82 -17.50 70.06
C ALA D 9 -25.87 -18.21 71.01
N GLU D 10 -25.16 -17.40 71.80
CA GLU D 10 -24.18 -17.90 72.76
C GLU D 10 -24.53 -17.43 74.16
N VAL D 11 -24.35 -18.33 75.13
CA VAL D 11 -24.60 -18.04 76.54
C VAL D 11 -23.29 -18.29 77.30
N LYS D 12 -22.17 -17.99 76.66
CA LYS D 12 -20.86 -18.23 77.28
C LYS D 12 -20.73 -17.46 78.59
N LYS D 13 -20.27 -18.16 79.61
CA LYS D 13 -20.05 -17.60 80.93
C LYS D 13 -18.70 -16.91 81.01
N PRO D 14 -18.54 -15.97 81.95
CA PRO D 14 -17.23 -15.33 82.12
C PRO D 14 -16.16 -16.34 82.51
N GLY D 15 -14.94 -16.09 82.06
CA GLY D 15 -13.81 -16.95 82.34
C GLY D 15 -13.45 -17.90 81.21
N ALA D 16 -14.31 -18.04 80.21
CA ALA D 16 -14.05 -18.90 79.06
C ALA D 16 -13.86 -18.04 77.81
N SER D 17 -13.65 -18.71 76.68
CA SER D 17 -13.47 -18.04 75.40
C SER D 17 -14.61 -18.43 74.46
N VAL D 18 -14.96 -17.51 73.57
CA VAL D 18 -16.07 -17.69 72.64
C VAL D 18 -15.53 -17.74 71.22
N LYS D 19 -15.94 -18.75 70.46
CA LYS D 19 -15.60 -18.89 69.06
C LYS D 19 -16.82 -18.58 68.20
N VAL D 20 -16.63 -17.69 67.22
CA VAL D 20 -17.69 -17.29 66.31
C VAL D 20 -17.23 -17.55 64.88
N SER D 21 -18.18 -17.81 64.00
CA SER D 21 -17.91 -18.20 62.63
C SER D 21 -18.70 -17.33 61.65
N CYS D 22 -18.14 -17.16 60.45
CA CYS D 22 -18.80 -16.42 59.39
C CYS D 22 -18.46 -17.10 58.07
N LYS D 23 -19.44 -17.78 57.48
CA LYS D 23 -19.29 -18.47 56.21
C LYS D 23 -19.78 -17.57 55.09
N ALA D 24 -18.97 -17.43 54.04
CA ALA D 24 -19.26 -16.55 52.93
C ALA D 24 -19.44 -17.34 51.65
N SER D 25 -20.42 -16.93 50.84
CA SER D 25 -20.71 -17.61 49.58
C SER D 25 -21.19 -16.59 48.56
N GLY D 26 -20.94 -16.88 47.29
CA GLY D 26 -21.39 -16.04 46.20
C GLY D 26 -20.36 -15.10 45.63
N TYR D 27 -19.13 -15.13 46.11
CA TYR D 27 -18.08 -14.24 45.62
C TYR D 27 -16.72 -14.88 45.92
N PRO D 28 -15.69 -14.55 45.15
CA PRO D 28 -14.36 -15.12 45.40
C PRO D 28 -13.85 -14.74 46.79
N PHE D 29 -13.25 -15.71 47.47
CA PHE D 29 -12.86 -15.50 48.86
C PHE D 29 -11.66 -14.55 48.97
N THR D 30 -10.63 -14.78 48.17
CA THR D 30 -9.38 -14.03 48.31
C THR D 30 -9.44 -12.62 47.73
N SER D 31 -10.52 -12.28 47.03
CA SER D 31 -10.61 -10.95 46.42
C SER D 31 -10.74 -9.86 47.49
N TYR D 32 -11.50 -10.11 48.55
CA TYR D 32 -11.78 -9.11 49.57
C TYR D 32 -11.55 -9.71 50.96
N GLY D 33 -11.11 -8.85 51.89
CA GLY D 33 -10.94 -9.27 53.26
C GLY D 33 -12.25 -9.28 54.03
N ILE D 34 -12.17 -9.78 55.26
CA ILE D 34 -13.35 -9.95 56.12
C ILE D 34 -13.13 -9.16 57.40
N SER D 35 -14.08 -8.31 57.75
CA SER D 35 -14.02 -7.52 58.97
C SER D 35 -15.04 -8.04 59.98
N TRP D 36 -14.72 -7.91 61.25
CA TRP D 36 -15.62 -8.24 62.35
C TRP D 36 -15.84 -7.01 63.19
N VAL D 37 -17.12 -6.73 63.49
CA VAL D 37 -17.51 -5.62 64.35
C VAL D 37 -18.52 -6.13 65.35
N ARG D 38 -18.75 -5.32 66.39
CA ARG D 38 -19.74 -5.65 67.41
C ARG D 38 -20.57 -4.42 67.73
N GLN D 39 -21.82 -4.65 68.13
CA GLN D 39 -22.72 -3.59 68.56
C GLN D 39 -23.26 -3.94 69.93
N ALA D 40 -23.08 -3.03 70.88
CA ALA D 40 -23.67 -3.21 72.20
C ALA D 40 -25.18 -3.08 72.13
N PRO D 41 -25.91 -3.78 72.99
CA PRO D 41 -27.38 -3.66 72.98
C PRO D 41 -27.85 -2.29 73.44
N GLY D 42 -28.35 -1.48 72.51
CA GLY D 42 -28.78 -0.14 72.82
C GLY D 42 -27.74 0.95 72.59
N GLN D 43 -26.56 0.60 72.09
CA GLN D 43 -25.49 1.56 71.82
C GLN D 43 -25.18 1.55 70.32
N GLY D 44 -24.13 2.29 69.96
CA GLY D 44 -23.71 2.40 68.57
C GLY D 44 -22.76 1.28 68.16
N LEU D 45 -22.31 1.37 66.92
CA LEU D 45 -21.42 0.37 66.36
C LEU D 45 -20.00 0.54 66.89
N GLU D 46 -19.26 -0.57 66.93
CA GLU D 46 -17.89 -0.57 67.43
C GLU D 46 -17.06 -1.53 66.56
N TRP D 47 -16.04 -1.00 65.90
CA TRP D 47 -15.14 -1.83 65.11
C TRP D 47 -14.31 -2.73 66.00
N MET D 48 -14.17 -3.99 65.59
CA MET D 48 -13.37 -4.96 66.33
C MET D 48 -12.06 -5.28 65.63
N GLY D 49 -12.12 -5.71 64.37
CA GLY D 49 -10.89 -6.04 63.66
C GLY D 49 -11.16 -6.43 62.23
N TRP D 50 -10.08 -6.78 61.53
CA TRP D 50 -10.15 -7.14 60.12
C TRP D 50 -9.07 -8.17 59.82
N ILE D 51 -9.34 -9.03 58.83
CA ILE D 51 -8.40 -10.05 58.40
C ILE D 51 -8.39 -10.10 56.89
N SER D 52 -7.19 -10.29 56.33
CA SER D 52 -7.05 -10.47 54.89
C SER D 52 -7.31 -11.94 54.53
N THR D 53 -8.12 -12.16 53.50
CA THR D 53 -8.47 -13.51 53.08
C THR D 53 -7.46 -14.11 52.13
N TYR D 54 -6.41 -13.38 51.77
CA TYR D 54 -5.40 -13.87 50.82
C TYR D 54 -4.15 -14.38 51.54
N ASN D 55 -3.51 -13.54 52.35
CA ASN D 55 -2.30 -13.92 53.06
C ASN D 55 -2.50 -14.06 54.56
N GLY D 56 -3.74 -13.93 55.04
CA GLY D 56 -4.02 -14.12 56.44
C GLY D 56 -3.61 -12.98 57.35
N ASN D 57 -3.21 -11.84 56.79
CA ASN D 57 -2.80 -10.70 57.61
C ASN D 57 -3.99 -10.17 58.40
N THR D 58 -3.74 -9.79 59.66
CA THR D 58 -4.78 -9.34 60.56
C THR D 58 -4.44 -7.96 61.11
N ASN D 59 -5.48 -7.16 61.35
CA ASN D 59 -5.34 -5.85 61.95
C ASN D 59 -6.45 -5.67 62.98
N TYR D 60 -6.06 -5.54 64.24
CA TYR D 60 -7.00 -5.45 65.34
C TYR D 60 -7.09 -4.02 65.86
N ALA D 61 -8.06 -3.79 66.74
CA ALA D 61 -8.22 -2.50 67.40
C ALA D 61 -7.44 -2.49 68.71
N GLN D 62 -7.08 -1.28 69.16
CA GLN D 62 -6.29 -1.15 70.37
C GLN D 62 -7.05 -1.57 71.63
N LYS D 63 -8.39 -1.54 71.59
CA LYS D 63 -9.16 -1.92 72.78
C LYS D 63 -9.10 -3.42 73.02
N PHE D 64 -9.26 -4.22 71.96
CA PHE D 64 -9.20 -5.68 72.05
C PHE D 64 -7.90 -6.22 71.47
N GLN D 65 -6.79 -5.53 71.72
CA GLN D 65 -5.52 -5.92 71.11
C GLN D 65 -5.09 -7.31 71.55
N GLY D 66 -5.21 -7.61 72.85
CA GLY D 66 -4.81 -8.88 73.40
C GLY D 66 -5.91 -9.86 73.67
N ARG D 67 -7.13 -9.61 73.20
CA ARG D 67 -8.27 -10.45 73.50
C ARG D 67 -8.91 -11.08 72.27
N VAL D 68 -8.39 -10.83 71.07
CA VAL D 68 -9.01 -11.32 69.85
C VAL D 68 -7.99 -12.11 69.04
N THR D 69 -8.46 -13.18 68.41
CA THR D 69 -7.67 -14.00 67.50
C THR D 69 -8.48 -14.25 66.24
N MET D 70 -7.86 -14.10 65.09
CA MET D 70 -8.53 -14.19 63.80
C MET D 70 -7.91 -15.30 62.96
N THR D 71 -8.75 -16.01 62.22
CA THR D 71 -8.26 -16.97 61.23
C THR D 71 -9.27 -17.10 60.12
N THR D 72 -8.80 -17.57 58.96
CA THR D 72 -9.66 -17.78 57.81
C THR D 72 -9.26 -19.07 57.10
N ASP D 73 -10.26 -19.83 56.66
CA ASP D 73 -10.06 -21.06 55.91
C ASP D 73 -10.57 -20.84 54.50
N THR D 74 -9.69 -21.05 53.52
CA THR D 74 -10.05 -20.85 52.11
C THR D 74 -10.77 -22.03 51.50
N SER D 75 -10.74 -23.20 52.15
CA SER D 75 -11.47 -24.35 51.63
C SER D 75 -12.97 -24.11 51.70
N THR D 76 -13.47 -23.69 52.87
CA THR D 76 -14.87 -23.35 53.04
C THR D 76 -15.11 -21.84 52.98
N THR D 77 -14.06 -21.05 52.76
CA THR D 77 -14.16 -19.59 52.67
C THR D 77 -14.84 -19.02 53.92
N THR D 78 -14.39 -19.48 55.08
CA THR D 78 -15.04 -19.16 56.35
C THR D 78 -14.05 -18.53 57.32
N GLY D 79 -14.49 -17.48 58.01
CA GLY D 79 -13.65 -16.81 58.98
C GLY D 79 -14.07 -17.15 60.41
N TYR D 80 -13.07 -17.47 61.22
CA TYR D 80 -13.26 -17.81 62.63
C TYR D 80 -12.64 -16.74 63.50
N MET D 81 -13.35 -16.35 64.56
CA MET D 81 -12.87 -15.35 65.50
C MET D 81 -13.00 -15.89 66.92
N GLU D 82 -11.91 -15.77 67.69
CA GLU D 82 -11.87 -16.19 69.09
C GLU D 82 -11.73 -14.98 69.99
N LEU D 83 -12.63 -14.85 70.97
CA LEU D 83 -12.59 -13.78 71.94
C LEU D 83 -12.37 -14.37 73.33
N ARG D 84 -11.37 -13.88 74.03
CA ARG D 84 -10.96 -14.41 75.33
C ARG D 84 -11.28 -13.42 76.44
N ARG D 85 -11.27 -13.93 77.66
CA ARG D 85 -11.48 -13.13 78.88
C ARG D 85 -12.80 -12.36 78.81
N LEU D 86 -13.88 -13.11 78.74
CA LEU D 86 -15.21 -12.51 78.60
C LEU D 86 -15.66 -11.87 79.89
N ARG D 87 -16.17 -10.64 79.80
CA ARG D 87 -16.77 -9.94 80.91
C ARG D 87 -18.26 -9.77 80.66
N SER D 88 -18.95 -9.22 81.67
CA SER D 88 -20.39 -9.00 81.55
C SER D 88 -20.71 -7.99 80.45
N ASP D 89 -19.92 -6.94 80.32
CA ASP D 89 -20.15 -5.90 79.32
C ASP D 89 -19.93 -6.39 77.90
N ASP D 90 -19.29 -7.56 77.71
CA ASP D 90 -19.03 -8.08 76.37
C ASP D 90 -20.29 -8.60 75.69
N THR D 91 -21.40 -8.74 76.40
CA THR D 91 -22.66 -9.15 75.80
C THR D 91 -23.07 -8.15 74.72
N ALA D 92 -23.16 -8.62 73.48
CA ALA D 92 -23.41 -7.73 72.36
C ALA D 92 -23.92 -8.57 71.18
N VAL D 93 -23.99 -7.95 70.00
CA VAL D 93 -24.33 -8.63 68.77
C VAL D 93 -23.15 -8.46 67.82
N TYR D 94 -22.60 -9.57 67.34
CA TYR D 94 -21.38 -9.59 66.56
C TYR D 94 -21.73 -9.80 65.09
N TYR D 95 -21.21 -8.91 64.22
CA TYR D 95 -21.49 -8.92 62.80
C TYR D 95 -20.19 -9.09 62.03
N CYS D 96 -20.27 -9.84 60.92
CA CYS D 96 -19.15 -10.00 60.00
C CYS D 96 -19.50 -9.35 58.66
N ALA D 97 -18.54 -8.66 58.07
CA ALA D 97 -18.79 -7.86 56.89
C ALA D 97 -17.67 -8.04 55.88
N ARG D 98 -18.00 -7.77 54.61
CA ARG D 98 -17.01 -7.75 53.54
C ARG D 98 -16.34 -6.39 53.48
N ASP D 99 -15.02 -6.37 53.65
CA ASP D 99 -14.27 -5.12 53.76
C ASP D 99 -13.90 -4.59 52.39
N TYR D 100 -13.98 -3.27 52.24
CA TYR D 100 -13.49 -2.57 51.04
C TYR D 100 -12.71 -1.32 51.43
N THR D 101 -11.95 -1.38 52.51
CA THR D 101 -11.11 -0.27 52.93
C THR D 101 -9.62 -0.55 52.79
N ARG D 102 -9.19 -1.79 53.02
CA ARG D 102 -7.80 -2.18 52.88
C ARG D 102 -7.68 -3.29 51.84
N GLY D 103 -6.64 -3.20 51.01
CA GLY D 103 -6.48 -4.19 49.95
C GLY D 103 -6.24 -5.57 50.52
N ALA D 104 -6.83 -6.57 49.85
CA ALA D 104 -6.69 -7.95 50.30
C ALA D 104 -5.29 -8.49 50.01
N TRP D 105 -4.73 -8.21 48.84
CA TRP D 105 -3.40 -8.70 48.49
C TRP D 105 -2.30 -7.75 48.97
N PHE D 106 -2.47 -6.46 48.73
CA PHE D 106 -1.44 -5.48 49.05
C PHE D 106 -1.58 -4.89 50.45
N GLY D 107 -2.79 -4.53 50.86
CA GLY D 107 -2.99 -3.92 52.16
C GLY D 107 -3.06 -2.41 52.16
N GLU D 108 -3.07 -1.77 51.01
CA GLU D 108 -3.14 -0.32 50.93
C GLU D 108 -4.58 0.16 51.06
N SER D 109 -4.72 1.44 51.40
CA SER D 109 -6.04 2.01 51.63
C SER D 109 -6.83 2.09 50.34
N LEU D 110 -8.12 1.80 50.44
CA LEU D 110 -9.04 1.84 49.31
C LEU D 110 -10.17 2.82 49.59
N ILE D 111 -10.95 3.10 48.55
CA ILE D 111 -12.10 3.99 48.64
C ILE D 111 -13.34 3.13 48.68
N GLY D 112 -13.93 2.99 49.87
CA GLY D 112 -15.13 2.18 50.01
C GLY D 112 -15.47 1.92 51.47
N GLY D 113 -16.15 0.81 51.69
CA GLY D 113 -16.54 0.44 53.03
C GLY D 113 -17.16 -0.95 53.04
N PHE D 114 -17.70 -1.32 54.20
CA PHE D 114 -18.35 -2.62 54.35
C PHE D 114 -19.64 -2.61 53.54
N ASP D 115 -19.63 -3.26 52.39
CA ASP D 115 -20.76 -3.24 51.46
C ASP D 115 -21.68 -4.43 51.61
N ASN D 116 -21.39 -5.35 52.53
CA ASN D 116 -22.26 -6.50 52.76
C ASN D 116 -22.05 -6.97 54.19
N TRP D 117 -23.14 -7.33 54.86
CA TRP D 117 -23.11 -7.61 56.29
C TRP D 117 -23.77 -8.95 56.57
N GLY D 118 -23.34 -9.60 57.65
CA GLY D 118 -23.83 -10.92 57.98
C GLY D 118 -25.14 -10.90 58.75
N GLN D 119 -25.60 -12.09 59.13
CA GLN D 119 -26.86 -12.23 59.84
C GLN D 119 -26.74 -11.83 61.31
N GLY D 120 -25.59 -12.05 61.92
CA GLY D 120 -25.38 -11.63 63.28
C GLY D 120 -25.36 -12.80 64.26
N THR D 121 -24.62 -12.64 65.35
CA THR D 121 -24.55 -13.62 66.42
C THR D 121 -24.66 -12.92 67.76
N LEU D 122 -25.63 -13.32 68.57
CA LEU D 122 -25.86 -12.70 69.86
C LEU D 122 -25.01 -13.40 70.92
N VAL D 123 -24.07 -12.67 71.52
CA VAL D 123 -23.19 -13.21 72.55
C VAL D 123 -23.61 -12.63 73.88
N THR D 124 -24.13 -13.49 74.77
CA THR D 124 -24.57 -13.09 76.09
C THR D 124 -23.61 -13.69 77.12
N VAL D 125 -22.99 -12.85 77.93
CA VAL D 125 -22.03 -13.27 78.94
C VAL D 125 -22.57 -12.85 80.30
N SER D 126 -22.87 -13.84 81.14
CA SER D 126 -23.36 -13.62 82.49
C SER D 126 -23.32 -14.94 83.24
N SER D 127 -22.96 -14.88 84.52
CA SER D 127 -22.85 -16.08 85.35
C SER D 127 -24.23 -16.41 85.94
N ALA D 128 -25.10 -16.92 85.07
CA ALA D 128 -26.44 -17.33 85.45
C ALA D 128 -26.90 -18.47 84.56
N SER D 129 -27.87 -19.24 85.06
CA SER D 129 -28.42 -20.38 84.35
C SER D 129 -29.85 -20.09 83.91
N THR D 130 -30.44 -21.08 83.24
CA THR D 130 -31.81 -20.94 82.77
C THR D 130 -32.79 -21.16 83.91
N LYS D 131 -33.60 -20.13 84.20
CA LYS D 131 -34.61 -20.19 85.26
C LYS D 131 -35.98 -19.97 84.66
N GLY D 132 -36.95 -20.75 85.14
CA GLY D 132 -38.33 -20.62 84.70
C GLY D 132 -38.91 -19.26 85.01
N PRO D 133 -39.59 -18.66 84.04
CA PRO D 133 -40.19 -17.34 84.25
C PRO D 133 -41.28 -17.38 85.32
N SER D 134 -41.41 -16.27 86.04
CA SER D 134 -42.45 -16.08 87.04
C SER D 134 -43.49 -15.13 86.47
N VAL D 135 -44.75 -15.57 86.45
CA VAL D 135 -45.84 -14.84 85.81
C VAL D 135 -46.81 -14.37 86.88
N PHE D 136 -47.21 -13.10 86.80
CA PHE D 136 -48.20 -12.52 87.69
C PHE D 136 -49.25 -11.78 86.88
N PRO D 137 -50.50 -11.77 87.35
CA PRO D 137 -51.57 -11.08 86.61
C PRO D 137 -51.60 -9.60 86.96
N LEU D 138 -52.46 -8.88 86.23
CA LEU D 138 -52.67 -7.46 86.48
C LEU D 138 -54.06 -7.10 85.96
N ALA D 139 -54.99 -6.84 86.88
CA ALA D 139 -56.39 -6.59 86.55
C ALA D 139 -56.75 -5.13 86.85
N PRO D 140 -57.74 -4.58 86.14
CA PRO D 140 -58.15 -3.19 86.38
C PRO D 140 -58.82 -3.03 87.74
N SER D 141 -59.05 -1.77 88.10
CA SER D 141 -59.68 -1.44 89.37
C SER D 141 -61.19 -1.59 89.26
N SER D 142 -61.91 -1.09 90.27
CA SER D 142 -63.36 -1.23 90.29
C SER D 142 -64.02 -0.48 89.13
N LYS D 143 -63.52 0.72 88.82
CA LYS D 143 -64.08 1.50 87.72
C LYS D 143 -63.43 1.13 86.40
N THR D 149 -61.58 3.41 79.14
CA THR D 149 -61.51 1.97 78.92
C THR D 149 -60.68 1.30 80.00
N ALA D 150 -60.72 -0.03 80.04
CA ALA D 150 -59.97 -0.80 81.01
C ALA D 150 -58.69 -1.33 80.38
N ALA D 151 -57.66 -1.50 81.22
CA ALA D 151 -56.39 -2.05 80.78
C ALA D 151 -55.97 -3.14 81.75
N LEU D 152 -55.59 -4.31 81.21
CA LEU D 152 -55.12 -5.41 82.02
C LEU D 152 -53.89 -6.00 81.36
N GLY D 153 -53.28 -7.00 82.00
CA GLY D 153 -52.09 -7.59 81.42
C GLY D 153 -51.42 -8.56 82.37
N CYS D 154 -50.19 -8.93 82.00
CA CYS D 154 -49.40 -9.89 82.75
C CYS D 154 -47.95 -9.44 82.82
N LEU D 155 -47.33 -9.67 83.97
CA LEU D 155 -45.93 -9.33 84.22
C LEU D 155 -45.12 -10.61 84.35
N VAL D 156 -44.04 -10.71 83.57
CA VAL D 156 -43.14 -11.86 83.60
C VAL D 156 -41.79 -11.38 84.09
N LYS D 157 -41.32 -11.96 85.19
CA LYS D 157 -40.10 -11.53 85.83
C LYS D 157 -39.26 -12.76 86.20
N ASP D 158 -37.95 -12.53 86.34
CA ASP D 158 -37.00 -13.56 86.75
C ASP D 158 -37.00 -14.73 85.76
N TYR D 159 -36.61 -14.42 84.53
CA TYR D 159 -36.51 -15.40 83.46
C TYR D 159 -35.14 -15.28 82.80
N PHE D 160 -34.63 -16.41 82.31
CA PHE D 160 -33.33 -16.48 81.70
C PHE D 160 -33.34 -17.59 80.66
N PRO D 161 -32.79 -17.36 79.46
CA PRO D 161 -32.19 -16.09 79.04
C PRO D 161 -33.19 -15.06 78.53
N GLU D 162 -32.68 -14.06 77.81
CA GLU D 162 -33.53 -12.97 77.33
C GLU D 162 -34.66 -13.42 76.41
N PRO D 163 -34.43 -14.27 75.38
CA PRO D 163 -35.52 -14.54 74.42
C PRO D 163 -36.70 -15.29 75.03
N VAL D 164 -37.83 -14.59 75.15
CA VAL D 164 -39.09 -15.18 75.61
C VAL D 164 -40.20 -14.61 74.74
N THR D 165 -41.09 -15.48 74.27
CA THR D 165 -42.17 -15.06 73.40
C THR D 165 -43.46 -14.90 74.20
N VAL D 166 -44.28 -13.92 73.82
CA VAL D 166 -45.54 -13.62 74.49
C VAL D 166 -46.65 -13.54 73.45
N SER D 167 -47.86 -13.83 73.88
CA SER D 167 -49.03 -13.75 72.99
C SER D 167 -50.28 -13.57 73.84
N TRP D 168 -51.33 -13.08 73.18
CA TRP D 168 -52.61 -12.82 73.84
C TRP D 168 -53.72 -13.57 73.09
N ASN D 169 -54.31 -14.56 73.76
CA ASN D 169 -55.44 -15.33 73.22
C ASN D 169 -55.08 -16.00 71.89
N SER D 170 -53.81 -16.41 71.76
CA SER D 170 -53.31 -17.08 70.56
C SER D 170 -53.55 -16.23 69.31
N GLY D 171 -53.40 -14.92 69.46
CA GLY D 171 -53.57 -14.00 68.35
C GLY D 171 -54.99 -13.55 68.08
N ALA D 172 -55.97 -14.08 68.81
CA ALA D 172 -57.34 -13.60 68.64
C ALA D 172 -57.48 -12.14 69.04
N LEU D 173 -56.83 -11.75 70.14
CA LEU D 173 -56.84 -10.37 70.61
C LEU D 173 -55.47 -9.72 70.41
N THR D 174 -54.83 -10.01 69.28
CA THR D 174 -53.52 -9.41 69.00
C THR D 174 -53.65 -7.92 68.72
N SER D 175 -54.87 -7.44 68.47
CA SER D 175 -55.11 -6.03 68.22
C SER D 175 -55.25 -5.29 69.54
N GLY D 176 -54.26 -4.49 69.88
CA GLY D 176 -54.26 -3.77 71.14
C GLY D 176 -53.32 -4.37 72.16
N VAL D 177 -52.21 -4.93 71.69
CA VAL D 177 -51.20 -5.55 72.53
C VAL D 177 -49.98 -4.64 72.58
N HIS D 178 -49.56 -4.28 73.79
CA HIS D 178 -48.36 -3.49 73.99
C HIS D 178 -47.40 -4.27 74.88
N THR D 179 -46.20 -4.55 74.36
CA THR D 179 -45.17 -5.27 75.09
C THR D 179 -43.96 -4.35 75.22
N PHE D 180 -43.69 -3.92 76.45
CA PHE D 180 -42.57 -3.04 76.72
C PHE D 180 -41.25 -3.83 76.72
N PRO D 181 -40.15 -3.20 76.33
CA PRO D 181 -38.88 -3.93 76.22
C PRO D 181 -38.42 -4.49 77.55
N ALA D 182 -37.74 -5.63 77.49
CA ALA D 182 -37.19 -6.25 78.69
C ALA D 182 -36.07 -5.41 79.27
N VAL D 183 -35.95 -5.43 80.59
CA VAL D 183 -34.94 -4.67 81.32
C VAL D 183 -34.24 -5.60 82.28
N LEU D 184 -32.90 -5.55 82.28
CA LEU D 184 -32.08 -6.43 83.12
C LEU D 184 -31.92 -5.82 84.50
N GLN D 185 -32.34 -6.56 85.53
CA GLN D 185 -32.21 -6.11 86.89
C GLN D 185 -30.80 -6.38 87.42
N SER D 186 -30.52 -5.83 88.60
CA SER D 186 -29.21 -5.98 89.22
C SER D 186 -28.91 -7.41 89.66
N SER D 187 -29.93 -8.27 89.74
CA SER D 187 -29.74 -9.65 90.15
C SER D 187 -29.45 -10.59 88.98
N GLY D 188 -29.33 -10.06 87.76
CA GLY D 188 -29.06 -10.87 86.60
C GLY D 188 -30.28 -11.45 85.92
N LEU D 189 -31.48 -10.98 86.25
CA LEU D 189 -32.71 -11.48 85.67
C LEU D 189 -33.52 -10.32 85.10
N TYR D 190 -34.39 -10.63 84.15
CA TYR D 190 -35.12 -9.64 83.39
C TYR D 190 -36.56 -9.51 83.88
N SER D 191 -37.15 -8.35 83.60
CA SER D 191 -38.55 -8.07 83.88
C SER D 191 -39.21 -7.52 82.63
N LEU D 192 -40.45 -7.94 82.38
CA LEU D 192 -41.19 -7.52 81.20
C LEU D 192 -42.67 -7.48 81.54
N SER D 193 -43.41 -6.61 80.85
CA SER D 193 -44.84 -6.49 81.06
C SER D 193 -45.55 -6.44 79.72
N SER D 194 -46.66 -7.17 79.60
CA SER D 194 -47.51 -7.14 78.43
C SER D 194 -48.89 -6.64 78.86
N VAL D 195 -49.46 -5.72 78.10
CA VAL D 195 -50.73 -5.10 78.44
C VAL D 195 -51.65 -5.12 77.23
N VAL D 196 -52.95 -5.24 77.50
CA VAL D 196 -54.00 -5.17 76.49
C VAL D 196 -55.15 -4.33 77.05
N THR D 197 -55.74 -3.52 76.19
CA THR D 197 -56.85 -2.65 76.56
C THR D 197 -58.16 -3.25 76.07
N VAL D 198 -59.13 -3.34 76.97
CA VAL D 198 -60.45 -3.88 76.66
C VAL D 198 -61.51 -2.86 77.10
N PRO D 199 -62.68 -2.85 76.47
CA PRO D 199 -63.72 -1.90 76.88
C PRO D 199 -64.20 -2.17 78.31
N SER D 200 -64.64 -1.10 78.97
CA SER D 200 -65.10 -1.19 80.34
C SER D 200 -66.44 -1.90 80.47
N SER D 201 -67.12 -2.20 79.37
CA SER D 201 -68.40 -2.88 79.41
C SER D 201 -68.27 -4.40 79.42
N SER D 202 -67.05 -4.94 79.25
CA SER D 202 -66.82 -6.37 79.24
C SER D 202 -65.65 -6.77 80.14
N LEU D 203 -65.52 -6.15 81.31
CA LEU D 203 -64.40 -6.45 82.20
C LEU D 203 -64.48 -7.88 82.72
N GLY D 204 -65.67 -8.34 83.07
CA GLY D 204 -65.86 -9.65 83.67
C GLY D 204 -66.62 -10.67 82.86
N THR D 205 -66.80 -10.44 81.55
CA THR D 205 -67.54 -11.36 80.70
C THR D 205 -66.65 -12.03 79.67
N GLN D 206 -65.93 -11.27 78.86
CA GLN D 206 -65.03 -11.86 77.88
C GLN D 206 -63.81 -12.45 78.57
N THR D 207 -63.30 -13.54 78.00
CA THR D 207 -62.14 -14.22 78.55
C THR D 207 -60.85 -13.64 77.95
N TYR D 208 -59.88 -13.39 78.82
CA TYR D 208 -58.60 -12.81 78.41
C TYR D 208 -57.47 -13.63 79.04
N ILE D 209 -56.65 -14.26 78.20
CA ILE D 209 -55.55 -15.09 78.65
C ILE D 209 -54.28 -14.66 77.94
N CYS D 210 -53.16 -14.70 78.67
CA CYS D 210 -51.85 -14.39 78.12
C CYS D 210 -50.98 -15.64 78.18
N ASN D 211 -50.31 -15.95 77.07
CA ASN D 211 -49.47 -17.13 76.96
C ASN D 211 -48.01 -16.70 76.80
N VAL D 212 -47.14 -17.25 77.65
CA VAL D 212 -45.72 -16.94 77.64
C VAL D 212 -44.95 -18.23 77.40
N ASN D 213 -44.11 -18.22 76.37
CA ASN D 213 -43.32 -19.38 75.98
C ASN D 213 -41.85 -19.06 76.15
N HIS D 214 -41.12 -20.02 76.74
CA HIS D 214 -39.68 -19.93 76.94
C HIS D 214 -39.07 -21.25 76.49
N LYS D 215 -38.48 -21.26 75.29
CA LYS D 215 -37.89 -22.49 74.76
C LYS D 215 -36.73 -23.03 75.60
N PRO D 216 -35.73 -22.22 75.99
CA PRO D 216 -34.66 -22.78 76.83
C PRO D 216 -35.16 -23.35 78.15
N SER D 217 -36.16 -22.73 78.76
CA SER D 217 -36.80 -23.27 79.95
C SER D 217 -37.89 -24.28 79.63
N ASN D 218 -38.31 -24.38 78.36
CA ASN D 218 -39.35 -25.29 77.92
C ASN D 218 -40.63 -25.09 78.73
N THR D 219 -41.08 -23.83 78.77
CA THR D 219 -42.28 -23.44 79.49
C THR D 219 -43.29 -22.83 78.53
N LYS D 220 -44.56 -23.19 78.70
CA LYS D 220 -45.66 -22.72 77.85
C LYS D 220 -46.80 -22.21 78.72
N VAL D 221 -46.46 -21.34 79.66
CA VAL D 221 -47.36 -21.02 80.76
C VAL D 221 -48.41 -20.01 80.31
N ASP D 222 -49.68 -20.34 80.53
CA ASP D 222 -50.79 -19.44 80.27
C ASP D 222 -51.39 -18.97 81.58
N LYS D 223 -51.92 -17.74 81.55
CA LYS D 223 -52.53 -17.17 82.74
C LYS D 223 -53.70 -16.29 82.35
N LYS D 224 -54.79 -16.41 83.11
CA LYS D 224 -56.01 -15.66 82.88
C LYS D 224 -56.17 -14.58 83.95
N VAL D 225 -56.50 -13.37 83.52
CA VAL D 225 -56.67 -12.23 84.41
C VAL D 225 -58.13 -11.81 84.37
N GLU D 226 -58.76 -11.78 85.54
CA GLU D 226 -60.16 -11.44 85.70
C GLU D 226 -60.32 -10.45 86.83
N PRO D 227 -61.39 -9.65 86.82
CA PRO D 227 -61.62 -8.71 87.93
C PRO D 227 -61.77 -9.43 89.26
N LYS D 228 -61.28 -8.77 90.31
CA LYS D 228 -61.33 -9.34 91.65
C LYS D 228 -62.16 -8.47 92.59
N GLU E 1 -7.98 9.09 68.87
CA GLU E 1 -8.08 9.16 67.41
C GLU E 1 -9.06 10.24 66.97
N ILE E 2 -9.31 10.30 65.66
CA ILE E 2 -10.29 11.24 65.13
C ILE E 2 -11.68 10.81 65.56
N VAL E 3 -12.43 11.75 66.13
CA VAL E 3 -13.76 11.46 66.69
C VAL E 3 -14.81 12.01 65.74
N LEU E 4 -15.78 11.17 65.39
CA LEU E 4 -16.88 11.56 64.53
C LEU E 4 -18.13 11.74 65.39
N THR E 5 -18.75 12.91 65.28
CA THR E 5 -19.97 13.25 66.01
C THR E 5 -21.09 13.52 65.03
N GLN E 6 -22.27 13.00 65.33
CA GLN E 6 -23.42 13.05 64.42
C GLN E 6 -24.46 14.03 64.95
N SER E 7 -24.94 14.90 64.07
CA SER E 7 -25.96 15.88 64.42
C SER E 7 -27.06 15.86 63.37
N PRO E 8 -28.32 16.11 63.79
CA PRO E 8 -28.73 16.30 65.19
C PRO E 8 -28.88 14.98 65.92
N GLY E 9 -29.02 15.03 67.24
CA GLY E 9 -29.17 13.81 68.01
C GLY E 9 -30.42 13.02 67.65
N THR E 10 -31.54 13.74 67.45
CA THR E 10 -32.78 13.11 67.04
C THR E 10 -33.51 14.04 66.08
N LEU E 11 -34.11 13.45 65.04
CA LEU E 11 -34.86 14.19 64.04
C LEU E 11 -36.35 13.95 64.23
N SER E 12 -37.11 15.02 64.43
CA SER E 12 -38.57 14.97 64.54
C SER E 12 -39.12 15.66 63.29
N LEU E 13 -39.29 14.87 62.23
CA LEU E 13 -39.71 15.39 60.94
C LEU E 13 -40.83 14.51 60.38
N SER E 14 -41.75 15.14 59.64
CA SER E 14 -42.91 14.48 59.05
C SER E 14 -42.49 13.52 57.95
N PRO E 15 -43.28 12.48 57.70
CA PRO E 15 -42.93 11.51 56.64
C PRO E 15 -43.17 12.08 55.25
N GLY E 16 -42.18 12.76 54.68
CA GLY E 16 -42.31 13.35 53.37
C GLY E 16 -41.59 14.67 53.21
N GLU E 17 -41.06 15.21 54.30
CA GLU E 17 -40.33 16.46 54.27
C GLU E 17 -38.87 16.19 53.87
N ARG E 18 -38.02 17.20 54.02
CA ARG E 18 -36.61 17.10 53.68
C ARG E 18 -35.78 16.88 54.94
N ALA E 19 -34.87 15.92 54.89
CA ALA E 19 -34.04 15.55 56.02
C ALA E 19 -32.58 15.86 55.74
N THR E 20 -31.89 16.38 56.75
CA THR E 20 -30.46 16.69 56.65
C THR E 20 -29.74 16.16 57.88
N LEU E 21 -28.54 15.62 57.66
CA LEU E 21 -27.70 15.10 58.72
C LEU E 21 -26.27 15.57 58.51
N SER E 22 -25.51 15.67 59.60
CA SER E 22 -24.13 16.12 59.52
C SER E 22 -23.25 15.25 60.41
N CYS E 23 -22.01 15.02 59.95
CA CYS E 23 -21.00 14.30 60.72
C CYS E 23 -19.75 15.17 60.76
N ARG E 24 -19.27 15.44 61.98
CA ARG E 24 -18.14 16.33 62.20
C ARG E 24 -16.97 15.53 62.78
N ALA E 25 -15.80 15.72 62.21
CA ALA E 25 -14.59 15.01 62.61
C ALA E 25 -13.68 15.92 63.41
N SER E 26 -12.99 15.33 64.40
CA SER E 26 -12.08 16.11 65.22
C SER E 26 -10.93 16.68 64.39
N GLN E 27 -10.38 15.86 63.50
CA GLN E 27 -9.32 16.28 62.59
C GLN E 27 -9.81 16.23 61.15
N THR E 28 -8.89 16.49 60.23
CA THR E 28 -9.24 16.47 58.81
C THR E 28 -9.45 15.04 58.33
N VAL E 29 -10.54 14.82 57.60
CA VAL E 29 -10.86 13.53 57.00
C VAL E 29 -11.07 13.76 55.51
N SER E 30 -10.36 13.00 54.69
CA SER E 30 -10.51 13.11 53.24
C SER E 30 -11.90 12.64 52.82
N SER E 31 -12.41 13.27 51.76
CA SER E 31 -13.75 12.92 51.26
C SER E 31 -13.84 11.48 50.79
N THR E 32 -12.72 10.88 50.40
CA THR E 32 -12.69 9.51 49.92
C THR E 32 -12.60 8.48 51.05
N SER E 33 -12.54 8.92 52.29
CA SER E 33 -12.36 8.03 53.43
C SER E 33 -13.47 8.20 54.44
N LEU E 34 -14.71 8.30 53.96
CA LEU E 34 -15.87 8.36 54.85
C LEU E 34 -17.06 7.70 54.18
N ALA E 35 -17.86 7.01 54.99
CA ALA E 35 -19.02 6.29 54.51
C ALA E 35 -20.20 6.50 55.46
N TRP E 36 -21.40 6.38 54.90
CA TRP E 36 -22.65 6.51 55.63
C TRP E 36 -23.34 5.15 55.71
N TYR E 37 -23.87 4.82 56.89
CA TYR E 37 -24.51 3.54 57.12
C TYR E 37 -25.91 3.74 57.68
N GLN E 38 -26.85 2.96 57.18
CA GLN E 38 -28.23 2.97 57.64
C GLN E 38 -28.58 1.60 58.20
N GLN E 39 -29.09 1.58 59.43
CA GLN E 39 -29.40 0.34 60.15
C GLN E 39 -30.87 0.38 60.56
N LYS E 40 -31.70 -0.38 59.85
CA LYS E 40 -33.09 -0.53 60.25
C LYS E 40 -33.17 -1.34 61.54
N PRO E 41 -34.04 -0.94 62.47
CA PRO E 41 -34.21 -1.71 63.71
C PRO E 41 -34.64 -3.14 63.39
N GLY E 42 -34.03 -4.09 64.10
CA GLY E 42 -34.29 -5.49 63.86
C GLY E 42 -33.63 -6.06 62.63
N GLN E 43 -32.69 -5.33 62.03
CA GLN E 43 -32.01 -5.77 60.81
C GLN E 43 -30.58 -5.26 60.84
N ALA E 44 -29.75 -5.78 59.91
CA ALA E 44 -28.34 -5.46 59.77
C ALA E 44 -28.17 -4.10 59.07
N PRO E 45 -27.10 -3.37 59.41
CA PRO E 45 -26.85 -2.09 58.74
C PRO E 45 -26.46 -2.29 57.29
N ARG E 46 -26.68 -1.25 56.50
CA ARG E 46 -26.33 -1.25 55.09
C ARG E 46 -25.60 0.04 54.75
N LEU E 47 -24.78 -0.03 53.71
CA LEU E 47 -24.02 1.12 53.24
C LEU E 47 -24.91 2.04 52.43
N LEU E 48 -24.87 3.34 52.75
CA LEU E 48 -25.67 4.34 52.05
C LEU E 48 -24.87 5.03 50.95
N ILE E 49 -23.77 5.68 51.33
CA ILE E 49 -22.91 6.38 50.38
C ILE E 49 -21.46 6.19 50.82
N TYR E 50 -20.58 5.95 49.85
CA TYR E 50 -19.16 5.77 50.12
C TYR E 50 -18.36 6.80 49.33
N GLY E 51 -17.30 7.32 49.94
CA GLY E 51 -16.52 8.36 49.31
C GLY E 51 -17.20 9.72 49.28
N ALA E 52 -18.31 9.88 49.99
CA ALA E 52 -19.03 11.14 50.16
C ALA E 52 -19.67 11.61 48.86
N SER E 53 -19.44 10.89 47.77
CA SER E 53 -20.06 11.22 46.49
C SER E 53 -20.68 10.03 45.80
N SER E 54 -20.05 8.85 45.89
CA SER E 54 -20.50 7.67 45.15
C SER E 54 -21.53 6.90 45.95
N ARG E 55 -22.69 6.68 45.32
CA ARG E 55 -23.81 6.00 45.95
C ARG E 55 -23.65 4.50 45.82
N ALA E 56 -23.91 3.78 46.90
CA ALA E 56 -23.80 2.33 46.88
C ALA E 56 -24.93 1.70 46.08
N THR E 57 -24.70 0.46 45.65
CA THR E 57 -25.71 -0.26 44.89
C THR E 57 -26.91 -0.59 45.76
N GLY E 58 -28.11 -0.45 45.19
CA GLY E 58 -29.33 -0.68 45.92
C GLY E 58 -29.82 0.48 46.75
N ILE E 59 -29.10 1.60 46.74
CA ILE E 59 -29.48 2.79 47.49
C ILE E 59 -30.28 3.71 46.58
N PRO E 60 -31.49 4.12 46.96
CA PRO E 60 -32.27 5.01 46.10
C PRO E 60 -31.60 6.38 45.96
N ASP E 61 -31.90 7.04 44.84
CA ASP E 61 -31.27 8.31 44.52
C ASP E 61 -31.62 9.43 45.49
N ARG E 62 -32.64 9.24 46.33
CA ARG E 62 -33.01 10.27 47.29
C ARG E 62 -31.91 10.56 48.32
N PHE E 63 -30.95 9.66 48.49
CA PHE E 63 -29.83 9.89 49.38
C PHE E 63 -28.71 10.59 48.62
N SER E 64 -28.21 11.69 49.18
CA SER E 64 -27.09 12.41 48.59
C SER E 64 -26.10 12.79 49.68
N GLY E 65 -24.85 12.92 49.30
CA GLY E 65 -23.80 13.27 50.25
C GLY E 65 -22.89 14.35 49.68
N SER E 66 -22.42 15.21 50.57
CA SER E 66 -21.55 16.31 50.18
C SER E 66 -20.71 16.72 51.38
N GLY E 67 -19.91 17.77 51.19
CA GLY E 67 -19.05 18.26 52.24
C GLY E 67 -17.69 17.59 52.26
N SER E 68 -16.82 18.12 53.11
CA SER E 68 -15.43 17.68 53.19
C SER E 68 -14.77 18.34 54.40
N GLY E 69 -13.48 18.10 54.54
CA GLY E 69 -12.63 18.82 55.46
C GLY E 69 -12.85 18.44 56.91
N THR E 70 -13.96 18.90 57.47
CA THR E 70 -14.36 18.51 58.81
C THR E 70 -15.86 18.28 58.94
N ASP E 71 -16.62 18.42 57.86
CA ASP E 71 -18.08 18.29 57.92
C ASP E 71 -18.57 17.54 56.70
N PHE E 72 -19.26 16.43 56.92
CA PHE E 72 -19.85 15.63 55.85
C PHE E 72 -21.35 15.59 56.04
N THR E 73 -22.08 16.06 55.02
CA THR E 73 -23.53 16.25 55.13
C THR E 73 -24.25 15.26 54.23
N LEU E 74 -25.37 14.75 54.74
CA LEU E 74 -26.26 13.86 54.01
C LEU E 74 -27.62 14.51 53.86
N THR E 75 -28.18 14.45 52.64
CA THR E 75 -29.45 15.07 52.33
C THR E 75 -30.40 14.03 51.75
N ILE E 76 -31.65 14.06 52.23
CA ILE E 76 -32.72 13.23 51.68
C ILE E 76 -33.88 14.16 51.34
N SER E 77 -34.26 14.20 50.05
CA SER E 77 -35.31 15.11 49.63
C SER E 77 -36.65 14.76 50.26
N ARG E 78 -36.98 13.47 50.31
CA ARG E 78 -38.25 13.00 50.85
C ARG E 78 -37.99 11.87 51.85
N LEU E 79 -38.71 11.90 52.96
CA LEU E 79 -38.60 10.87 53.98
C LEU E 79 -39.82 9.96 53.93
N GLU E 80 -39.58 8.66 54.01
CA GLU E 80 -40.61 7.64 53.91
C GLU E 80 -40.54 6.70 55.11
N PRO E 81 -41.62 5.99 55.42
CA PRO E 81 -41.60 5.10 56.60
C PRO E 81 -40.50 4.06 56.56
N GLU E 82 -40.16 3.54 55.39
CA GLU E 82 -39.05 2.58 55.29
C GLU E 82 -37.68 3.23 55.48
N ASP E 83 -37.59 4.55 55.41
CA ASP E 83 -36.33 5.26 55.50
C ASP E 83 -35.98 5.69 56.92
N PHE E 84 -36.85 5.44 57.90
CA PHE E 84 -36.59 5.79 59.29
C PHE E 84 -35.76 4.67 59.92
N ALA E 85 -34.48 4.94 60.16
CA ALA E 85 -33.58 3.94 60.73
C ALA E 85 -32.51 4.69 61.54
N VAL E 86 -31.43 3.98 61.86
CA VAL E 86 -30.33 4.55 62.63
C VAL E 86 -29.20 4.90 61.65
N TYR E 87 -28.73 6.14 61.73
CA TYR E 87 -27.69 6.62 60.82
C TYR E 87 -26.34 6.66 61.52
N TYR E 88 -25.30 6.24 60.80
CA TYR E 88 -23.93 6.26 61.30
C TYR E 88 -23.00 6.82 60.24
N CYS E 89 -21.94 7.48 60.69
CA CYS E 89 -20.86 7.93 59.82
C CYS E 89 -19.57 7.27 60.27
N GLN E 90 -18.83 6.69 59.32
CA GLN E 90 -17.58 6.01 59.60
C GLN E 90 -16.48 6.61 58.75
N GLN E 91 -15.26 6.65 59.30
CA GLN E 91 -14.10 7.14 58.57
C GLN E 91 -12.98 6.10 58.63
N HIS E 92 -12.15 6.08 57.58
CA HIS E 92 -10.99 5.19 57.57
C HIS E 92 -9.73 5.91 57.12
N ASP E 93 -9.71 7.24 57.13
CA ASP E 93 -8.49 7.96 56.82
C ASP E 93 -7.40 7.68 57.85
N THR E 94 -7.77 7.62 59.13
CA THR E 94 -6.85 7.27 60.20
C THR E 94 -7.54 6.29 61.12
N SER E 95 -7.07 5.05 61.13
CA SER E 95 -7.64 3.96 61.94
C SER E 95 -9.11 3.80 61.57
N LEU E 96 -9.93 3.33 62.51
CA LEU E 96 -11.36 3.14 62.28
C LEU E 96 -12.12 3.69 63.47
N THR E 97 -12.94 4.71 63.23
CA THR E 97 -13.77 5.30 64.27
C THR E 97 -15.18 5.48 63.73
N PHE E 98 -16.17 5.10 64.55
CA PHE E 98 -17.56 5.18 64.18
C PHE E 98 -18.24 6.36 64.84
N GLY E 99 -19.39 6.76 64.28
CA GLY E 99 -20.14 7.87 64.83
C GLY E 99 -20.95 7.49 66.05
N GLY E 100 -21.41 8.52 66.76
CA GLY E 100 -22.17 8.29 67.97
C GLY E 100 -23.52 7.63 67.72
N GLY E 101 -24.20 8.04 66.65
CA GLY E 101 -25.50 7.51 66.34
C GLY E 101 -26.52 8.59 66.04
N THR E 102 -27.56 8.24 65.28
CA THR E 102 -28.60 9.20 64.92
C THR E 102 -29.90 8.46 64.70
N LYS E 103 -30.99 8.98 65.27
CA LYS E 103 -32.31 8.41 65.11
C LYS E 103 -33.25 9.45 64.50
N VAL E 104 -34.09 8.99 63.56
CA VAL E 104 -35.08 9.83 62.90
C VAL E 104 -36.45 9.28 63.22
N GLU E 105 -37.32 10.15 63.76
CA GLU E 105 -38.68 9.77 64.13
C GLU E 105 -39.68 10.57 63.29
N ILE E 106 -40.96 10.40 63.62
CA ILE E 106 -42.05 11.06 62.91
C ILE E 106 -42.59 12.18 63.78
N LYS E 107 -42.70 13.37 63.21
CA LYS E 107 -43.27 14.54 63.89
C LYS E 107 -44.76 14.59 63.62
N ARG E 108 -45.56 14.42 64.68
CA ARG E 108 -47.01 14.42 64.53
C ARG E 108 -47.66 15.41 65.49
N THR E 109 -48.98 15.36 65.59
CA THR E 109 -49.70 16.25 66.48
C THR E 109 -49.45 15.86 67.94
N VAL E 110 -49.69 16.82 68.84
CA VAL E 110 -49.48 16.61 70.26
C VAL E 110 -50.72 15.97 70.86
N ALA E 111 -50.54 14.88 71.59
CA ALA E 111 -51.61 14.15 72.24
C ALA E 111 -51.30 14.01 73.73
N ALA E 112 -52.31 13.54 74.48
CA ALA E 112 -52.20 13.38 75.92
C ALA E 112 -52.25 11.90 76.28
N PRO E 113 -51.48 11.48 77.27
CA PRO E 113 -51.48 10.07 77.67
C PRO E 113 -52.72 9.73 78.51
N SER E 114 -52.77 8.48 78.95
CA SER E 114 -53.83 7.95 79.80
C SER E 114 -53.24 7.15 80.94
N VAL E 115 -52.27 7.76 81.63
CA VAL E 115 -51.48 7.05 82.64
C VAL E 115 -52.39 6.51 83.74
N PHE E 116 -52.10 5.28 84.17
CA PHE E 116 -52.82 4.59 85.22
C PHE E 116 -51.83 3.97 86.20
N ILE E 117 -52.31 3.65 87.39
CA ILE E 117 -51.52 2.93 88.38
C ILE E 117 -52.25 1.63 88.71
N PHE E 118 -51.49 0.56 88.92
CA PHE E 118 -52.09 -0.73 89.17
C PHE E 118 -51.49 -1.38 90.40
N PRO E 119 -52.29 -2.06 91.23
CA PRO E 119 -51.75 -2.67 92.44
C PRO E 119 -50.98 -3.94 92.11
N PRO E 120 -50.05 -4.35 92.97
CA PRO E 120 -49.38 -5.64 92.77
C PRO E 120 -50.35 -6.80 92.92
N SER E 121 -50.04 -7.90 92.22
CA SER E 121 -50.86 -9.10 92.31
C SER E 121 -50.76 -9.70 93.72
N ASP E 122 -51.84 -10.37 94.12
CA ASP E 122 -51.91 -10.95 95.46
C ASP E 122 -50.92 -12.08 95.67
N GLU E 123 -50.49 -12.75 94.61
CA GLU E 123 -49.58 -13.88 94.76
C GLU E 123 -48.18 -13.42 95.17
N GLN E 124 -47.84 -12.16 94.93
CA GLN E 124 -46.50 -11.66 95.26
C GLN E 124 -46.28 -11.55 96.76
N LEU E 125 -47.34 -11.66 97.57
CA LEU E 125 -47.18 -11.55 99.02
C LEU E 125 -46.34 -12.68 99.60
N LYS E 126 -46.37 -13.87 98.98
CA LYS E 126 -45.58 -14.99 99.45
C LYS E 126 -44.13 -14.95 98.97
N SER E 127 -43.82 -14.10 97.99
CA SER E 127 -42.47 -13.97 97.46
C SER E 127 -41.66 -12.88 98.16
N GLY E 128 -42.23 -12.23 99.17
CA GLY E 128 -41.53 -11.22 99.92
C GLY E 128 -41.30 -9.90 99.21
N THR E 129 -42.10 -9.57 98.20
CA THR E 129 -41.94 -8.32 97.50
C THR E 129 -43.29 -7.87 96.93
N ALA E 130 -43.38 -6.58 96.66
CA ALA E 130 -44.55 -5.99 96.01
C ALA E 130 -44.09 -5.03 94.93
N SER E 131 -44.74 -5.12 93.77
CA SER E 131 -44.34 -4.32 92.61
C SER E 131 -45.55 -3.58 92.08
N VAL E 132 -45.49 -2.25 92.15
CA VAL E 132 -46.56 -1.37 91.67
C VAL E 132 -46.15 -0.82 90.30
N VAL E 133 -47.07 -0.85 89.35
CA VAL E 133 -46.80 -0.46 87.98
C VAL E 133 -47.56 0.83 87.65
N CYS E 134 -46.90 1.68 86.87
CA CYS E 134 -47.47 2.92 86.35
C CYS E 134 -47.37 2.88 84.83
N LEU E 135 -48.50 2.93 84.15
CA LEU E 135 -48.57 2.70 82.72
C LEU E 135 -48.98 3.98 82.00
N LEU E 136 -48.14 4.44 81.08
CA LEU E 136 -48.43 5.59 80.24
C LEU E 136 -48.87 5.09 78.87
N ASN E 137 -50.10 5.42 78.49
CA ASN E 137 -50.67 4.96 77.22
C ASN E 137 -50.13 5.83 76.08
N ASN E 138 -50.77 5.73 74.91
CA ASN E 138 -50.32 6.44 73.72
C ASN E 138 -50.17 7.93 73.99
N PHE E 139 -48.95 8.44 73.80
CA PHE E 139 -48.67 9.86 73.99
C PHE E 139 -47.55 10.28 73.04
N TYR E 140 -47.47 11.59 72.81
CA TYR E 140 -46.46 12.18 71.95
C TYR E 140 -46.35 13.65 72.30
N PRO E 141 -45.14 14.22 72.39
CA PRO E 141 -43.82 13.61 72.18
C PRO E 141 -43.39 12.67 73.31
N ARG E 142 -42.30 11.94 73.09
CA ARG E 142 -41.84 10.94 74.06
C ARG E 142 -41.42 11.58 75.38
N GLU E 143 -41.05 12.85 75.36
CA GLU E 143 -40.49 13.50 76.55
C GLU E 143 -41.57 13.64 77.61
N ALA E 144 -41.52 12.77 78.62
CA ALA E 144 -42.44 12.78 79.75
C ALA E 144 -41.71 12.34 80.99
N LYS E 145 -42.19 12.80 82.15
CA LYS E 145 -41.55 12.53 83.43
C LYS E 145 -42.50 11.74 84.31
N VAL E 146 -42.00 10.66 84.91
CA VAL E 146 -42.77 9.80 85.80
C VAL E 146 -42.00 9.61 87.10
N GLN E 147 -42.71 9.73 88.23
CA GLN E 147 -42.08 9.63 89.53
C GLN E 147 -43.01 8.88 90.48
N TRP E 148 -42.40 8.19 91.44
CA TRP E 148 -43.11 7.44 92.47
C TRP E 148 -43.10 8.20 93.78
N LYS E 149 -44.20 8.11 94.52
CA LYS E 149 -44.31 8.75 95.83
C LYS E 149 -45.11 7.85 96.75
N VAL E 150 -44.50 7.38 97.85
CA VAL E 150 -45.25 6.62 98.85
C VAL E 150 -45.78 7.64 99.85
N ASP E 151 -46.85 8.33 99.44
CA ASP E 151 -47.78 9.07 100.27
C ASP E 151 -47.16 10.24 101.03
N ASN E 152 -45.83 10.37 101.03
CA ASN E 152 -45.24 11.49 101.78
C ASN E 152 -44.02 12.15 101.17
N ALA E 153 -43.45 11.66 100.07
CA ALA E 153 -42.18 12.20 99.58
C ALA E 153 -41.85 11.58 98.23
N LEU E 154 -40.82 12.12 97.61
CA LEU E 154 -40.33 11.64 96.32
C LEU E 154 -39.38 10.45 96.52
N GLN E 155 -39.39 9.54 95.57
CA GLN E 155 -38.53 8.36 95.59
C GLN E 155 -37.83 8.20 94.25
N SER E 156 -36.69 7.52 94.29
CA SER E 156 -35.90 7.28 93.08
C SER E 156 -35.04 6.04 93.29
N GLY E 157 -34.52 5.52 92.17
CA GLY E 157 -33.62 4.40 92.21
C GLY E 157 -34.28 3.04 92.04
N ASN E 158 -35.15 2.66 92.97
CA ASN E 158 -35.75 1.32 92.97
C ASN E 158 -36.95 1.25 92.03
N SER E 159 -36.75 1.65 90.78
CA SER E 159 -37.80 1.59 89.77
C SER E 159 -37.14 1.50 88.40
N GLN E 160 -37.84 0.89 87.45
CA GLN E 160 -37.32 0.73 86.10
C GLN E 160 -38.41 1.03 85.09
N GLU E 161 -38.04 1.75 84.04
CA GLU E 161 -38.99 2.20 83.02
C GLU E 161 -38.62 1.60 81.67
N SER E 162 -39.62 1.02 81.00
CA SER E 162 -39.47 0.48 79.65
C SER E 162 -40.42 1.21 78.71
N VAL E 163 -39.89 1.67 77.58
CA VAL E 163 -40.63 2.50 76.64
C VAL E 163 -40.72 1.78 75.30
N THR E 164 -41.92 1.70 74.75
CA THR E 164 -42.14 1.07 73.47
C THR E 164 -41.71 1.99 72.33
N GLU E 165 -41.70 1.44 71.12
CA GLU E 165 -41.29 2.17 69.93
C GLU E 165 -42.48 2.88 69.30
N GLN E 166 -42.22 3.57 68.19
CA GLN E 166 -43.27 4.31 67.50
C GLN E 166 -44.27 3.35 66.85
N ASP E 167 -45.55 3.71 66.91
CA ASP E 167 -46.58 2.89 66.31
C ASP E 167 -46.56 3.01 64.79
N SER E 168 -47.06 1.96 64.12
CA SER E 168 -47.13 2.00 62.66
C SER E 168 -48.28 2.90 62.19
N LYS E 169 -49.33 3.04 62.99
CA LYS E 169 -50.51 3.80 62.58
C LYS E 169 -50.44 5.25 63.04
N ASP E 170 -50.31 5.48 64.35
CA ASP E 170 -50.33 6.82 64.92
C ASP E 170 -48.92 7.32 65.25
N SER E 171 -47.95 6.42 65.38
CA SER E 171 -46.57 6.77 65.72
C SER E 171 -46.51 7.49 67.08
N THR E 172 -46.90 6.76 68.12
CA THR E 172 -46.94 7.26 69.48
C THR E 172 -45.98 6.45 70.35
N TYR E 173 -46.03 6.72 71.65
CA TYR E 173 -45.17 6.05 72.62
C TYR E 173 -45.98 5.60 73.83
N SER E 174 -45.51 4.54 74.46
CA SER E 174 -46.08 4.04 75.70
C SER E 174 -44.97 3.69 76.66
N LEU E 175 -45.26 3.77 77.96
CA LEU E 175 -44.24 3.57 78.99
C LEU E 175 -44.79 2.67 80.09
N SER E 176 -43.89 1.91 80.71
CA SER E 176 -44.23 1.09 81.87
C SER E 176 -43.15 1.27 82.92
N SER E 177 -43.54 1.77 84.09
CA SER E 177 -42.64 1.98 85.21
C SER E 177 -42.98 1.00 86.32
N THR E 178 -41.98 0.27 86.79
CA THR E 178 -42.14 -0.72 87.85
C THR E 178 -41.38 -0.27 89.09
N LEU E 179 -42.09 -0.18 90.21
CA LEU E 179 -41.50 0.12 91.51
C LEU E 179 -41.67 -1.11 92.40
N THR E 180 -40.56 -1.79 92.69
CA THR E 180 -40.57 -3.02 93.47
C THR E 180 -39.89 -2.78 94.80
N LEU E 181 -40.57 -3.16 95.89
CA LEU E 181 -40.04 -2.99 97.23
C LEU E 181 -40.33 -4.23 98.06
N SER E 182 -39.48 -4.46 99.05
CA SER E 182 -39.67 -5.60 99.95
C SER E 182 -40.98 -5.46 100.71
N LYS E 183 -41.61 -6.60 101.00
CA LYS E 183 -42.91 -6.59 101.67
C LYS E 183 -42.84 -5.97 103.05
N ALA E 184 -41.67 -5.92 103.68
CA ALA E 184 -41.53 -5.27 104.97
C ALA E 184 -41.88 -3.78 104.87
N ASP E 185 -41.39 -3.11 103.83
CA ASP E 185 -41.77 -1.72 103.60
C ASP E 185 -43.17 -1.60 103.02
N TYR E 186 -43.61 -2.57 102.23
CA TYR E 186 -44.95 -2.51 101.64
C TYR E 186 -46.03 -2.55 102.71
N GLU E 187 -45.84 -3.38 103.74
CA GLU E 187 -46.81 -3.45 104.82
C GLU E 187 -46.77 -2.23 105.73
N LYS E 188 -45.67 -1.48 105.73
CA LYS E 188 -45.60 -0.27 106.54
C LYS E 188 -46.55 0.82 106.07
N HIS E 189 -46.93 0.81 104.79
CA HIS E 189 -47.76 1.85 104.21
C HIS E 189 -48.99 1.23 103.56
N LYS E 190 -49.87 2.09 103.08
CA LYS E 190 -51.12 1.65 102.47
C LYS E 190 -51.36 2.24 101.09
N VAL E 191 -50.94 3.48 100.85
CA VAL E 191 -51.28 4.21 99.63
C VAL E 191 -49.99 4.64 98.94
N TYR E 192 -49.92 4.40 97.63
CA TYR E 192 -48.85 4.87 96.78
C TYR E 192 -49.42 5.81 95.73
N ALA E 193 -48.53 6.49 95.01
CA ALA E 193 -48.94 7.45 94.00
C ALA E 193 -47.89 7.55 92.90
N CYS E 194 -48.38 7.77 91.68
CA CYS E 194 -47.55 7.99 90.52
C CYS E 194 -47.84 9.39 89.96
N GLU E 195 -46.79 10.21 89.84
CA GLU E 195 -46.91 11.56 89.33
C GLU E 195 -46.27 11.62 87.95
N VAL E 196 -47.05 12.00 86.95
CA VAL E 196 -46.62 12.00 85.56
C VAL E 196 -46.91 13.38 84.96
N THR E 197 -45.90 13.97 84.34
CA THR E 197 -46.04 15.23 83.64
C THR E 197 -45.56 15.08 82.20
N HIS E 198 -46.14 15.88 81.31
CA HIS E 198 -45.85 15.81 79.89
C HIS E 198 -46.14 17.17 79.27
N GLN E 199 -45.51 17.42 78.12
CA GLN E 199 -45.75 18.67 77.39
C GLN E 199 -47.20 18.75 76.94
N GLY E 200 -47.78 17.64 76.50
CA GLY E 200 -49.17 17.65 76.09
C GLY E 200 -50.12 18.03 77.22
N LEU E 201 -49.86 17.51 78.42
CA LEU E 201 -50.67 17.88 79.57
C LEU E 201 -50.34 19.29 80.02
N SER E 202 -51.37 20.09 80.27
CA SER E 202 -51.19 21.46 80.71
C SER E 202 -50.71 21.56 82.14
N SER E 203 -50.77 20.48 82.91
CA SER E 203 -50.32 20.47 84.29
C SER E 203 -49.97 19.04 84.67
N PRO E 204 -49.00 18.83 85.56
CA PRO E 204 -48.67 17.47 85.99
C PRO E 204 -49.88 16.80 86.65
N VAL E 205 -50.04 15.51 86.37
CA VAL E 205 -51.14 14.72 86.90
C VAL E 205 -50.58 13.74 87.92
N THR E 206 -51.46 13.30 88.83
CA THR E 206 -51.09 12.36 89.87
C THR E 206 -52.21 11.36 90.07
N LYS E 207 -51.88 10.08 90.05
CA LYS E 207 -52.84 9.01 90.34
C LYS E 207 -52.36 8.26 91.57
N SER E 208 -53.19 8.24 92.61
CA SER E 208 -52.86 7.61 93.88
C SER E 208 -53.86 6.51 94.20
N PHE E 209 -53.35 5.37 94.66
CA PHE E 209 -54.18 4.23 95.01
C PHE E 209 -53.75 3.67 96.36
N ASN E 210 -54.74 3.21 97.12
CA ASN E 210 -54.52 2.62 98.44
C ASN E 210 -54.82 1.13 98.39
N ARG E 211 -54.34 0.42 99.42
CA ARG E 211 -54.55 -1.01 99.49
C ARG E 211 -56.03 -1.34 99.60
N GLY E 212 -56.46 -2.36 98.86
CA GLY E 212 -57.85 -2.78 98.87
C GLY E 212 -58.14 -3.90 97.90
N GLN F 1 18.44 38.31 32.66
CA GLN F 1 17.31 39.23 32.72
C GLN F 1 17.51 40.40 31.76
N VAL F 2 16.40 40.99 31.31
CA VAL F 2 16.44 42.13 30.40
C VAL F 2 16.70 43.39 31.22
N GLN F 3 17.67 44.18 30.78
CA GLN F 3 18.03 45.40 31.48
C GLN F 3 18.17 46.55 30.50
N LEU F 4 17.77 47.75 30.94
CA LEU F 4 17.90 48.97 30.19
C LEU F 4 18.55 50.04 31.05
N VAL F 5 19.46 50.81 30.45
CA VAL F 5 20.09 51.92 31.16
C VAL F 5 20.02 53.16 30.26
N GLN F 6 20.02 54.33 30.90
CA GLN F 6 19.89 55.61 30.22
C GLN F 6 21.04 56.51 30.63
N SER F 7 20.97 57.77 30.21
CA SER F 7 22.01 58.74 30.50
C SER F 7 21.62 59.58 31.72
N GLY F 8 22.41 60.61 32.01
CA GLY F 8 22.16 61.47 33.15
C GLY F 8 21.25 62.65 32.83
N ALA F 9 21.07 63.50 33.82
CA ALA F 9 20.25 64.69 33.67
C ALA F 9 21.00 65.79 32.91
N GLU F 10 20.22 66.70 32.33
CA GLU F 10 20.76 67.81 31.55
C GLU F 10 20.10 69.11 31.99
N VAL F 11 20.90 70.18 32.06
CA VAL F 11 20.43 71.49 32.49
C VAL F 11 20.72 72.47 31.36
N LYS F 12 20.66 71.98 30.13
CA LYS F 12 21.01 72.80 28.97
C LYS F 12 19.99 73.91 28.75
N LYS F 13 20.41 74.94 28.03
CA LYS F 13 19.67 76.16 27.77
C LYS F 13 18.57 75.92 26.75
N PRO F 14 17.53 76.75 26.75
CA PRO F 14 16.45 76.60 25.75
C PRO F 14 16.96 76.81 24.34
N GLY F 15 16.36 76.10 23.40
CA GLY F 15 16.71 76.20 22.00
C GLY F 15 17.84 75.32 21.53
N ALA F 16 18.49 74.58 22.44
CA ALA F 16 19.59 73.72 22.07
C ALA F 16 19.04 72.34 21.68
N SER F 17 19.93 71.37 21.52
CA SER F 17 19.57 70.01 21.15
C SER F 17 19.91 69.06 22.29
N VAL F 18 18.97 68.17 22.60
CA VAL F 18 19.15 67.18 23.66
C VAL F 18 19.53 65.85 23.02
N LYS F 19 20.40 65.11 23.70
CA LYS F 19 20.94 63.84 23.22
C LYS F 19 20.83 62.83 24.34
N VAL F 20 20.11 61.73 24.08
CA VAL F 20 19.83 60.70 25.08
C VAL F 20 20.28 59.35 24.52
N SER F 21 20.81 58.51 25.40
CA SER F 21 21.28 57.17 25.03
C SER F 21 20.47 56.13 25.79
N CYS F 22 20.13 55.05 25.10
CA CYS F 22 19.38 53.93 25.69
C CYS F 22 20.13 52.66 25.38
N LYS F 23 20.70 52.03 26.41
CA LYS F 23 21.51 50.83 26.26
C LYS F 23 20.75 49.61 26.78
N ALA F 24 20.74 48.55 25.99
CA ALA F 24 19.99 47.33 26.29
C ALA F 24 20.94 46.18 26.58
N SER F 25 20.49 45.28 27.45
CA SER F 25 21.29 44.11 27.82
C SER F 25 20.37 42.93 28.08
N GLY F 26 20.84 41.74 27.70
CA GLY F 26 20.16 40.51 28.02
C GLY F 26 19.07 40.08 27.06
N TYR F 27 18.85 40.80 25.96
CA TYR F 27 17.81 40.43 25.01
C TYR F 27 18.30 40.77 23.60
N PRO F 28 17.80 40.06 22.58
CA PRO F 28 18.23 40.35 21.20
C PRO F 28 17.83 41.73 20.72
N PHE F 29 18.84 42.58 20.47
CA PHE F 29 18.58 43.98 20.15
C PHE F 29 17.79 44.13 18.85
N THR F 30 18.13 43.35 17.83
CA THR F 30 17.50 43.53 16.53
C THR F 30 16.04 43.11 16.54
N SER F 31 15.70 42.09 17.33
CA SER F 31 14.35 41.53 17.30
C SER F 31 13.29 42.49 17.81
N TYR F 32 13.67 43.50 18.58
CA TYR F 32 12.71 44.39 19.22
C TYR F 32 12.99 45.84 18.87
N GLY F 33 11.92 46.64 18.74
CA GLY F 33 12.06 48.06 18.54
C GLY F 33 12.12 48.83 19.85
N ILE F 34 12.30 50.14 19.72
CA ILE F 34 12.46 51.03 20.87
C ILE F 34 11.41 52.13 20.79
N SER F 35 10.72 52.38 21.91
CA SER F 35 9.72 53.42 22.01
C SER F 35 10.19 54.50 22.98
N TRP F 36 9.97 55.76 22.60
CA TRP F 36 10.31 56.91 23.42
C TRP F 36 9.03 57.60 23.86
N VAL F 37 8.89 57.78 25.18
CA VAL F 37 7.71 58.37 25.81
C VAL F 37 8.18 59.37 26.87
N ARG F 38 7.31 60.30 27.25
CA ARG F 38 7.66 61.28 28.28
C ARG F 38 6.53 61.42 29.28
N GLN F 39 6.90 61.90 30.48
CA GLN F 39 5.96 62.21 31.54
C GLN F 39 6.34 63.53 32.16
N ALA F 40 5.42 64.51 32.10
CA ALA F 40 5.67 65.83 32.64
C ALA F 40 5.37 65.88 34.14
N PRO F 41 6.10 66.70 34.90
CA PRO F 41 5.82 66.83 36.33
C PRO F 41 4.45 67.46 36.56
N GLY F 42 3.59 66.74 37.28
CA GLY F 42 2.22 67.17 37.50
C GLY F 42 1.24 66.74 36.43
N GLN F 43 1.71 66.10 35.37
CA GLN F 43 0.87 65.59 34.30
C GLN F 43 1.04 64.09 34.18
N GLY F 44 0.42 63.50 33.16
CA GLY F 44 0.48 62.08 32.90
C GLY F 44 1.53 61.72 31.87
N LEU F 45 1.29 60.62 31.18
CA LEU F 45 2.21 60.13 30.16
C LEU F 45 1.91 60.75 28.80
N GLU F 46 2.93 60.77 27.95
CA GLU F 46 2.79 61.30 26.60
C GLU F 46 3.80 60.59 25.70
N TRP F 47 3.32 59.65 24.91
CA TRP F 47 4.19 58.91 23.99
C TRP F 47 4.66 59.82 22.86
N MET F 48 5.90 59.61 22.43
CA MET F 48 6.44 60.35 21.29
C MET F 48 6.60 59.47 20.06
N GLY F 49 7.39 58.40 20.13
CA GLY F 49 7.73 57.73 18.89
C GLY F 49 8.23 56.31 19.03
N TRP F 50 8.40 55.66 17.88
CA TRP F 50 8.86 54.29 17.78
C TRP F 50 9.93 54.18 16.71
N ILE F 51 10.90 53.32 16.93
CA ILE F 51 11.99 53.09 15.98
C ILE F 51 12.22 51.58 15.87
N SER F 52 12.37 51.10 14.64
CA SER F 52 12.59 49.69 14.36
C SER F 52 14.09 49.42 14.23
N THR F 53 14.54 48.32 14.83
CA THR F 53 15.95 47.98 14.86
C THR F 53 16.43 47.16 13.67
N TYR F 54 15.52 46.67 12.83
CA TYR F 54 15.93 45.82 11.72
C TYR F 54 16.36 46.63 10.51
N ASN F 55 15.63 47.71 10.19
CA ASN F 55 15.93 48.51 9.01
C ASN F 55 15.93 50.01 9.28
N GLY F 56 15.69 50.45 10.52
CA GLY F 56 15.69 51.85 10.83
C GLY F 56 14.41 52.59 10.53
N ASN F 57 13.34 51.88 10.18
CA ASN F 57 12.06 52.53 9.93
C ASN F 57 11.52 53.11 11.24
N THR F 58 11.03 54.35 11.17
CA THR F 58 10.60 55.07 12.35
C THR F 58 9.18 55.57 12.18
N ASN F 59 8.53 55.85 13.32
CA ASN F 59 7.18 56.39 13.35
C ASN F 59 7.14 57.47 14.42
N TYR F 60 6.92 58.72 14.01
CA TYR F 60 6.94 59.86 14.89
C TYR F 60 5.52 60.36 15.16
N ALA F 61 5.39 61.15 16.21
CA ALA F 61 4.14 61.82 16.53
C ALA F 61 4.06 63.18 15.83
N GLN F 62 2.84 63.60 15.53
CA GLN F 62 2.64 64.84 14.79
C GLN F 62 3.00 66.08 15.62
N LYS F 63 3.07 65.95 16.94
CA LYS F 63 3.43 67.11 17.76
C LYS F 63 4.91 67.41 17.68
N PHE F 64 5.76 66.37 17.62
CA PHE F 64 7.20 66.53 17.54
C PHE F 64 7.74 66.14 16.18
N GLN F 65 6.92 66.22 15.14
CA GLN F 65 7.29 65.70 13.82
C GLN F 65 8.56 66.35 13.29
N GLY F 66 8.79 67.62 13.63
CA GLY F 66 9.93 68.35 13.14
C GLY F 66 11.08 68.53 14.12
N ARG F 67 11.14 67.76 15.20
CA ARG F 67 12.16 67.98 16.22
C ARG F 67 12.84 66.68 16.64
N VAL F 68 12.18 65.55 16.44
CA VAL F 68 12.62 64.27 16.98
C VAL F 68 13.44 63.52 15.94
N THR F 69 14.49 62.83 16.39
CA THR F 69 15.21 61.89 15.54
C THR F 69 15.69 60.73 16.39
N MET F 70 15.49 59.51 15.89
CA MET F 70 15.96 58.30 16.54
C MET F 70 16.88 57.54 15.60
N THR F 71 17.96 56.99 16.15
CA THR F 71 18.85 56.12 15.41
C THR F 71 19.27 54.96 16.30
N THR F 72 19.83 53.91 15.70
CA THR F 72 20.28 52.76 16.45
C THR F 72 21.63 52.32 15.94
N ASP F 73 22.46 51.80 16.85
CA ASP F 73 23.76 51.23 16.51
C ASP F 73 23.81 49.82 17.09
N THR F 74 23.93 48.83 16.22
CA THR F 74 23.89 47.44 16.64
C THR F 74 25.24 46.96 17.18
N SER F 75 26.32 47.69 16.93
CA SER F 75 27.62 47.29 17.46
C SER F 75 27.62 47.31 18.99
N THR F 76 27.18 48.42 19.57
CA THR F 76 27.02 48.52 21.02
C THR F 76 25.56 48.34 21.44
N THR F 77 24.66 48.06 20.50
CA THR F 77 23.23 47.88 20.76
C THR F 77 22.66 49.06 21.55
N THR F 78 22.92 50.26 21.05
CA THR F 78 22.52 51.50 21.71
C THR F 78 21.60 52.30 20.82
N GLY F 79 20.50 52.79 21.39
CA GLY F 79 19.62 53.70 20.70
C GLY F 79 19.95 55.14 21.07
N TYR F 80 19.94 56.01 20.05
CA TYR F 80 20.33 57.40 20.18
C TYR F 80 19.15 58.29 19.84
N MET F 81 18.85 59.24 20.74
CA MET F 81 17.68 60.11 20.65
C MET F 81 18.19 61.54 20.57
N GLU F 82 17.89 62.23 19.47
CA GLU F 82 18.37 63.58 19.22
C GLU F 82 17.18 64.49 18.95
N LEU F 83 16.97 65.46 19.83
CA LEU F 83 15.84 66.37 19.70
C LEU F 83 16.35 67.81 19.56
N ARG F 84 15.89 68.48 18.50
CA ARG F 84 16.30 69.83 18.20
C ARG F 84 15.24 70.83 18.65
N ARG F 85 15.67 72.09 18.79
CA ARG F 85 14.81 73.20 19.21
C ARG F 85 14.09 72.87 20.53
N LEU F 86 14.89 72.55 21.54
CA LEU F 86 14.35 72.25 22.85
C LEU F 86 13.70 73.50 23.44
N ARG F 87 12.56 73.32 24.08
CA ARG F 87 11.79 74.42 24.64
C ARG F 87 11.68 74.25 26.15
N SER F 88 11.16 75.30 26.81
CA SER F 88 10.98 75.27 28.25
C SER F 88 9.96 74.24 28.70
N ASP F 89 9.12 73.73 27.78
CA ASP F 89 8.11 72.75 28.12
C ASP F 89 8.64 71.33 28.13
N ASP F 90 9.91 71.11 27.76
CA ASP F 90 10.48 69.78 27.67
C ASP F 90 10.99 69.25 29.00
N THR F 91 10.91 70.04 30.07
CA THR F 91 11.31 69.60 31.39
C THR F 91 10.38 68.48 31.86
N ALA F 92 10.87 67.25 31.86
CA ALA F 92 10.03 66.09 32.14
C ALA F 92 10.94 64.90 32.44
N VAL F 93 10.36 63.71 32.50
CA VAL F 93 11.08 62.46 32.64
C VAL F 93 10.86 61.65 31.37
N TYR F 94 11.95 61.25 30.73
CA TYR F 94 11.92 60.55 29.46
C TYR F 94 12.13 59.06 29.71
N TYR F 95 11.30 58.23 29.09
CA TYR F 95 11.33 56.79 29.27
C TYR F 95 11.57 56.10 27.93
N CYS F 96 12.56 55.21 27.92
CA CYS F 96 12.89 54.35 26.79
C CYS F 96 12.36 52.96 27.10
N ALA F 97 11.54 52.42 26.20
CA ALA F 97 10.87 51.15 26.45
C ALA F 97 11.07 50.19 25.28
N ARG F 98 11.01 48.90 25.59
CA ARG F 98 11.03 47.87 24.56
C ARG F 98 9.65 47.73 23.95
N ASP F 99 9.55 47.94 22.64
CA ASP F 99 8.27 47.99 21.97
C ASP F 99 7.84 46.58 21.57
N TYR F 100 6.64 46.19 22.00
CA TYR F 100 6.02 44.93 21.59
C TYR F 100 4.65 45.19 20.99
N THR F 101 4.47 46.35 20.35
CA THR F 101 3.24 46.69 19.67
C THR F 101 3.34 46.58 18.15
N ARG F 102 4.41 47.13 17.57
CA ARG F 102 4.64 47.07 16.13
C ARG F 102 5.91 46.26 15.88
N GLY F 103 5.81 45.29 14.96
CA GLY F 103 6.96 44.44 14.67
C GLY F 103 8.05 45.20 13.94
N ALA F 104 9.30 44.84 14.25
CA ALA F 104 10.44 45.50 13.61
C ALA F 104 10.66 45.01 12.18
N TRP F 105 10.33 43.76 11.89
CA TRP F 105 10.58 43.21 10.56
C TRP F 105 9.51 43.66 9.56
N PHE F 106 8.25 43.28 9.82
CA PHE F 106 7.17 43.55 8.87
C PHE F 106 6.46 44.87 9.12
N GLY F 107 6.64 45.48 10.28
CA GLY F 107 6.02 46.76 10.56
C GLY F 107 4.53 46.71 10.83
N GLU F 108 3.99 45.56 11.19
CA GLU F 108 2.58 45.41 11.50
C GLU F 108 2.35 45.39 13.00
N SER F 109 1.09 45.62 13.39
CA SER F 109 0.74 45.68 14.80
C SER F 109 0.79 44.30 15.43
N LEU F 110 1.09 44.26 16.72
CA LEU F 110 1.18 43.02 17.49
C LEU F 110 0.46 43.20 18.82
N ILE F 111 0.03 42.07 19.38
CA ILE F 111 -0.64 42.05 20.68
C ILE F 111 0.42 42.22 21.76
N GLY F 112 0.44 43.37 22.41
CA GLY F 112 1.40 43.60 23.48
C GLY F 112 1.52 45.09 23.77
N GLY F 113 2.59 45.43 24.47
CA GLY F 113 2.85 46.81 24.82
C GLY F 113 4.28 47.00 25.25
N PHE F 114 4.50 48.03 26.06
CA PHE F 114 5.82 48.32 26.60
C PHE F 114 6.01 47.50 27.87
N ASP F 115 6.61 46.33 27.73
CA ASP F 115 6.77 45.39 28.85
C ASP F 115 8.06 45.60 29.63
N ASN F 116 8.94 46.48 29.18
CA ASN F 116 10.20 46.71 29.88
C ASN F 116 10.63 48.16 29.62
N TRP F 117 10.88 48.89 30.70
CA TRP F 117 11.19 50.31 30.63
C TRP F 117 12.58 50.59 31.21
N GLY F 118 13.12 51.75 30.85
CA GLY F 118 14.41 52.16 31.34
C GLY F 118 14.33 52.81 32.71
N GLN F 119 15.46 53.39 33.13
CA GLN F 119 15.55 54.03 34.43
C GLN F 119 14.99 55.44 34.44
N GLY F 120 14.74 56.02 33.27
CA GLY F 120 14.21 57.38 33.20
C GLY F 120 15.30 58.42 33.18
N THR F 121 15.14 59.44 32.32
CA THR F 121 16.12 60.51 32.19
C THR F 121 15.43 61.84 32.49
N LEU F 122 16.01 62.62 33.40
CA LEU F 122 15.45 63.91 33.77
C LEU F 122 15.93 64.98 32.79
N VAL F 123 14.99 65.75 32.25
CA VAL F 123 15.31 66.88 31.39
C VAL F 123 14.77 68.15 32.04
N THR F 124 15.66 69.10 32.33
CA THR F 124 15.29 70.36 32.96
C THR F 124 15.72 71.50 32.06
N VAL F 125 14.81 72.46 31.85
CA VAL F 125 15.06 73.60 30.98
C VAL F 125 14.88 74.87 31.81
N SER F 126 15.91 75.72 31.84
CA SER F 126 15.86 76.99 32.51
C SER F 126 17.06 77.82 32.08
N SER F 127 16.81 79.06 31.67
CA SER F 127 17.86 79.95 31.19
C SER F 127 18.47 80.72 32.36
N ALA F 128 19.18 79.98 33.21
CA ALA F 128 19.82 80.56 34.37
C ALA F 128 21.04 79.72 34.75
N SER F 129 21.91 80.32 35.55
CA SER F 129 23.12 79.67 36.03
C SER F 129 22.92 79.16 37.46
N THR F 130 23.86 78.33 37.90
CA THR F 130 23.79 77.76 39.23
C THR F 130 24.09 78.82 40.29
N LYS F 131 23.64 78.55 41.52
CA LYS F 131 23.84 79.48 42.62
C LYS F 131 23.72 78.70 43.92
N GLY F 132 24.58 79.04 44.88
CA GLY F 132 24.55 78.41 46.19
C GLY F 132 23.25 78.68 46.92
N PRO F 133 22.78 77.68 47.68
CA PRO F 133 21.51 77.84 48.40
C PRO F 133 21.59 78.92 49.47
N SER F 134 20.47 79.61 49.66
CA SER F 134 20.33 80.58 50.73
C SER F 134 19.40 80.02 51.80
N VAL F 135 19.88 80.00 53.04
CA VAL F 135 19.23 79.31 54.14
C VAL F 135 18.76 80.33 55.17
N PHE F 136 17.54 80.13 55.67
CA PHE F 136 16.99 80.99 56.71
C PHE F 136 16.26 80.14 57.75
N PRO F 137 16.61 80.27 59.03
CA PRO F 137 15.89 79.54 60.08
C PRO F 137 14.50 80.12 60.31
N LEU F 138 13.65 79.31 60.92
CA LEU F 138 12.29 79.70 61.27
C LEU F 138 12.03 79.22 62.69
N ALA F 139 12.02 80.15 63.63
CA ALA F 139 11.93 79.91 65.06
C ALA F 139 10.48 79.77 65.52
N PRO F 140 10.25 79.07 66.62
CA PRO F 140 8.89 79.03 67.20
C PRO F 140 8.53 80.38 67.81
N SER F 141 7.23 80.59 67.96
CA SER F 141 6.72 81.83 68.53
C SER F 141 7.07 81.92 70.02
N SER F 142 6.91 83.12 70.57
CA SER F 142 7.18 83.32 71.99
C SER F 142 6.23 82.49 72.86
N LYS F 143 4.97 82.41 72.46
CA LYS F 143 3.98 81.60 73.18
C LYS F 143 4.30 80.12 73.03
N THR F 149 2.38 71.00 70.84
CA THR F 149 3.82 70.87 70.64
C THR F 149 4.38 72.07 69.88
N ALA F 150 5.69 72.28 70.01
CA ALA F 150 6.36 73.38 69.34
C ALA F 150 6.81 72.94 67.96
N ALA F 151 6.92 73.91 67.04
CA ALA F 151 7.35 73.66 65.68
C ALA F 151 8.37 74.70 65.25
N LEU F 152 9.27 74.29 64.37
CA LEU F 152 10.27 75.20 63.80
C LEU F 152 10.68 74.65 62.44
N GLY F 153 11.57 75.35 61.75
CA GLY F 153 11.92 74.91 60.41
C GLY F 153 13.11 75.64 59.85
N CYS F 154 13.41 75.33 58.59
CA CYS F 154 14.55 75.87 57.87
C CYS F 154 14.16 75.97 56.40
N LEU F 155 14.17 77.19 55.87
CA LEU F 155 13.71 77.47 54.51
C LEU F 155 14.90 77.79 53.62
N VAL F 156 14.98 77.12 52.47
CA VAL F 156 16.07 77.31 51.52
C VAL F 156 15.48 77.90 50.24
N LYS F 157 16.20 78.86 49.66
CA LYS F 157 15.77 79.60 48.50
C LYS F 157 16.95 79.79 47.56
N ASP F 158 16.66 79.85 46.26
CA ASP F 158 17.66 80.13 45.23
C ASP F 158 18.78 79.09 45.25
N TYR F 159 18.38 77.82 45.21
CA TYR F 159 19.30 76.70 45.09
C TYR F 159 19.09 76.05 43.73
N PHE F 160 20.18 75.94 42.97
CA PHE F 160 20.09 75.48 41.59
C PHE F 160 21.27 74.56 41.30
N PRO F 161 21.04 73.42 40.64
CA PRO F 161 19.71 72.97 40.18
C PRO F 161 18.89 72.27 41.25
N GLU F 162 17.89 71.50 40.81
CA GLU F 162 16.98 70.82 41.74
C GLU F 162 17.69 69.90 42.73
N PRO F 163 18.66 69.05 42.34
CA PRO F 163 19.25 68.11 43.32
C PRO F 163 19.87 68.80 44.53
N VAL F 164 19.29 68.56 45.70
CA VAL F 164 19.76 69.10 46.97
C VAL F 164 19.25 68.21 48.09
N THR F 165 20.10 67.93 49.08
CA THR F 165 19.72 67.08 50.19
C THR F 165 19.61 67.90 51.47
N VAL F 166 18.69 67.49 52.34
CA VAL F 166 18.43 68.17 53.61
C VAL F 166 18.55 67.17 54.74
N SER F 167 19.22 67.59 55.83
CA SER F 167 19.39 66.75 57.00
C SER F 167 19.17 67.57 58.26
N TRP F 168 18.76 66.89 59.32
CA TRP F 168 18.55 67.51 60.63
C TRP F 168 19.31 66.68 61.66
N ASN F 169 20.42 67.23 62.14
CA ASN F 169 21.29 66.56 63.11
C ASN F 169 21.77 65.21 62.58
N SER F 170 22.05 65.15 61.28
CA SER F 170 22.60 63.97 60.62
C SER F 170 21.72 62.74 60.86
N GLY F 171 20.40 62.91 60.73
CA GLY F 171 19.49 61.80 60.83
C GLY F 171 19.13 61.37 62.23
N ALA F 172 19.60 62.09 63.25
CA ALA F 172 19.22 61.74 64.62
C ALA F 172 17.73 61.94 64.86
N LEU F 173 17.15 62.97 64.25
CA LEU F 173 15.73 63.30 64.41
C LEU F 173 14.99 63.15 63.08
N THR F 174 15.26 62.06 62.37
CA THR F 174 14.62 61.84 61.07
C THR F 174 13.10 61.77 61.21
N SER F 175 12.61 61.04 62.21
CA SER F 175 11.18 60.94 62.45
C SER F 175 10.68 62.28 62.96
N GLY F 176 10.01 63.05 62.09
CA GLY F 176 9.51 64.35 62.45
C GLY F 176 9.95 65.44 61.50
N VAL F 177 10.69 65.07 60.46
CA VAL F 177 11.17 66.01 59.45
C VAL F 177 10.24 65.93 58.25
N HIS F 178 9.61 67.05 57.92
CA HIS F 178 8.73 67.15 56.77
C HIS F 178 9.38 68.02 55.71
N THR F 179 9.48 67.49 54.49
CA THR F 179 10.09 68.19 53.36
C THR F 179 9.05 68.36 52.27
N PHE F 180 8.60 69.59 52.06
CA PHE F 180 7.61 69.86 51.03
C PHE F 180 8.24 69.80 49.65
N PRO F 181 7.46 69.47 48.62
CA PRO F 181 8.01 69.46 47.26
C PRO F 181 8.49 70.83 46.82
N ALA F 182 9.53 70.84 46.00
CA ALA F 182 10.12 72.08 45.51
C ALA F 182 9.12 72.83 44.63
N VAL F 183 9.19 74.16 44.68
CA VAL F 183 8.30 75.02 43.92
C VAL F 183 9.13 76.06 43.19
N LEU F 184 8.77 76.32 41.94
CA LEU F 184 9.48 77.25 41.08
C LEU F 184 8.73 78.57 40.98
N GLN F 185 9.47 79.67 41.00
CA GLN F 185 8.90 81.01 40.87
C GLN F 185 9.11 81.51 39.44
N SER F 186 8.78 82.78 39.21
CA SER F 186 8.90 83.37 37.88
C SER F 186 10.33 83.75 37.53
N SER F 187 11.26 83.68 38.47
CA SER F 187 12.66 84.00 38.23
C SER F 187 13.51 82.79 37.89
N GLY F 188 12.91 81.60 37.79
CA GLY F 188 13.68 80.40 37.52
C GLY F 188 14.48 79.89 38.69
N LEU F 189 14.12 80.26 39.90
CA LEU F 189 14.84 79.87 41.10
C LEU F 189 13.97 78.97 41.97
N TYR F 190 14.62 78.06 42.69
CA TYR F 190 13.94 77.01 43.43
C TYR F 190 13.69 77.41 44.89
N SER F 191 12.76 76.70 45.51
CA SER F 191 12.43 76.91 46.92
C SER F 191 12.17 75.56 47.57
N LEU F 192 12.51 75.47 48.86
CA LEU F 192 12.24 74.25 49.62
C LEU F 192 12.17 74.62 51.09
N SER F 193 11.51 73.76 51.87
CA SER F 193 11.37 73.97 53.29
C SER F 193 11.51 72.65 54.03
N SER F 194 12.02 72.72 55.26
CA SER F 194 12.06 71.59 56.17
C SER F 194 11.41 72.00 57.47
N VAL F 195 10.51 71.16 57.97
CA VAL F 195 9.73 71.46 59.17
C VAL F 195 10.00 70.36 60.20
N VAL F 196 10.32 70.77 61.42
CA VAL F 196 10.56 69.84 62.52
C VAL F 196 9.67 70.22 63.69
N THR F 197 8.94 69.23 64.21
CA THR F 197 8.07 69.41 65.36
C THR F 197 8.70 68.75 66.57
N VAL F 198 8.86 69.51 67.65
CA VAL F 198 9.51 69.02 68.87
C VAL F 198 8.66 69.41 70.06
N PRO F 199 8.79 68.69 71.17
CA PRO F 199 8.06 69.06 72.38
C PRO F 199 8.41 70.48 72.83
N SER F 200 7.42 71.17 73.37
CA SER F 200 7.61 72.56 73.80
C SER F 200 8.56 72.69 74.97
N SER F 201 8.88 71.58 75.64
CA SER F 201 9.78 71.60 76.79
C SER F 201 11.25 71.49 76.41
N SER F 202 11.56 71.47 75.11
CA SER F 202 12.93 71.26 74.65
C SER F 202 13.37 72.32 73.64
N LEU F 203 12.78 73.51 73.69
CA LEU F 203 13.17 74.57 72.76
C LEU F 203 14.49 75.22 73.17
N GLY F 204 14.76 75.31 74.47
CA GLY F 204 15.94 76.01 74.94
C GLY F 204 17.09 75.12 75.37
N THR F 205 16.87 73.80 75.35
CA THR F 205 17.90 72.86 75.75
C THR F 205 18.41 72.01 74.60
N GLN F 206 17.52 71.33 73.88
CA GLN F 206 17.94 70.49 72.77
C GLN F 206 18.42 71.34 71.60
N THR F 207 19.39 70.80 70.86
CA THR F 207 19.98 71.50 69.72
C THR F 207 19.39 70.97 68.42
N TYR F 208 18.99 71.91 67.55
CA TYR F 208 18.41 71.58 66.25
C TYR F 208 19.22 72.29 65.18
N ILE F 209 19.73 71.54 64.21
CA ILE F 209 20.53 72.08 63.12
C ILE F 209 19.92 71.63 61.80
N CYS F 210 19.86 72.56 60.84
CA CYS F 210 19.42 72.25 59.49
C CYS F 210 20.63 72.33 58.56
N ASN F 211 20.89 71.24 57.83
CA ASN F 211 22.03 71.16 56.94
C ASN F 211 21.54 70.91 55.52
N VAL F 212 22.00 71.73 54.59
CA VAL F 212 21.65 71.64 53.18
C VAL F 212 22.91 71.35 52.38
N ASN F 213 22.85 70.29 51.57
CA ASN F 213 23.96 69.84 50.74
C ASN F 213 23.59 70.02 49.28
N HIS F 214 24.47 70.69 48.54
CA HIS F 214 24.29 70.99 47.12
C HIS F 214 25.55 70.56 46.40
N LYS F 215 25.44 69.53 45.56
CA LYS F 215 26.60 68.88 44.95
C LYS F 215 27.23 69.73 43.83
N PRO F 216 26.46 70.22 42.85
CA PRO F 216 27.11 71.03 41.78
C PRO F 216 27.83 72.26 42.30
N SER F 217 27.32 72.91 43.33
CA SER F 217 28.02 74.03 43.95
C SER F 217 28.96 73.61 45.08
N ASN F 218 28.91 72.33 45.48
CA ASN F 218 29.78 71.79 46.53
C ASN F 218 29.64 72.57 47.82
N THR F 219 28.44 72.54 48.39
CA THR F 219 28.14 73.24 49.64
C THR F 219 27.50 72.28 50.62
N LYS F 220 27.92 72.38 51.88
CA LYS F 220 27.39 71.58 52.99
C LYS F 220 26.96 72.50 54.12
N VAL F 221 26.15 73.51 53.80
CA VAL F 221 25.93 74.62 54.72
C VAL F 221 24.94 74.21 55.79
N ASP F 222 25.32 74.40 57.05
CA ASP F 222 24.49 74.01 58.19
C ASP F 222 24.33 75.19 59.13
N LYS F 223 23.11 75.37 59.63
CA LYS F 223 22.82 76.45 60.57
C LYS F 223 22.03 75.92 61.76
N LYS F 224 22.34 76.46 62.94
CA LYS F 224 21.55 76.21 64.12
C LYS F 224 20.23 76.96 64.05
N VAL F 225 19.17 76.32 64.53
CA VAL F 225 17.84 76.91 64.59
C VAL F 225 17.44 77.04 66.05
N GLU F 226 17.19 78.26 66.50
CA GLU F 226 16.89 78.55 67.89
C GLU F 226 15.67 79.45 67.99
N PRO F 227 14.90 79.35 69.07
CA PRO F 227 13.74 80.23 69.23
C PRO F 227 14.17 81.68 69.38
N LYS F 228 13.28 82.57 68.94
CA LYS F 228 13.54 84.01 69.01
C LYS F 228 12.51 84.71 69.88
N GLU G 1 -7.12 62.40 16.65
CA GLU G 1 -6.99 61.00 17.02
C GLU G 1 -7.94 60.63 18.15
N ILE G 2 -8.01 59.34 18.48
CA ILE G 2 -8.90 58.87 19.53
C ILE G 2 -8.42 59.36 20.88
N VAL G 3 -9.36 59.56 21.81
CA VAL G 3 -9.07 60.02 23.15
C VAL G 3 -9.61 59.00 24.15
N LEU G 4 -8.84 58.75 25.20
CA LEU G 4 -9.21 57.80 26.25
C LEU G 4 -9.55 58.57 27.52
N THR G 5 -10.67 58.22 28.13
CA THR G 5 -11.11 58.82 29.39
C THR G 5 -11.02 57.80 30.51
N GLN G 6 -10.55 58.26 31.66
CA GLN G 6 -10.34 57.41 32.83
C GLN G 6 -11.34 57.75 33.92
N SER G 7 -11.75 56.73 34.67
CA SER G 7 -12.73 56.93 35.73
C SER G 7 -12.43 56.01 36.90
N PRO G 8 -12.49 56.53 38.15
CA PRO G 8 -12.76 57.95 38.40
C PRO G 8 -11.50 58.80 38.43
N GLY G 9 -11.67 60.09 38.77
CA GLY G 9 -10.50 60.95 38.89
C GLY G 9 -9.58 60.55 40.03
N THR G 10 -10.14 60.17 41.17
CA THR G 10 -9.36 59.72 42.31
C THR G 10 -10.18 58.70 43.08
N LEU G 11 -9.52 57.65 43.58
CA LEU G 11 -10.17 56.61 44.36
C LEU G 11 -9.66 56.67 45.79
N SER G 12 -10.59 56.55 46.75
CA SER G 12 -10.27 56.50 48.17
C SER G 12 -10.75 55.15 48.70
N LEU G 13 -9.81 54.27 49.01
CA LEU G 13 -10.15 52.93 49.48
C LEU G 13 -9.28 52.51 50.65
N SER G 14 -9.33 51.24 51.01
CA SER G 14 -8.59 50.69 52.14
C SER G 14 -7.78 49.49 51.69
N PRO G 15 -6.71 49.15 52.42
CA PRO G 15 -5.89 48.00 52.04
C PRO G 15 -6.58 46.66 52.32
N GLY G 16 -7.41 46.22 51.38
CA GLY G 16 -8.17 45.00 51.55
C GLY G 16 -9.52 45.03 50.87
N GLU G 17 -9.91 46.17 50.33
CA GLU G 17 -11.14 46.30 49.57
C GLU G 17 -10.91 45.82 48.13
N ARG G 18 -11.87 46.06 47.25
CA ARG G 18 -11.78 45.69 45.85
C ARG G 18 -11.81 46.96 45.00
N ALA G 19 -10.90 47.04 44.04
CA ALA G 19 -10.75 48.22 43.20
C ALA G 19 -11.23 47.93 41.79
N THR G 20 -11.99 48.87 41.21
CA THR G 20 -12.47 48.75 39.84
C THR G 20 -12.24 50.08 39.13
N LEU G 21 -11.44 50.06 38.08
CA LEU G 21 -11.11 51.25 37.32
C LEU G 21 -11.64 51.11 35.89
N SER G 22 -12.13 52.22 35.33
CA SER G 22 -12.79 52.19 34.04
C SER G 22 -12.05 53.07 33.03
N CYS G 23 -11.94 52.58 31.80
CA CYS G 23 -11.37 53.32 30.68
C CYS G 23 -12.36 53.26 29.52
N ARG G 24 -12.65 54.43 28.95
CA ARG G 24 -13.61 54.55 27.86
C ARG G 24 -12.97 55.19 26.65
N ALA G 25 -13.28 54.66 25.47
CA ALA G 25 -12.75 55.16 24.21
C ALA G 25 -13.85 55.89 23.46
N SER G 26 -13.49 57.05 22.87
CA SER G 26 -14.46 57.82 22.11
C SER G 26 -14.97 57.05 20.91
N GLN G 27 -14.07 56.35 20.21
CA GLN G 27 -14.41 55.51 19.08
C GLN G 27 -14.25 54.04 19.46
N THR G 28 -14.67 53.16 18.57
CA THR G 28 -14.53 51.73 18.79
C THR G 28 -13.07 51.33 18.66
N VAL G 29 -12.59 50.55 19.63
CA VAL G 29 -11.19 50.10 19.66
C VAL G 29 -11.17 48.60 19.88
N SER G 30 -10.27 47.91 19.18
CA SER G 30 -10.13 46.47 19.33
C SER G 30 -9.59 46.13 20.71
N SER G 31 -10.09 45.05 21.28
CA SER G 31 -9.67 44.65 22.62
C SER G 31 -8.20 44.26 22.67
N THR G 32 -7.67 43.71 21.58
CA THR G 32 -6.28 43.29 21.52
C THR G 32 -5.29 44.44 21.56
N SER G 33 -5.73 45.67 21.32
CA SER G 33 -4.85 46.83 21.23
C SER G 33 -5.00 47.75 22.45
N LEU G 34 -5.36 47.18 23.60
CA LEU G 34 -5.48 47.94 24.84
C LEU G 34 -4.56 47.35 25.88
N ALA G 35 -3.84 48.22 26.59
CA ALA G 35 -2.91 47.80 27.63
C ALA G 35 -3.10 48.65 28.88
N TRP G 36 -2.81 48.06 30.03
CA TRP G 36 -2.89 48.73 31.33
C TRP G 36 -1.50 48.85 31.91
N TYR G 37 -1.24 49.98 32.56
CA TYR G 37 0.06 50.25 33.16
C TYR G 37 -0.13 50.79 34.57
N GLN G 38 0.75 50.36 35.48
CA GLN G 38 0.74 50.80 36.87
C GLN G 38 2.10 51.39 37.19
N GLN G 39 2.14 52.69 37.49
CA GLN G 39 3.37 53.40 37.79
C GLN G 39 3.33 53.85 39.23
N LYS G 40 4.20 53.29 40.06
CA LYS G 40 4.33 53.73 41.44
C LYS G 40 5.22 54.98 41.50
N PRO G 41 5.02 55.83 42.50
CA PRO G 41 5.88 57.02 42.62
C PRO G 41 7.32 56.63 42.93
N GLY G 42 8.23 57.12 42.09
CA GLY G 42 9.64 56.84 42.26
C GLY G 42 10.21 55.75 41.38
N GLN G 43 9.45 55.26 40.41
CA GLN G 43 9.96 54.25 39.49
C GLN G 43 9.19 54.33 38.18
N ALA G 44 9.78 53.73 37.14
CA ALA G 44 9.18 53.76 35.82
C ALA G 44 7.92 52.91 35.78
N PRO G 45 6.98 53.23 34.90
CA PRO G 45 5.76 52.41 34.78
C PRO G 45 6.09 50.99 34.33
N ARG G 46 5.24 50.06 34.75
CA ARG G 46 5.39 48.65 34.37
C ARG G 46 4.09 48.14 33.75
N LEU G 47 4.24 47.28 32.76
CA LEU G 47 3.08 46.67 32.10
C LEU G 47 2.56 45.51 32.93
N LEU G 48 1.22 45.42 33.03
CA LEU G 48 0.58 44.35 33.78
C LEU G 48 -0.46 43.60 32.97
N ILE G 49 -1.18 44.29 32.09
CA ILE G 49 -2.23 43.67 31.27
C ILE G 49 -2.05 44.14 29.83
N TYR G 50 -2.02 43.19 28.90
CA TYR G 50 -2.04 43.50 27.47
C TYR G 50 -3.13 42.68 26.81
N GLY G 51 -3.73 43.25 25.77
CA GLY G 51 -4.86 42.63 25.12
C GLY G 51 -6.16 42.73 25.88
N ALA G 52 -6.19 43.50 26.97
CA ALA G 52 -7.34 43.77 27.83
C ALA G 52 -7.82 42.56 28.60
N SER G 53 -7.23 41.39 28.38
CA SER G 53 -7.59 40.20 29.16
C SER G 53 -6.39 39.46 29.72
N SER G 54 -5.28 39.41 28.99
CA SER G 54 -4.13 38.60 29.39
C SER G 54 -3.28 39.33 30.42
N ARG G 55 -2.54 38.54 31.19
CA ARG G 55 -1.68 39.05 32.26
C ARG G 55 -0.23 39.04 31.83
N ALA G 56 0.50 40.08 32.24
CA ALA G 56 1.92 40.16 31.94
C ALA G 56 2.71 39.24 32.86
N THR G 57 3.92 38.90 32.42
CA THR G 57 4.79 38.04 33.22
C THR G 57 5.26 38.78 34.48
N GLY G 58 5.28 38.05 35.59
CA GLY G 58 5.65 38.65 36.86
C GLY G 58 4.60 39.54 37.48
N ILE G 59 3.33 39.36 37.12
CA ILE G 59 2.23 40.16 37.63
C ILE G 59 1.37 39.28 38.53
N PRO G 60 1.02 39.72 39.73
CA PRO G 60 0.23 38.86 40.63
C PRO G 60 -1.15 38.58 40.05
N ASP G 61 -1.69 37.41 40.42
CA ASP G 61 -2.96 36.95 39.86
C ASP G 61 -4.14 37.80 40.31
N ARG G 62 -3.96 38.66 41.32
CA ARG G 62 -5.06 39.47 41.80
C ARG G 62 -5.55 40.46 40.75
N PHE G 63 -4.63 41.06 39.99
CA PHE G 63 -4.98 42.00 38.94
C PHE G 63 -5.65 41.27 37.78
N SER G 64 -6.64 41.92 37.18
CA SER G 64 -7.31 41.36 36.00
C SER G 64 -7.87 42.49 35.17
N GLY G 65 -8.19 42.18 33.90
CA GLY G 65 -8.79 43.14 33.02
C GLY G 65 -9.91 42.50 32.21
N SER G 66 -10.82 43.35 31.74
CA SER G 66 -11.94 42.89 30.91
C SER G 66 -12.53 44.11 30.20
N GLY G 67 -13.61 43.89 29.47
CA GLY G 67 -14.30 44.95 28.78
C GLY G 67 -14.61 44.59 27.33
N SER G 68 -15.29 45.52 26.67
CA SER G 68 -15.69 45.30 25.28
C SER G 68 -16.05 46.63 24.63
N GLY G 69 -15.77 46.69 23.33
CA GLY G 69 -16.35 47.68 22.43
C GLY G 69 -15.84 49.09 22.62
N THR G 70 -16.27 49.73 23.71
CA THR G 70 -15.83 51.07 24.05
C THR G 70 -15.62 51.26 25.54
N ASP G 71 -15.82 50.24 26.36
CA ASP G 71 -15.66 50.39 27.81
C ASP G 71 -14.91 49.17 28.34
N PHE G 72 -13.83 49.43 29.08
CA PHE G 72 -13.00 48.38 29.62
C PHE G 72 -12.72 48.67 31.09
N THR G 73 -12.45 47.62 31.85
CA THR G 73 -12.27 47.73 33.28
C THR G 73 -11.05 46.94 33.73
N LEU G 74 -10.42 47.45 34.79
CA LEU G 74 -9.35 46.76 35.51
C LEU G 74 -9.83 46.48 36.92
N THR G 75 -9.68 45.24 37.36
CA THR G 75 -10.19 44.79 38.64
C THR G 75 -9.05 44.28 39.51
N ILE G 76 -8.99 44.78 40.75
CA ILE G 76 -8.07 44.29 41.76
C ILE G 76 -8.93 43.71 42.88
N SER G 77 -8.78 42.39 43.11
CA SER G 77 -9.62 41.71 44.09
C SER G 77 -9.37 42.23 45.50
N ARG G 78 -8.10 42.38 45.87
CA ARG G 78 -7.73 42.89 47.18
C ARG G 78 -6.63 43.93 47.02
N LEU G 79 -6.62 44.90 47.93
CA LEU G 79 -5.69 46.02 47.86
C LEU G 79 -4.58 45.82 48.88
N GLU G 80 -3.35 46.04 48.44
CA GLU G 80 -2.16 45.93 49.26
C GLU G 80 -1.55 47.31 49.50
N PRO G 81 -0.78 47.49 50.57
CA PRO G 81 -0.17 48.80 50.84
C PRO G 81 0.78 49.26 49.75
N GLU G 82 1.31 48.34 48.93
CA GLU G 82 2.19 48.70 47.82
C GLU G 82 1.44 48.85 46.51
N ASP G 83 0.12 48.66 46.51
CA ASP G 83 -0.67 48.71 45.28
C ASP G 83 -1.20 50.09 44.95
N PHE G 84 -0.88 51.09 45.75
CA PHE G 84 -1.34 52.47 45.51
C PHE G 84 -0.37 53.15 44.56
N ALA G 85 -0.84 53.48 43.36
CA ALA G 85 0.01 54.04 42.32
C ALA G 85 -0.88 54.81 41.35
N VAL G 86 -0.30 55.15 40.19
CA VAL G 86 -1.02 55.84 39.11
C VAL G 86 -1.27 54.84 38.00
N TYR G 87 -2.51 54.72 37.57
CA TYR G 87 -2.90 53.72 36.57
C TYR G 87 -3.23 54.40 35.26
N TYR G 88 -2.81 53.77 34.16
CA TYR G 88 -2.99 54.30 32.81
C TYR G 88 -3.54 53.21 31.90
N CYS G 89 -4.36 53.63 30.93
CA CYS G 89 -4.81 52.76 29.86
C CYS G 89 -4.33 53.33 28.53
N GLN G 90 -3.72 52.48 27.70
CA GLN G 90 -3.15 52.90 26.43
C GLN G 90 -3.79 52.09 25.31
N GLN G 91 -4.13 52.78 24.22
CA GLN G 91 -4.68 52.16 23.02
C GLN G 91 -3.83 52.52 21.82
N HIS G 92 -3.47 51.51 21.02
CA HIS G 92 -2.66 51.72 19.81
C HIS G 92 -3.38 51.26 18.55
N ASP G 93 -4.71 51.16 18.59
CA ASP G 93 -5.46 50.73 17.41
C ASP G 93 -5.31 51.73 16.27
N THR G 94 -5.37 53.03 16.58
CA THR G 94 -5.14 54.09 15.61
C THR G 94 -4.08 55.01 16.17
N SER G 95 -2.91 55.03 15.54
CA SER G 95 -1.73 55.74 16.04
C SER G 95 -1.46 55.19 17.45
N LEU G 96 -1.09 56.04 18.42
CA LEU G 96 -0.90 55.58 19.78
C LEU G 96 -1.32 56.71 20.73
N THR G 97 -2.08 56.35 21.76
CA THR G 97 -2.56 57.33 22.73
C THR G 97 -2.48 56.74 24.12
N PHE G 98 -2.31 57.61 25.10
CA PHE G 98 -2.25 57.26 26.51
C PHE G 98 -3.42 57.91 27.25
N GLY G 99 -3.44 57.71 28.58
CA GLY G 99 -4.46 58.30 29.42
C GLY G 99 -3.88 59.33 30.37
N GLY G 100 -4.77 60.15 30.93
CA GLY G 100 -4.34 61.14 31.90
C GLY G 100 -3.77 60.53 33.16
N GLY G 101 -4.43 59.49 33.67
CA GLY G 101 -3.93 58.79 34.85
C GLY G 101 -4.90 58.77 36.01
N THR G 102 -5.25 57.57 36.47
CA THR G 102 -6.12 57.39 37.62
C THR G 102 -5.26 57.07 38.83
N LYS G 103 -5.45 57.82 39.91
CA LYS G 103 -4.67 57.68 41.12
C LYS G 103 -5.56 57.13 42.23
N VAL G 104 -5.08 56.08 42.91
CA VAL G 104 -5.80 55.45 44.00
C VAL G 104 -5.00 55.66 45.27
N GLU G 105 -5.63 56.25 46.28
CA GLU G 105 -5.01 56.57 47.55
C GLU G 105 -5.66 55.78 48.67
N ILE G 106 -5.18 56.02 49.90
CA ILE G 106 -5.66 55.33 51.09
C ILE G 106 -6.74 56.18 51.73
N LYS G 107 -7.87 55.56 52.06
CA LYS G 107 -8.96 56.21 52.79
C LYS G 107 -8.88 55.80 54.25
N ARG G 108 -8.92 56.78 55.15
CA ARG G 108 -8.85 56.54 56.58
C ARG G 108 -9.84 57.47 57.27
N THR G 109 -9.73 57.54 58.61
CA THR G 109 -10.63 58.37 59.38
C THR G 109 -10.35 59.85 59.14
N VAL G 110 -11.37 60.67 59.35
CA VAL G 110 -11.26 62.10 59.16
C VAL G 110 -10.50 62.71 60.34
N ALA G 111 -9.41 63.40 60.04
CA ALA G 111 -8.56 64.03 61.05
C ALA G 111 -8.59 65.54 60.89
N ALA G 112 -7.85 66.23 61.75
CA ALA G 112 -7.78 67.68 61.74
C ALA G 112 -6.33 68.13 61.73
N PRO G 113 -6.04 69.28 61.11
CA PRO G 113 -4.65 69.77 61.06
C PRO G 113 -4.23 70.52 62.31
N SER G 114 -3.02 71.07 62.27
CA SER G 114 -2.43 71.87 63.34
C SER G 114 -1.82 73.15 62.77
N VAL G 115 -2.63 73.86 61.98
CA VAL G 115 -2.15 75.00 61.20
C VAL G 115 -1.42 76.00 62.10
N PHE G 116 -0.20 76.34 61.70
CA PHE G 116 0.61 77.32 62.40
C PHE G 116 1.08 78.38 61.40
N ILE G 117 1.55 79.50 61.94
CA ILE G 117 2.04 80.60 61.13
C ILE G 117 3.47 80.92 61.57
N PHE G 118 4.31 81.27 60.59
CA PHE G 118 5.73 81.54 60.83
C PHE G 118 6.09 82.87 60.17
N PRO G 119 6.36 83.91 60.94
CA PRO G 119 6.72 85.20 60.33
C PRO G 119 8.12 85.14 59.75
N PRO G 120 8.46 86.06 58.84
CA PRO G 120 9.81 86.05 58.26
C PRO G 120 10.88 86.33 59.32
N SER G 121 12.06 85.77 59.10
CA SER G 121 13.17 85.91 60.03
C SER G 121 13.77 87.31 59.92
N ASP G 122 14.62 87.64 60.90
CA ASP G 122 15.23 88.96 60.95
C ASP G 122 16.22 89.17 59.81
N GLU G 123 16.88 88.10 59.35
CA GLU G 123 17.88 88.23 58.30
C GLU G 123 17.29 88.65 56.97
N GLN G 124 15.98 88.44 56.76
CA GLN G 124 15.35 88.84 55.51
C GLN G 124 14.99 90.31 55.48
N LEU G 125 14.99 90.99 56.64
CA LEU G 125 14.67 92.41 56.67
C LEU G 125 15.73 93.26 55.96
N LYS G 126 16.98 92.79 55.93
CA LYS G 126 18.05 93.47 55.22
C LYS G 126 18.30 92.87 53.84
N SER G 127 17.52 91.88 53.43
CA SER G 127 17.65 91.28 52.12
C SER G 127 16.68 91.85 51.10
N GLY G 128 15.83 92.80 51.50
CA GLY G 128 14.90 93.44 50.59
C GLY G 128 13.58 92.75 50.41
N THR G 129 13.41 91.54 50.96
CA THR G 129 12.17 90.80 50.81
C THR G 129 11.95 89.96 52.06
N ALA G 130 10.68 89.73 52.39
CA ALA G 130 10.32 88.94 53.55
C ALA G 130 9.31 87.86 53.13
N SER G 131 9.50 86.66 53.67
CA SER G 131 8.67 85.51 53.33
C SER G 131 8.03 84.95 54.59
N VAL G 132 6.71 84.91 54.61
CA VAL G 132 5.93 84.37 55.72
C VAL G 132 5.35 83.03 55.29
N VAL G 133 5.27 82.08 56.23
CA VAL G 133 4.90 80.70 55.95
C VAL G 133 3.66 80.34 56.74
N CYS G 134 2.78 79.55 56.14
CA CYS G 134 1.63 78.96 56.80
C CYS G 134 1.71 77.46 56.65
N LEU G 135 1.69 76.75 57.78
CA LEU G 135 1.94 75.31 57.81
C LEU G 135 0.67 74.57 58.23
N LEU G 136 0.45 73.42 57.60
CA LEU G 136 -0.66 72.53 57.93
C LEU G 136 -0.08 71.15 58.23
N ASN G 137 -0.27 70.70 59.47
CA ASN G 137 0.28 69.44 59.93
C ASN G 137 -0.61 68.29 59.44
N ASN G 138 -0.42 67.09 60.00
CA ASN G 138 -1.14 65.90 59.58
C ASN G 138 -2.64 66.10 59.61
N PHE G 139 -3.27 66.06 58.43
CA PHE G 139 -4.72 66.20 58.31
C PHE G 139 -5.22 65.26 57.23
N TYR G 140 -6.52 64.97 57.30
CA TYR G 140 -7.16 64.11 56.31
C TYR G 140 -8.64 64.43 56.30
N PRO G 141 -9.30 64.51 55.13
CA PRO G 141 -8.73 64.27 53.79
C PRO G 141 -7.88 65.42 53.25
N ARG G 142 -7.32 65.23 52.05
CA ARG G 142 -6.38 66.18 51.49
C ARG G 142 -7.03 67.54 51.21
N GLU G 143 -8.29 67.54 50.80
CA GLU G 143 -8.94 68.77 50.35
C GLU G 143 -9.05 69.80 51.47
N ALA G 144 -8.24 70.86 51.39
CA ALA G 144 -8.25 71.95 52.34
C ALA G 144 -7.99 73.26 51.60
N LYS G 145 -8.65 74.32 52.03
CA LYS G 145 -8.59 75.62 51.36
C LYS G 145 -7.86 76.61 52.25
N VAL G 146 -6.85 77.28 51.69
CA VAL G 146 -5.98 78.18 52.45
C VAL G 146 -5.95 79.54 51.76
N GLN G 147 -5.95 80.60 52.58
CA GLN G 147 -5.92 81.97 52.07
C GLN G 147 -5.06 82.84 52.98
N TRP G 148 -4.57 83.93 52.41
CA TRP G 148 -3.78 84.94 53.11
C TRP G 148 -4.57 86.25 53.17
N LYS G 149 -4.50 86.93 54.31
CA LYS G 149 -5.25 88.16 54.52
C LYS G 149 -4.34 89.19 55.16
N VAL G 150 -4.10 90.31 54.48
CA VAL G 150 -3.38 91.43 55.11
C VAL G 150 -4.46 92.32 55.73
N ASP G 151 -4.96 91.89 56.88
CA ASP G 151 -5.67 92.67 57.89
C ASP G 151 -6.97 93.33 57.41
N ASN G 152 -7.29 93.25 56.12
CA ASN G 152 -8.53 93.87 55.67
C ASN G 152 -9.31 93.13 54.59
N ALA G 153 -8.79 92.06 54.00
CA ALA G 153 -9.45 91.43 52.86
C ALA G 153 -8.73 90.13 52.53
N LEU G 154 -9.16 89.48 51.46
CA LEU G 154 -8.55 88.28 50.94
C LEU G 154 -7.55 88.62 49.84
N GLN G 155 -6.40 87.95 49.87
CA GLN G 155 -5.33 88.20 48.93
C GLN G 155 -4.92 86.90 48.24
N SER G 156 -4.47 87.03 47.00
CA SER G 156 -4.04 85.89 46.21
C SER G 156 -3.01 86.35 45.19
N GLY G 157 -2.49 85.39 44.42
CA GLY G 157 -1.50 85.68 43.41
C GLY G 157 -0.08 85.54 43.93
N ASN G 158 0.25 86.30 44.97
CA ASN G 158 1.59 86.25 45.57
C ASN G 158 1.62 85.20 46.69
N SER G 159 1.59 83.94 46.27
CA SER G 159 1.63 82.82 47.21
C SER G 159 1.98 81.56 46.45
N GLN G 160 2.73 80.67 47.10
CA GLN G 160 3.11 79.39 46.53
C GLN G 160 2.71 78.28 47.48
N GLU G 161 2.07 77.24 46.93
CA GLU G 161 1.52 76.15 47.73
C GLU G 161 2.25 74.85 47.42
N SER G 162 2.52 74.09 48.47
CA SER G 162 3.19 72.80 48.35
C SER G 162 2.43 71.77 49.17
N VAL G 163 2.12 70.64 48.55
CA VAL G 163 1.41 69.53 49.19
C VAL G 163 2.25 68.28 49.04
N THR G 164 2.44 67.56 50.14
CA THR G 164 3.26 66.35 50.13
C THR G 164 2.47 65.17 49.58
N GLU G 165 3.05 63.98 49.69
CA GLU G 165 2.43 62.75 49.21
C GLU G 165 1.77 62.01 50.36
N GLN G 166 1.27 60.81 50.08
CA GLN G 166 0.70 59.96 51.11
C GLN G 166 1.77 59.62 52.15
N ASP G 167 1.44 59.80 53.42
CA ASP G 167 2.40 59.60 54.48
C ASP G 167 2.64 58.10 54.72
N SER G 168 3.83 57.79 55.22
CA SER G 168 4.22 56.39 55.39
C SER G 168 3.41 55.71 56.49
N LYS G 169 3.31 56.34 57.66
CA LYS G 169 2.65 55.71 58.80
C LYS G 169 1.19 56.11 58.93
N ASP G 170 0.92 57.41 59.08
CA ASP G 170 -0.43 57.89 59.35
C ASP G 170 -1.25 58.17 58.09
N SER G 171 -0.62 58.13 56.91
CA SER G 171 -1.30 58.42 55.64
C SER G 171 -2.01 59.77 55.69
N THR G 172 -1.25 60.79 56.07
CA THR G 172 -1.78 62.14 56.26
C THR G 172 -0.99 63.12 55.41
N TYR G 173 -1.62 64.25 55.12
CA TYR G 173 -1.04 65.29 54.27
C TYR G 173 -0.50 66.44 55.11
N SER G 174 0.59 67.04 54.63
CA SER G 174 1.17 68.23 55.22
C SER G 174 1.28 69.30 54.13
N LEU G 175 0.82 70.50 54.44
CA LEU G 175 0.72 71.56 53.44
C LEU G 175 1.54 72.76 53.85
N SER G 176 2.08 73.47 52.86
CA SER G 176 2.86 74.68 53.11
C SER G 176 2.41 75.76 52.15
N SER G 177 2.31 76.99 52.66
CA SER G 177 1.99 78.16 51.87
C SER G 177 3.02 79.25 52.16
N THR G 178 3.60 79.82 51.10
CA THR G 178 4.64 80.83 51.23
C THR G 178 4.16 82.12 50.58
N LEU G 179 4.30 83.24 51.30
CA LEU G 179 3.98 84.57 50.79
C LEU G 179 5.23 85.43 50.92
N THR G 180 5.78 85.86 49.78
CA THR G 180 6.99 86.66 49.74
C THR G 180 6.67 88.05 49.19
N LEU G 181 7.18 89.07 49.87
CA LEU G 181 6.84 90.44 49.48
C LEU G 181 7.93 91.38 49.97
N SER G 182 8.15 92.46 49.22
CA SER G 182 9.27 93.35 49.45
C SER G 182 9.12 94.11 50.76
N LYS G 183 10.26 94.50 51.35
CA LYS G 183 10.24 95.17 52.65
C LYS G 183 9.52 96.51 52.60
N ALA G 184 9.50 97.18 51.44
CA ALA G 184 8.86 98.49 51.36
C ALA G 184 7.38 98.40 51.69
N ASP G 185 6.69 97.39 51.16
CA ASP G 185 5.29 97.17 51.50
C ASP G 185 5.14 96.27 52.72
N TYR G 186 6.16 95.48 53.05
CA TYR G 186 6.10 94.65 54.26
C TYR G 186 6.04 95.51 55.52
N GLU G 187 6.81 96.61 55.54
CA GLU G 187 6.74 97.54 56.67
C GLU G 187 5.47 98.36 56.66
N LYS G 188 4.73 98.41 55.55
CA LYS G 188 3.47 99.14 55.50
C LYS G 188 2.36 98.48 56.30
N HIS G 189 2.56 97.24 56.75
CA HIS G 189 1.53 96.49 57.46
C HIS G 189 2.13 95.83 58.69
N LYS G 190 1.29 95.61 59.70
CA LYS G 190 1.73 95.01 60.94
C LYS G 190 1.06 93.67 61.23
N VAL G 191 -0.23 93.53 60.94
CA VAL G 191 -1.00 92.34 61.28
C VAL G 191 -1.34 91.59 60.00
N TYR G 192 -1.07 90.29 60.00
CA TYR G 192 -1.40 89.41 58.89
C TYR G 192 -2.15 88.20 59.43
N ALA G 193 -2.84 87.48 58.54
CA ALA G 193 -3.63 86.34 58.95
C ALA G 193 -3.60 85.26 57.87
N CYS G 194 -3.66 84.01 58.32
CA CYS G 194 -3.78 82.85 57.45
C CYS G 194 -5.07 82.12 57.80
N GLU G 195 -5.89 81.85 56.79
CA GLU G 195 -7.19 81.21 56.98
C GLU G 195 -7.18 79.83 56.35
N VAL G 196 -7.57 78.82 57.12
CA VAL G 196 -7.61 77.43 56.67
C VAL G 196 -9.01 76.88 56.93
N THR G 197 -9.62 76.33 55.88
CA THR G 197 -10.91 75.66 55.96
C THR G 197 -10.73 74.20 55.56
N HIS G 198 -11.25 73.30 56.38
CA HIS G 198 -11.11 71.87 56.13
C HIS G 198 -12.40 71.16 56.50
N GLN G 199 -12.63 70.01 55.87
CA GLN G 199 -13.82 69.23 56.18
C GLN G 199 -13.79 68.69 57.60
N GLY G 200 -12.60 68.31 58.08
CA GLY G 200 -12.50 67.81 59.44
C GLY G 200 -12.90 68.83 60.48
N LEU G 201 -12.51 70.08 60.28
CA LEU G 201 -12.93 71.14 61.18
C LEU G 201 -14.40 71.49 60.92
N SER G 202 -15.12 71.81 62.00
CA SER G 202 -16.50 72.25 61.88
C SER G 202 -16.64 73.74 61.58
N SER G 203 -15.53 74.48 61.64
CA SER G 203 -15.54 75.91 61.37
C SER G 203 -14.16 76.31 60.87
N PRO G 204 -14.07 77.21 59.90
CA PRO G 204 -12.75 77.66 59.41
C PRO G 204 -11.96 78.33 60.52
N VAL G 205 -10.64 78.16 60.47
CA VAL G 205 -9.74 78.69 61.49
C VAL G 205 -8.86 79.78 60.88
N THR G 206 -8.79 80.92 61.57
CA THR G 206 -7.96 82.03 61.16
C THR G 206 -6.90 82.27 62.23
N LYS G 207 -5.64 82.30 61.82
CA LYS G 207 -4.52 82.56 62.73
C LYS G 207 -3.88 83.88 62.34
N SER G 208 -3.83 84.82 63.29
CA SER G 208 -3.32 86.16 63.06
C SER G 208 -2.03 86.38 63.84
N PHE G 209 -1.12 87.15 63.24
CA PHE G 209 0.14 87.49 63.89
C PHE G 209 0.50 88.93 63.55
N ASN G 210 1.08 89.63 64.52
CA ASN G 210 1.57 90.99 64.36
C ASN G 210 3.10 90.99 64.34
N ARG G 211 3.67 92.19 64.28
CA ARG G 211 5.12 92.33 64.25
C ARG G 211 5.71 92.08 65.63
N GLY G 212 6.74 91.24 65.69
CA GLY G 212 7.40 90.92 66.94
C GLY G 212 7.86 89.47 67.01
N GLN H 1 -41.48 16.77 -31.37
CA GLN H 1 -42.88 17.17 -31.56
C GLN H 1 -43.83 16.10 -31.00
N VAL H 2 -44.69 16.52 -30.08
CA VAL H 2 -45.64 15.58 -29.47
C VAL H 2 -46.64 15.14 -30.53
N GLN H 3 -46.68 13.83 -30.80
CA GLN H 3 -47.53 13.28 -31.83
C GLN H 3 -48.39 12.16 -31.24
N LEU H 4 -49.69 12.22 -31.51
CA LEU H 4 -50.63 11.19 -31.07
C LEU H 4 -51.29 10.57 -32.30
N VAL H 5 -51.32 9.25 -32.34
CA VAL H 5 -51.85 8.49 -33.46
C VAL H 5 -53.01 7.63 -32.96
N GLN H 6 -54.13 7.70 -33.67
CA GLN H 6 -55.32 6.93 -33.33
C GLN H 6 -55.57 5.87 -34.39
N SER H 7 -56.45 4.92 -34.07
CA SER H 7 -56.72 3.79 -34.94
C SER H 7 -57.67 4.23 -36.07
N GLY H 8 -58.12 3.28 -36.87
CA GLY H 8 -59.02 3.56 -37.96
C GLY H 8 -60.48 3.49 -37.54
N ALA H 9 -61.36 3.76 -38.51
CA ALA H 9 -62.78 3.71 -38.26
C ALA H 9 -63.24 2.28 -38.01
N GLU H 10 -64.30 2.15 -37.21
CA GLU H 10 -64.85 0.85 -36.83
C GLU H 10 -66.28 0.74 -37.33
N VAL H 11 -66.63 -0.45 -37.83
CA VAL H 11 -67.95 -0.71 -38.40
C VAL H 11 -68.66 -1.76 -37.56
N LYS H 12 -68.39 -1.75 -36.25
CA LYS H 12 -68.99 -2.74 -35.37
C LYS H 12 -70.50 -2.58 -35.33
N LYS H 13 -71.18 -3.71 -35.18
CA LYS H 13 -72.63 -3.80 -35.12
C LYS H 13 -73.12 -3.82 -33.68
N PRO H 14 -74.39 -3.48 -33.46
CA PRO H 14 -74.94 -3.56 -32.09
C PRO H 14 -74.83 -4.96 -31.52
N GLY H 15 -74.58 -5.04 -30.22
CA GLY H 15 -74.36 -6.30 -29.54
C GLY H 15 -72.91 -6.76 -29.50
N ALA H 16 -71.99 -6.01 -30.09
CA ALA H 16 -70.57 -6.34 -30.11
C ALA H 16 -69.79 -5.31 -29.30
N SER H 17 -68.47 -5.49 -29.27
CA SER H 17 -67.57 -4.62 -28.52
C SER H 17 -66.53 -4.04 -29.46
N VAL H 18 -66.00 -2.87 -29.09
CA VAL H 18 -65.06 -2.13 -29.93
C VAL H 18 -63.75 -1.97 -29.17
N LYS H 19 -62.63 -2.31 -29.82
CA LYS H 19 -61.31 -2.14 -29.26
C LYS H 19 -60.56 -1.08 -30.05
N VAL H 20 -60.05 -0.06 -29.35
CA VAL H 20 -59.37 1.06 -29.98
C VAL H 20 -58.08 1.36 -29.23
N SER H 21 -57.02 1.67 -29.98
CA SER H 21 -55.71 1.95 -29.39
C SER H 21 -55.27 3.37 -29.73
N CYS H 22 -54.58 3.99 -28.78
CA CYS H 22 -53.94 5.28 -28.98
C CYS H 22 -52.45 5.12 -28.75
N LYS H 23 -51.64 5.75 -29.60
CA LYS H 23 -50.19 5.71 -29.52
C LYS H 23 -49.66 7.13 -29.35
N ALA H 24 -48.63 7.29 -28.52
CA ALA H 24 -48.05 8.58 -28.22
C ALA H 24 -46.56 8.57 -28.47
N SER H 25 -46.03 9.70 -28.93
CA SER H 25 -44.60 9.83 -29.18
C SER H 25 -44.18 11.28 -29.07
N GLY H 26 -42.87 11.51 -28.95
CA GLY H 26 -42.31 12.83 -28.92
C GLY H 26 -42.31 13.52 -27.57
N TYR H 27 -42.70 12.83 -26.50
CA TYR H 27 -42.74 13.43 -25.17
C TYR H 27 -42.59 12.31 -24.15
N PRO H 28 -42.22 12.65 -22.90
CA PRO H 28 -42.13 11.61 -21.87
C PRO H 28 -43.48 10.97 -21.56
N PHE H 29 -43.62 9.69 -21.90
CA PHE H 29 -44.88 9.00 -21.71
C PHE H 29 -45.28 8.90 -20.25
N THR H 30 -44.32 8.61 -19.37
CA THR H 30 -44.64 8.41 -17.96
C THR H 30 -44.95 9.72 -17.26
N SER H 31 -44.40 10.84 -17.74
CA SER H 31 -44.55 12.12 -17.05
C SER H 31 -45.99 12.61 -17.03
N TYR H 32 -46.84 12.14 -17.94
CA TYR H 32 -48.22 12.63 -18.02
C TYR H 32 -49.16 11.47 -18.29
N GLY H 33 -50.43 11.67 -17.92
CA GLY H 33 -51.45 10.67 -18.12
C GLY H 33 -52.13 10.78 -19.49
N ILE H 34 -53.07 9.87 -19.72
CA ILE H 34 -53.79 9.77 -20.99
C ILE H 34 -55.28 9.97 -20.71
N SER H 35 -55.88 10.93 -21.41
CA SER H 35 -57.32 11.15 -21.33
C SER H 35 -57.95 10.90 -22.69
N TRP H 36 -59.23 10.55 -22.67
CA TRP H 36 -59.96 10.29 -23.90
C TRP H 36 -61.34 10.94 -23.82
N VAL H 37 -61.64 11.73 -24.85
CA VAL H 37 -62.87 12.49 -24.96
C VAL H 37 -63.67 11.93 -26.14
N ARG H 38 -64.92 12.39 -26.27
CA ARG H 38 -65.76 11.98 -27.38
C ARG H 38 -66.64 13.14 -27.80
N GLN H 39 -67.12 13.07 -29.04
CA GLN H 39 -67.98 14.10 -29.61
C GLN H 39 -68.98 13.42 -30.55
N ALA H 40 -70.26 13.64 -30.30
CA ALA H 40 -71.29 13.17 -31.21
C ALA H 40 -71.36 14.07 -32.44
N PRO H 41 -71.69 13.52 -33.61
CA PRO H 41 -71.80 14.36 -34.81
C PRO H 41 -72.92 15.37 -34.70
N GLY H 42 -72.57 16.65 -34.64
CA GLY H 42 -73.53 17.72 -34.48
C GLY H 42 -73.71 18.20 -33.05
N GLN H 43 -72.96 17.65 -32.10
CA GLN H 43 -73.04 18.02 -30.70
C GLN H 43 -71.66 18.38 -30.17
N GLY H 44 -71.61 18.80 -28.91
CA GLY H 44 -70.37 19.22 -28.30
C GLY H 44 -69.51 18.04 -27.85
N LEU H 45 -68.35 18.39 -27.29
CA LEU H 45 -67.43 17.37 -26.81
C LEU H 45 -67.97 16.74 -25.53
N GLU H 46 -67.50 15.51 -25.25
CA GLU H 46 -68.00 14.74 -24.12
C GLU H 46 -66.85 13.87 -23.60
N TRP H 47 -66.39 14.15 -22.39
CA TRP H 47 -65.31 13.39 -21.79
C TRP H 47 -65.78 11.99 -21.40
N MET H 48 -64.92 11.00 -21.62
CA MET H 48 -65.32 9.66 -21.21
C MET H 48 -64.33 9.00 -20.26
N GLY H 49 -63.02 9.18 -20.44
CA GLY H 49 -62.08 8.43 -19.62
C GLY H 49 -60.80 9.18 -19.32
N TRP H 50 -60.19 8.80 -18.19
CA TRP H 50 -58.85 9.28 -17.83
C TRP H 50 -58.09 8.11 -17.21
N ILE H 51 -56.77 8.10 -17.40
CA ILE H 51 -55.95 7.08 -16.78
C ILE H 51 -54.54 7.64 -16.57
N SER H 52 -53.97 7.34 -15.41
CA SER H 52 -52.57 7.66 -15.15
C SER H 52 -51.69 6.58 -15.74
N THR H 53 -50.67 6.98 -16.50
CA THR H 53 -49.78 6.05 -17.17
C THR H 53 -48.68 5.52 -16.27
N TYR H 54 -48.71 5.85 -14.97
CA TYR H 54 -47.67 5.43 -14.04
C TYR H 54 -48.06 4.21 -13.22
N ASN H 55 -49.17 4.29 -12.48
CA ASN H 55 -49.60 3.21 -11.60
C ASN H 55 -50.81 2.45 -12.12
N GLY H 56 -51.36 2.84 -13.26
CA GLY H 56 -52.52 2.16 -13.80
C GLY H 56 -53.85 2.60 -13.22
N ASN H 57 -53.88 3.61 -12.36
CA ASN H 57 -55.12 4.10 -11.81
C ASN H 57 -55.97 4.74 -12.90
N THR H 58 -57.27 4.49 -12.86
CA THR H 58 -58.19 4.90 -13.92
C THR H 58 -59.38 5.62 -13.33
N ASN H 59 -59.95 6.55 -14.09
CA ASN H 59 -61.09 7.35 -13.67
C ASN H 59 -62.10 7.41 -14.81
N TYR H 60 -63.36 7.20 -14.46
CA TYR H 60 -64.47 7.20 -15.42
C TYR H 60 -65.56 8.15 -14.93
N ALA H 61 -66.45 8.49 -15.86
CA ALA H 61 -67.61 9.31 -15.53
C ALA H 61 -68.77 8.43 -15.09
N GLN H 62 -69.85 9.07 -14.64
CA GLN H 62 -71.02 8.31 -14.21
C GLN H 62 -71.78 7.70 -15.38
N LYS H 63 -71.74 8.36 -16.54
CA LYS H 63 -72.43 7.83 -17.72
C LYS H 63 -71.76 6.54 -18.21
N PHE H 64 -70.44 6.48 -18.18
CA PHE H 64 -69.67 5.31 -18.61
C PHE H 64 -69.02 4.62 -17.42
N GLN H 65 -69.75 4.54 -16.31
CA GLN H 65 -69.19 3.94 -15.10
C GLN H 65 -68.89 2.46 -15.29
N GLY H 66 -69.79 1.72 -15.94
CA GLY H 66 -69.59 0.30 -16.14
C GLY H 66 -69.74 -0.15 -17.58
N ARG H 67 -69.39 0.72 -18.53
CA ARG H 67 -69.53 0.41 -19.94
C ARG H 67 -68.20 0.25 -20.68
N VAL H 68 -67.08 0.70 -20.12
CA VAL H 68 -65.80 0.67 -20.80
C VAL H 68 -64.75 0.10 -19.86
N THR H 69 -63.73 -0.53 -20.43
CA THR H 69 -62.54 -0.93 -19.70
C THR H 69 -61.31 -0.47 -20.49
N MET H 70 -60.19 -0.33 -19.79
CA MET H 70 -58.98 0.24 -20.37
C MET H 70 -57.75 -0.46 -19.83
N THR H 71 -56.70 -0.49 -20.64
CA THR H 71 -55.40 -0.99 -20.24
C THR H 71 -54.33 -0.14 -20.92
N THR H 72 -53.14 -0.12 -20.34
CA THR H 72 -52.02 0.63 -20.88
C THR H 72 -50.78 -0.24 -20.90
N ASP H 73 -49.92 -0.03 -21.90
CA ASP H 73 -48.68 -0.78 -22.04
C ASP H 73 -47.53 0.23 -22.16
N THR H 74 -46.62 0.19 -21.19
CA THR H 74 -45.46 1.09 -21.20
C THR H 74 -44.35 0.59 -22.10
N SER H 75 -44.38 -0.67 -22.52
CA SER H 75 -43.35 -1.20 -23.39
C SER H 75 -43.35 -0.49 -24.74
N THR H 76 -44.53 -0.26 -25.30
CA THR H 76 -44.69 0.50 -26.54
C THR H 76 -45.38 1.84 -26.32
N THR H 77 -45.73 2.18 -25.08
CA THR H 77 -46.45 3.40 -24.75
C THR H 77 -47.75 3.51 -25.56
N THR H 78 -48.64 2.56 -25.32
CA THR H 78 -49.91 2.49 -26.02
C THR H 78 -51.05 2.31 -25.03
N GLY H 79 -52.25 2.72 -25.44
CA GLY H 79 -53.45 2.59 -24.63
C GLY H 79 -54.53 1.85 -25.39
N TYR H 80 -54.96 0.72 -24.83
CA TYR H 80 -56.02 -0.09 -25.42
C TYR H 80 -57.30 0.11 -24.63
N MET H 81 -58.42 0.23 -25.35
CA MET H 81 -59.69 0.59 -24.76
C MET H 81 -60.78 -0.28 -25.35
N GLU H 82 -61.57 -0.91 -24.49
CA GLU H 82 -62.68 -1.77 -24.89
C GLU H 82 -63.99 -1.12 -24.48
N LEU H 83 -64.86 -0.86 -25.45
CA LEU H 83 -66.19 -0.33 -25.22
C LEU H 83 -67.19 -1.44 -25.47
N ARG H 84 -68.07 -1.68 -24.49
CA ARG H 84 -69.01 -2.78 -24.53
C ARG H 84 -70.45 -2.26 -24.58
N ARG H 85 -71.35 -3.16 -24.96
CA ARG H 85 -72.79 -2.89 -24.97
C ARG H 85 -73.12 -1.68 -25.83
N LEU H 86 -72.85 -1.83 -27.14
CA LEU H 86 -73.11 -0.76 -28.08
C LEU H 86 -74.60 -0.49 -28.23
N ARG H 87 -74.93 0.76 -28.51
CA ARG H 87 -76.30 1.19 -28.78
C ARG H 87 -76.29 2.05 -30.04
N SER H 88 -77.50 2.36 -30.53
CA SER H 88 -77.62 3.20 -31.72
C SER H 88 -77.20 4.64 -31.48
N ASP H 89 -77.00 5.05 -30.23
CA ASP H 89 -76.57 6.40 -29.88
C ASP H 89 -75.06 6.51 -29.74
N ASP H 90 -74.30 5.44 -30.00
CA ASP H 90 -72.86 5.44 -29.78
C ASP H 90 -72.06 5.84 -31.01
N THR H 91 -72.72 6.19 -32.11
CA THR H 91 -72.01 6.66 -33.30
C THR H 91 -71.47 8.07 -33.04
N ALA H 92 -70.16 8.21 -33.01
CA ALA H 92 -69.52 9.47 -32.63
C ALA H 92 -68.05 9.41 -33.06
N VAL H 93 -67.25 10.38 -32.61
CA VAL H 93 -65.82 10.40 -32.86
C VAL H 93 -65.11 10.58 -31.52
N TYR H 94 -64.17 9.69 -31.23
CA TYR H 94 -63.43 9.70 -29.96
C TYR H 94 -62.02 10.21 -30.21
N TYR H 95 -61.47 10.92 -29.22
CA TYR H 95 -60.21 11.64 -29.36
C TYR H 95 -59.29 11.33 -28.19
N CYS H 96 -57.99 11.20 -28.49
CA CYS H 96 -56.95 10.91 -27.52
C CYS H 96 -56.28 12.22 -27.12
N ALA H 97 -55.83 12.31 -25.87
CA ALA H 97 -55.21 13.55 -25.41
C ALA H 97 -54.28 13.28 -24.24
N ARG H 98 -53.34 14.20 -24.06
CA ARG H 98 -52.41 14.18 -22.94
C ARG H 98 -53.00 15.00 -21.80
N ASP H 99 -53.43 14.33 -20.74
CA ASP H 99 -54.09 15.01 -19.63
C ASP H 99 -53.07 15.78 -18.79
N TYR H 100 -53.39 17.05 -18.51
CA TYR H 100 -52.62 17.86 -17.57
C TYR H 100 -53.49 18.38 -16.43
N THR H 101 -54.64 17.75 -16.19
CA THR H 101 -55.53 18.14 -15.12
C THR H 101 -55.42 17.26 -13.89
N ARG H 102 -54.93 16.03 -14.05
CA ARG H 102 -54.79 15.08 -12.94
C ARG H 102 -53.39 14.51 -12.96
N GLY H 103 -52.82 14.31 -11.77
CA GLY H 103 -51.44 13.83 -11.69
C GLY H 103 -51.31 12.38 -12.09
N ALA H 104 -50.13 12.06 -12.63
CA ALA H 104 -49.85 10.69 -13.07
C ALA H 104 -49.42 9.80 -11.91
N TRP H 105 -48.65 10.34 -10.96
CA TRP H 105 -48.11 9.53 -9.88
C TRP H 105 -49.11 9.38 -8.73
N PHE H 106 -49.60 10.49 -8.20
CA PHE H 106 -50.47 10.48 -7.04
C PHE H 106 -51.90 10.89 -7.34
N GLY H 107 -52.20 11.35 -8.55
CA GLY H 107 -53.55 11.75 -8.89
C GLY H 107 -53.93 13.15 -8.44
N GLU H 108 -52.98 13.92 -7.92
CA GLU H 108 -53.29 15.29 -7.52
C GLU H 108 -53.67 16.13 -8.72
N SER H 109 -54.71 16.95 -8.56
CA SER H 109 -55.20 17.76 -9.67
C SER H 109 -54.20 18.85 -10.02
N LEU H 110 -53.92 18.99 -11.31
CA LEU H 110 -52.97 19.97 -11.82
C LEU H 110 -53.71 21.10 -12.52
N ILE H 111 -52.99 22.19 -12.74
CA ILE H 111 -53.53 23.38 -13.42
C ILE H 111 -53.08 23.28 -14.87
N GLY H 112 -54.02 22.92 -15.75
CA GLY H 112 -53.69 22.78 -17.16
C GLY H 112 -54.83 22.10 -17.91
N GLY H 113 -54.46 21.43 -19.00
CA GLY H 113 -55.44 20.75 -19.81
C GLY H 113 -54.77 19.93 -20.89
N PHE H 114 -55.61 19.35 -21.74
CA PHE H 114 -55.13 18.52 -22.84
C PHE H 114 -54.40 19.41 -23.85
N ASP H 115 -53.08 19.36 -23.83
CA ASP H 115 -52.26 20.19 -24.70
C ASP H 115 -51.98 19.56 -26.05
N ASN H 116 -52.45 18.33 -26.28
CA ASN H 116 -52.24 17.65 -27.56
C ASN H 116 -53.41 16.72 -27.81
N TRP H 117 -53.80 16.59 -29.08
CA TRP H 117 -54.91 15.77 -29.48
C TRP H 117 -54.52 14.90 -30.67
N GLY H 118 -55.18 13.74 -30.78
CA GLY H 118 -54.92 12.81 -31.86
C GLY H 118 -55.75 13.11 -33.09
N GLN H 119 -55.67 12.18 -34.04
CA GLN H 119 -56.40 12.35 -35.30
C GLN H 119 -57.88 12.09 -35.17
N GLY H 120 -58.28 11.20 -34.28
CA GLY H 120 -59.68 10.89 -34.07
C GLY H 120 -60.07 9.54 -34.62
N THR H 121 -60.95 8.85 -33.90
CA THR H 121 -61.47 7.55 -34.31
C THR H 121 -62.98 7.65 -34.42
N LEU H 122 -63.51 7.44 -35.61
CA LEU H 122 -64.95 7.54 -35.86
C LEU H 122 -65.56 6.16 -35.73
N VAL H 123 -66.55 6.03 -34.85
CA VAL H 123 -67.25 4.78 -34.62
C VAL H 123 -68.71 4.94 -35.02
N THR H 124 -69.22 3.96 -35.76
CA THR H 124 -70.60 3.95 -36.23
C THR H 124 -71.25 2.65 -35.79
N VAL H 125 -72.51 2.73 -35.34
CA VAL H 125 -73.23 1.58 -34.84
C VAL H 125 -74.49 1.41 -35.70
N SER H 126 -74.48 0.38 -36.55
CA SER H 126 -75.63 0.06 -37.38
C SER H 126 -75.46 -1.34 -37.92
N SER H 127 -76.46 -2.20 -37.68
CA SER H 127 -76.42 -3.60 -38.13
C SER H 127 -77.06 -3.70 -39.53
N ALA H 128 -76.33 -3.17 -40.51
CA ALA H 128 -76.79 -3.17 -41.89
C ALA H 128 -75.70 -3.70 -42.80
N SER H 129 -76.11 -4.41 -43.84
CA SER H 129 -75.19 -4.95 -44.82
C SER H 129 -74.85 -3.89 -45.88
N THR H 130 -73.75 -4.12 -46.58
CA THR H 130 -73.30 -3.18 -47.60
C THR H 130 -74.27 -3.18 -48.78
N LYS H 131 -74.72 -2.00 -49.18
CA LYS H 131 -75.62 -1.83 -50.31
C LYS H 131 -75.03 -0.82 -51.27
N GLY H 132 -75.11 -1.13 -52.57
CA GLY H 132 -74.58 -0.26 -53.60
C GLY H 132 -75.37 1.03 -53.72
N PRO H 133 -74.67 2.12 -54.02
CA PRO H 133 -75.35 3.41 -54.20
C PRO H 133 -76.16 3.42 -55.49
N SER H 134 -77.16 4.31 -55.51
CA SER H 134 -78.00 4.53 -56.69
C SER H 134 -77.99 6.01 -57.02
N VAL H 135 -77.67 6.32 -58.28
CA VAL H 135 -77.51 7.70 -58.73
C VAL H 135 -78.63 8.05 -59.69
N PHE H 136 -79.22 9.24 -59.49
CA PHE H 136 -80.28 9.75 -60.34
C PHE H 136 -79.92 11.16 -60.81
N PRO H 137 -80.25 11.50 -62.06
CA PRO H 137 -79.95 12.83 -62.57
C PRO H 137 -81.07 13.82 -62.32
N LEU H 138 -80.69 15.09 -62.18
CA LEU H 138 -81.63 16.20 -62.04
C LEU H 138 -81.25 17.26 -63.06
N ALA H 139 -82.20 17.64 -63.90
CA ALA H 139 -81.97 18.51 -65.04
C ALA H 139 -82.67 19.85 -64.87
N PRO H 140 -82.17 20.90 -65.53
CA PRO H 140 -82.82 22.21 -65.44
C PRO H 140 -84.17 22.21 -66.15
N SER H 141 -84.99 23.19 -65.79
CA SER H 141 -86.30 23.32 -66.40
C SER H 141 -86.19 23.82 -67.84
N SER H 142 -87.33 23.84 -68.54
CA SER H 142 -87.33 24.24 -69.94
C SER H 142 -86.94 25.71 -70.10
N LYS H 143 -87.46 26.58 -69.24
CA LYS H 143 -87.17 28.01 -69.32
C LYS H 143 -85.80 28.33 -68.72
N THR H 149 -79.10 31.97 -63.81
CA THR H 149 -78.33 30.80 -64.25
C THR H 149 -79.17 29.53 -64.15
N ALA H 150 -78.71 28.47 -64.79
CA ALA H 150 -79.37 27.17 -64.74
C ALA H 150 -78.68 26.28 -63.71
N ALA H 151 -79.47 25.38 -63.12
CA ALA H 151 -78.98 24.47 -62.10
C ALA H 151 -79.32 23.04 -62.46
N LEU H 152 -78.38 22.13 -62.22
CA LEU H 152 -78.61 20.70 -62.45
C LEU H 152 -77.71 19.92 -61.50
N GLY H 153 -77.70 18.60 -61.65
CA GLY H 153 -76.77 17.81 -60.86
C GLY H 153 -77.24 16.37 -60.70
N CYS H 154 -76.77 15.76 -59.61
CA CYS H 154 -76.96 14.34 -59.37
C CYS H 154 -77.38 14.12 -57.92
N LEU H 155 -78.04 12.99 -57.69
CA LEU H 155 -78.49 12.60 -56.35
C LEU H 155 -78.11 11.14 -56.13
N VAL H 156 -77.30 10.88 -55.10
CA VAL H 156 -76.82 9.54 -54.78
C VAL H 156 -77.47 9.11 -53.48
N LYS H 157 -78.26 8.04 -53.54
CA LYS H 157 -78.99 7.55 -52.38
C LYS H 157 -78.62 6.10 -52.10
N ASP H 158 -78.82 5.70 -50.84
CA ASP H 158 -78.67 4.31 -50.42
C ASP H 158 -77.22 3.83 -50.56
N TYR H 159 -76.33 4.58 -49.93
CA TYR H 159 -74.92 4.21 -49.85
C TYR H 159 -74.51 4.12 -48.39
N PHE H 160 -73.69 3.10 -48.09
CA PHE H 160 -73.26 2.81 -46.73
C PHE H 160 -71.88 2.17 -46.82
N PRO H 161 -70.93 2.58 -45.96
CA PRO H 161 -71.09 3.59 -44.92
C PRO H 161 -70.93 5.03 -45.40
N GLU H 162 -70.64 5.92 -44.46
CA GLU H 162 -70.50 7.34 -44.79
C GLU H 162 -69.46 7.63 -45.87
N PRO H 163 -68.25 7.02 -45.87
CA PRO H 163 -67.26 7.37 -46.91
C PRO H 163 -67.76 7.18 -48.34
N VAL H 164 -67.88 8.29 -49.06
CA VAL H 164 -68.26 8.30 -50.46
C VAL H 164 -67.74 9.61 -51.07
N THR H 165 -67.14 9.53 -52.25
CA THR H 165 -66.55 10.69 -52.90
C THR H 165 -67.32 11.04 -54.17
N VAL H 166 -67.52 12.34 -54.38
CA VAL H 166 -68.30 12.86 -55.50
C VAL H 166 -67.45 13.88 -56.24
N SER H 167 -67.38 13.75 -57.57
CA SER H 167 -66.61 14.65 -58.40
C SER H 167 -67.39 14.95 -59.68
N TRP H 168 -66.95 15.98 -60.40
CA TRP H 168 -67.60 16.41 -61.62
C TRP H 168 -66.56 16.59 -62.72
N ASN H 169 -66.62 15.71 -63.72
CA ASN H 169 -65.80 15.81 -64.94
C ASN H 169 -64.30 15.82 -64.63
N SER H 170 -63.91 15.11 -63.57
CA SER H 170 -62.50 14.92 -63.20
C SER H 170 -61.78 16.26 -63.02
N GLY H 171 -62.38 17.12 -62.21
CA GLY H 171 -61.79 18.40 -61.87
C GLY H 171 -61.90 19.47 -62.94
N ALA H 172 -62.63 19.22 -64.02
CA ALA H 172 -62.78 20.23 -65.06
C ALA H 172 -63.71 21.35 -64.62
N LEU H 173 -64.60 21.08 -63.66
CA LEU H 173 -65.59 22.04 -63.17
C LEU H 173 -65.61 22.06 -61.65
N THR H 174 -64.43 22.16 -61.05
CA THR H 174 -64.32 22.17 -59.60
C THR H 174 -65.06 23.37 -59.00
N SER H 175 -64.95 24.53 -59.64
CA SER H 175 -65.62 25.74 -59.16
C SER H 175 -67.10 25.65 -59.54
N GLY H 176 -67.97 25.87 -58.56
CA GLY H 176 -69.40 25.86 -58.82
C GLY H 176 -70.10 24.57 -58.42
N VAL H 177 -69.38 23.68 -57.75
CA VAL H 177 -69.92 22.39 -57.32
C VAL H 177 -70.30 22.50 -55.85
N HIS H 178 -71.56 22.22 -55.54
CA HIS H 178 -72.06 22.19 -54.18
C HIS H 178 -72.29 20.73 -53.78
N THR H 179 -71.64 20.30 -52.70
CA THR H 179 -71.81 18.96 -52.16
C THR H 179 -72.37 19.10 -50.75
N PHE H 180 -73.65 18.77 -50.58
CA PHE H 180 -74.29 18.89 -49.28
C PHE H 180 -73.77 17.80 -48.33
N PRO H 181 -73.76 18.08 -47.03
CA PRO H 181 -73.41 17.02 -46.06
C PRO H 181 -74.40 15.87 -46.14
N ALA H 182 -73.90 14.66 -45.89
CA ALA H 182 -74.73 13.47 -45.98
C ALA H 182 -75.89 13.54 -45.01
N VAL H 183 -77.05 13.08 -45.46
CA VAL H 183 -78.26 13.07 -44.66
C VAL H 183 -78.65 11.63 -44.36
N LEU H 184 -79.17 11.39 -43.16
CA LEU H 184 -79.55 10.05 -42.72
C LEU H 184 -81.06 10.01 -42.54
N GLN H 185 -81.70 9.05 -43.21
CA GLN H 185 -83.14 8.88 -43.10
C GLN H 185 -83.46 7.79 -42.08
N SER H 186 -84.74 7.41 -42.01
CA SER H 186 -85.17 6.39 -41.07
C SER H 186 -84.69 4.99 -41.46
N SER H 187 -84.27 4.80 -42.70
CA SER H 187 -83.82 3.50 -43.18
C SER H 187 -82.34 3.26 -42.96
N GLY H 188 -81.61 4.25 -42.42
CA GLY H 188 -80.19 4.08 -42.17
C GLY H 188 -79.31 4.16 -43.40
N LEU H 189 -79.88 4.53 -44.55
CA LEU H 189 -79.12 4.63 -45.79
C LEU H 189 -78.90 6.11 -46.11
N TYR H 190 -77.65 6.48 -46.35
CA TYR H 190 -77.29 7.87 -46.54
C TYR H 190 -77.64 8.36 -47.94
N SER H 191 -77.84 9.67 -48.05
CA SER H 191 -78.15 10.32 -49.32
C SER H 191 -77.33 11.60 -49.43
N LEU H 192 -77.02 11.97 -50.66
CA LEU H 192 -76.21 13.15 -50.94
C LEU H 192 -76.65 13.73 -52.29
N SER H 193 -76.45 15.05 -52.43
CA SER H 193 -76.81 15.76 -53.64
C SER H 193 -75.63 16.59 -54.11
N SER H 194 -75.29 16.48 -55.39
CA SER H 194 -74.25 17.29 -56.02
C SER H 194 -74.92 18.24 -57.00
N VAL H 195 -74.61 19.53 -56.86
CA VAL H 195 -75.29 20.59 -57.60
C VAL H 195 -74.27 21.38 -58.40
N VAL H 196 -74.59 21.63 -59.67
CA VAL H 196 -73.75 22.43 -60.56
C VAL H 196 -74.59 23.52 -61.19
N THR H 197 -73.97 24.70 -61.34
CA THR H 197 -74.61 25.86 -61.96
C THR H 197 -73.93 26.16 -63.28
N VAL H 198 -74.73 26.39 -64.31
CA VAL H 198 -74.23 26.60 -65.67
C VAL H 198 -74.89 27.82 -66.27
N PRO H 199 -74.22 28.48 -67.23
CA PRO H 199 -74.86 29.61 -67.92
C PRO H 199 -76.06 29.16 -68.74
N SER H 200 -76.98 30.09 -68.97
CA SER H 200 -78.23 29.78 -69.64
C SER H 200 -78.04 29.37 -71.10
N SER H 201 -76.96 29.79 -71.74
CA SER H 201 -76.73 29.50 -73.15
C SER H 201 -75.79 28.33 -73.38
N SER H 202 -75.38 27.62 -72.32
CA SER H 202 -74.43 26.53 -72.44
C SER H 202 -74.92 25.24 -71.76
N LEU H 203 -76.19 25.19 -71.36
CA LEU H 203 -76.69 24.00 -70.67
C LEU H 203 -76.75 22.80 -71.60
N GLY H 204 -77.11 23.01 -72.87
CA GLY H 204 -77.25 21.95 -73.84
C GLY H 204 -76.12 21.79 -74.82
N THR H 205 -74.99 22.45 -74.61
CA THR H 205 -73.86 22.38 -75.53
C THR H 205 -72.72 21.50 -75.00
N GLN H 206 -72.38 21.62 -73.72
CA GLN H 206 -71.32 20.83 -73.12
C GLN H 206 -71.89 19.54 -72.54
N THR H 207 -71.06 18.84 -71.76
CA THR H 207 -71.47 17.64 -71.05
C THR H 207 -71.30 17.86 -69.55
N TYR H 208 -72.17 17.20 -68.78
CA TYR H 208 -72.19 17.35 -67.31
C TYR H 208 -72.40 15.96 -66.71
N ILE H 209 -71.30 15.37 -66.22
CA ILE H 209 -71.31 14.02 -65.69
C ILE H 209 -70.88 14.05 -64.22
N CYS H 210 -71.55 13.26 -63.41
CA CYS H 210 -71.25 13.11 -62.00
C CYS H 210 -70.58 11.77 -61.76
N ASN H 211 -69.44 11.80 -61.07
CA ASN H 211 -68.68 10.60 -60.72
C ASN H 211 -68.84 10.35 -59.23
N VAL H 212 -69.34 9.17 -58.89
CA VAL H 212 -69.57 8.78 -57.50
C VAL H 212 -68.78 7.52 -57.22
N ASN H 213 -67.94 7.55 -56.20
CA ASN H 213 -67.09 6.44 -55.83
C ASN H 213 -67.38 6.04 -54.39
N HIS H 214 -67.73 4.77 -54.21
CA HIS H 214 -67.94 4.15 -52.90
C HIS H 214 -66.91 3.03 -52.76
N LYS H 215 -66.05 3.14 -51.75
CA LYS H 215 -64.90 2.26 -51.63
C LYS H 215 -65.27 0.85 -51.16
N PRO H 216 -65.99 0.69 -50.02
CA PRO H 216 -66.28 -0.68 -49.57
C PRO H 216 -67.09 -1.49 -50.57
N SER H 217 -68.01 -0.86 -51.30
CA SER H 217 -68.83 -1.56 -52.28
C SER H 217 -68.22 -1.56 -53.67
N ASN H 218 -67.11 -0.86 -53.88
CA ASN H 218 -66.42 -0.79 -55.16
C ASN H 218 -67.35 -0.28 -56.27
N THR H 219 -67.81 0.96 -56.07
CA THR H 219 -68.69 1.63 -57.01
C THR H 219 -67.97 2.83 -57.60
N LYS H 220 -67.89 2.89 -58.93
CA LYS H 220 -67.21 3.96 -59.65
C LYS H 220 -68.11 4.54 -60.73
N VAL H 221 -69.34 4.88 -60.35
CA VAL H 221 -70.39 5.14 -61.32
C VAL H 221 -70.29 6.58 -61.84
N ASP H 222 -70.22 6.72 -63.16
CA ASP H 222 -70.29 8.02 -63.83
C ASP H 222 -71.60 8.11 -64.58
N LYS H 223 -72.39 9.15 -64.29
CA LYS H 223 -73.69 9.33 -64.90
C LYS H 223 -73.79 10.70 -65.54
N LYS H 224 -74.25 10.74 -66.79
CA LYS H 224 -74.37 11.98 -67.54
C LYS H 224 -75.78 12.54 -67.41
N VAL H 225 -75.88 13.87 -67.29
CA VAL H 225 -77.15 14.57 -67.16
C VAL H 225 -77.35 15.44 -68.40
N GLU H 226 -78.48 15.26 -69.06
CA GLU H 226 -78.82 15.94 -70.29
C GLU H 226 -80.23 16.51 -70.20
N PRO H 227 -80.52 17.55 -70.97
CA PRO H 227 -81.88 18.12 -70.95
C PRO H 227 -82.91 17.08 -71.39
N LYS H 228 -84.09 17.14 -70.77
CA LYS H 228 -85.17 16.23 -71.09
C LYS H 228 -86.16 16.85 -72.07
N GLU I 1 -74.20 17.68 -11.86
CA GLU I 1 -72.88 18.29 -11.66
C GLU I 1 -72.89 19.74 -12.11
N ILE I 2 -71.69 20.33 -12.21
CA ILE I 2 -71.56 21.71 -12.66
C ILE I 2 -71.84 21.79 -14.15
N VAL I 3 -72.71 22.73 -14.54
CA VAL I 3 -73.12 22.91 -15.93
C VAL I 3 -72.62 24.27 -16.40
N LEU I 4 -71.95 24.28 -17.54
CA LEU I 4 -71.37 25.50 -18.11
C LEU I 4 -72.23 25.98 -19.26
N THR I 5 -72.65 27.24 -19.20
CA THR I 5 -73.44 27.87 -20.24
C THR I 5 -72.58 28.86 -21.01
N GLN I 6 -72.74 28.88 -22.33
CA GLN I 6 -71.94 29.72 -23.22
C GLN I 6 -72.80 30.87 -23.73
N SER I 7 -72.25 32.08 -23.66
CA SER I 7 -72.94 33.29 -24.10
C SER I 7 -72.06 34.04 -25.08
N PRO I 8 -72.50 34.25 -26.34
CA PRO I 8 -73.78 33.73 -26.84
C PRO I 8 -73.62 32.40 -27.57
N GLY I 9 -74.74 31.78 -27.93
CA GLY I 9 -74.69 30.51 -28.64
C GLY I 9 -74.30 30.63 -30.09
N THR I 10 -74.46 31.80 -30.69
CA THR I 10 -74.07 32.03 -32.07
C THR I 10 -73.44 33.41 -32.18
N LEU I 11 -72.20 33.46 -32.68
CA LEU I 11 -71.45 34.69 -32.82
C LEU I 11 -71.29 35.03 -34.29
N SER I 12 -71.58 36.29 -34.64
CA SER I 12 -71.47 36.77 -36.02
C SER I 12 -70.81 38.15 -35.99
N LEU I 13 -69.55 38.21 -36.41
CA LEU I 13 -68.82 39.46 -36.46
C LEU I 13 -68.05 39.59 -37.77
N SER I 14 -67.17 40.58 -37.86
CA SER I 14 -66.39 40.79 -39.08
C SER I 14 -64.94 40.36 -38.86
N PRO I 15 -64.25 39.97 -39.93
CA PRO I 15 -62.83 39.57 -39.80
C PRO I 15 -61.94 40.77 -39.51
N GLY I 16 -61.86 41.15 -38.24
CA GLY I 16 -61.12 42.34 -37.84
C GLY I 16 -61.74 43.03 -36.65
N GLU I 17 -62.92 42.57 -36.24
CA GLU I 17 -63.56 43.07 -35.02
C GLU I 17 -62.99 42.37 -33.79
N ARG I 18 -63.51 42.73 -32.62
CA ARG I 18 -63.10 42.13 -31.36
C ARG I 18 -64.21 41.19 -30.88
N ALA I 19 -63.84 39.97 -30.52
CA ALA I 19 -64.79 38.93 -30.16
C ALA I 19 -64.69 38.63 -28.67
N THR I 20 -65.85 38.48 -28.04
CA THR I 20 -65.94 38.18 -26.62
C THR I 20 -66.91 37.04 -26.39
N LEU I 21 -66.46 36.00 -25.69
CA LEU I 21 -67.29 34.87 -25.32
C LEU I 21 -67.30 34.72 -23.81
N SER I 22 -68.42 34.26 -23.26
CA SER I 22 -68.56 34.13 -21.82
C SER I 22 -68.97 32.71 -21.47
N CYS I 23 -68.40 32.20 -20.38
CA CYS I 23 -68.74 30.88 -19.85
C CYS I 23 -69.16 31.05 -18.40
N ARG I 24 -70.39 30.63 -18.10
CA ARG I 24 -70.96 30.79 -16.76
C ARG I 24 -71.21 29.44 -16.13
N ALA I 25 -70.74 29.27 -14.90
CA ALA I 25 -70.93 28.04 -14.14
C ALA I 25 -72.05 28.21 -13.13
N SER I 26 -72.81 27.13 -12.91
CA SER I 26 -73.88 27.17 -11.93
C SER I 26 -73.35 27.41 -10.52
N GLN I 27 -72.26 26.75 -10.17
CA GLN I 27 -71.64 26.85 -8.85
C GLN I 27 -70.33 27.61 -8.95
N THR I 28 -69.65 27.75 -7.82
CA THR I 28 -68.39 28.47 -7.76
C THR I 28 -67.25 27.55 -8.19
N VAL I 29 -66.50 27.97 -9.21
CA VAL I 29 -65.38 27.22 -9.75
C VAL I 29 -64.12 28.04 -9.55
N SER I 30 -63.06 27.40 -9.05
CA SER I 30 -61.80 28.09 -8.84
C SER I 30 -61.23 28.60 -10.16
N SER I 31 -60.54 29.74 -10.09
CA SER I 31 -60.02 30.38 -11.29
C SER I 31 -58.97 29.52 -12.00
N THR I 32 -58.34 28.59 -11.29
CA THR I 32 -57.35 27.70 -11.87
C THR I 32 -57.95 26.42 -12.44
N SER I 33 -59.28 26.30 -12.44
CA SER I 33 -59.96 25.08 -12.88
C SER I 33 -60.97 25.40 -13.98
N LEU I 34 -60.53 26.17 -14.98
CA LEU I 34 -61.36 26.45 -16.15
C LEU I 34 -60.45 26.84 -17.30
N ALA I 35 -60.74 26.32 -18.49
CA ALA I 35 -59.90 26.60 -19.64
C ALA I 35 -60.74 26.54 -20.92
N TRP I 36 -60.13 27.00 -22.01
CA TRP I 36 -60.80 27.14 -23.30
C TRP I 36 -60.09 26.31 -24.36
N TYR I 37 -60.88 25.79 -25.30
CA TYR I 37 -60.38 24.95 -26.39
C TYR I 37 -60.96 25.42 -27.72
N GLN I 38 -60.13 25.38 -28.76
CA GLN I 38 -60.52 25.79 -30.10
C GLN I 38 -60.42 24.60 -31.04
N GLN I 39 -61.47 24.40 -31.86
CA GLN I 39 -61.54 23.28 -32.78
C GLN I 39 -61.95 23.79 -34.14
N LYS I 40 -61.02 23.77 -35.10
CA LYS I 40 -61.30 24.14 -36.47
C LYS I 40 -61.99 22.99 -37.20
N PRO I 41 -62.77 23.30 -38.24
CA PRO I 41 -63.39 22.22 -39.03
C PRO I 41 -62.34 21.31 -39.66
N GLY I 42 -62.64 20.02 -39.67
CA GLY I 42 -61.72 19.05 -40.22
C GLY I 42 -60.43 18.90 -39.46
N GLN I 43 -60.37 19.34 -38.21
CA GLN I 43 -59.17 19.28 -37.40
C GLN I 43 -59.54 18.91 -35.98
N ALA I 44 -58.56 18.40 -35.24
CA ALA I 44 -58.76 18.09 -33.84
C ALA I 44 -58.75 19.37 -33.00
N PRO I 45 -59.47 19.38 -31.87
CA PRO I 45 -59.44 20.55 -31.00
C PRO I 45 -58.04 20.80 -30.44
N ARG I 46 -57.76 22.08 -30.18
CA ARG I 46 -56.47 22.50 -29.65
C ARG I 46 -56.70 23.31 -28.38
N LEU I 47 -55.60 23.67 -27.72
CA LEU I 47 -55.63 24.45 -26.50
C LEU I 47 -55.21 25.89 -26.76
N LEU I 48 -56.00 26.83 -26.28
CA LEU I 48 -55.71 28.26 -26.44
C LEU I 48 -55.36 28.91 -25.10
N ILE I 49 -56.25 28.81 -24.11
CA ILE I 49 -56.05 29.45 -22.81
C ILE I 49 -56.29 28.40 -21.73
N TYR I 50 -55.34 28.28 -20.80
CA TYR I 50 -55.46 27.37 -19.67
C TYR I 50 -55.51 28.16 -18.38
N GLY I 51 -56.41 27.76 -17.49
CA GLY I 51 -56.56 28.46 -16.22
C GLY I 51 -57.15 29.85 -16.33
N ALA I 52 -57.60 30.25 -17.52
CA ALA I 52 -58.19 31.56 -17.79
C ALA I 52 -57.29 32.73 -17.38
N SER I 53 -56.00 32.48 -17.16
CA SER I 53 -55.07 33.51 -16.75
C SER I 53 -53.83 33.60 -17.63
N SER I 54 -53.33 32.47 -18.10
CA SER I 54 -52.14 32.42 -18.96
C SER I 54 -52.54 31.99 -20.37
N ARG I 55 -51.52 31.83 -21.22
CA ARG I 55 -51.71 31.48 -22.61
C ARG I 55 -50.95 30.20 -22.95
N ALA I 56 -51.42 29.50 -23.98
CA ALA I 56 -50.73 28.31 -24.44
C ALA I 56 -49.47 28.69 -25.21
N THR I 57 -48.51 27.76 -25.24
CA THR I 57 -47.24 28.02 -25.91
C THR I 57 -47.44 28.11 -27.42
N GLY I 58 -46.77 29.09 -28.03
CA GLY I 58 -46.87 29.29 -29.46
C GLY I 58 -48.19 29.88 -29.93
N ILE I 59 -48.92 30.55 -29.04
CA ILE I 59 -50.23 31.11 -29.37
C ILE I 59 -50.10 32.62 -29.48
N PRO I 60 -50.71 33.25 -30.49
CA PRO I 60 -50.65 34.71 -30.60
C PRO I 60 -51.31 35.38 -29.39
N ASP I 61 -50.82 36.59 -29.08
CA ASP I 61 -51.22 37.31 -27.87
C ASP I 61 -52.68 37.75 -27.89
N ARG I 62 -53.36 37.69 -29.03
CA ARG I 62 -54.73 38.19 -29.11
C ARG I 62 -55.67 37.40 -28.18
N PHE I 63 -55.50 36.08 -28.13
CA PHE I 63 -56.38 35.25 -27.30
C PHE I 63 -56.03 35.45 -25.84
N SER I 64 -56.99 35.94 -25.06
CA SER I 64 -56.77 36.19 -23.64
C SER I 64 -57.97 35.70 -22.84
N GLY I 65 -57.73 35.43 -21.57
CA GLY I 65 -58.78 34.98 -20.67
C GLY I 65 -58.83 35.83 -19.42
N SER I 66 -60.02 35.93 -18.85
CA SER I 66 -60.24 36.71 -17.64
C SER I 66 -61.51 36.21 -16.98
N GLY I 67 -61.92 36.90 -15.91
CA GLY I 67 -63.12 36.54 -15.18
C GLY I 67 -62.81 35.65 -13.98
N SER I 68 -63.83 35.50 -13.14
CA SER I 68 -63.67 34.76 -11.89
C SER I 68 -65.05 34.56 -11.27
N GLY I 69 -65.05 34.00 -10.05
CA GLY I 69 -66.23 33.91 -9.21
C GLY I 69 -67.19 32.85 -9.66
N THR I 70 -67.95 33.17 -10.71
CA THR I 70 -68.78 32.18 -11.39
C THR I 70 -68.82 32.36 -12.89
N ASP I 71 -68.08 33.33 -13.45
CA ASP I 71 -68.17 33.62 -14.86
C ASP I 71 -66.80 34.00 -15.40
N PHE I 72 -66.43 33.42 -16.52
CA PHE I 72 -65.15 33.69 -17.18
C PHE I 72 -65.40 34.20 -18.59
N THR I 73 -64.40 34.89 -19.13
CA THR I 73 -64.51 35.54 -20.43
C THR I 73 -63.28 35.24 -21.26
N LEU I 74 -63.49 34.92 -22.53
CA LEU I 74 -62.42 34.72 -23.50
C LEU I 74 -62.52 35.81 -24.55
N THR I 75 -61.43 36.55 -24.76
CA THR I 75 -61.41 37.71 -25.63
C THR I 75 -60.38 37.53 -26.74
N ILE I 76 -60.79 37.90 -27.96
CA ILE I 76 -59.92 37.97 -29.11
C ILE I 76 -59.92 39.41 -29.60
N SER I 77 -58.75 40.04 -29.58
CA SER I 77 -58.66 41.46 -29.95
C SER I 77 -58.95 41.67 -31.43
N ARG I 78 -58.33 40.86 -32.29
CA ARG I 78 -58.52 40.96 -33.73
C ARG I 78 -58.91 39.60 -34.29
N LEU I 79 -59.73 39.61 -35.33
CA LEU I 79 -60.26 38.40 -35.92
C LEU I 79 -59.51 38.10 -37.22
N GLU I 80 -59.10 36.85 -37.39
CA GLU I 80 -58.34 36.37 -38.53
C GLU I 80 -59.06 35.19 -39.17
N PRO I 81 -58.74 34.87 -40.43
CA PRO I 81 -59.36 33.69 -41.05
C PRO I 81 -59.08 32.40 -40.30
N GLU I 82 -57.96 32.31 -39.60
CA GLU I 82 -57.65 31.16 -38.76
C GLU I 82 -58.30 31.25 -37.39
N ASP I 83 -59.03 32.32 -37.09
CA ASP I 83 -59.73 32.48 -35.82
C ASP I 83 -61.18 32.01 -35.88
N PHE I 84 -61.61 31.45 -37.00
CA PHE I 84 -62.98 30.95 -37.16
C PHE I 84 -63.00 29.46 -36.83
N ALA I 85 -63.56 29.12 -35.68
CA ALA I 85 -63.61 27.74 -35.21
C ALA I 85 -64.64 27.64 -34.10
N VAL I 86 -64.78 26.44 -33.53
CA VAL I 86 -65.71 26.20 -32.43
C VAL I 86 -64.95 26.31 -31.12
N TYR I 87 -65.49 27.07 -30.17
CA TYR I 87 -64.84 27.32 -28.89
C TYR I 87 -65.62 26.64 -27.78
N TYR I 88 -64.91 25.87 -26.97
CA TYR I 88 -65.49 25.21 -25.79
C TYR I 88 -64.81 25.74 -24.54
N CYS I 89 -65.56 25.77 -23.45
CA CYS I 89 -65.03 26.06 -22.12
C CYS I 89 -65.30 24.88 -21.21
N GLN I 90 -64.28 24.43 -20.48
CA GLN I 90 -64.46 23.30 -19.59
C GLN I 90 -63.85 23.63 -18.23
N GLN I 91 -64.30 22.91 -17.20
CA GLN I 91 -63.81 23.07 -15.84
C GLN I 91 -63.46 21.70 -15.28
N HIS I 92 -62.47 21.67 -14.38
CA HIS I 92 -62.04 20.44 -13.73
C HIS I 92 -62.04 20.57 -12.21
N ASP I 93 -62.74 21.58 -11.67
CA ASP I 93 -62.85 21.71 -10.22
C ASP I 93 -63.62 20.54 -9.62
N THR I 94 -64.71 20.12 -10.29
CA THR I 94 -65.49 18.97 -9.86
C THR I 94 -65.87 18.18 -11.10
N SER I 95 -65.29 16.99 -11.25
CA SER I 95 -65.45 16.15 -12.45
C SER I 95 -65.00 16.99 -13.66
N LEU I 96 -65.62 16.83 -14.83
CA LEU I 96 -65.28 17.66 -15.97
C LEU I 96 -66.41 17.58 -16.99
N THR I 97 -66.74 18.74 -17.58
CA THR I 97 -67.78 18.81 -18.59
C THR I 97 -67.39 19.92 -19.57
N PHE I 98 -67.90 19.80 -20.80
CA PHE I 98 -67.56 20.72 -21.87
C PHE I 98 -68.68 21.72 -22.09
N GLY I 99 -68.41 22.71 -22.94
CA GLY I 99 -69.38 23.73 -23.24
C GLY I 99 -70.40 23.30 -24.29
N GLY I 100 -71.41 24.15 -24.47
CA GLY I 100 -72.45 23.85 -25.44
C GLY I 100 -71.95 23.87 -26.86
N GLY I 101 -71.11 24.84 -27.20
CA GLY I 101 -70.56 24.94 -28.54
C GLY I 101 -71.04 26.16 -29.30
N THR I 102 -70.12 27.09 -29.59
CA THR I 102 -70.44 28.31 -30.31
C THR I 102 -69.55 28.44 -31.53
N LYS I 103 -70.03 29.17 -32.53
CA LYS I 103 -69.29 29.41 -33.75
C LYS I 103 -69.22 30.91 -34.04
N VAL I 104 -68.06 31.35 -34.50
CA VAL I 104 -67.84 32.73 -34.95
C VAL I 104 -67.76 32.72 -36.46
N GLU I 105 -68.60 33.52 -37.11
CA GLU I 105 -68.69 33.56 -38.56
C GLU I 105 -68.57 35.00 -39.04
N ILE I 106 -68.52 35.16 -40.37
CA ILE I 106 -68.26 36.44 -41.01
C ILE I 106 -69.59 37.16 -41.22
N LYS I 107 -69.64 38.43 -40.79
CA LYS I 107 -70.82 39.26 -40.94
C LYS I 107 -70.74 40.00 -42.27
N ARG I 108 -71.74 39.82 -43.13
CA ARG I 108 -71.78 40.46 -44.43
C ARG I 108 -73.16 41.06 -44.63
N THR I 109 -73.40 41.57 -45.84
CA THR I 109 -74.68 42.18 -46.16
C THR I 109 -75.72 41.11 -46.50
N VAL I 110 -76.97 41.55 -46.56
CA VAL I 110 -78.09 40.65 -46.81
C VAL I 110 -78.24 40.44 -48.31
N ALA I 111 -78.35 39.19 -48.73
CA ALA I 111 -78.47 38.81 -50.13
C ALA I 111 -79.79 38.07 -50.37
N ALA I 112 -79.95 37.54 -51.58
CA ALA I 112 -81.16 36.85 -51.98
C ALA I 112 -80.82 35.49 -52.57
N PRO I 113 -81.72 34.51 -52.41
CA PRO I 113 -81.46 33.17 -52.95
C PRO I 113 -81.95 32.99 -54.38
N SER I 114 -81.81 31.78 -54.90
CA SER I 114 -82.25 31.42 -56.25
C SER I 114 -83.02 30.10 -56.20
N VAL I 115 -84.02 30.04 -55.32
CA VAL I 115 -84.75 28.81 -55.05
C VAL I 115 -85.26 28.19 -56.34
N PHE I 116 -84.92 26.94 -56.56
CA PHE I 116 -85.39 26.16 -57.69
C PHE I 116 -86.06 24.89 -57.18
N ILE I 117 -86.75 24.19 -58.08
CA ILE I 117 -87.39 22.91 -57.77
C ILE I 117 -86.95 21.91 -58.83
N PHE I 118 -86.81 20.65 -58.43
CA PHE I 118 -86.35 19.61 -59.35
C PHE I 118 -87.35 18.47 -59.42
N PRO I 119 -88.02 18.26 -60.57
CA PRO I 119 -88.97 17.16 -60.67
C PRO I 119 -88.27 15.82 -60.64
N PRO I 120 -88.96 14.75 -60.22
CA PRO I 120 -88.31 13.45 -60.14
C PRO I 120 -87.86 12.95 -61.51
N SER I 121 -86.76 12.21 -61.51
CA SER I 121 -86.23 11.67 -62.76
C SER I 121 -87.08 10.50 -63.24
N ASP I 122 -87.00 10.23 -64.54
CA ASP I 122 -87.73 9.12 -65.13
C ASP I 122 -87.30 7.78 -64.55
N GLU I 123 -86.05 7.68 -64.10
CA GLU I 123 -85.60 6.45 -63.45
C GLU I 123 -86.31 6.24 -62.11
N GLN I 124 -86.59 7.34 -61.39
CA GLN I 124 -87.32 7.26 -60.14
C GLN I 124 -88.78 6.86 -60.32
N LEU I 125 -89.30 6.90 -61.54
CA LEU I 125 -90.71 6.60 -61.79
C LEU I 125 -91.01 5.10 -61.80
N LYS I 126 -89.98 4.25 -61.79
CA LYS I 126 -90.18 2.80 -61.78
C LYS I 126 -89.56 2.12 -60.57
N SER I 127 -89.06 2.87 -59.59
CA SER I 127 -88.42 2.31 -58.41
C SER I 127 -89.37 2.20 -57.22
N GLY I 128 -90.64 2.55 -57.38
CA GLY I 128 -91.61 2.46 -56.31
C GLY I 128 -91.60 3.61 -55.34
N THR I 129 -90.74 4.61 -55.54
CA THR I 129 -90.70 5.78 -54.68
C THR I 129 -90.09 6.93 -55.46
N ALA I 130 -90.40 8.15 -55.03
CA ALA I 130 -89.94 9.35 -55.71
C ALA I 130 -89.45 10.36 -54.68
N SER I 131 -88.58 11.25 -55.15
CA SER I 131 -88.00 12.29 -54.31
C SER I 131 -87.82 13.56 -55.12
N VAL I 132 -88.05 14.70 -54.49
CA VAL I 132 -87.90 16.01 -55.10
C VAL I 132 -86.96 16.84 -54.26
N VAL I 133 -86.31 17.81 -54.90
CA VAL I 133 -85.33 18.68 -54.26
C VAL I 133 -85.74 20.13 -54.48
N CYS I 134 -85.85 20.88 -53.38
CA CYS I 134 -85.98 22.34 -53.42
C CYS I 134 -84.64 22.94 -53.06
N LEU I 135 -84.14 23.83 -53.90
CA LEU I 135 -82.78 24.32 -53.81
C LEU I 135 -82.77 25.81 -53.49
N LEU I 136 -81.81 26.21 -52.64
CA LEU I 136 -81.59 27.62 -52.29
C LEU I 136 -80.12 27.90 -52.53
N ASN I 137 -79.83 28.78 -53.48
CA ASN I 137 -78.47 29.10 -53.88
C ASN I 137 -77.86 30.07 -52.86
N ASN I 138 -76.74 30.68 -53.21
CA ASN I 138 -76.03 31.59 -52.31
C ASN I 138 -76.93 32.71 -51.82
N PHE I 139 -77.16 32.74 -50.51
CA PHE I 139 -77.94 33.81 -49.88
C PHE I 139 -77.44 34.02 -48.45
N TYR I 140 -77.89 35.12 -47.85
CA TYR I 140 -77.52 35.50 -46.50
C TYR I 140 -78.60 36.40 -45.94
N PRO I 141 -78.96 36.29 -44.65
CA PRO I 141 -78.40 35.38 -43.63
C PRO I 141 -78.86 33.93 -43.76
N ARG I 142 -78.31 33.07 -42.90
CA ARG I 142 -78.58 31.63 -42.98
C ARG I 142 -80.03 31.30 -42.68
N GLU I 143 -80.65 32.04 -41.76
CA GLU I 143 -81.99 31.71 -41.28
C GLU I 143 -83.02 31.88 -42.39
N ALA I 144 -83.54 30.77 -42.90
CA ALA I 144 -84.61 30.77 -43.89
C ALA I 144 -85.60 29.65 -43.56
N LYS I 145 -86.87 29.89 -43.86
CA LYS I 145 -87.94 28.95 -43.58
C LYS I 145 -88.44 28.34 -44.88
N VAL I 146 -88.55 27.02 -44.91
CA VAL I 146 -88.94 26.29 -46.11
C VAL I 146 -90.12 25.38 -45.78
N GLN I 147 -91.13 25.39 -46.66
CA GLN I 147 -92.29 24.51 -46.52
C GLN I 147 -92.71 24.00 -47.89
N TRP I 148 -93.43 22.89 -47.88
CA TRP I 148 -94.00 22.29 -49.08
C TRP I 148 -95.51 22.30 -48.99
N LYS I 149 -96.17 22.55 -50.12
CA LYS I 149 -97.63 22.61 -50.16
C LYS I 149 -98.12 21.91 -51.41
N VAL I 150 -98.90 20.85 -51.25
CA VAL I 150 -99.58 20.22 -52.40
C VAL I 150 -100.95 20.89 -52.49
N ASP I 151 -100.94 22.12 -53.01
CA ASP I 151 -102.10 22.81 -53.57
C ASP I 151 -103.21 23.08 -52.55
N ASN I 152 -103.15 22.50 -51.35
CA ASN I 152 -104.21 22.78 -50.39
C ASN I 152 -103.78 22.85 -48.92
N ALA I 153 -102.54 22.54 -48.56
CA ALA I 153 -102.20 22.38 -47.15
C ALA I 153 -100.69 22.29 -47.01
N LEU I 154 -100.24 21.99 -45.79
CA LEU I 154 -98.83 21.91 -45.45
C LEU I 154 -98.43 20.45 -45.24
N GLN I 155 -97.12 20.21 -45.25
CA GLN I 155 -96.56 18.88 -45.04
C GLN I 155 -95.50 18.93 -43.94
N SER I 156 -95.41 17.84 -43.18
CA SER I 156 -94.46 17.76 -42.09
C SER I 156 -93.98 16.32 -41.94
N GLY I 157 -92.71 16.18 -41.59
CA GLY I 157 -92.10 14.88 -41.34
C GLY I 157 -91.47 14.20 -42.54
N ASN I 158 -92.11 14.30 -43.70
CA ASN I 158 -91.63 13.62 -44.91
C ASN I 158 -90.75 14.55 -45.74
N SER I 159 -89.70 15.05 -45.11
CA SER I 159 -88.74 15.93 -45.76
C SER I 159 -87.53 16.08 -44.83
N GLN I 160 -86.38 16.39 -45.44
CA GLN I 160 -85.14 16.61 -44.69
C GLN I 160 -84.42 17.82 -45.24
N GLU I 161 -83.86 18.63 -44.35
CA GLU I 161 -83.18 19.86 -44.69
C GLU I 161 -81.68 19.68 -44.60
N SER I 162 -80.96 20.13 -45.63
CA SER I 162 -79.51 20.01 -45.71
C SER I 162 -78.89 21.40 -45.78
N VAL I 163 -77.93 21.65 -44.90
CA VAL I 163 -77.22 22.93 -44.83
C VAL I 163 -75.73 22.65 -45.02
N THR I 164 -75.10 23.38 -45.93
CA THR I 164 -73.68 23.24 -46.18
C THR I 164 -72.89 24.15 -45.24
N GLU I 165 -71.59 24.27 -45.51
CA GLU I 165 -70.73 25.15 -44.74
C GLU I 165 -70.70 26.54 -45.37
N GLN I 166 -70.24 27.51 -44.58
CA GLN I 166 -70.12 28.88 -45.07
C GLN I 166 -69.04 28.96 -46.16
N ASP I 167 -69.38 29.63 -47.26
CA ASP I 167 -68.44 29.77 -48.36
C ASP I 167 -67.30 30.68 -47.97
N SER I 168 -66.09 30.34 -48.42
CA SER I 168 -64.92 31.15 -48.10
C SER I 168 -64.84 32.42 -48.94
N LYS I 169 -65.35 32.36 -50.18
CA LYS I 169 -65.17 33.49 -51.09
C LYS I 169 -66.02 34.69 -50.70
N ASP I 170 -67.29 34.47 -50.36
CA ASP I 170 -68.21 35.56 -50.10
C ASP I 170 -69.10 35.32 -48.87
N SER I 171 -68.80 34.30 -48.06
CA SER I 171 -69.50 34.05 -46.80
C SER I 171 -71.00 33.87 -47.03
N THR I 172 -71.35 32.82 -47.77
CA THR I 172 -72.73 32.55 -48.13
C THR I 172 -73.06 31.09 -47.84
N TYR I 173 -74.36 30.82 -47.72
CA TYR I 173 -74.87 29.49 -47.41
C TYR I 173 -75.73 28.98 -48.55
N SER I 174 -75.71 27.66 -48.76
CA SER I 174 -76.55 26.98 -49.73
C SER I 174 -77.41 25.96 -49.00
N LEU I 175 -78.68 25.90 -49.36
CA LEU I 175 -79.65 25.09 -48.62
C LEU I 175 -80.36 24.13 -49.57
N SER I 176 -80.73 22.96 -49.04
CA SER I 176 -81.47 21.98 -49.83
C SER I 176 -82.59 21.41 -48.96
N SER I 177 -83.67 20.99 -49.62
CA SER I 177 -84.78 20.32 -48.96
C SER I 177 -85.20 19.14 -49.82
N THR I 178 -85.05 17.93 -49.28
CA THR I 178 -85.37 16.71 -50.00
C THR I 178 -86.67 16.13 -49.46
N LEU I 179 -87.66 15.98 -50.32
CA LEU I 179 -88.98 15.47 -49.95
C LEU I 179 -89.21 14.16 -50.71
N THR I 180 -89.30 13.06 -49.99
CA THR I 180 -89.39 11.73 -50.57
C THR I 180 -90.65 11.02 -50.08
N LEU I 181 -91.38 10.42 -51.02
CA LEU I 181 -92.58 9.65 -50.69
C LEU I 181 -92.78 8.56 -51.73
N SER I 182 -93.62 7.59 -51.37
CA SER I 182 -94.00 6.55 -52.32
C SER I 182 -94.72 7.18 -53.51
N LYS I 183 -94.42 6.65 -54.70
CA LYS I 183 -94.95 7.24 -55.92
C LYS I 183 -96.46 7.05 -56.07
N ALA I 184 -97.07 6.20 -55.24
CA ALA I 184 -98.53 6.05 -55.29
C ALA I 184 -99.22 7.36 -54.94
N ASP I 185 -98.77 8.04 -53.89
CA ASP I 185 -99.30 9.35 -53.56
C ASP I 185 -98.79 10.44 -54.50
N TYR I 186 -97.59 10.26 -55.04
CA TYR I 186 -97.06 11.23 -55.99
C TYR I 186 -97.91 11.29 -57.25
N GLU I 187 -98.36 10.14 -57.75
CA GLU I 187 -99.19 10.10 -58.94
C GLU I 187 -100.59 10.63 -58.69
N LYS I 188 -100.99 10.79 -57.43
CA LYS I 188 -102.31 11.31 -57.10
C LYS I 188 -102.40 12.83 -57.25
N HIS I 189 -101.26 13.51 -57.41
CA HIS I 189 -101.23 14.95 -57.57
C HIS I 189 -100.29 15.33 -58.71
N LYS I 190 -100.48 16.53 -59.24
CA LYS I 190 -99.73 17.01 -60.39
C LYS I 190 -98.97 18.31 -60.13
N VAL I 191 -99.53 19.22 -59.33
CA VAL I 191 -98.94 20.53 -59.09
C VAL I 191 -98.57 20.64 -57.63
N TYR I 192 -97.34 21.11 -57.36
CA TYR I 192 -96.86 21.32 -56.01
C TYR I 192 -96.26 22.72 -55.89
N ALA I 193 -95.98 23.14 -54.65
CA ALA I 193 -95.39 24.45 -54.42
C ALA I 193 -94.36 24.36 -53.30
N CYS I 194 -93.24 25.06 -53.49
CA CYS I 194 -92.20 25.21 -52.47
C CYS I 194 -92.21 26.66 -52.02
N GLU I 195 -92.48 26.88 -50.73
CA GLU I 195 -92.61 28.21 -50.17
C GLU I 195 -91.40 28.49 -49.27
N VAL I 196 -90.62 29.51 -49.62
CA VAL I 196 -89.44 29.89 -48.87
C VAL I 196 -89.60 31.33 -48.41
N THR I 197 -89.43 31.55 -47.11
CA THR I 197 -89.47 32.87 -46.51
C THR I 197 -88.09 33.22 -45.96
N HIS I 198 -87.60 34.40 -46.31
CA HIS I 198 -86.27 34.82 -45.91
C HIS I 198 -86.30 36.31 -45.62
N GLN I 199 -85.38 36.74 -44.74
CA GLN I 199 -85.27 38.16 -44.42
C GLN I 199 -84.78 38.96 -45.61
N GLY I 200 -84.09 38.32 -46.55
CA GLY I 200 -83.56 39.04 -47.70
C GLY I 200 -84.64 39.58 -48.61
N LEU I 201 -85.67 38.79 -48.88
CA LEU I 201 -86.74 39.22 -49.76
C LEU I 201 -87.77 40.05 -49.01
N SER I 202 -88.32 41.04 -49.70
CA SER I 202 -89.35 41.88 -49.10
C SER I 202 -90.62 41.08 -48.80
N SER I 203 -90.97 40.14 -49.66
CA SER I 203 -92.12 39.28 -49.47
C SER I 203 -91.67 37.83 -49.59
N PRO I 204 -92.32 36.91 -48.87
CA PRO I 204 -91.97 35.49 -49.00
C PRO I 204 -92.21 35.01 -50.42
N VAL I 205 -91.34 34.12 -50.89
CA VAL I 205 -91.40 33.62 -52.26
C VAL I 205 -92.06 32.24 -52.24
N THR I 206 -92.76 31.92 -53.32
CA THR I 206 -93.42 30.62 -53.47
C THR I 206 -93.34 30.21 -54.92
N LYS I 207 -92.60 29.13 -55.20
CA LYS I 207 -92.44 28.62 -56.55
C LYS I 207 -93.37 27.43 -56.75
N SER I 208 -94.27 27.53 -57.72
CA SER I 208 -95.22 26.46 -58.03
C SER I 208 -94.84 25.78 -59.33
N PHE I 209 -94.82 24.46 -59.32
CA PHE I 209 -94.47 23.68 -60.49
C PHE I 209 -95.53 22.62 -60.75
N ASN I 210 -95.64 22.23 -62.02
CA ASN I 210 -96.58 21.21 -62.46
C ASN I 210 -95.85 20.14 -63.25
N ARG I 211 -96.40 18.93 -63.25
CA ARG I 211 -95.79 17.83 -63.97
C ARG I 211 -95.87 18.07 -65.48
N GLY I 212 -94.80 17.70 -66.17
CA GLY I 212 -94.73 17.86 -67.62
C GLY I 212 -94.15 16.65 -68.33
C1 NAG J . -52.77 -9.15 -9.90
C2 NAG J . -53.63 -7.94 -10.27
C3 NAG J . -53.47 -6.83 -9.24
C4 NAG J . -53.71 -7.37 -7.82
C5 NAG J . -52.89 -8.64 -7.58
C6 NAG J . -53.21 -9.30 -6.26
C7 NAG J . -52.31 -6.95 -12.20
C8 NAG J . -51.08 -6.83 -11.35
N2 NAG J . -53.43 -7.46 -11.63
O3 NAG J . -54.40 -5.79 -9.52
O4 NAG J . -53.31 -6.40 -6.87
O5 NAG J . -53.12 -9.61 -8.61
O6 NAG J . -53.66 -10.64 -6.45
O7 NAG J . -52.31 -6.59 -13.37
C1 NAG J . -54.41 -5.61 -6.38
C2 NAG J . -53.86 -4.64 -5.33
C3 NAG J . -54.96 -3.73 -4.80
C4 NAG J . -55.68 -3.05 -5.95
C5 NAG J . -56.18 -4.08 -6.95
C6 NAG J . -56.80 -3.46 -8.19
C7 NAG J . -51.93 -5.73 -4.27
C8 NAG J . -51.43 -6.47 -3.06
N2 NAG J . -53.22 -5.36 -4.24
O3 NAG J . -54.40 -2.76 -3.92
O4 NAG J . -56.79 -2.30 -5.45
O5 NAG J . -55.08 -4.88 -7.42
O6 NAG J . -56.05 -2.34 -8.64
O7 NAG J . -51.20 -5.49 -5.22
C1 NAG K . -24.77 -18.74 -33.56
C2 NAG K . -25.07 -20.22 -33.86
C3 NAG K . -25.28 -20.40 -35.35
C4 NAG K . -26.33 -19.45 -35.88
C5 NAG K . -25.98 -18.02 -35.49
C6 NAG K . -27.05 -17.01 -35.87
C7 NAG K . -24.23 -22.17 -32.64
C8 NAG K . -25.66 -22.48 -32.33
N2 NAG K . -24.01 -21.08 -33.37
O3 NAG K . -25.67 -21.75 -35.60
O4 NAG K . -26.42 -19.54 -37.30
O5 NAG K . -25.81 -17.92 -34.07
O6 NAG K . -28.35 -17.51 -35.57
O7 NAG K . -23.31 -22.88 -32.25
C1 NAG K . -27.71 -20.05 -37.67
C2 NAG K . -27.78 -20.16 -39.19
C3 NAG K . -29.11 -20.73 -39.63
C4 NAG K . -29.38 -22.06 -38.93
C5 NAG K . -29.25 -21.89 -37.41
C6 NAG K . -29.39 -23.19 -36.66
C7 NAG K . -26.67 -18.68 -40.80
C8 NAG K . -26.56 -17.28 -41.32
N2 NAG K . -27.54 -18.87 -39.82
O3 NAG K . -29.11 -20.93 -41.04
O4 NAG K . -30.69 -22.53 -39.24
O5 NAG K . -27.96 -21.35 -37.09
O6 NAG K . -30.30 -24.07 -37.30
O7 NAG K . -25.99 -19.60 -41.25
C1 NAG L . 39.46 -72.41 -26.77
C2 NAG L . 40.55 -72.42 -25.69
C3 NAG L . 40.42 -73.66 -24.80
C4 NAG L . 39.02 -73.72 -24.20
C5 NAG L . 38.01 -73.76 -25.34
C6 NAG L . 36.58 -73.80 -24.85
C7 NAG L . 42.96 -71.93 -25.64
C8 NAG L . 44.24 -71.94 -26.43
N2 NAG L . 41.87 -72.37 -26.30
O3 NAG L . 41.39 -73.59 -23.75
O4 NAG L . 38.87 -74.88 -23.38
O5 NAG L . 38.15 -72.59 -26.15
O6 NAG L . 36.39 -72.91 -23.76
O7 NAG L . 42.91 -71.55 -24.49
C1 NAG L . 38.88 -74.45 -21.99
C2 NAG L . 37.99 -75.39 -21.17
C3 NAG L . 38.03 -74.99 -19.69
C4 NAG L . 39.47 -74.92 -19.20
C5 NAG L . 40.29 -74.00 -20.10
C6 NAG L . 41.76 -73.98 -19.74
C7 NAG L . 35.78 -76.40 -21.47
C8 NAG L . 34.40 -76.23 -22.05
N2 NAG L . 36.62 -75.39 -21.66
O3 NAG L . 37.31 -75.93 -18.92
O4 NAG L . 39.50 -74.42 -17.87
O5 NAG L . 40.22 -74.46 -21.46
O6 NAG L . 41.94 -73.92 -18.32
O7 NAG L . 36.10 -77.41 -20.85
C1 NAG M . 20.35 -60.18 -49.85
C2 NAG M . 20.06 -61.43 -50.69
C3 NAG M . 19.18 -61.06 -51.89
C4 NAG M . 17.94 -60.32 -51.45
C5 NAG M . 18.31 -59.13 -50.58
C6 NAG M . 17.12 -58.41 -50.00
C7 NAG M . 21.59 -63.33 -50.86
C8 NAG M . 22.91 -63.81 -51.39
N2 NAG M . 21.30 -62.05 -51.12
O3 NAG M . 18.82 -62.26 -52.58
O4 NAG M . 17.24 -59.86 -52.60
O5 NAG M . 19.11 -59.56 -49.47
O6 NAG M . 17.46 -57.07 -49.61
O7 NAG M . 20.84 -64.06 -50.24
C1 NAG M . 15.87 -60.35 -52.62
C2 NAG M . 15.16 -59.71 -53.82
C3 NAG M . 13.72 -60.22 -53.91
C4 NAG M . 13.69 -61.74 -53.91
C5 NAG M . 14.47 -62.30 -52.71
C6 NAG M . 14.59 -63.80 -52.72
C7 NAG M . 14.64 -57.52 -52.80
C8 NAG M . 14.79 -56.04 -52.93
N2 NAG M . 15.20 -58.26 -53.76
O3 NAG M . 13.12 -59.73 -55.10
O4 NAG M . 12.35 -62.21 -53.84
O5 NAG M . 15.81 -61.77 -52.71
O6 NAG M . 15.26 -64.27 -53.88
O7 NAG M . 14.03 -58.02 -51.86
C1 NAG N . 10.68 -41.77 -58.07
C2 NAG N . 10.27 -42.48 -59.36
C3 NAG N . 8.93 -41.95 -59.85
C4 NAG N . 7.88 -42.03 -58.74
C5 NAG N . 8.39 -41.35 -57.49
C6 NAG N . 7.47 -41.51 -56.30
C7 NAG N . 11.46 -43.16 -61.39
C8 NAG N . 12.55 -42.83 -62.37
N2 NAG N . 11.29 -42.31 -60.39
O3 NAG N . 8.49 -42.72 -60.97
O4 NAG N . 6.69 -41.38 -59.18
O5 NAG N . 9.65 -41.93 -57.10
O6 NAG N . 7.49 -40.35 -55.47
O7 NAG N . 10.78 -44.17 -61.51
C1 NAG N . 5.56 -42.27 -59.13
C2 NAG N . 4.29 -41.42 -59.00
C3 NAG N . 3.06 -42.31 -58.98
C4 NAG N . 3.05 -43.22 -60.20
C5 NAG N . 4.36 -44.00 -60.28
C6 NAG N . 4.47 -44.85 -61.54
C7 NAG N . 4.75 -39.33 -57.79
C8 NAG N . 4.73 -38.64 -56.47
N2 NAG N . 4.34 -40.60 -57.79
O3 NAG N . 1.89 -41.51 -58.97
O4 NAG N . 1.97 -44.14 -60.12
O5 NAG N . 5.46 -43.08 -60.31
O6 NAG N . 4.33 -46.23 -61.24
O7 NAG N . 5.12 -38.77 -58.82
C1 NAG O . 34.41 -75.99 -48.50
C2 NAG O . 33.48 -77.15 -48.86
C3 NAG O . 34.12 -78.05 -49.91
C4 NAG O . 34.57 -77.22 -51.11
C5 NAG O . 35.45 -76.05 -50.67
C6 NAG O . 35.81 -75.11 -51.78
C7 NAG O . 32.02 -77.73 -46.97
C8 NAG O . 31.82 -78.62 -45.78
N2 NAG O . 33.14 -77.93 -47.67
O3 NAG O . 33.19 -79.04 -50.32
O4 NAG O . 35.31 -78.04 -52.00
O5 NAG O . 34.75 -75.27 -49.68
O6 NAG O . 37.19 -75.20 -52.11
O7 NAG O . 31.19 -76.88 -47.29
C1 NAG O . 34.67 -78.08 -53.30
C2 NAG O . 35.63 -78.75 -54.28
C3 NAG O . 34.99 -78.85 -55.66
C4 NAG O . 33.64 -79.54 -55.56
C5 NAG O . 32.76 -78.85 -54.53
C6 NAG O . 31.44 -79.56 -54.29
C7 NAG O . 38.08 -78.64 -54.27
C8 NAG O . 39.28 -77.76 -54.37
N2 NAG O . 36.90 -78.04 -54.35
O3 NAG O . 35.85 -79.58 -56.54
O4 NAG O . 32.98 -79.51 -56.83
O5 NAG O . 33.43 -78.81 -53.26
O6 NAG O . 30.36 -78.64 -54.27
O7 NAG O . 38.19 -79.86 -54.14
C1 NAG P . 52.35 -78.81 -38.36
C2 NAG P . 51.89 -79.54 -37.08
C3 NAG P . 53.09 -79.82 -36.18
C4 NAG P . 54.18 -80.55 -36.94
C5 NAG P . 54.55 -79.77 -38.19
C6 NAG P . 55.56 -80.50 -39.06
C7 NAG P . 49.77 -79.28 -35.87
C8 NAG P . 48.85 -78.33 -35.17
N2 NAG P . 50.89 -78.76 -36.38
O3 NAG P . 52.65 -80.59 -35.06
O4 NAG P . 55.33 -80.70 -36.12
O5 NAG P . 53.37 -79.58 -39.00
O6 NAG P . 55.12 -80.56 -40.41
O7 NAG P . 49.52 -80.48 -35.97
C1 NAG P . 55.47 -82.08 -35.73
C2 NAG P . 56.91 -82.31 -35.27
C3 NAG P . 57.09 -83.75 -34.80
C4 NAG P . 56.05 -84.11 -33.74
C5 NAG P . 54.64 -83.80 -34.27
C6 NAG P . 53.57 -84.01 -33.22
C7 NAG P . 58.56 -80.85 -36.35
C8 NAG P . 59.49 -80.69 -37.51
N2 NAG P . 57.86 -81.99 -36.32
O3 NAG P . 58.39 -83.92 -34.26
O4 NAG P . 56.14 -85.48 -33.41
O5 NAG P . 54.56 -82.43 -34.68
O6 NAG P . 53.16 -85.37 -33.16
O7 NAG P . 58.43 -79.99 -35.48
C1 NAG Q . 71.59 -29.18 -42.00
C2 NAG Q . 71.24 -28.39 -43.24
C3 NAG Q . 72.14 -27.17 -43.37
C4 NAG Q . 72.14 -26.36 -42.07
C5 NAG Q . 72.33 -27.25 -40.85
C6 NAG Q . 72.11 -26.52 -39.54
C7 NAG Q . 70.61 -28.99 -45.54
C8 NAG Q . 70.83 -29.95 -46.67
N2 NAG Q . 71.32 -29.22 -44.43
O3 NAG Q . 71.70 -26.36 -44.45
O4 NAG Q . 73.23 -25.44 -42.10
O5 NAG Q . 71.43 -28.36 -40.86
O6 NAG Q . 71.75 -27.42 -38.50
O7 NAG Q . 69.83 -28.06 -45.64
C1 NAG Q . 72.88 -24.11 -42.51
C2 NAG Q . 74.12 -23.52 -43.18
C3 NAG Q . 73.84 -22.10 -43.69
C4 NAG Q . 72.61 -22.10 -44.58
C5 NAG Q . 71.43 -22.74 -43.85
C6 NAG Q . 70.20 -22.86 -44.73
C7 NAG Q . 76.28 -24.37 -42.39
C8 NAG Q . 77.36 -24.24 -41.37
N2 NAG Q . 75.26 -23.51 -42.28
O3 NAG Q . 74.97 -21.62 -44.41
O4 NAG Q . 72.27 -20.76 -44.95
O5 NAG Q . 71.77 -24.06 -43.42
O6 NAG Q . 69.62 -21.59 -45.00
O7 NAG Q . 76.31 -25.23 -43.26
C1 NAG R . 59.49 -54.13 -22.63
C2 NAG R . 60.74 -55.01 -22.57
C3 NAG R . 60.48 -56.26 -21.74
C4 NAG R . 59.94 -55.89 -20.37
C5 NAG R . 58.72 -54.98 -20.52
C6 NAG R . 58.19 -54.47 -19.19
C7 NAG R . 62.31 -54.88 -24.45
C8 NAG R . 62.62 -55.36 -25.83
N2 NAG R . 61.19 -55.36 -23.90
O3 NAG R . 61.69 -57.00 -21.60
O4 NAG R . 59.56 -57.07 -19.66
O5 NAG R . 59.05 -53.83 -21.30
O6 NAG R . 57.04 -53.65 -19.37
O7 NAG R . 63.04 -54.10 -23.85
C1 NAG R . 60.42 -57.24 -18.52
C2 NAG R . 59.63 -57.98 -17.43
C3 NAG R . 60.51 -58.22 -16.21
C4 NAG R . 61.79 -58.93 -16.62
C5 NAG R . 62.49 -58.16 -17.73
C6 NAG R . 63.72 -58.87 -18.27
C7 NAG R . 57.20 -57.73 -17.20
C8 NAG R . 56.08 -56.84 -16.76
N2 NAG R . 58.43 -57.24 -17.05
O3 NAG R . 59.80 -59.00 -15.25
O4 NAG R . 62.67 -59.05 -15.51
O5 NAG R . 61.61 -57.98 -18.84
O6 NAG R . 64.91 -58.16 -17.97
O7 NAG R . 57.00 -58.86 -17.66
C1 NAG S . 41.83 -62.47 -11.68
C2 NAG S . 42.80 -63.60 -11.32
C3 NAG S . 42.45 -64.20 -9.96
C4 NAG S . 42.38 -63.11 -8.90
C5 NAG S . 41.42 -62.01 -9.35
C6 NAG S . 41.38 -60.83 -8.41
C7 NAG S . 41.79 -65.40 -12.69
C8 NAG S . 42.04 -66.41 -13.76
N2 NAG S . 42.83 -64.64 -12.35
O3 NAG S . 43.44 -65.15 -9.60
O4 NAG S . 41.93 -63.65 -7.67
O5 NAG S . 41.82 -61.50 -10.63
O6 NAG S . 42.58 -60.07 -8.50
O7 NAG S . 40.69 -65.28 -12.15
C1 NAG S . 43.02 -63.65 -6.73
C2 NAG S . 42.47 -63.46 -5.33
C3 NAG S . 43.59 -63.52 -4.30
C4 NAG S . 44.40 -64.79 -4.46
C5 NAG S . 44.88 -64.92 -5.91
C6 NAG S . 45.60 -66.23 -6.17
C7 NAG S . 40.40 -62.14 -5.29
C8 NAG S . 39.81 -60.77 -5.15
N2 NAG S . 41.72 -62.22 -5.21
O3 NAG S . 43.05 -63.45 -2.99
O4 NAG S . 45.54 -64.76 -3.60
O5 NAG S . 43.76 -64.88 -6.80
O6 NAG S . 44.69 -67.32 -6.20
O7 NAG S . 39.70 -63.14 -5.47
C1 NAG T . 69.71 -39.06 -29.29
C2 NAG T . 69.71 -39.44 -27.80
C3 NAG T . 69.56 -38.19 -26.94
C4 NAG T . 70.61 -37.15 -27.31
C5 NAG T . 70.58 -36.88 -28.82
C6 NAG T . 71.68 -35.95 -29.27
C7 NAG T . 68.90 -41.69 -27.24
C8 NAG T . 67.70 -42.53 -26.95
N2 NAG T . 68.66 -40.40 -27.50
O3 NAG T . 69.68 -38.54 -25.57
O4 NAG T . 70.36 -35.93 -26.62
O5 NAG T . 70.73 -38.10 -29.54
O6 NAG T . 72.93 -36.33 -28.70
O7 NAG T . 70.03 -42.15 -27.25
C1 NAG T . 71.45 -35.66 -25.70
C2 NAG T . 71.54 -34.15 -25.50
C3 NAG T . 72.64 -33.82 -24.50
C4 NAG T . 72.43 -34.59 -23.20
C5 NAG T . 72.29 -36.09 -23.49
C6 NAG T . 71.95 -36.89 -22.26
C7 NAG T . 71.02 -32.46 -27.21
C8 NAG T . 71.41 -31.88 -28.53
N2 NAG T . 71.78 -33.47 -26.77
O3 NAG T . 72.64 -32.42 -24.24
O4 NAG T . 73.52 -34.38 -22.33
O5 NAG T . 71.24 -36.30 -24.44
O6 NAG T . 72.81 -38.02 -22.13
O7 NAG T . 70.07 -32.03 -26.56
C1 NAG U . 73.88 -52.87 -38.05
C2 NAG U . 74.83 -53.49 -37.02
C3 NAG U . 75.80 -54.45 -37.70
C4 NAG U . 75.03 -55.48 -38.52
C5 NAG U . 74.07 -54.79 -39.48
C6 NAG U . 73.19 -55.75 -40.24
C7 NAG U . 76.38 -51.58 -36.81
C8 NAG U . 77.02 -50.61 -35.86
N2 NAG U . 75.55 -52.48 -36.27
O3 NAG U . 76.58 -55.11 -36.71
O4 NAG U . 75.95 -56.26 -39.29
O5 NAG U . 73.19 -53.91 -38.75
O6 NAG U . 72.61 -56.71 -39.37
O7 NAG U . 76.63 -51.55 -38.01
C1 NAG U . 75.96 -57.62 -38.81
C2 NAG U . 76.53 -58.51 -39.91
C3 NAG U . 76.62 -59.95 -39.44
C4 NAG U . 77.38 -60.04 -38.13
C5 NAG U . 76.77 -59.09 -37.09
C6 NAG U . 77.56 -59.04 -35.80
C7 NAG U . 76.28 -58.21 -42.33
C8 NAG U . 75.32 -58.14 -43.48
N2 NAG U . 75.74 -58.42 -41.12
O3 NAG U . 77.27 -60.74 -40.42
O4 NAG U . 77.34 -61.38 -37.62
O5 NAG U . 76.75 -57.76 -37.62
O6 NAG U . 78.90 -59.47 -35.99
O7 NAG U . 77.49 -58.08 -42.49
C1 NAG V . 75.54 -41.61 -55.49
C2 NAG V . 76.49 -40.51 -55.05
C3 NAG V . 76.66 -39.47 -56.16
C4 NAG V . 77.06 -40.15 -57.46
C5 NAG V . 76.08 -41.26 -57.80
C6 NAG V . 76.50 -42.06 -59.02
C7 NAG V . 76.84 -39.63 -52.78
C8 NAG V . 76.20 -38.96 -51.60
N2 NAG V . 76.04 -39.87 -53.83
O3 NAG V . 77.64 -38.52 -55.78
O4 NAG V . 77.06 -39.20 -58.52
O5 NAG V . 76.01 -42.20 -56.71
O6 NAG V . 76.26 -43.46 -58.82
O7 NAG V . 78.03 -39.92 -52.79
C1 NAG V . 78.42 -38.94 -58.92
C2 NAG V . 78.45 -38.68 -60.43
C3 NAG V . 79.88 -38.38 -60.89
C4 NAG V . 80.46 -37.24 -60.06
C5 NAG V . 80.35 -37.55 -58.57
C6 NAG V . 80.81 -36.41 -57.68
C7 NAG V . 77.20 -39.71 -62.29
C8 NAG V . 76.75 -40.98 -62.91
N2 NAG V . 77.92 -39.83 -61.16
O3 NAG V . 79.87 -38.01 -62.26
O4 NAG V . 81.84 -37.06 -60.38
O5 NAG V . 78.98 -37.82 -58.23
O6 NAG V . 82.13 -36.61 -57.23
O7 NAG V . 76.95 -38.62 -62.78
C1 NAG W . 51.10 -24.51 -59.40
C2 NAG W . 51.90 -24.42 -60.70
C3 NAG W . 53.22 -23.71 -60.44
C4 NAG W . 52.99 -22.35 -59.79
C5 NAG W . 52.13 -22.52 -58.53
C6 NAG W . 51.74 -21.21 -57.89
C7 NAG W . 51.99 -26.03 -62.54
C8 NAG W . 52.28 -27.45 -62.95
N2 NAG W . 52.15 -25.75 -61.25
O3 NAG W . 53.92 -23.54 -61.67
O4 NAG W . 54.23 -21.76 -59.43
O5 NAG W . 50.91 -23.20 -58.86
O6 NAG W . 50.59 -21.35 -57.09
O7 NAG W . 51.65 -25.18 -63.37
C1 NAG W . 54.42 -20.53 -60.16
C2 NAG W . 55.27 -19.58 -59.33
C3 NAG W . 55.51 -18.29 -60.08
C4 NAG W . 56.09 -18.57 -61.46
C5 NAG W . 55.22 -19.57 -62.21
C6 NAG W . 55.82 -20.00 -63.53
C7 NAG W . 55.29 -19.51 -56.88
C8 NAG W . 54.50 -19.19 -55.64
N2 NAG W . 54.66 -19.32 -58.03
O3 NAG W . 56.40 -17.46 -59.34
O4 NAG W . 56.18 -17.36 -62.21
O5 NAG W . 55.05 -20.76 -61.43
O6 NAG W . 56.92 -20.89 -63.34
O7 NAG W . 56.44 -19.92 -56.82
C1 NAG X . 61.70 -14.98 -42.19
C2 NAG X . 62.76 -14.61 -43.23
C3 NAG X . 63.48 -13.32 -42.84
C4 NAG X . 62.48 -12.21 -42.54
C5 NAG X . 61.44 -12.68 -41.53
C6 NAG X . 60.33 -11.68 -41.31
C7 NAG X . 64.56 -16.16 -42.50
C8 NAG X . 65.46 -17.27 -42.93
N2 NAG X . 63.72 -15.69 -43.44
O3 NAG X . 64.35 -12.92 -43.88
O4 NAG X . 63.16 -11.08 -41.99
O5 NAG X . 60.81 -13.89 -42.00
O6 NAG X . 59.41 -11.68 -42.39
O7 NAG X . 64.56 -15.72 -41.35
C1 NAG X . 63.11 -9.98 -42.91
C2 NAG X . 62.98 -8.68 -42.11
C3 NAG X . 62.99 -7.47 -43.04
C4 NAG X . 64.22 -7.51 -43.94
C5 NAG X . 64.30 -8.84 -44.67
C6 NAG X . 65.56 -8.99 -45.49
C7 NAG X . 61.78 -8.64 -39.97
C8 NAG X . 60.44 -8.65 -39.29
N2 NAG X . 61.77 -8.69 -41.30
O3 NAG X . 62.99 -6.28 -42.27
O4 NAG X . 64.15 -6.45 -44.89
O5 NAG X . 64.29 -9.91 -43.72
O6 NAG X . 65.31 -9.71 -46.69
O7 NAG X . 62.82 -8.58 -39.32
C1 NAG Y . 34.44 -29.99 -68.33
C2 NAG Y . 34.92 -28.56 -68.12
C3 NAG Y . 33.73 -27.64 -67.84
C4 NAG Y . 32.68 -27.77 -68.93
C5 NAG Y . 32.28 -29.23 -69.09
C6 NAG Y . 31.32 -29.46 -70.24
C7 NAG Y . 37.12 -28.00 -67.19
C8 NAG Y . 37.98 -28.00 -65.97
N2 NAG Y . 35.89 -28.48 -67.04
O3 NAG Y . 34.17 -26.29 -67.75
O4 NAG Y . 31.52 -27.01 -68.59
O5 NAG Y . 33.45 -30.02 -69.37
O6 NAG Y . 31.75 -28.76 -71.41
O7 NAG Y . 37.52 -27.58 -68.28
C1 NAG Y . 31.33 -25.96 -69.56
C2 NAG Y . 29.92 -25.41 -69.41
C3 NAG Y . 29.69 -24.26 -70.38
C4 NAG Y . 30.78 -23.20 -70.22
C5 NAG Y . 32.16 -23.85 -70.34
C6 NAG Y . 33.29 -22.88 -70.09
C7 NAG Y . 28.18 -26.96 -68.63
C8 NAG Y . 27.20 -28.02 -69.03
N2 NAG Y . 28.92 -26.45 -69.62
O3 NAG Y . 28.42 -23.67 -70.14
O4 NAG Y . 30.64 -22.20 -71.22
O5 NAG Y . 32.28 -24.91 -69.39
O6 NAG Y . 34.41 -23.15 -70.93
O7 NAG Y . 28.29 -26.57 -67.48
C1 NAG Z . 47.10 -39.10 -74.06
C2 NAG Z . 47.48 -38.39 -75.36
C3 NAG Z . 48.41 -39.26 -76.19
C4 NAG Z . 49.62 -39.70 -75.36
C5 NAG Z . 49.16 -40.34 -74.05
C6 NAG Z . 50.31 -40.67 -73.12
C7 NAG Z . 45.85 -36.79 -76.24
C8 NAG Z . 44.60 -36.61 -77.07
N2 NAG Z . 46.29 -38.05 -76.12
O3 NAG Z . 48.85 -38.54 -77.33
O4 NAG Z . 50.38 -40.65 -76.11
O5 NAG Z . 48.30 -39.45 -73.34
O6 NAG Z . 51.17 -39.55 -72.96
O7 NAG Z . 46.41 -35.84 -75.71
C1 NAG Z . 51.73 -40.17 -76.30
C2 NAG Z . 52.44 -41.12 -77.27
C3 NAG Z . 53.86 -40.63 -77.54
C4 NAG Z . 53.84 -39.19 -78.00
C5 NAG Z . 53.08 -38.32 -77.01
C6 NAG Z . 52.94 -36.89 -77.46
C7 NAG Z . 52.01 -43.54 -77.46
C8 NAG Z . 52.11 -44.86 -76.76
N2 NAG Z . 52.45 -42.48 -76.75
O3 NAG Z . 54.46 -41.46 -78.53
O4 NAG Z . 55.17 -38.71 -78.13
O5 NAG Z . 51.75 -38.84 -76.83
O6 NAG Z . 54.12 -36.42 -78.10
O7 NAG Z . 51.56 -43.42 -78.59
C1 NAG AA . 34.84 -55.74 -75.65
C2 NAG AA . 33.90 -55.45 -76.82
C3 NAG AA . 32.81 -56.52 -76.89
C4 NAG AA . 33.42 -57.92 -76.92
C5 NAG AA . 34.41 -58.09 -75.76
C6 NAG AA . 35.16 -59.39 -75.81
C7 NAG AA . 32.54 -53.69 -75.73
C8 NAG AA . 32.04 -52.28 -75.83
N2 NAG AA . 33.32 -54.12 -76.74
O3 NAG AA . 32.03 -56.31 -78.07
O4 NAG AA . 32.39 -58.89 -76.80
O5 NAG AA . 35.39 -57.04 -75.78
O6 NAG AA . 36.13 -59.39 -76.85
O7 NAG AA . 32.25 -54.41 -74.78
C1 NAG AA . 32.33 -59.69 -78.00
C2 NAG AA . 31.53 -60.95 -77.69
C3 NAG AA . 31.40 -61.83 -78.94
C4 NAG AA . 30.83 -61.01 -80.10
C5 NAG AA . 31.66 -59.74 -80.31
C6 NAG AA . 31.09 -58.83 -81.36
C7 NAG AA . 33.34 -62.25 -76.61
C8 NAG AA . 33.75 -62.99 -75.37
N2 NAG AA . 32.11 -61.71 -76.59
O3 NAG AA . 30.54 -62.93 -78.67
O4 NAG AA . 30.85 -61.78 -81.29
O5 NAG AA . 31.72 -58.98 -79.08
O6 NAG AA . 31.59 -59.14 -82.66
O7 NAG AA . 34.08 -62.15 -77.58
C1 NAG BA . -34.09 7.73 -25.94
C2 NAG BA . -34.37 6.43 -26.66
C3 NAG BA . -34.21 6.62 -28.17
C4 NAG BA . -35.07 7.79 -28.65
C5 NAG BA . -34.81 9.04 -27.81
C6 NAG BA . -35.74 10.17 -28.13
C7 NAG BA . -33.92 4.35 -25.42
C8 NAG BA . -35.38 4.36 -25.06
N2 NAG BA . -33.50 5.37 -26.18
O3 NAG BA . -34.60 5.43 -28.84
O4 NAG BA . -34.76 8.08 -30.01
O5 NAG BA . -34.98 8.75 -26.41
O6 NAG BA . -37.10 9.81 -27.98
O7 NAG BA . -33.16 3.48 -25.03
C1 NAG BA . -35.82 7.63 -30.88
C2 NAG BA . -35.24 7.53 -32.30
C3 NAG BA . -36.29 7.01 -33.27
C4 NAG BA . -36.88 5.70 -32.77
C5 NAG BA . -37.40 5.87 -31.35
C6 NAG BA . -37.90 4.58 -30.74
C7 NAG BA . -33.77 8.95 -33.67
C8 NAG BA . -33.36 10.35 -34.00
N2 NAG BA . -34.73 8.82 -32.74
O3 NAG BA . -35.71 6.82 -34.56
O4 NAG BA . -37.95 5.30 -33.61
O5 NAG BA . -36.34 6.36 -30.50
O6 NAG BA . -39.00 4.06 -31.47
O7 NAG BA . -33.25 7.98 -34.21
C1 NAG CA . -55.80 -23.81 11.45
C2 NAG CA . -56.74 -24.24 12.57
C3 NAG CA . -57.19 -23.03 13.39
C4 NAG CA . -55.99 -22.22 13.86
C5 NAG CA . -55.09 -21.87 12.68
C6 NAG CA . -53.83 -21.16 13.10
C7 NAG CA . -58.65 -25.78 12.76
C8 NAG CA . -59.79 -26.43 12.04
N2 NAG CA . -57.90 -24.95 12.04
O3 NAG CA . -57.96 -23.46 14.51
O4 NAG CA . -56.44 -21.02 14.50
O5 NAG CA . -54.69 -23.08 12.01
O6 NAG CA . -52.94 -22.04 13.78
O7 NAG CA . -58.42 -26.00 13.95
C1 NAG DA . -30.03 -38.99 -0.94
C2 NAG DA . -29.06 -40.17 -1.02
C3 NAG DA . -29.82 -41.48 -0.76
C4 NAG DA . -30.56 -41.41 0.56
C5 NAG DA . -31.47 -40.17 0.57
C6 NAG DA . -32.16 -39.97 1.90
C7 NAG DA . -27.18 -40.76 -2.49
C8 NAG DA . -26.64 -40.72 -3.88
N2 NAG DA . -28.39 -40.22 -2.31
O3 NAG DA . -28.89 -42.56 -0.72
O4 NAG DA . -31.36 -42.57 0.73
O5 NAG DA . -30.70 -38.99 0.32
O6 NAG DA . -32.76 -41.17 2.36
O7 NAG DA . -26.55 -41.27 -1.55
C1 NAG EA . -44.76 1.11 9.49
C2 NAG EA . -45.48 0.05 10.33
C3 NAG EA . -44.75 -0.17 11.64
C4 NAG EA . -43.29 -0.49 11.39
C5 NAG EA . -42.65 0.59 10.53
C6 NAG EA . -41.22 0.28 10.14
C7 NAG EA . -47.87 -0.45 10.53
C8 NAG EA . -49.23 0.11 10.79
N2 NAG EA . -46.87 0.42 10.56
O3 NAG EA . -45.37 -1.24 12.36
O4 NAG EA . -42.58 -0.58 12.63
O5 NAG EA . -43.39 0.72 9.30
O6 NAG EA . -40.50 1.47 9.85
O7 NAG EA . -47.69 -1.64 10.29
C1 NAG FA . -31.36 -13.23 9.68
C2 NAG FA . -30.56 -12.47 10.74
C3 NAG FA . -29.74 -13.44 11.58
C4 NAG FA . -30.63 -14.53 12.17
C5 NAG FA . -31.42 -15.22 11.06
C6 NAG FA . -32.41 -16.22 11.58
C7 NAG FA . -29.87 -10.16 10.27
C8 NAG FA . -31.04 -9.74 11.13
N2 NAG FA . -29.69 -11.48 10.12
O3 NAG FA . -29.09 -12.73 12.62
O4 NAG FA . -29.85 -15.49 12.85
O5 NAG FA . -32.17 -14.24 10.32
O6 NAG FA . -33.35 -15.62 12.46
O7 NAG FA . -29.12 -9.34 9.74
C1 NAG GA . -13.56 0.48 41.98
C2 NAG GA . -13.53 -0.66 40.98
C3 NAG GA . -14.77 -0.63 40.10
C4 NAG GA . -16.04 -0.61 40.96
C5 NAG GA . -15.96 0.54 41.97
C6 NAG GA . -17.12 0.55 42.93
C7 NAG GA . -11.76 -1.69 39.63
C8 NAG GA . -10.52 -1.45 38.81
N2 NAG GA . -12.33 -0.61 40.16
O3 NAG GA . -14.79 -1.79 39.26
O4 NAG GA . -17.18 -0.42 40.14
O5 NAG GA . -14.77 0.42 42.75
O6 NAG GA . -18.36 0.74 42.26
O7 NAG GA . -12.21 -2.82 39.80
C1 NAG HA . 26.70 -70.19 -34.46
C2 NAG HA . 25.26 -69.85 -34.89
C3 NAG HA . 24.39 -69.59 -33.66
C4 NAG HA . 24.49 -70.75 -32.68
C5 NAG HA . 25.95 -71.03 -32.34
C6 NAG HA . 26.13 -72.24 -31.45
C7 NAG HA . 24.38 -68.61 -36.81
C8 NAG HA . 24.50 -67.35 -37.62
N2 NAG HA . 25.23 -68.71 -35.77
O3 NAG HA . 23.04 -69.42 -34.07
O4 NAG HA . 23.78 -70.44 -31.48
O5 NAG HA . 26.68 -71.28 -33.54
O6 NAG HA . 26.91 -73.24 -32.10
O7 NAG HA . 23.57 -69.48 -37.07
C1 NAG IA . -4.24 -29.27 38.29
C2 NAG IA . -3.52 -30.31 39.15
C3 NAG IA . -4.06 -31.70 38.88
C4 NAG IA . -5.57 -31.72 39.06
C5 NAG IA . -6.22 -30.62 38.21
C6 NAG IA . -7.71 -30.50 38.45
C7 NAG IA . -1.23 -29.58 39.66
C8 NAG IA . 0.22 -29.64 39.27
N2 NAG IA . -2.08 -30.27 38.90
O3 NAG IA . -3.46 -32.63 39.77
O4 NAG IA . -6.10 -32.98 38.66
O5 NAG IA . -5.65 -29.34 38.54
O6 NAG IA . -8.00 -30.27 39.82
O7 NAG IA . -1.61 -28.90 40.62
C1 NAG JA . 3.80 -48.32 5.29
C2 NAG JA . 5.06 -48.34 6.18
C3 NAG JA . 5.43 -49.79 6.53
C4 NAG JA . 4.24 -50.51 7.14
C5 NAG JA . 3.03 -50.41 6.21
C6 NAG JA . 1.78 -51.02 6.81
C7 NAG JA . 6.73 -48.03 4.38
C8 NAG JA . 7.87 -47.17 3.91
N2 NAG JA . 6.17 -47.65 5.55
O3 NAG JA . 6.52 -49.77 7.44
O4 NAG JA . 4.57 -51.88 7.34
O5 NAG JA . 2.74 -49.03 5.94
O6 NAG JA . 1.41 -50.38 8.02
O7 NAG JA . 6.34 -49.00 3.75
C1 NAG KA . 39.63 1.49 59.30
C2 NAG KA . 39.33 0.78 57.96
C3 NAG KA . 39.92 1.57 56.79
C4 NAG KA . 39.48 3.02 56.82
C5 NAG KA . 39.84 3.63 58.16
C6 NAG KA . 39.35 5.06 58.32
C7 NAG KA . 41.12 -0.93 58.04
C8 NAG KA . 41.40 -2.40 58.01
N2 NAG KA . 39.82 -0.59 57.97
O3 NAG KA . 39.52 0.96 55.56
O4 NAG KA . 40.12 3.75 55.78
O5 NAG KA . 39.21 2.87 59.21
O6 NAG KA . 38.56 5.22 59.49
O7 NAG KA . 42.01 -0.10 58.12
C1 NAG LA . 47.82 -8.83 31.42
C2 NAG LA . 48.52 -8.17 30.23
C3 NAG LA . 50.04 -8.29 30.35
C4 NAG LA . 50.50 -7.77 31.71
C5 NAG LA . 49.73 -8.47 32.83
C6 NAG LA . 50.07 -7.94 34.20
C7 NAG LA . 48.22 -10.00 28.59
C8 NAG LA . 47.67 -10.37 27.25
N2 NAG LA . 48.06 -8.72 28.96
O3 NAG LA . 50.67 -7.54 29.32
O4 NAG LA . 51.90 -8.01 31.88
O5 NAG LA . 48.32 -8.28 32.64
O6 NAG LA . 50.74 -8.92 34.99
O7 NAG LA . 48.78 -10.83 29.31
C1 NAG MA . 19.66 -16.57 59.21
C2 NAG MA . 19.95 -17.39 60.48
C3 NAG MA . 19.45 -16.65 61.71
C4 NAG MA . 20.02 -15.24 61.76
C5 NAG MA . 19.73 -14.52 60.44
C6 NAG MA . 20.36 -13.14 60.36
C7 NAG MA . 20.02 -19.83 60.68
C8 NAG MA . 19.24 -21.11 60.54
N2 NAG MA . 19.36 -18.70 60.39
O3 NAG MA . 19.85 -17.37 62.88
O4 NAG MA . 19.42 -14.51 62.83
O5 NAG MA . 20.25 -15.27 59.34
O6 NAG MA . 19.41 -12.15 60.00
O7 NAG MA . 21.18 -19.82 61.06
C1 NAG NA . 10.76 3.96 49.78
C2 NAG NA . 9.93 5.24 49.67
C3 NAG NA . 8.72 5.00 48.79
C4 NAG NA . 9.14 4.43 47.44
C5 NAG NA . 10.02 3.20 47.62
C6 NAG NA . 10.58 2.67 46.32
C7 NAG NA . 9.42 7.02 51.28
C8 NAG NA . 8.99 7.34 52.67
N2 NAG NA . 9.54 5.72 50.97
O3 NAG NA . 8.01 6.22 48.61
O4 NAG NA . 7.99 4.10 46.67
O5 NAG NA . 11.14 3.51 48.46
O6 NAG NA . 11.92 3.09 46.13
O7 NAG NA . 9.65 7.90 50.45
C1 NAG OA . 23.44 -37.61 26.78
C2 NAG OA . 24.54 -37.96 27.77
C3 NAG OA . 25.00 -39.41 27.59
C4 NAG OA . 23.80 -40.35 27.65
C5 NAG OA . 22.73 -39.91 26.65
C6 NAG OA . 21.47 -40.73 26.71
C7 NAG OA . 26.43 -36.89 26.57
C8 NAG OA . 27.54 -35.91 26.66
N2 NAG OA . 25.67 -37.05 27.67
O3 NAG OA . 25.93 -39.76 28.61
O4 NAG OA . 24.20 -41.69 27.34
O5 NAG OA . 22.36 -38.55 26.91
O6 NAG OA . 21.19 -41.34 25.46
O7 NAG OA . 26.20 -37.52 25.53
C1 NAG PA . 31.29 35.09 8.27
C2 NAG PA . 32.81 34.92 8.32
C3 NAG PA . 33.45 35.59 7.11
C4 NAG PA . 32.82 35.09 5.83
C5 NAG PA . 31.30 35.22 5.88
C6 NAG PA . 30.62 34.61 4.68
C7 NAG PA . 33.94 34.69 10.48
C8 NAG PA . 34.45 35.40 11.69
N2 NAG PA . 33.35 35.45 9.55
O3 NAG PA . 34.85 35.34 7.11
O4 NAG PA . 33.32 35.83 4.71
O5 NAG PA . 30.79 34.55 7.03
O6 NAG PA . 31.35 34.84 3.48
O7 NAG PA . 34.07 33.48 10.34
C1 NAG QA . 3.32 35.74 21.49
C2 NAG QA . 4.34 34.62 21.33
C3 NAG QA . 4.34 33.72 22.58
C4 NAG QA . 4.56 34.57 23.83
C5 NAG QA . 3.53 35.70 23.90
C6 NAG QA . 3.77 36.64 25.04
C7 NAG QA . 5.03 33.47 19.27
C8 NAG QA . 6.42 33.92 19.59
N2 NAG QA . 4.07 33.82 20.14
O3 NAG QA . 5.37 32.75 22.46
O4 NAG QA . 4.43 33.75 24.99
O5 NAG QA . 3.60 36.48 22.69
O6 NAG QA . 4.74 36.13 25.96
O7 NAG QA . 4.78 32.79 18.28
C1 NAG RA . 53.50 1.25 -2.59
C2 NAG RA . 53.57 1.00 -4.10
C3 NAG RA . 54.99 1.19 -4.60
C4 NAG RA . 55.53 2.54 -4.18
C5 NAG RA . 55.39 2.73 -2.68
C6 NAG RA . 55.81 4.10 -2.21
C7 NAG RA . 51.93 -0.54 -5.10
C8 NAG RA . 51.17 0.69 -5.51
N2 NAG RA . 53.07 -0.32 -4.42
O3 NAG RA . 55.01 1.05 -6.02
O4 NAG RA . 56.91 2.65 -4.55
O5 NAG RA . 54.02 2.55 -2.29
O6 NAG RA . 54.74 4.77 -1.57
O7 NAG RA . 51.54 -1.67 -5.37
C1 NAG SA . 24.68 5.62 38.43
C2 NAG SA . 24.45 6.80 37.49
C3 NAG SA . 25.78 7.44 37.10
C4 NAG SA . 26.57 7.82 38.35
C5 NAG SA . 26.72 6.61 39.26
C6 NAG SA . 27.38 6.94 40.58
C7 NAG SA . 22.83 7.17 35.69
C8 NAG SA . 22.17 6.59 34.47
N2 NAG SA . 23.72 6.38 36.30
O3 NAG SA . 25.55 8.59 36.30
O4 NAG SA . 27.85 8.30 37.99
O5 NAG SA . 25.43 6.06 39.58
O6 NAG SA . 26.61 7.89 41.32
O7 NAG SA . 22.56 8.30 36.09
C1 NAG TA . 0.22 62.41 -26.48
C2 NAG TA . -0.58 63.69 -26.15
C3 NAG TA . -1.91 63.34 -25.46
C4 NAG TA . -2.69 62.32 -26.27
C5 NAG TA . -1.82 61.09 -26.52
C6 NAG TA . -2.49 60.05 -27.37
C7 NAG TA . 0.60 64.36 -24.08
C8 NAG TA . 1.39 65.45 -23.41
N2 NAG TA . 0.19 64.61 -25.33
O3 NAG TA . -2.67 64.52 -25.30
O4 NAG TA . -3.86 61.93 -25.57
O5 NAG TA . -0.63 61.48 -27.20
O6 NAG TA . -3.86 60.37 -27.57
O7 NAG TA . 0.36 63.30 -23.51
C1 NAG UA . 10.40 29.82 -40.10
C2 NAG UA . 9.61 30.91 -40.82
C3 NAG UA . 9.62 30.66 -42.32
C4 NAG UA . 11.04 30.50 -42.84
C5 NAG UA . 11.77 29.43 -42.04
C6 NAG UA . 13.22 29.28 -42.41
C7 NAG UA . 7.45 32.03 -40.48
C8 NAG UA . 6.07 31.91 -39.89
N2 NAG UA . 8.24 30.97 -40.31
O3 NAG UA . 8.99 31.75 -43.00
O4 NAG UA . 11.03 30.14 -44.21
O5 NAG UA . 11.73 29.75 -40.64
O6 NAG UA . 14.07 29.70 -41.36
O7 NAG UA . 7.82 33.04 -41.07
C1 NAG VA . 20.96 56.99 -14.65
C2 NAG VA . 20.50 56.35 -13.33
C3 NAG VA . 20.77 57.29 -12.15
C4 NAG VA . 22.23 57.74 -12.16
C5 NAG VA . 22.59 58.34 -13.51
C6 NAG VA . 24.05 58.73 -13.62
C7 NAG VA . 18.65 54.76 -13.53
C8 NAG VA . 17.15 54.59 -13.56
N2 NAG VA . 19.09 56.01 -13.39
O3 NAG VA . 20.47 56.63 -10.94
O4 NAG VA . 22.44 58.72 -11.14
O5 NAG VA . 22.35 57.37 -14.54
O6 NAG VA . 24.34 59.29 -14.89
O7 NAG VA . 19.41 53.80 -13.64
C1 NAG WA . -1.58 50.96 -2.31
C2 NAG WA . -1.87 52.26 -3.08
C3 NAG WA . -3.27 52.77 -2.75
C4 NAG WA . -4.30 51.68 -2.98
C5 NAG WA . -3.93 50.42 -2.20
C6 NAG WA . -4.85 49.26 -2.47
C7 NAG WA . -0.59 54.30 -3.59
C8 NAG WA . 0.46 55.25 -3.12
N2 NAG WA . -0.87 53.28 -2.77
O3 NAG WA . -3.57 53.89 -3.57
O4 NAG WA . -5.59 52.12 -2.57
O5 NAG WA . -2.61 50.00 -2.59
O6 NAG WA . -4.28 48.03 -2.03
O7 NAG WA . -1.17 54.45 -4.66
C1 NAG XA . -2.34 36.72 -15.16
C2 NAG XA . -3.04 35.48 -14.60
C3 NAG XA . -3.99 34.90 -15.65
C4 NAG XA . -4.95 35.97 -16.15
C5 NAG XA . -4.18 37.19 -16.63
C6 NAG XA . -5.07 38.34 -17.03
C7 NAG XA . -2.14 33.87 -12.98
C8 NAG XA . -1.06 32.87 -12.70
N2 NAG XA . -2.08 34.49 -14.17
O3 NAG XA . -4.71 33.82 -15.08
O4 NAG XA . -5.73 35.46 -17.21
O5 NAG XA . -3.31 37.68 -15.59
O6 NAG XA . -6.27 37.89 -17.64
O7 NAG XA . -3.03 34.11 -12.17
C1 NAG YA . 40.65 23.75 -18.77
C2 NAG YA . 40.97 24.31 -20.15
C3 NAG YA . 42.48 24.25 -20.42
C4 NAG YA . 43.25 24.92 -19.29
C5 NAG YA . 42.83 24.31 -17.95
C6 NAG YA . 43.49 25.00 -16.77
C7 NAG YA . 40.35 22.32 -21.49
C8 NAG YA . 39.50 21.81 -22.61
N2 NAG YA . 40.23 23.62 -21.20
O3 NAG YA . 42.77 24.90 -21.66
O4 NAG YA . 44.64 24.72 -19.48
O5 NAG YA . 41.41 24.45 -17.78
O6 NAG YA . 44.89 25.05 -16.92
O7 NAG YA . 41.13 21.59 -20.88
C1 NAG ZA . 23.72 -41.96 -69.70
C2 NAG ZA . 23.04 -43.19 -69.09
C3 NAG ZA . 21.58 -43.26 -69.54
C4 NAG ZA . 20.87 -41.96 -69.23
C5 NAG ZA . 21.64 -40.77 -69.83
C6 NAG ZA . 21.05 -39.44 -69.45
C7 NAG ZA . 24.44 -45.15 -68.57
C8 NAG ZA . 25.12 -46.37 -69.12
N2 NAG ZA . 23.76 -44.40 -69.46
O3 NAG ZA . 20.94 -44.34 -68.88
O4 NAG ZA . 19.55 -41.98 -69.79
O5 NAG ZA . 22.99 -40.78 -69.33
O6 NAG ZA . 21.99 -38.39 -69.63
O7 NAG ZA . 24.51 -44.83 -67.39
C1 NAG AB . -2.77 -2.32 -46.19
C2 NAG AB . -3.46 -3.58 -45.66
C3 NAG AB . -3.89 -4.46 -46.84
C4 NAG AB . -4.74 -3.66 -47.82
C5 NAG AB . -4.00 -2.39 -48.24
C6 NAG AB . -4.84 -1.49 -49.12
C7 NAG AB . -2.76 -4.30 -43.43
C8 NAG AB . -1.78 -5.12 -42.64
N2 NAG AB . -2.60 -4.31 -44.76
O3 NAG AB . -4.64 -5.56 -46.34
O4 NAG AB . -5.02 -4.45 -48.98
O5 NAG AB . -3.64 -1.63 -47.09
O6 NAG AB . -5.76 -0.73 -48.35
O7 NAG AB . -3.66 -3.66 -42.89
#